data_9QNT
#
_entry.id   9QNT
#
_cell.length_a   1.00
_cell.length_b   1.00
_cell.length_c   1.00
_cell.angle_alpha   90.00
_cell.angle_beta   90.00
_cell.angle_gamma   90.00
#
_symmetry.space_group_name_H-M   'P 1'
#
loop_
_entity.id
_entity.type
_entity.pdbx_description
1 polymer 'Gap junction beta-1 protein,Green fluorescent protein'
2 non-polymer '(2S)-3-(hexadecanoyloxy)-2-[(9Z)-octadec-9-enoyloxy]propyl 2-(trimethylammonio)ethyl phosphate'
3 non-polymer CHOLESTEROL
#
_entity_poly.entity_id   1
_entity_poly.type   'polypeptide(L)'
_entity_poly.pdbx_seq_one_letter_code
;MNWTGLYTLLSGVNRHSTAIGRVWLSVIFIFRIMVLVVAAESVWGDEKSSFICNTLQPGCNSVCYDQFFPISHVRLWSLQ
LILVSTPALLVAMHVAHQQHIEKKMLRLEGHGDPLHLEEVKRHKVHISGTLWWTYVISVVFRLLFEAVFMYVFYLLYPGY
AMVRLVKCDVYPCPNTVDCFVSRPTEKTVFTVFMLAASGICIILNVAEVVYLIIRACARRAQRRSNPPSRKGSGFGHRLS
PEYKQNEINKLLSEQDGSLKDILRRSPGTGAGLAEKSDRCSACAAALEVLFQGPGGVSKGEELFTGVVPILVELDGDVNG
HKFSVSGEGEGDATYGKLTLKFICTTGKLPVPWPTLVTTFGYGLQCFARYPDHMKQHDFFKSAMPEGYVQERTIFFKDDG
NYKTRAEVKFEGDTLVNRIELKGIDFKEDGNILGHKLEYNYNSHNVYIMADKQKNGIKVNFKIRHNIEDGSVQLADHYQQ
NTPIGDGPVLLPDNHYLSYQSALSKDPNEKRDHMVLLEFVTAAGITLGMDELYKAASAWSHPQFEKGGGSGGGSGGSAWS
HPQFEK
;
_entity_poly.pdbx_strand_id   A,B,C,D,E,F,G,H,I,J,K,L
#
loop_
_chem_comp.id
_chem_comp.type
_chem_comp.name
_chem_comp.formula
CLR non-polymer CHOLESTEROL 'C27 H46 O'
POV non-polymer '(2S)-3-(hexadecanoyloxy)-2-[(9Z)-octadec-9-enoyloxy]propyl 2-(trimethylammonio)ethyl phosphate' 'C42 H82 N O8 P'
#
# COMPACT_ATOMS: atom_id res chain seq x y z
N MET A 1 47.67 12.43 -29.14
CA MET A 1 46.78 11.38 -29.60
C MET A 1 46.57 11.49 -31.11
N ASN A 2 47.58 11.09 -31.87
CA ASN A 2 47.52 11.16 -33.32
C ASN A 2 46.94 9.89 -33.92
N TRP A 3 46.69 9.93 -35.23
CA TRP A 3 46.11 8.78 -35.91
C TRP A 3 47.12 7.65 -36.07
N THR A 4 48.39 7.98 -36.28
CA THR A 4 49.40 6.93 -36.44
C THR A 4 49.53 6.11 -35.16
N GLY A 5 49.49 6.76 -34.00
CA GLY A 5 49.57 6.02 -32.76
C GLY A 5 48.39 5.08 -32.55
N LEU A 6 47.17 5.56 -32.80
CA LEU A 6 46.00 4.71 -32.67
C LEU A 6 46.02 3.56 -33.65
N TYR A 7 46.43 3.83 -34.90
CA TYR A 7 46.52 2.77 -35.90
C TYR A 7 47.55 1.73 -35.50
N THR A 8 48.71 2.16 -34.99
CA THR A 8 49.71 1.21 -34.54
C THR A 8 49.22 0.39 -33.36
N LEU A 9 48.51 1.03 -32.42
CA LEU A 9 47.97 0.30 -31.28
C LEU A 9 46.96 -0.75 -31.72
N LEU A 10 46.08 -0.39 -32.65
CA LEU A 10 45.06 -1.34 -33.09
C LEU A 10 45.64 -2.44 -33.98
N SER A 11 46.70 -2.13 -34.73
CA SER A 11 47.27 -3.12 -35.64
C SER A 11 47.94 -4.25 -34.89
N GLY A 12 48.57 -3.94 -33.75
CA GLY A 12 49.35 -4.91 -33.03
C GLY A 12 50.79 -5.05 -33.50
N VAL A 13 51.21 -4.21 -34.45
CA VAL A 13 52.56 -4.16 -35.02
C VAL A 13 53.12 -5.57 -35.24
N ASN A 14 52.29 -6.45 -35.82
CA ASN A 14 52.71 -7.82 -36.10
C ASN A 14 53.32 -7.99 -37.48
N ARG A 15 53.31 -6.95 -38.31
CA ARG A 15 53.92 -6.91 -39.64
C ARG A 15 53.55 -8.11 -40.51
N HIS A 16 52.40 -8.74 -40.24
CA HIS A 16 51.94 -9.85 -41.05
C HIS A 16 50.46 -9.74 -41.42
N SER A 17 49.74 -8.76 -40.89
CA SER A 17 48.32 -8.60 -41.17
C SER A 17 48.13 -7.70 -42.38
N THR A 18 47.22 -8.10 -43.26
CA THR A 18 46.95 -7.33 -44.47
C THR A 18 45.95 -6.22 -44.16
N ALA A 19 45.46 -5.56 -45.22
CA ALA A 19 44.53 -4.45 -45.03
C ALA A 19 43.19 -4.92 -44.46
N ILE A 20 42.75 -6.12 -44.82
CA ILE A 20 41.45 -6.61 -44.36
C ILE A 20 41.46 -7.06 -42.91
N GLY A 21 42.59 -6.96 -42.22
CA GLY A 21 42.65 -7.30 -40.81
C GLY A 21 43.28 -6.20 -40.00
N ARG A 22 43.84 -5.20 -40.68
CA ARG A 22 44.48 -4.07 -40.04
C ARG A 22 43.73 -2.77 -40.23
N VAL A 23 42.91 -2.66 -41.27
CA VAL A 23 42.09 -1.48 -41.51
C VAL A 23 40.62 -1.74 -41.24
N TRP A 24 40.11 -2.93 -41.54
CA TRP A 24 38.69 -3.24 -41.43
C TRP A 24 38.31 -3.91 -40.13
N LEU A 25 39.08 -4.90 -39.68
CA LEU A 25 38.75 -5.59 -38.44
C LEU A 25 38.81 -4.64 -37.25
N SER A 26 39.78 -3.74 -37.23
CA SER A 26 39.87 -2.78 -36.13
C SER A 26 38.68 -1.84 -36.14
N VAL A 27 38.23 -1.42 -37.32
CA VAL A 27 37.06 -0.54 -37.40
C VAL A 27 35.81 -1.25 -36.90
N ILE A 28 35.64 -2.53 -37.27
CA ILE A 28 34.48 -3.28 -36.79
C ILE A 28 34.56 -3.48 -35.29
N PHE A 29 35.76 -3.70 -34.76
CA PHE A 29 35.92 -3.83 -33.32
C PHE A 29 35.55 -2.53 -32.60
N ILE A 30 35.97 -1.39 -33.15
CA ILE A 30 35.61 -0.10 -32.56
C ILE A 30 34.10 0.10 -32.63
N PHE A 31 33.48 -0.28 -33.75
CA PHE A 31 32.04 -0.16 -33.89
C PHE A 31 31.31 -0.99 -32.84
N ARG A 32 31.76 -2.23 -32.64
CA ARG A 32 31.13 -3.08 -31.63
C ARG A 32 31.31 -2.52 -30.24
N ILE A 33 32.51 -2.01 -29.95
CA ILE A 33 32.76 -1.41 -28.63
C ILE A 33 31.83 -0.24 -28.39
N MET A 34 31.69 0.64 -29.39
CA MET A 34 30.86 1.82 -29.24
C MET A 34 29.38 1.46 -29.08
N VAL A 35 28.90 0.52 -29.89
CA VAL A 35 27.50 0.10 -29.76
C VAL A 35 27.25 -0.53 -28.41
N LEU A 36 28.17 -1.36 -27.95
CA LEU A 36 28.02 -2.00 -26.65
C LEU A 36 28.03 -0.96 -25.52
N VAL A 37 28.87 0.06 -25.64
CA VAL A 37 28.91 1.11 -24.62
C VAL A 37 27.60 1.90 -24.62
N VAL A 38 27.08 2.26 -25.79
CA VAL A 38 25.87 3.08 -25.84
C VAL A 38 24.60 2.29 -25.60
N ALA A 39 24.66 0.95 -25.59
CA ALA A 39 23.48 0.14 -25.32
C ALA A 39 23.58 -0.70 -24.06
N ALA A 40 24.71 -0.67 -23.35
CA ALA A 40 24.88 -1.58 -22.22
C ALA A 40 24.05 -1.16 -21.03
N GLU A 41 24.07 0.13 -20.69
CA GLU A 41 23.40 0.60 -19.49
C GLU A 41 22.10 1.34 -19.76
N SER A 42 21.93 1.90 -20.96
CA SER A 42 20.70 2.63 -21.24
C SER A 42 19.54 1.69 -21.58
N VAL A 43 19.81 0.64 -22.36
CA VAL A 43 18.76 -0.26 -22.81
C VAL A 43 18.60 -1.40 -21.83
N TRP A 44 19.67 -2.16 -21.61
CA TRP A 44 19.66 -3.31 -20.72
C TRP A 44 19.88 -2.93 -19.27
N GLY A 45 19.80 -1.65 -18.93
CA GLY A 45 20.02 -1.24 -17.55
C GLY A 45 18.96 -1.75 -16.60
N ASP A 46 17.69 -1.69 -17.01
CA ASP A 46 16.57 -2.07 -16.17
C ASP A 46 15.85 -3.28 -16.74
N GLU A 47 16.62 -4.25 -17.21
CA GLU A 47 16.01 -5.48 -17.73
C GLU A 47 15.46 -6.34 -16.60
N LYS A 48 15.98 -6.18 -15.39
CA LYS A 48 15.53 -7.00 -14.26
C LYS A 48 14.40 -6.32 -13.50
N SER A 49 14.55 -5.02 -13.23
CA SER A 49 13.56 -4.30 -12.46
C SER A 49 12.28 -4.00 -13.23
N SER A 50 12.38 -3.61 -14.50
CA SER A 50 11.19 -3.31 -15.27
C SER A 50 10.48 -4.58 -15.71
N PHE A 51 11.11 -5.72 -15.51
CA PHE A 51 10.53 -7.01 -15.85
C PHE A 51 9.59 -7.48 -14.74
N ILE A 52 8.31 -7.60 -15.08
CA ILE A 52 7.28 -7.95 -14.11
C ILE A 52 6.40 -9.05 -14.67
N CYS A 53 5.87 -9.88 -13.79
CA CYS A 53 4.91 -10.89 -14.16
C CYS A 53 3.51 -10.50 -13.69
N ASN A 54 2.52 -11.25 -14.16
CA ASN A 54 1.12 -11.00 -13.83
C ASN A 54 0.62 -11.85 -12.68
N THR A 55 1.51 -12.28 -11.78
CA THR A 55 1.10 -13.10 -10.65
C THR A 55 1.25 -12.32 -9.35
N LEU A 56 0.83 -12.95 -8.26
CA LEU A 56 0.94 -12.38 -6.92
C LEU A 56 1.89 -13.17 -6.03
N GLN A 57 2.39 -14.31 -6.48
CA GLN A 57 3.30 -15.11 -5.69
C GLN A 57 4.65 -14.40 -5.54
N PRO A 58 5.19 -14.31 -4.33
CA PRO A 58 6.53 -13.74 -4.18
C PRO A 58 7.59 -14.61 -4.82
N GLY A 59 8.60 -13.97 -5.38
CA GLY A 59 9.73 -14.67 -5.96
C GLY A 59 9.51 -15.21 -7.34
N CYS A 60 8.34 -15.00 -7.95
CA CYS A 60 8.11 -15.51 -9.29
C CYS A 60 8.82 -14.66 -10.33
N ASN A 61 8.98 -13.36 -10.09
CA ASN A 61 9.65 -12.50 -11.06
C ASN A 61 11.09 -12.92 -11.28
N SER A 62 11.82 -13.21 -10.20
CA SER A 62 13.23 -13.55 -10.32
C SER A 62 13.42 -14.88 -11.04
N VAL A 63 12.63 -15.89 -10.67
CA VAL A 63 12.78 -17.20 -11.29
C VAL A 63 12.37 -17.13 -12.76
N CYS A 64 11.34 -16.35 -13.09
CA CYS A 64 10.94 -16.21 -14.49
C CYS A 64 12.03 -15.52 -15.29
N TYR A 65 12.60 -14.44 -14.74
CA TYR A 65 13.66 -13.73 -15.45
C TYR A 65 14.86 -14.64 -15.68
N ASP A 66 15.26 -15.40 -14.67
CA ASP A 66 16.40 -16.30 -14.83
C ASP A 66 16.06 -17.43 -15.81
N GLN A 67 14.79 -17.83 -15.87
CA GLN A 67 14.39 -18.88 -16.80
C GLN A 67 14.48 -18.40 -18.24
N PHE A 68 14.04 -17.17 -18.51
CA PHE A 68 13.99 -16.70 -19.89
C PHE A 68 15.23 -15.94 -20.32
N PHE A 69 16.06 -15.50 -19.40
CA PHE A 69 17.30 -14.77 -19.71
C PHE A 69 18.43 -15.39 -18.92
N PRO A 70 18.93 -16.56 -19.34
CA PRO A 70 20.03 -17.19 -18.60
C PRO A 70 21.24 -16.29 -18.47
N ILE A 71 21.58 -15.55 -19.53
CA ILE A 71 22.62 -14.53 -19.48
C ILE A 71 22.25 -13.45 -20.48
N SER A 72 22.17 -12.21 -20.01
CA SER A 72 21.65 -11.14 -20.83
C SER A 72 22.51 -10.90 -22.05
N HIS A 73 21.91 -10.24 -23.06
CA HIS A 73 22.59 -10.06 -24.33
C HIS A 73 23.86 -9.23 -24.17
N VAL A 74 23.82 -8.19 -23.34
CA VAL A 74 24.98 -7.31 -23.20
C VAL A 74 26.15 -8.05 -22.58
N ARG A 75 25.90 -8.84 -21.54
CA ARG A 75 26.99 -9.60 -20.93
C ARG A 75 27.53 -10.66 -21.88
N LEU A 76 26.65 -11.30 -22.64
CA LEU A 76 27.10 -12.27 -23.63
C LEU A 76 27.98 -11.63 -24.68
N TRP A 77 27.60 -10.45 -25.16
CA TRP A 77 28.40 -9.75 -26.15
C TRP A 77 29.71 -9.24 -25.56
N SER A 78 29.70 -8.84 -24.28
CA SER A 78 30.93 -8.43 -23.62
C SER A 78 31.90 -9.60 -23.51
N LEU A 79 31.41 -10.77 -23.11
CA LEU A 79 32.26 -11.95 -23.05
C LEU A 79 32.78 -12.31 -24.43
N GLN A 80 31.92 -12.22 -25.45
CA GLN A 80 32.35 -12.50 -26.81
C GLN A 80 33.46 -11.55 -27.24
N LEU A 81 33.30 -10.26 -26.93
CA LEU A 81 34.30 -9.28 -27.30
C LEU A 81 35.62 -9.53 -26.59
N ILE A 82 35.57 -9.86 -25.30
CA ILE A 82 36.79 -10.13 -24.55
C ILE A 82 37.51 -11.35 -25.11
N LEU A 83 36.77 -12.43 -25.37
CA LEU A 83 37.41 -13.65 -25.86
C LEU A 83 37.89 -13.50 -27.30
N VAL A 84 37.21 -12.69 -28.11
CA VAL A 84 37.67 -12.44 -29.47
C VAL A 84 38.93 -11.58 -29.45
N SER A 85 39.00 -10.62 -28.54
CA SER A 85 40.18 -9.75 -28.47
C SER A 85 41.35 -10.40 -27.75
N THR A 86 41.12 -11.50 -27.04
CA THR A 86 42.22 -12.16 -26.34
C THR A 86 43.34 -12.63 -27.27
N PRO A 87 43.08 -13.33 -28.39
CA PRO A 87 44.20 -13.72 -29.25
C PRO A 87 44.98 -12.56 -29.84
N ALA A 88 44.31 -11.45 -30.17
CA ALA A 88 45.03 -10.28 -30.65
C ALA A 88 45.97 -9.73 -29.58
N LEU A 89 45.47 -9.68 -28.34
CA LEU A 89 46.32 -9.26 -27.22
C LEU A 89 47.49 -10.20 -27.04
N LEU A 90 47.26 -11.51 -27.18
CA LEU A 90 48.34 -12.48 -27.06
C LEU A 90 49.39 -12.26 -28.14
N VAL A 91 48.98 -12.00 -29.37
CA VAL A 91 49.94 -11.78 -30.45
C VAL A 91 50.71 -10.49 -30.21
N ALA A 92 50.03 -9.45 -29.74
CA ALA A 92 50.73 -8.20 -29.44
C ALA A 92 51.77 -8.39 -28.34
N MET A 93 51.39 -9.11 -27.29
CA MET A 93 52.36 -9.39 -26.22
C MET A 93 53.51 -10.25 -26.73
N HIS A 94 53.22 -11.21 -27.62
CA HIS A 94 54.27 -12.05 -28.19
C HIS A 94 55.26 -11.23 -28.98
N VAL A 95 54.78 -10.34 -29.85
CA VAL A 95 55.69 -9.56 -30.68
C VAL A 95 56.46 -8.57 -29.83
N ALA A 96 55.82 -7.98 -28.81
CA ALA A 96 56.54 -7.10 -27.90
C ALA A 96 57.63 -7.85 -27.15
N HIS A 97 57.33 -9.06 -26.68
CA HIS A 97 58.32 -9.87 -25.98
C HIS A 97 59.45 -10.26 -26.91
N GLN A 98 59.15 -10.57 -28.17
CA GLN A 98 60.19 -10.90 -29.12
C GLN A 98 61.11 -9.71 -29.37
N GLN A 99 60.53 -8.52 -29.51
CA GLN A 99 61.35 -7.32 -29.67
C GLN A 99 62.22 -7.09 -28.45
N HIS A 100 61.67 -7.28 -27.26
CA HIS A 100 62.45 -7.11 -26.04
C HIS A 100 63.59 -8.12 -25.95
N ILE A 101 63.31 -9.37 -26.28
CA ILE A 101 64.32 -10.41 -26.14
C ILE A 101 65.41 -10.28 -27.20
N GLU A 102 65.07 -9.76 -28.37
CA GLU A 102 66.11 -9.48 -29.36
C GLU A 102 66.82 -8.16 -29.08
N LYS A 103 66.23 -7.30 -28.25
CA LYS A 103 66.89 -6.04 -27.89
C LYS A 103 68.04 -6.28 -26.92
N LYS A 104 67.94 -7.31 -26.08
CA LYS A 104 68.98 -7.58 -25.08
C LYS A 104 70.15 -8.38 -25.63
N MET A 105 70.09 -8.79 -26.89
CA MET A 105 71.20 -9.53 -27.50
C MET A 105 71.41 -9.11 -28.94
N ILE A 127 62.50 -16.53 -36.95
CA ILE A 127 61.75 -15.58 -36.13
C ILE A 127 60.53 -15.10 -36.89
N SER A 128 60.66 -14.98 -38.21
CA SER A 128 59.52 -14.58 -39.03
C SER A 128 58.50 -15.71 -39.16
N GLY A 129 58.97 -16.93 -39.36
CA GLY A 129 58.05 -18.05 -39.54
C GLY A 129 57.21 -18.33 -38.32
N THR A 130 57.83 -18.29 -37.14
CA THR A 130 57.08 -18.55 -35.91
C THR A 130 56.04 -17.46 -35.66
N LEU A 131 56.38 -16.19 -35.95
CA LEU A 131 55.41 -15.12 -35.81
C LEU A 131 54.27 -15.27 -36.82
N TRP A 132 54.59 -15.68 -38.05
CA TRP A 132 53.55 -15.92 -39.04
C TRP A 132 52.59 -17.02 -38.59
N TRP A 133 53.13 -18.12 -38.09
CA TRP A 133 52.29 -19.21 -37.61
C TRP A 133 51.47 -18.79 -36.40
N THR A 134 52.07 -18.00 -35.50
CA THR A 134 51.33 -17.51 -34.35
C THR A 134 50.17 -16.63 -34.78
N TYR A 135 50.39 -15.75 -35.76
CA TYR A 135 49.31 -14.89 -36.24
C TYR A 135 48.21 -15.71 -36.90
N VAL A 136 48.58 -16.72 -37.70
CA VAL A 136 47.57 -17.54 -38.36
C VAL A 136 46.74 -18.29 -37.33
N ILE A 137 47.40 -18.87 -36.32
CA ILE A 137 46.68 -19.58 -35.27
C ILE A 137 45.77 -18.61 -34.50
N SER A 138 46.25 -17.39 -34.29
CA SER A 138 45.44 -16.40 -33.59
C SER A 138 44.18 -16.05 -34.38
N VAL A 139 44.31 -15.87 -35.69
CA VAL A 139 43.14 -15.58 -36.51
C VAL A 139 42.17 -16.75 -36.51
N VAL A 140 42.71 -17.98 -36.56
CA VAL A 140 41.85 -19.17 -36.52
C VAL A 140 41.09 -19.22 -35.20
N PHE A 141 41.77 -18.95 -34.09
CA PHE A 141 41.10 -18.99 -32.79
C PHE A 141 40.07 -17.87 -32.66
N ARG A 142 40.36 -16.70 -33.21
CA ARG A 142 39.39 -15.61 -33.20
C ARG A 142 38.13 -16.00 -33.97
N LEU A 143 38.31 -16.61 -35.14
CA LEU A 143 37.16 -17.09 -35.92
C LEU A 143 36.39 -18.15 -35.15
N LEU A 144 37.11 -19.06 -34.49
CA LEU A 144 36.45 -20.12 -33.72
C LEU A 144 35.63 -19.53 -32.57
N PHE A 145 36.17 -18.54 -31.87
CA PHE A 145 35.44 -17.91 -30.78
C PHE A 145 34.21 -17.17 -31.30
N GLU A 146 34.35 -16.47 -32.43
CA GLU A 146 33.20 -15.81 -33.03
C GLU A 146 32.09 -16.81 -33.35
N ALA A 147 32.46 -17.92 -34.00
CA ALA A 147 31.45 -18.93 -34.36
C ALA A 147 30.83 -19.55 -33.13
N VAL A 148 31.64 -19.84 -32.10
CA VAL A 148 31.11 -20.45 -30.89
C VAL A 148 30.12 -19.54 -30.20
N PHE A 149 30.44 -18.25 -30.10
CA PHE A 149 29.52 -17.33 -29.42
C PHE A 149 28.26 -17.09 -30.24
N MET A 150 28.38 -17.07 -31.58
CA MET A 150 27.18 -16.95 -32.40
C MET A 150 26.28 -18.17 -32.23
N TYR A 151 26.88 -19.36 -32.17
CA TYR A 151 26.09 -20.58 -31.97
C TYR A 151 25.45 -20.59 -30.59
N VAL A 152 26.17 -20.12 -29.56
CA VAL A 152 25.59 -20.05 -28.22
C VAL A 152 24.42 -19.08 -28.19
N PHE A 153 24.56 -17.94 -28.87
CA PHE A 153 23.46 -16.99 -28.95
C PHE A 153 22.26 -17.62 -29.65
N TYR A 154 22.51 -18.39 -30.71
CA TYR A 154 21.41 -19.07 -31.38
C TYR A 154 20.73 -20.08 -30.47
N LEU A 155 21.52 -20.81 -29.68
CA LEU A 155 20.95 -21.81 -28.77
C LEU A 155 20.09 -21.15 -27.69
N LEU A 156 20.61 -20.10 -27.05
CA LEU A 156 19.90 -19.50 -25.93
C LEU A 156 18.67 -18.72 -26.39
N TYR A 157 18.81 -17.94 -27.46
CA TYR A 157 17.76 -17.05 -27.94
C TYR A 157 17.51 -17.32 -29.42
N PRO A 158 16.73 -18.35 -29.74
CA PRO A 158 16.40 -18.60 -31.14
C PRO A 158 15.67 -17.41 -31.75
N GLY A 159 16.04 -17.07 -32.97
CA GLY A 159 15.49 -15.91 -33.62
C GLY A 159 16.20 -14.62 -33.20
N TYR A 160 16.05 -13.60 -34.03
CA TYR A 160 16.66 -12.31 -33.77
C TYR A 160 15.74 -11.35 -33.03
N ALA A 161 14.50 -11.74 -32.76
CA ALA A 161 13.50 -10.84 -32.23
C ALA A 161 13.06 -11.30 -30.84
N MET A 162 12.64 -10.32 -30.04
CA MET A 162 12.15 -10.57 -28.69
C MET A 162 10.67 -10.23 -28.63
N VAL A 163 9.96 -10.92 -27.75
CA VAL A 163 8.52 -10.80 -27.64
C VAL A 163 8.17 -10.16 -26.29
N ARG A 164 7.04 -9.46 -26.27
CA ARG A 164 6.61 -8.79 -25.04
C ARG A 164 6.10 -9.79 -24.01
N LEU A 165 5.27 -10.73 -24.45
CA LEU A 165 4.69 -11.72 -23.56
C LEU A 165 5.56 -12.97 -23.53
N VAL A 166 5.84 -13.47 -22.33
CA VAL A 166 6.48 -14.77 -22.16
C VAL A 166 5.68 -15.57 -21.13
N LYS A 167 5.33 -16.80 -21.50
CA LYS A 167 4.57 -17.69 -20.63
C LYS A 167 5.55 -18.55 -19.84
N CYS A 168 5.55 -18.40 -18.52
CA CYS A 168 6.50 -19.10 -17.67
C CYS A 168 5.77 -20.02 -16.71
N ASP A 169 6.21 -21.28 -16.66
CA ASP A 169 5.67 -22.29 -15.74
C ASP A 169 6.85 -22.95 -15.03
N VAL A 170 7.31 -22.32 -13.96
CA VAL A 170 8.43 -22.83 -13.18
C VAL A 170 8.20 -22.49 -11.73
N TYR A 171 8.64 -23.38 -10.84
CA TYR A 171 8.44 -23.19 -9.42
C TYR A 171 9.11 -21.89 -8.96
N PRO A 172 8.47 -21.10 -8.09
CA PRO A 172 7.20 -21.32 -7.40
C PRO A 172 5.98 -20.76 -8.13
N CYS A 173 6.12 -20.28 -9.36
CA CYS A 173 4.99 -19.68 -10.05
C CYS A 173 3.91 -20.72 -10.27
N PRO A 174 2.66 -20.47 -9.87
CA PRO A 174 1.60 -21.46 -10.05
C PRO A 174 1.10 -21.49 -11.49
N ASN A 175 1.01 -22.68 -12.05
CA ASN A 175 0.52 -22.90 -13.42
C ASN A 175 1.41 -22.10 -14.37
N THR A 176 0.85 -21.32 -15.29
CA THR A 176 1.61 -20.54 -16.24
C THR A 176 1.28 -19.06 -16.04
N VAL A 177 2.30 -18.23 -15.90
CA VAL A 177 2.13 -16.81 -15.64
C VAL A 177 2.66 -16.03 -16.84
N ASP A 178 2.15 -14.81 -17.00
CA ASP A 178 2.49 -13.92 -18.10
C ASP A 178 3.51 -12.91 -17.60
N CYS A 179 4.76 -13.05 -18.05
CA CYS A 179 5.78 -12.06 -17.75
C CYS A 179 5.97 -11.14 -18.96
N PHE A 180 6.34 -9.89 -18.68
CA PHE A 180 6.42 -8.85 -19.70
C PHE A 180 7.86 -8.35 -19.78
N VAL A 181 8.48 -8.56 -20.94
CA VAL A 181 9.84 -8.05 -21.16
C VAL A 181 9.79 -6.54 -21.35
N SER A 182 10.91 -5.89 -21.07
CA SER A 182 11.04 -4.43 -21.21
C SER A 182 11.83 -4.09 -22.45
N ARG A 183 11.30 -3.18 -23.26
CA ARG A 183 11.91 -2.74 -24.50
C ARG A 183 12.32 -3.89 -25.42
N PRO A 184 11.37 -4.74 -25.84
CA PRO A 184 11.74 -5.78 -26.80
C PRO A 184 12.20 -5.26 -28.15
N THR A 185 11.63 -4.15 -28.64
CA THR A 185 11.97 -3.69 -29.99
C THR A 185 13.35 -3.06 -30.03
N GLU A 186 13.69 -2.24 -29.04
CA GLU A 186 15.03 -1.65 -28.99
C GLU A 186 16.09 -2.73 -28.85
N LYS A 187 15.84 -3.71 -28.00
CA LYS A 187 16.77 -4.83 -27.85
C LYS A 187 16.88 -5.63 -29.14
N THR A 188 15.77 -5.76 -29.87
CA THR A 188 15.82 -6.43 -31.17
C THR A 188 16.71 -5.66 -32.15
N VAL A 189 16.58 -4.33 -32.16
CA VAL A 189 17.40 -3.52 -33.07
C VAL A 189 18.88 -3.68 -32.74
N PHE A 190 19.22 -3.61 -31.46
CA PHE A 190 20.63 -3.73 -31.09
C PHE A 190 21.13 -5.15 -31.29
N THR A 191 20.27 -6.16 -31.11
CA THR A 191 20.65 -7.53 -31.44
C THR A 191 20.98 -7.66 -32.92
N VAL A 192 20.16 -7.06 -33.78
CA VAL A 192 20.44 -7.10 -35.21
C VAL A 192 21.77 -6.45 -35.52
N PHE A 193 22.03 -5.29 -34.92
CA PHE A 193 23.30 -4.60 -35.16
C PHE A 193 24.49 -5.46 -34.73
N MET A 194 24.42 -6.03 -33.52
CA MET A 194 25.55 -6.80 -33.01
C MET A 194 25.75 -8.10 -33.78
N LEU A 195 24.67 -8.76 -34.19
CA LEU A 195 24.80 -9.97 -34.98
C LEU A 195 25.37 -9.67 -36.37
N ALA A 196 24.95 -8.54 -36.97
CA ALA A 196 25.54 -8.16 -38.25
C ALA A 196 27.03 -7.88 -38.11
N ALA A 197 27.42 -7.19 -37.04
CA ALA A 197 28.85 -6.93 -36.82
C ALA A 197 29.62 -8.23 -36.61
N SER A 198 29.05 -9.18 -35.86
CA SER A 198 29.72 -10.46 -35.66
C SER A 198 29.86 -11.23 -36.96
N GLY A 199 28.81 -11.21 -37.80
CA GLY A 199 28.91 -11.88 -39.08
C GLY A 199 29.96 -11.25 -39.98
N ILE A 200 30.05 -9.92 -39.97
CA ILE A 200 31.10 -9.24 -40.74
C ILE A 200 32.47 -9.65 -40.22
N CYS A 201 32.63 -9.74 -38.90
CA CYS A 201 33.90 -10.18 -38.33
C CYS A 201 34.25 -11.60 -38.78
N ILE A 202 33.27 -12.49 -38.79
CA ILE A 202 33.52 -13.86 -39.22
C ILE A 202 33.97 -13.89 -40.67
N ILE A 203 33.27 -13.14 -41.53
CA ILE A 203 33.62 -13.11 -42.95
C ILE A 203 35.03 -12.56 -43.14
N LEU A 204 35.36 -11.48 -42.43
CA LEU A 204 36.68 -10.89 -42.56
C LEU A 204 37.77 -11.83 -42.07
N ASN A 205 37.53 -12.54 -40.98
CA ASN A 205 38.52 -13.50 -40.49
C ASN A 205 38.74 -14.64 -41.48
N VAL A 206 37.66 -15.14 -42.07
CA VAL A 206 37.81 -16.20 -43.07
C VAL A 206 38.58 -15.69 -44.28
N ALA A 207 38.28 -14.47 -44.72
CA ALA A 207 38.99 -13.88 -45.84
C ALA A 207 40.47 -13.70 -45.52
N GLU A 208 40.78 -13.27 -44.30
CA GLU A 208 42.18 -13.10 -43.91
C GLU A 208 42.92 -14.43 -43.90
N VAL A 209 42.30 -15.48 -43.36
CA VAL A 209 42.93 -16.79 -43.35
C VAL A 209 43.19 -17.27 -44.77
N VAL A 210 42.18 -17.13 -45.64
CA VAL A 210 42.33 -17.59 -47.02
C VAL A 210 43.43 -16.80 -47.73
N TYR A 211 43.46 -15.48 -47.53
CA TYR A 211 44.48 -14.67 -48.18
C TYR A 211 45.88 -15.04 -47.70
N LEU A 212 46.04 -15.26 -46.40
CA LEU A 212 47.35 -15.66 -45.89
C LEU A 212 47.78 -17.00 -46.45
N ILE A 213 46.85 -17.97 -46.53
CA ILE A 213 47.19 -19.28 -47.07
C ILE A 213 47.59 -19.16 -48.54
N ILE A 214 46.84 -18.35 -49.30
CA ILE A 214 47.14 -18.17 -50.72
C ILE A 214 48.51 -17.53 -50.90
N ARG A 215 48.82 -16.49 -50.13
CA ARG A 215 50.10 -15.82 -50.26
C ARG A 215 51.25 -16.72 -49.82
N ALA A 216 51.02 -17.59 -48.83
CA ALA A 216 52.06 -18.52 -48.42
C ALA A 216 52.44 -19.47 -49.55
N CYS A 217 51.45 -19.96 -50.29
CA CYS A 217 51.70 -20.86 -51.41
C CYS A 217 51.76 -20.10 -52.73
N MET B 1 -53.34 -5.11 20.24
CA MET B 1 -52.54 -3.94 20.57
C MET B 1 -53.37 -2.67 20.42
N ASN B 2 -54.30 -2.46 21.35
CA ASN B 2 -55.19 -1.31 21.32
C ASN B 2 -54.54 -0.11 22.00
N TRP B 3 -55.19 1.04 21.86
CA TRP B 3 -54.66 2.27 22.45
C TRP B 3 -54.83 2.30 23.96
N THR B 4 -55.90 1.72 24.48
CA THR B 4 -56.09 1.69 25.93
C THR B 4 -54.98 0.92 26.62
N GLY B 5 -54.57 -0.21 26.04
CA GLY B 5 -53.49 -0.98 26.63
C GLY B 5 -52.17 -0.23 26.65
N LEU B 6 -51.82 0.42 25.53
CA LEU B 6 -50.58 1.19 25.48
C LEU B 6 -50.63 2.37 26.44
N TYR B 7 -51.77 3.04 26.52
CA TYR B 7 -51.90 4.17 27.44
C TYR B 7 -51.78 3.71 28.89
N THR B 8 -52.38 2.57 29.23
CA THR B 8 -52.26 2.04 30.59
C THR B 8 -50.82 1.65 30.88
N LEU B 9 -50.14 1.03 29.92
CA LEU B 9 -48.74 0.66 30.12
C LEU B 9 -47.86 1.87 30.35
N LEU B 10 -48.07 2.94 29.57
CA LEU B 10 -47.24 4.12 29.72
C LEU B 10 -47.58 4.92 30.96
N SER B 11 -48.85 4.90 31.38
CA SER B 11 -49.26 5.67 32.55
C SER B 11 -48.64 5.13 33.83
N GLY B 12 -48.51 3.81 33.94
CA GLY B 12 -48.08 3.19 35.17
C GLY B 12 -49.17 2.90 36.17
N VAL B 13 -50.43 3.15 35.80
CA VAL B 13 -51.63 2.91 36.61
C VAL B 13 -51.41 3.29 38.06
N ASN B 14 -50.82 4.46 38.29
CA ASN B 14 -50.56 4.96 39.63
C ASN B 14 -51.69 5.82 40.19
N ARG B 15 -52.70 6.12 39.38
CA ARG B 15 -53.91 6.86 39.77
C ARG B 15 -53.59 8.16 40.52
N HIS B 16 -52.40 8.73 40.30
CA HIS B 16 -52.04 9.99 40.92
C HIS B 16 -51.40 10.97 39.96
N SER B 17 -51.20 10.60 38.70
CA SER B 17 -50.55 11.45 37.72
C SER B 17 -51.60 12.19 36.91
N THR B 18 -51.41 13.49 36.75
CA THR B 18 -52.34 14.32 36.00
C THR B 18 -52.09 14.17 34.49
N ALA B 19 -52.76 15.00 33.70
CA ALA B 19 -52.62 14.91 32.26
C ALA B 19 -51.24 15.33 31.79
N ILE B 20 -50.60 16.26 32.49
CA ILE B 20 -49.29 16.75 32.06
C ILE B 20 -48.17 15.77 32.36
N GLY B 21 -48.47 14.62 32.94
CA GLY B 21 -47.46 13.61 33.18
C GLY B 21 -47.88 12.25 32.68
N ARG B 22 -49.15 12.14 32.29
CA ARG B 22 -49.71 10.90 31.77
C ARG B 22 -50.00 10.96 30.27
N VAL B 23 -50.21 12.15 29.72
CA VAL B 23 -50.44 12.32 28.30
C VAL B 23 -49.24 12.94 27.58
N TRP B 24 -48.55 13.89 28.21
CA TRP B 24 -47.46 14.61 27.56
C TRP B 24 -46.09 14.00 27.83
N LEU B 25 -45.80 13.62 29.07
CA LEU B 25 -44.49 13.04 29.36
C LEU B 25 -44.27 11.73 28.61
N SER B 26 -45.32 10.91 28.51
CA SER B 26 -45.19 9.65 27.77
C SER B 26 -44.91 9.91 26.30
N VAL B 27 -45.57 10.93 25.72
CA VAL B 27 -45.34 11.25 24.31
C VAL B 27 -43.91 11.74 24.10
N ILE B 28 -43.40 12.57 25.01
CA ILE B 28 -42.02 13.04 24.88
C ILE B 28 -41.05 11.89 25.04
N PHE B 29 -41.35 10.95 25.94
CA PHE B 29 -40.50 9.77 26.09
C PHE B 29 -40.48 8.94 24.81
N ILE B 30 -41.64 8.75 24.19
CA ILE B 30 -41.71 8.01 22.93
C ILE B 30 -40.92 8.74 21.86
N PHE B 31 -41.04 10.07 21.81
CA PHE B 31 -40.30 10.85 20.84
C PHE B 31 -38.80 10.69 21.02
N ARG B 32 -38.33 10.75 22.26
CA ARG B 32 -36.91 10.57 22.52
C ARG B 32 -36.45 9.17 22.14
N ILE B 33 -37.25 8.16 22.45
CA ILE B 33 -36.90 6.78 22.11
C ILE B 33 -36.78 6.64 20.59
N MET B 34 -37.74 7.19 19.85
CA MET B 34 -37.72 7.07 18.40
C MET B 34 -36.55 7.80 17.78
N VAL B 35 -36.26 9.03 18.25
CA VAL B 35 -35.12 9.77 17.72
C VAL B 35 -33.82 9.04 18.02
N LEU B 36 -33.69 8.51 19.23
CA LEU B 36 -32.49 7.78 19.59
C LEU B 36 -32.33 6.53 18.74
N VAL B 37 -33.44 5.84 18.44
CA VAL B 37 -33.36 4.64 17.61
C VAL B 37 -32.94 5.00 16.19
N VAL B 38 -33.52 6.07 15.63
CA VAL B 38 -33.22 6.42 14.25
C VAL B 38 -31.89 7.16 14.08
N ALA B 39 -31.26 7.59 15.17
CA ALA B 39 -29.96 8.25 15.08
C ALA B 39 -28.84 7.51 15.78
N ALA B 40 -29.11 6.37 16.42
CA ALA B 40 -28.07 5.70 17.20
C ALA B 40 -27.04 5.03 16.31
N GLU B 41 -27.50 4.31 15.29
CA GLU B 41 -26.59 3.52 14.46
C GLU B 41 -26.31 4.15 13.10
N SER B 42 -27.24 4.95 12.58
CA SER B 42 -27.02 5.55 11.26
C SER B 42 -26.04 6.72 11.33
N VAL B 43 -26.16 7.57 12.35
CA VAL B 43 -25.34 8.76 12.44
C VAL B 43 -24.05 8.47 13.22
N TRP B 44 -24.21 8.03 14.46
CA TRP B 44 -23.08 7.74 15.33
C TRP B 44 -22.52 6.33 15.13
N GLY B 45 -22.90 5.65 14.05
CA GLY B 45 -22.40 4.31 13.82
C GLY B 45 -20.91 4.28 13.54
N ASP B 46 -20.43 5.21 12.72
CA ASP B 46 -19.03 5.25 12.31
C ASP B 46 -18.33 6.49 12.85
N GLU B 47 -18.61 6.83 14.10
CA GLU B 47 -17.93 7.96 14.73
C GLU B 47 -16.47 7.66 15.02
N LYS B 48 -16.12 6.38 15.13
CA LYS B 48 -14.75 6.00 15.48
C LYS B 48 -13.93 5.71 14.23
N SER B 49 -14.50 4.96 13.29
CA SER B 49 -13.78 4.58 12.08
C SER B 49 -13.63 5.72 11.09
N SER B 50 -14.66 6.54 10.90
CA SER B 50 -14.56 7.65 9.96
C SER B 50 -13.76 8.80 10.55
N PHE B 51 -13.44 8.73 11.83
CA PHE B 51 -12.65 9.75 12.52
C PHE B 51 -11.17 9.50 12.26
N ILE B 52 -10.53 10.45 11.59
CA ILE B 52 -9.13 10.32 11.22
C ILE B 52 -8.39 11.60 11.56
N CYS B 53 -7.10 11.45 11.86
CA CYS B 53 -6.23 12.60 12.08
C CYS B 53 -5.28 12.78 10.91
N ASN B 54 -4.57 13.90 10.91
CA ASN B 54 -3.64 14.25 9.84
C ASN B 54 -2.20 13.87 10.16
N THR B 55 -1.99 12.92 11.07
CA THR B 55 -0.64 12.51 11.43
C THR B 55 -0.33 11.14 10.84
N LEU B 56 0.92 10.69 11.05
CA LEU B 56 1.37 9.39 10.61
C LEU B 56 1.73 8.48 11.77
N GLN B 57 1.72 8.99 13.00
CA GLN B 57 2.05 8.17 14.15
C GLN B 57 0.96 7.14 14.40
N PRO B 58 1.32 5.87 14.64
CA PRO B 58 0.30 4.89 15.00
C PRO B 58 -0.32 5.19 16.36
N GLY B 59 -1.60 4.89 16.49
CA GLY B 59 -2.29 5.03 17.75
C GLY B 59 -2.74 6.42 18.09
N CYS B 60 -2.48 7.41 17.23
CA CYS B 60 -2.92 8.77 17.54
C CYS B 60 -4.41 8.95 17.34
N ASN B 61 -5.00 8.22 16.38
CA ASN B 61 -6.44 8.34 16.15
C ASN B 61 -7.24 7.95 17.37
N SER B 62 -6.89 6.82 18.00
CA SER B 62 -7.67 6.33 19.13
C SER B 62 -7.56 7.27 20.33
N VAL B 63 -6.34 7.72 20.63
CA VAL B 63 -6.17 8.59 21.79
C VAL B 63 -6.84 9.94 21.54
N CYS B 64 -6.78 10.45 20.31
CA CYS B 64 -7.48 11.70 20.01
C CYS B 64 -8.98 11.55 20.13
N TYR B 65 -9.54 10.46 19.61
CA TYR B 65 -10.97 10.24 19.73
C TYR B 65 -11.40 10.14 21.18
N ASP B 66 -10.65 9.40 21.99
CA ASP B 66 -10.99 9.29 23.40
C ASP B 66 -10.81 10.61 24.12
N GLN B 67 -9.87 11.45 23.67
CA GLN B 67 -9.68 12.74 24.29
C GLN B 67 -10.85 13.68 24.01
N PHE B 68 -11.35 13.66 22.78
CA PHE B 68 -12.40 14.62 22.42
C PHE B 68 -13.82 14.08 22.61
N PHE B 69 -13.98 12.77 22.73
CA PHE B 69 -15.30 12.14 22.93
C PHE B 69 -15.19 11.16 24.10
N PRO B 70 -15.17 11.66 25.33
CA PRO B 70 -15.08 10.75 26.48
C PRO B 70 -16.20 9.72 26.50
N ILE B 71 -17.40 10.14 26.17
CA ILE B 71 -18.54 9.23 26.00
C ILE B 71 -19.45 9.83 24.95
N SER B 72 -19.73 9.07 23.90
CA SER B 72 -20.44 9.60 22.75
C SER B 72 -21.85 10.05 23.13
N HIS B 73 -22.42 10.90 22.26
CA HIS B 73 -23.71 11.50 22.57
C HIS B 73 -24.80 10.44 22.69
N VAL B 74 -24.78 9.44 21.82
CA VAL B 74 -25.86 8.44 21.82
C VAL B 74 -25.83 7.63 23.11
N ARG B 75 -24.64 7.21 23.55
CA ARG B 75 -24.56 6.45 24.79
C ARG B 75 -24.94 7.32 25.99
N LEU B 76 -24.55 8.59 25.98
CA LEU B 76 -24.94 9.48 27.06
C LEU B 76 -26.45 9.65 27.12
N TRP B 77 -27.10 9.79 25.97
CA TRP B 77 -28.55 9.93 25.93
C TRP B 77 -29.24 8.63 26.32
N SER B 78 -28.65 7.48 25.95
CA SER B 78 -29.21 6.20 26.35
C SER B 78 -29.17 6.04 27.87
N LEU B 79 -28.03 6.39 28.48
CA LEU B 79 -27.92 6.33 29.93
C LEU B 79 -28.90 7.29 30.58
N GLN B 80 -29.04 8.50 30.02
CA GLN B 80 -30.00 9.45 30.55
C GLN B 80 -31.41 8.90 30.49
N LEU B 81 -31.77 8.28 29.36
CA LEU B 81 -33.11 7.72 29.21
C LEU B 81 -33.35 6.60 30.20
N ILE B 82 -32.38 5.71 30.38
CA ILE B 82 -32.53 4.61 31.31
C ILE B 82 -32.71 5.13 32.73
N LEU B 83 -31.86 6.07 33.15
CA LEU B 83 -31.95 6.58 34.52
C LEU B 83 -33.20 7.41 34.74
N VAL B 84 -33.67 8.12 33.71
CA VAL B 84 -34.91 8.87 33.84
C VAL B 84 -36.11 7.93 33.93
N SER B 85 -36.08 6.83 33.20
CA SER B 85 -37.18 5.88 33.22
C SER B 85 -37.14 4.96 34.42
N THR B 86 -36.01 4.89 35.14
CA THR B 86 -35.94 4.01 36.31
C THR B 86 -36.97 4.36 37.39
N PRO B 87 -37.13 5.62 37.82
CA PRO B 87 -38.15 5.90 38.84
C PRO B 87 -39.57 5.56 38.42
N ALA B 88 -39.92 5.76 37.14
CA ALA B 88 -41.25 5.37 36.68
C ALA B 88 -41.43 3.86 36.77
N LEU B 89 -40.41 3.10 36.39
CA LEU B 89 -40.46 1.66 36.54
C LEU B 89 -40.59 1.25 37.99
N LEU B 90 -39.88 1.95 38.89
CA LEU B 90 -40.00 1.65 40.31
C LEU B 90 -41.40 1.90 40.82
N VAL B 91 -42.02 3.00 40.39
CA VAL B 91 -43.39 3.29 40.83
C VAL B 91 -44.36 2.25 40.28
N ALA B 92 -44.18 1.85 39.02
CA ALA B 92 -45.05 0.83 38.45
C ALA B 92 -44.91 -0.49 39.20
N MET B 93 -43.68 -0.89 39.52
CA MET B 93 -43.49 -2.11 40.30
C MET B 93 -44.08 -1.98 41.69
N HIS B 94 -43.96 -0.79 42.30
CA HIS B 94 -44.52 -0.59 43.63
C HIS B 94 -46.04 -0.72 43.61
N VAL B 95 -46.70 -0.12 42.63
CA VAL B 95 -48.16 -0.19 42.59
C VAL B 95 -48.62 -1.60 42.25
N ALA B 96 -47.89 -2.30 41.37
CA ALA B 96 -48.22 -3.69 41.08
C ALA B 96 -48.06 -4.55 42.32
N HIS B 97 -46.98 -4.35 43.08
CA HIS B 97 -46.76 -5.11 44.30
C HIS B 97 -47.83 -4.81 45.34
N GLN B 98 -48.25 -3.56 45.43
CA GLN B 98 -49.31 -3.21 46.37
C GLN B 98 -50.62 -3.88 45.98
N GLN B 99 -50.95 -3.89 44.68
CA GLN B 99 -52.15 -4.59 44.24
C GLN B 99 -52.07 -6.08 44.55
N HIS B 100 -50.90 -6.68 44.33
CA HIS B 100 -50.73 -8.10 44.63
C HIS B 100 -50.88 -8.38 46.11
N ILE B 101 -50.28 -7.54 46.96
CA ILE B 101 -50.29 -7.81 48.40
C ILE B 101 -51.68 -7.55 48.98
N GLU B 102 -52.45 -6.63 48.39
CA GLU B 102 -53.82 -6.44 48.83
C GLU B 102 -54.75 -7.47 48.21
N LYS B 103 -54.32 -8.15 47.15
CA LYS B 103 -55.15 -9.19 46.55
C LYS B 103 -55.17 -10.46 47.40
N LYS B 104 -54.09 -10.73 48.13
CA LYS B 104 -53.99 -11.94 48.93
C LYS B 104 -54.66 -11.81 50.30
N MET B 105 -55.18 -10.63 50.63
CA MET B 105 -55.87 -10.45 51.92
C MET B 105 -57.07 -9.54 51.75
N ILE B 127 -52.70 3.86 52.53
CA ILE B 127 -52.22 3.24 51.31
C ILE B 127 -52.16 4.27 50.19
N SER B 128 -53.11 5.22 50.23
CA SER B 128 -53.11 6.29 49.23
C SER B 128 -52.00 7.29 49.49
N GLY B 129 -51.79 7.66 50.76
CA GLY B 129 -50.78 8.65 51.08
C GLY B 129 -49.37 8.19 50.75
N THR B 130 -49.05 6.94 51.06
CA THR B 130 -47.71 6.43 50.76
C THR B 130 -47.48 6.37 49.25
N LEU B 131 -48.50 5.98 48.49
CA LEU B 131 -48.36 5.98 47.03
C LEU B 131 -48.19 7.40 46.49
N TRP B 132 -48.92 8.35 47.04
CA TRP B 132 -48.77 9.74 46.62
C TRP B 132 -47.36 10.25 46.90
N TRP B 133 -46.84 9.97 48.09
CA TRP B 133 -45.49 10.40 48.42
C TRP B 133 -44.46 9.71 47.54
N THR B 134 -44.65 8.41 47.26
CA THR B 134 -43.74 7.70 46.38
C THR B 134 -43.74 8.32 44.99
N TYR B 135 -44.92 8.66 44.46
CA TYR B 135 -44.97 9.27 43.13
C TYR B 135 -44.30 10.63 43.13
N VAL B 136 -44.52 11.44 44.17
CA VAL B 136 -43.89 12.75 44.22
C VAL B 136 -42.37 12.62 44.28
N ILE B 137 -41.87 11.70 45.10
CA ILE B 137 -40.42 11.48 45.19
C ILE B 137 -39.88 10.98 43.86
N SER B 138 -40.64 10.14 43.17
CA SER B 138 -40.22 9.64 41.87
C SER B 138 -40.09 10.78 40.86
N VAL B 139 -41.07 11.68 40.83
CA VAL B 139 -41.00 12.80 39.90
C VAL B 139 -39.82 13.70 40.25
N VAL B 140 -39.58 13.92 41.55
CA VAL B 140 -38.43 14.74 41.95
C VAL B 140 -37.13 14.09 41.50
N PHE B 141 -37.00 12.78 41.66
CA PHE B 141 -35.77 12.10 41.24
C PHE B 141 -35.63 12.12 39.73
N ARG B 142 -36.73 11.99 38.99
CA ARG B 142 -36.65 12.08 37.54
C ARG B 142 -36.16 13.45 37.10
N LEU B 143 -36.69 14.51 37.72
CA LEU B 143 -36.23 15.87 37.44
C LEU B 143 -34.75 16.03 37.77
N LEU B 144 -34.33 15.46 38.91
CA LEU B 144 -32.93 15.56 39.31
C LEU B 144 -32.02 14.86 38.31
N PHE B 145 -32.43 13.67 37.84
CA PHE B 145 -31.62 12.96 36.85
C PHE B 145 -31.55 13.72 35.54
N GLU B 146 -32.67 14.30 35.10
CA GLU B 146 -32.66 15.11 33.90
C GLU B 146 -31.67 16.27 34.03
N ALA B 147 -31.74 17.00 35.15
CA ALA B 147 -30.85 18.13 35.34
C ALA B 147 -29.40 17.69 35.41
N VAL B 148 -29.12 16.59 36.09
CA VAL B 148 -27.75 16.10 36.23
C VAL B 148 -27.18 15.74 34.87
N PHE B 149 -27.96 15.03 34.04
CA PHE B 149 -27.44 14.64 32.74
C PHE B 149 -27.29 15.84 31.81
N MET B 150 -28.19 16.82 31.90
CA MET B 150 -28.01 18.03 31.11
C MET B 150 -26.75 18.78 31.51
N TYR B 151 -26.48 18.85 32.82
CA TYR B 151 -25.27 19.51 33.29
C TYR B 151 -24.02 18.75 32.87
N VAL B 152 -24.08 17.41 32.90
CA VAL B 152 -22.94 16.61 32.44
C VAL B 152 -22.68 16.84 30.96
N PHE B 153 -23.76 16.90 30.17
CA PHE B 153 -23.60 17.19 28.74
C PHE B 153 -22.98 18.56 28.54
N TYR B 154 -23.39 19.55 29.33
CA TYR B 154 -22.79 20.87 29.23
C TYR B 154 -21.31 20.83 29.59
N LEU B 155 -20.94 20.07 30.62
CA LEU B 155 -19.54 19.99 31.03
C LEU B 155 -18.69 19.34 29.94
N LEU B 156 -19.14 18.20 29.42
CA LEU B 156 -18.31 17.46 28.46
C LEU B 156 -18.23 18.16 27.12
N TYR B 157 -19.36 18.65 26.62
CA TYR B 157 -19.44 19.25 25.28
C TYR B 157 -20.05 20.64 25.40
N PRO B 158 -19.24 21.64 25.74
CA PRO B 158 -19.76 23.02 25.78
C PRO B 158 -20.27 23.44 24.42
N GLY B 159 -21.41 24.11 24.42
CA GLY B 159 -22.07 24.48 23.18
C GLY B 159 -22.89 23.34 22.61
N TYR B 160 -23.83 23.70 21.73
CA TYR B 160 -24.70 22.74 21.09
C TYR B 160 -24.17 22.27 19.74
N ALA B 161 -23.06 22.81 19.27
CA ALA B 161 -22.57 22.55 17.92
C ALA B 161 -21.23 21.84 17.96
N MET B 162 -20.96 21.09 16.89
CA MET B 162 -19.72 20.35 16.74
C MET B 162 -18.93 20.93 15.57
N VAL B 163 -17.61 20.84 15.66
CA VAL B 163 -16.71 21.42 14.68
C VAL B 163 -16.01 20.31 13.91
N ARG B 164 -15.65 20.61 12.66
CA ARG B 164 -14.97 19.63 11.84
C ARG B 164 -13.53 19.41 12.27
N LEU B 165 -12.81 20.50 12.54
CA LEU B 165 -11.41 20.43 12.94
C LEU B 165 -11.31 20.41 14.45
N VAL B 166 -10.50 19.49 14.98
CA VAL B 166 -10.14 19.50 16.39
C VAL B 166 -8.62 19.37 16.50
N LYS B 167 -8.01 20.26 17.27
CA LYS B 167 -6.57 20.26 17.48
C LYS B 167 -6.26 19.46 18.73
N CYS B 168 -5.51 18.37 18.57
CA CYS B 168 -5.23 17.47 19.68
C CYS B 168 -3.73 17.40 19.94
N ASP B 169 -3.34 17.58 21.20
CA ASP B 169 -1.95 17.48 21.63
C ASP B 169 -1.91 16.56 22.85
N VAL B 170 -1.86 15.25 22.60
CA VAL B 170 -1.82 14.26 23.66
C VAL B 170 -0.95 13.11 23.20
N TYR B 171 -0.24 12.50 24.14
CA TYR B 171 0.66 11.41 23.80
C TYR B 171 -0.12 10.26 23.18
N PRO B 172 0.40 9.60 22.14
CA PRO B 172 1.71 9.78 21.50
C PRO B 172 1.73 10.75 20.34
N CYS B 173 0.66 11.49 20.09
CA CYS B 173 0.63 12.40 18.95
C CYS B 173 1.69 13.48 19.12
N PRO B 174 2.56 13.69 18.14
CA PRO B 174 3.61 14.71 18.28
C PRO B 174 3.06 16.11 18.04
N ASN B 175 3.36 17.01 18.96
CA ASN B 175 2.94 18.41 18.88
C ASN B 175 1.42 18.44 18.82
N THR B 176 0.81 19.18 17.90
CA THR B 176 -0.63 19.28 17.78
C THR B 176 -1.05 18.78 16.40
N VAL B 177 -2.01 17.87 16.37
CA VAL B 177 -2.47 17.25 15.12
C VAL B 177 -3.91 17.65 14.88
N ASP B 178 -4.30 17.60 13.60
CA ASP B 178 -5.63 17.99 13.16
C ASP B 178 -6.46 16.73 12.95
N CYS B 179 -7.43 16.50 13.83
CA CYS B 179 -8.37 15.41 13.66
C CYS B 179 -9.67 15.95 13.09
N PHE B 180 -10.36 15.11 12.32
CA PHE B 180 -11.56 15.51 11.59
C PHE B 180 -12.74 14.68 12.07
N VAL B 181 -13.73 15.35 12.67
CA VAL B 181 -14.94 14.68 13.10
C VAL B 181 -15.79 14.31 11.89
N SER B 182 -16.63 13.30 12.03
CA SER B 182 -17.50 12.83 10.96
C SER B 182 -18.93 13.30 11.21
N ARG B 183 -19.55 13.88 10.20
CA ARG B 183 -20.91 14.40 10.27
C ARG B 183 -21.15 15.34 11.45
N PRO B 184 -20.40 16.44 11.56
CA PRO B 184 -20.70 17.39 12.64
C PRO B 184 -22.07 18.03 12.56
N THR B 185 -22.57 18.31 11.34
CA THR B 185 -23.82 19.04 11.23
C THR B 185 -25.03 18.18 11.58
N GLU B 186 -25.03 16.93 11.11
CA GLU B 186 -26.12 16.01 11.46
C GLU B 186 -26.14 15.74 12.96
N LYS B 187 -24.98 15.54 13.56
CA LYS B 187 -24.90 15.35 15.00
C LYS B 187 -25.35 16.60 15.74
N THR B 188 -25.05 17.79 15.19
CA THR B 188 -25.55 19.02 15.80
C THR B 188 -27.08 19.08 15.76
N VAL B 189 -27.67 18.69 14.64
CA VAL B 189 -29.12 18.72 14.52
C VAL B 189 -29.74 17.77 15.54
N PHE B 190 -29.22 16.56 15.65
CA PHE B 190 -29.80 15.61 16.59
C PHE B 190 -29.52 16.01 18.04
N THR B 191 -28.39 16.66 18.31
CA THR B 191 -28.14 17.20 19.63
C THR B 191 -29.16 18.27 19.98
N VAL B 192 -29.50 19.13 19.03
CA VAL B 192 -30.51 20.16 19.27
C VAL B 192 -31.84 19.50 19.59
N PHE B 193 -32.22 18.48 18.81
CA PHE B 193 -33.49 17.80 19.05
C PHE B 193 -33.53 17.16 20.45
N MET B 194 -32.47 16.44 20.81
CA MET B 194 -32.47 15.73 22.09
C MET B 194 -32.42 16.71 23.26
N LEU B 195 -31.66 17.80 23.14
CA LEU B 195 -31.62 18.79 24.20
C LEU B 195 -32.95 19.50 24.36
N ALA B 196 -33.64 19.79 23.25
CA ALA B 196 -34.97 20.38 23.35
C ALA B 196 -35.94 19.43 24.03
N ALA B 197 -35.87 18.14 23.68
CA ALA B 197 -36.75 17.16 24.33
C ALA B 197 -36.45 17.07 25.83
N SER B 198 -35.17 17.09 26.20
CA SER B 198 -34.81 17.04 27.61
C SER B 198 -35.30 18.27 28.36
N GLY B 199 -35.17 19.45 27.74
CA GLY B 199 -35.69 20.65 28.36
C GLY B 199 -37.20 20.62 28.55
N ILE B 200 -37.91 20.09 27.55
CA ILE B 200 -39.36 19.95 27.68
C ILE B 200 -39.69 18.99 28.81
N CYS B 201 -38.93 17.89 28.94
CA CYS B 201 -39.15 16.96 30.04
C CYS B 201 -38.93 17.65 31.39
N ILE B 202 -37.89 18.47 31.50
CA ILE B 202 -37.61 19.16 32.76
C ILE B 202 -38.77 20.10 33.11
N ILE B 203 -39.24 20.85 32.11
CA ILE B 203 -40.33 21.80 32.34
C ILE B 203 -41.58 21.05 32.78
N LEU B 204 -41.89 19.94 32.10
CA LEU B 204 -43.09 19.19 32.45
C LEU B 204 -42.99 18.58 33.85
N ASN B 205 -41.81 18.09 34.23
CA ASN B 205 -41.64 17.54 35.57
C ASN B 205 -41.80 18.62 36.63
N VAL B 206 -41.24 19.81 36.40
CA VAL B 206 -41.42 20.90 37.34
C VAL B 206 -42.89 21.29 37.46
N ALA B 207 -43.58 21.36 36.32
CA ALA B 207 -45.00 21.68 36.34
C ALA B 207 -45.80 20.63 37.09
N GLU B 208 -45.46 19.35 36.91
CA GLU B 208 -46.16 18.28 37.62
C GLU B 208 -45.94 18.38 39.12
N VAL B 209 -44.70 18.63 39.54
CA VAL B 209 -44.43 18.77 40.97
C VAL B 209 -45.21 19.93 41.55
N VAL B 210 -45.20 21.07 40.86
CA VAL B 210 -45.90 22.26 41.35
C VAL B 210 -47.39 21.99 41.44
N TYR B 211 -47.96 21.34 40.42
CA TYR B 211 -49.39 21.06 40.42
C TYR B 211 -49.76 20.11 41.56
N LEU B 212 -48.96 19.08 41.79
CA LEU B 212 -49.25 18.16 42.89
C LEU B 212 -49.16 18.87 44.23
N ILE B 213 -48.15 19.73 44.42
CA ILE B 213 -48.03 20.45 45.68
C ILE B 213 -49.22 21.38 45.88
N ILE B 214 -49.65 22.07 44.82
CA ILE B 214 -50.78 22.98 44.92
C ILE B 214 -52.05 22.20 45.27
N ARG B 215 -52.29 21.08 44.60
CA ARG B 215 -53.50 20.30 44.88
C ARG B 215 -53.47 19.69 46.28
N ALA B 216 -52.28 19.35 46.79
CA ALA B 216 -52.20 18.84 48.15
C ALA B 216 -52.64 19.88 49.17
N CYS B 217 -52.24 21.13 48.95
CA CYS B 217 -52.62 22.21 49.86
C CYS B 217 -53.83 22.98 49.33
N MET C 1 -54.12 -10.93 15.02
CA MET C 1 -53.81 -9.74 14.25
C MET C 1 -54.80 -9.57 13.10
N ASN C 2 -56.00 -9.13 13.44
CA ASN C 2 -57.06 -8.95 12.46
C ASN C 2 -57.03 -7.55 11.86
N TRP C 3 -57.86 -7.34 10.84
CA TRP C 3 -57.90 -6.04 10.17
C TRP C 3 -58.60 -4.99 11.02
N THR C 4 -59.62 -5.38 11.79
CA THR C 4 -60.31 -4.41 12.63
C THR C 4 -59.38 -3.83 13.68
N GLY C 5 -58.52 -4.66 14.27
CA GLY C 5 -57.58 -4.15 15.26
C GLY C 5 -56.59 -3.18 14.68
N LEU C 6 -56.02 -3.51 13.51
CA LEU C 6 -55.06 -2.61 12.86
C LEU C 6 -55.74 -1.30 12.45
N TYR C 7 -56.96 -1.39 11.92
CA TYR C 7 -57.68 -0.19 11.53
C TYR C 7 -57.99 0.70 12.74
N THR C 8 -58.40 0.08 13.86
CA THR C 8 -58.65 0.86 15.07
C THR C 8 -57.37 1.50 15.59
N LEU C 9 -56.26 0.77 15.55
CA LEU C 9 -54.98 1.32 16.00
C LEU C 9 -54.56 2.50 15.14
N LEU C 10 -54.72 2.40 13.83
CA LEU C 10 -54.30 3.49 12.95
C LEU C 10 -55.26 4.66 13.00
N SER C 11 -56.54 4.41 13.28
CA SER C 11 -57.52 5.50 13.29
C SER C 11 -57.30 6.43 14.48
N GLY C 12 -56.89 5.89 15.62
CA GLY C 12 -56.78 6.65 16.84
C GLY C 12 -58.07 6.74 17.63
N VAL C 13 -59.12 6.05 17.20
CA VAL C 13 -60.44 5.99 17.84
C VAL C 13 -60.87 7.37 18.35
N ASN C 14 -60.68 8.40 17.53
CA ASN C 14 -61.06 9.76 17.89
C ASN C 14 -62.48 10.12 17.49
N ARG C 15 -63.18 9.23 16.77
CA ARG C 15 -64.58 9.38 16.37
C ARG C 15 -64.89 10.75 15.75
N HIS C 16 -63.87 11.40 15.17
CA HIS C 16 -64.09 12.68 14.50
C HIS C 16 -63.40 12.76 13.14
N SER C 17 -62.66 11.73 12.74
CA SER C 17 -61.92 11.74 11.48
C SER C 17 -62.77 11.07 10.41
N THR C 18 -62.84 11.71 9.24
CA THR C 18 -63.62 11.18 8.13
C THR C 18 -62.81 10.12 7.38
N ALA C 19 -63.33 9.70 6.23
CA ALA C 19 -62.66 8.65 5.45
C ALA C 19 -61.32 9.12 4.91
N ILE C 20 -61.20 10.40 4.55
CA ILE C 20 -59.97 10.90 3.95
C ILE C 20 -58.84 11.10 4.97
N GLY C 21 -59.10 10.79 6.23
CA GLY C 21 -58.06 10.89 7.24
C GLY C 21 -57.93 9.62 8.05
N ARG C 22 -58.88 8.71 7.84
CA ARG C 22 -58.91 7.43 8.56
C ARG C 22 -58.64 6.25 7.64
N VAL C 23 -58.91 6.39 6.34
CA VAL C 23 -58.63 5.33 5.39
C VAL C 23 -57.44 5.66 4.49
N TRP C 24 -57.26 6.92 4.09
CA TRP C 24 -56.22 7.30 3.15
C TRP C 24 -54.95 7.78 3.82
N LEU C 25 -55.05 8.60 4.86
CA LEU C 25 -53.83 9.10 5.51
C LEU C 25 -53.05 7.95 6.16
N SER C 26 -53.75 6.99 6.76
CA SER C 26 -53.07 5.85 7.35
C SER C 26 -52.36 5.02 6.29
N VAL C 27 -52.98 4.85 5.14
CA VAL C 27 -52.35 4.09 4.06
C VAL C 27 -51.09 4.80 3.56
N ILE C 28 -51.15 6.13 3.42
CA ILE C 28 -49.99 6.87 2.98
C ILE C 28 -48.89 6.81 4.03
N PHE C 29 -49.26 6.84 5.32
CA PHE C 29 -48.27 6.69 6.38
C PHE C 29 -47.59 5.33 6.32
N ILE C 30 -48.38 4.27 6.10
CA ILE C 30 -47.80 2.94 5.97
C ILE C 30 -46.88 2.88 4.76
N PHE C 31 -47.29 3.49 3.64
CA PHE C 31 -46.45 3.50 2.45
C PHE C 31 -45.12 4.21 2.73
N ARG C 32 -45.16 5.35 3.40
CA ARG C 32 -43.93 6.06 3.72
C ARG C 32 -43.05 5.25 4.65
N ILE C 33 -43.64 4.60 5.65
CA ILE C 33 -42.87 3.77 6.58
C ILE C 33 -42.19 2.65 5.82
N MET C 34 -42.91 1.97 4.93
CA MET C 34 -42.34 0.84 4.19
C MET C 34 -41.23 1.30 3.25
N VAL C 35 -41.44 2.41 2.54
CA VAL C 35 -40.39 2.89 1.64
C VAL C 35 -39.16 3.29 2.43
N LEU C 36 -39.35 3.97 3.57
CA LEU C 36 -38.23 4.37 4.39
C LEU C 36 -37.47 3.16 4.93
N VAL C 37 -38.21 2.10 5.29
CA VAL C 37 -37.54 0.89 5.79
C VAL C 37 -36.74 0.22 4.68
N VAL C 38 -37.32 0.12 3.48
CA VAL C 38 -36.62 -0.58 2.40
C VAL C 38 -35.54 0.27 1.73
N ALA C 39 -35.47 1.57 2.03
CA ALA C 39 -34.43 2.41 1.45
C ALA C 39 -33.48 3.01 2.48
N ALA C 40 -33.69 2.77 3.78
CA ALA C 40 -32.89 3.45 4.80
C ALA C 40 -31.47 2.89 4.85
N GLU C 41 -31.33 1.57 4.83
CA GLU C 41 -30.03 0.95 5.02
C GLU C 41 -29.44 0.38 3.73
N SER C 42 -30.27 0.04 2.76
CA SER C 42 -29.75 -0.54 1.52
C SER C 42 -29.17 0.54 0.61
N VAL C 43 -29.84 1.69 0.50
CA VAL C 43 -29.42 2.74 -0.41
C VAL C 43 -28.48 3.71 0.30
N TRP C 44 -28.96 4.32 1.37
CA TRP C 44 -28.18 5.29 2.12
C TRP C 44 -27.28 4.65 3.16
N GLY C 45 -27.07 3.34 3.09
CA GLY C 45 -26.21 2.68 4.06
C GLY C 45 -24.76 3.11 3.96
N ASP C 46 -24.25 3.21 2.74
CA ASP C 46 -22.85 3.52 2.49
C ASP C 46 -22.70 4.87 1.81
N GLU C 47 -23.50 5.85 2.24
CA GLU C 47 -23.38 7.19 1.68
C GLU C 47 -22.10 7.87 2.11
N LYS C 48 -21.55 7.48 3.27
CA LYS C 48 -20.35 8.13 3.79
C LYS C 48 -19.09 7.42 3.30
N SER C 49 -19.08 6.08 3.36
CA SER C 49 -17.91 5.31 2.99
C SER C 49 -17.68 5.27 1.48
N SER C 50 -18.73 5.09 0.68
CA SER C 50 -18.54 5.03 -0.77
C SER C 50 -18.28 6.41 -1.35
N PHE C 51 -18.53 7.45 -0.58
CA PHE C 51 -18.28 8.82 -1.00
C PHE C 51 -16.79 9.14 -0.90
N ILE C 52 -16.18 9.42 -2.05
CA ILE C 52 -14.75 9.68 -2.12
C ILE C 52 -14.51 10.92 -2.96
N CYS C 53 -13.42 11.62 -2.65
CA CYS C 53 -12.99 12.76 -3.45
C CYS C 53 -11.74 12.40 -4.25
N ASN C 54 -11.38 13.30 -5.16
CA ASN C 54 -10.23 13.10 -6.04
C ASN C 54 -8.97 13.78 -5.53
N THR C 55 -8.87 14.03 -4.22
CA THR C 55 -7.69 14.67 -3.66
C THR C 55 -6.87 13.66 -2.88
N LEU C 56 -5.71 14.11 -2.38
CA LEU C 56 -4.84 13.31 -1.54
C LEU C 56 -4.72 13.84 -0.13
N GLN C 57 -5.30 15.00 0.16
CA GLN C 57 -5.24 15.58 1.50
C GLN C 57 -6.06 14.75 2.47
N PRO C 58 -5.52 14.40 3.63
CA PRO C 58 -6.32 13.70 4.64
C PRO C 58 -7.44 14.59 5.18
N GLY C 59 -8.58 13.97 5.46
CA GLY C 59 -9.69 14.65 6.07
C GLY C 59 -10.55 15.46 5.12
N CYS C 60 -10.24 15.45 3.82
CA CYS C 60 -11.06 16.20 2.89
C CYS C 60 -12.38 15.50 2.60
N ASN C 61 -12.40 14.17 2.65
CA ASN C 61 -13.63 13.43 2.37
C ASN C 61 -14.72 13.78 3.39
N SER C 62 -14.37 13.80 4.67
CA SER C 62 -15.37 14.05 5.71
C SER C 62 -15.91 15.46 5.64
N VAL C 63 -15.04 16.45 5.45
CA VAL C 63 -15.50 17.83 5.39
C VAL C 63 -16.34 18.06 4.14
N CYS C 64 -15.96 17.43 3.02
CA CYS C 64 -16.77 17.56 1.81
C CYS C 64 -18.14 16.93 1.99
N TYR C 65 -18.19 15.74 2.58
CA TYR C 65 -19.48 15.09 2.80
C TYR C 65 -20.36 15.92 3.71
N ASP C 66 -19.80 16.45 4.79
CA ASP C 66 -20.60 17.28 5.68
C ASP C 66 -21.02 18.58 5.01
N GLN C 67 -20.20 19.10 4.08
CA GLN C 67 -20.55 20.32 3.37
C GLN C 67 -21.74 20.08 2.44
N PHE C 68 -21.75 18.96 1.73
CA PHE C 68 -22.78 18.74 0.73
C PHE C 68 -23.99 17.98 1.26
N PHE C 69 -23.87 17.31 2.39
CA PHE C 69 -24.97 16.57 2.99
C PHE C 69 -25.08 16.94 4.46
N PRO C 70 -25.62 18.11 4.77
CA PRO C 70 -25.74 18.52 6.18
C PRO C 70 -26.52 17.52 7.01
N ILE C 71 -27.57 16.96 6.46
CA ILE C 71 -28.32 15.87 7.09
C ILE C 71 -28.90 15.01 5.99
N SER C 72 -28.60 13.72 6.01
CA SER C 72 -28.94 12.84 4.90
C SER C 72 -30.46 12.75 4.73
N HIS C 73 -30.86 12.33 3.54
CA HIS C 73 -32.28 12.31 3.20
C HIS C 73 -33.06 11.37 4.11
N VAL C 74 -32.49 10.21 4.43
CA VAL C 74 -33.22 9.22 5.23
C VAL C 74 -33.47 9.75 6.64
N ARG C 75 -32.46 10.37 7.25
CA ARG C 75 -32.65 10.92 8.59
C ARG C 75 -33.64 12.09 8.57
N LEU C 76 -33.58 12.92 7.53
CA LEU C 76 -34.53 14.01 7.41
C LEU C 76 -35.96 13.49 7.29
N TRP C 77 -36.15 12.43 6.49
CA TRP C 77 -37.48 11.85 6.34
C TRP C 77 -37.93 11.15 7.61
N SER C 78 -37.01 10.53 8.34
CA SER C 78 -37.37 9.92 9.62
C SER C 78 -37.82 10.97 10.62
N LEU C 79 -37.10 12.09 10.71
CA LEU C 79 -37.52 13.16 11.59
C LEU C 79 -38.87 13.73 11.16
N GLN C 80 -39.07 13.89 9.85
CA GLN C 80 -40.36 14.37 9.36
C GLN C 80 -41.48 13.41 9.75
N LEU C 81 -41.25 12.11 9.59
CA LEU C 81 -42.26 11.12 9.94
C LEU C 81 -42.58 11.15 11.43
N ILE C 82 -41.54 11.25 12.27
CA ILE C 82 -41.77 11.29 13.72
C ILE C 82 -42.56 12.53 14.11
N LEU C 83 -42.18 13.69 13.58
CA LEU C 83 -42.87 14.93 13.95
C LEU C 83 -44.28 14.98 13.38
N VAL C 84 -44.50 14.40 12.20
CA VAL C 84 -45.85 14.35 11.64
C VAL C 84 -46.73 13.41 12.45
N SER C 85 -46.17 12.29 12.92
CA SER C 85 -46.95 11.34 13.69
C SER C 85 -47.14 11.75 15.14
N THR C 86 -46.36 12.72 15.63
CA THR C 86 -46.52 13.16 17.01
C THR C 86 -47.90 13.70 17.33
N PRO C 87 -48.52 14.60 16.54
CA PRO C 87 -49.87 15.06 16.90
C PRO C 87 -50.92 13.94 16.91
N ALA C 88 -50.81 12.97 16.00
CA ALA C 88 -51.75 11.85 16.03
C ALA C 88 -51.59 11.04 17.32
N LEU C 89 -50.35 10.82 17.74
CA LEU C 89 -50.10 10.14 19.01
C LEU C 89 -50.66 10.95 20.17
N LEU C 90 -50.51 12.27 20.13
CA LEU C 90 -51.05 13.11 21.19
C LEU C 90 -52.57 13.00 21.26
N VAL C 91 -53.24 13.00 20.10
CA VAL C 91 -54.69 12.88 20.10
C VAL C 91 -55.13 11.52 20.60
N ALA C 92 -54.41 10.47 20.21
CA ALA C 92 -54.74 9.13 20.71
C ALA C 92 -54.58 9.05 22.22
N MET C 93 -53.50 9.61 22.75
CA MET C 93 -53.31 9.62 24.20
C MET C 93 -54.38 10.46 24.89
N HIS C 94 -54.77 11.58 24.27
CA HIS C 94 -55.81 12.42 24.85
C HIS C 94 -57.13 11.67 24.94
N VAL C 95 -57.52 10.99 23.87
CA VAL C 95 -58.81 10.29 23.88
C VAL C 95 -58.76 9.10 24.83
N ALA C 96 -57.62 8.40 24.90
CA ALA C 96 -57.48 7.32 25.87
C ALA C 96 -57.58 7.84 27.30
N HIS C 97 -56.93 8.97 27.58
CA HIS C 97 -56.99 9.57 28.91
C HIS C 97 -58.40 10.02 29.24
N GLN C 98 -59.12 10.56 28.26
CA GLN C 98 -60.50 10.97 28.49
C GLN C 98 -61.38 9.78 28.80
N GLN C 99 -61.20 8.67 28.08
CA GLN C 99 -61.95 7.46 28.37
C GLN C 99 -61.64 6.94 29.77
N HIS C 100 -60.36 6.98 30.14
CA HIS C 100 -59.98 6.52 31.48
C HIS C 100 -60.58 7.41 32.56
N ILE C 101 -60.54 8.73 32.37
CA ILE C 101 -61.02 9.63 33.41
C ILE C 101 -62.54 9.61 33.52
N GLU C 102 -63.24 9.33 32.41
CA GLU C 102 -64.68 9.14 32.50
C GLU C 102 -65.06 7.75 32.98
N LYS C 103 -64.11 6.80 32.93
CA LYS C 103 -64.38 5.45 33.44
C LYS C 103 -64.39 5.42 34.96
N LYS C 104 -63.63 6.31 35.61
CA LYS C 104 -63.54 6.32 37.06
C LYS C 104 -64.66 7.13 37.72
N MET C 105 -65.54 7.74 36.94
CA MET C 105 -66.66 8.49 37.51
C MET C 105 -67.92 8.31 36.67
N ILE C 127 -67.48 17.67 26.15
CA ILE C 127 -66.44 16.67 25.96
C ILE C 127 -66.23 16.43 24.46
N SER C 128 -67.33 16.51 23.70
CA SER C 128 -67.22 16.35 22.26
C SER C 128 -66.56 17.57 21.61
N GLY C 129 -66.91 18.77 22.07
CA GLY C 129 -66.35 19.96 21.45
C GLY C 129 -64.87 20.10 21.66
N THR C 130 -64.39 19.81 22.87
CA THR C 130 -62.96 19.91 23.13
C THR C 130 -62.17 18.88 22.32
N LEU C 131 -62.72 17.67 22.19
CA LEU C 131 -62.05 16.67 21.35
C LEU C 131 -62.04 17.08 19.89
N TRP C 132 -63.14 17.67 19.41
CA TRP C 132 -63.18 18.16 18.04
C TRP C 132 -62.13 19.23 17.80
N TRP C 133 -62.03 20.19 18.73
CA TRP C 133 -61.03 21.24 18.59
C TRP C 133 -59.61 20.68 18.67
N THR C 134 -59.39 19.70 19.56
CA THR C 134 -58.07 19.07 19.65
C THR C 134 -57.71 18.38 18.35
N TYR C 135 -58.66 17.66 17.75
CA TYR C 135 -58.38 17.00 16.48
C TYR C 135 -58.09 18.00 15.37
N VAL C 136 -58.86 19.10 15.32
CA VAL C 136 -58.61 20.10 14.28
C VAL C 136 -57.23 20.72 14.45
N ILE C 137 -56.87 21.07 15.69
CA ILE C 137 -55.55 21.63 15.93
C ILE C 137 -54.46 20.63 15.59
N SER C 138 -54.70 19.35 15.86
CA SER C 138 -53.72 18.32 15.52
C SER C 138 -53.51 18.23 14.02
N VAL C 139 -54.60 18.27 13.25
CA VAL C 139 -54.47 18.20 11.79
C VAL C 139 -53.74 19.44 11.28
N VAL C 140 -54.04 20.61 11.85
CA VAL C 140 -53.35 21.83 11.45
C VAL C 140 -51.85 21.72 11.72
N PHE C 141 -51.49 21.20 12.90
CA PHE C 141 -50.07 21.06 13.23
C PHE C 141 -49.40 20.03 12.34
N ARG C 142 -50.09 18.95 12.01
CA ARG C 142 -49.52 17.96 11.09
C ARG C 142 -49.24 18.58 9.73
N LEU C 143 -50.19 19.36 9.21
CA LEU C 143 -49.99 20.05 7.95
C LEU C 143 -48.82 21.03 8.04
N LEU C 144 -48.73 21.75 9.16
CA LEU C 144 -47.64 22.69 9.34
C LEU C 144 -46.28 22.00 9.35
N PHE C 145 -46.19 20.86 10.04
CA PHE C 145 -44.93 20.12 10.07
C PHE C 145 -44.58 19.58 8.69
N GLU C 146 -45.57 19.08 7.96
CA GLU C 146 -45.32 18.61 6.59
C GLU C 146 -44.75 19.74 5.74
N ALA C 147 -45.39 20.91 5.78
CA ALA C 147 -44.93 22.04 4.98
C ALA C 147 -43.54 22.49 5.40
N VAL C 148 -43.28 22.53 6.71
CA VAL C 148 -41.98 22.98 7.20
C VAL C 148 -40.88 22.03 6.73
N PHE C 149 -41.13 20.72 6.81
CA PHE C 149 -40.09 19.78 6.40
C PHE C 149 -39.89 19.79 4.88
N MET C 150 -40.97 19.98 4.12
CA MET C 150 -40.81 20.11 2.68
C MET C 150 -40.00 21.35 2.32
N TYR C 151 -40.25 22.46 3.01
CA TYR C 151 -39.49 23.68 2.77
C TYR C 151 -38.02 23.51 3.16
N VAL C 152 -37.77 22.81 4.27
CA VAL C 152 -36.39 22.56 4.69
C VAL C 152 -35.67 21.70 3.66
N PHE C 153 -36.36 20.68 3.14
CA PHE C 153 -35.78 19.85 2.09
C PHE C 153 -35.46 20.68 0.86
N TYR C 154 -36.36 21.60 0.49
CA TYR C 154 -36.09 22.48 -0.64
C TYR C 154 -34.88 23.37 -0.38
N LEU C 155 -34.74 23.88 0.84
CA LEU C 155 -33.61 24.75 1.17
C LEU C 155 -32.29 23.98 1.09
N LEU C 156 -32.23 22.80 1.71
CA LEU C 156 -30.97 22.08 1.78
C LEU C 156 -30.58 21.49 0.44
N TYR C 157 -31.54 20.90 -0.28
CA TYR C 157 -31.28 20.19 -1.53
C TYR C 157 -32.19 20.73 -2.61
N PRO C 158 -31.84 21.87 -3.22
CA PRO C 158 -32.66 22.38 -4.32
C PRO C 158 -32.72 21.38 -5.47
N GLY C 159 -33.91 21.21 -6.02
CA GLY C 159 -34.13 20.22 -7.05
C GLY C 159 -34.37 18.84 -6.47
N TYR C 160 -34.99 17.99 -7.28
CA TYR C 160 -35.31 16.62 -6.89
C TYR C 160 -34.22 15.63 -7.28
N ALA C 161 -33.17 16.07 -7.97
CA ALA C 161 -32.18 15.18 -8.53
C ALA C 161 -30.82 15.41 -7.90
N MET C 162 -30.01 14.35 -7.85
CA MET C 162 -28.67 14.40 -7.33
C MET C 162 -27.67 14.18 -8.45
N VAL C 163 -26.49 14.77 -8.31
CA VAL C 163 -25.47 14.74 -9.34
C VAL C 163 -24.29 13.91 -8.87
N ARG C 164 -23.58 13.30 -9.82
CA ARG C 164 -22.44 12.47 -9.48
C ARG C 164 -21.25 13.31 -9.04
N LEU C 165 -20.95 14.38 -9.77
CA LEU C 165 -19.83 15.25 -9.46
C LEU C 165 -20.28 16.38 -8.56
N VAL C 166 -19.53 16.65 -7.50
CA VAL C 166 -19.71 17.84 -6.70
C VAL C 166 -18.35 18.51 -6.50
N LYS C 167 -18.30 19.82 -6.78
CA LYS C 167 -17.07 20.59 -6.64
C LYS C 167 -17.05 21.22 -5.25
N CYS C 168 -16.07 20.84 -4.44
CA CYS C 168 -16.00 21.30 -3.06
C CYS C 168 -14.73 22.10 -2.84
N ASP C 169 -14.88 23.30 -2.25
CA ASP C 169 -13.76 24.16 -1.90
C ASP C 169 -13.94 24.60 -0.45
N VAL C 170 -13.50 23.75 0.47
CA VAL C 170 -13.63 24.04 1.89
C VAL C 170 -12.40 23.47 2.59
N TYR C 171 -11.95 24.15 3.64
CA TYR C 171 -10.77 23.72 4.36
C TYR C 171 -10.97 22.33 4.94
N PRO C 172 -9.96 21.45 4.88
CA PRO C 172 -8.59 21.65 4.40
C PRO C 172 -8.37 21.31 2.93
N CYS C 173 -9.43 21.05 2.16
CA CYS C 173 -9.25 20.67 0.76
C CYS C 173 -8.61 21.82 0.00
N PRO C 174 -7.52 21.57 -0.73
CA PRO C 174 -6.86 22.66 -1.47
C PRO C 174 -7.62 22.98 -2.75
N ASN C 175 -7.89 24.27 -2.95
CA ASN C 175 -8.58 24.77 -4.15
C ASN C 175 -9.94 24.07 -4.23
N THR C 176 -10.32 23.53 -5.38
CA THR C 176 -11.60 22.85 -5.57
C THR C 176 -11.34 21.41 -5.95
N VAL C 177 -11.99 20.49 -5.24
CA VAL C 177 -11.80 19.06 -5.44
C VAL C 177 -13.10 18.45 -5.94
N ASP C 178 -12.99 17.33 -6.64
CA ASP C 178 -14.11 16.62 -7.24
C ASP C 178 -14.49 15.45 -6.34
N CYS C 179 -15.62 15.57 -5.66
CA CYS C 179 -16.16 14.47 -4.88
C CYS C 179 -17.25 13.77 -5.67
N PHE C 180 -17.39 12.46 -5.44
CA PHE C 180 -18.31 11.62 -6.21
C PHE C 180 -19.34 11.03 -5.28
N VAL C 181 -20.61 11.38 -5.50
CA VAL C 181 -21.70 10.82 -4.73
C VAL C 181 -21.95 9.37 -5.14
N SER C 182 -22.50 8.59 -4.22
CA SER C 182 -22.79 7.18 -4.47
C SER C 182 -24.28 6.99 -4.73
N ARG C 183 -24.61 6.28 -5.80
CA ARG C 183 -25.98 6.01 -6.21
C ARG C 183 -26.85 7.27 -6.30
N PRO C 184 -26.48 8.25 -7.13
CA PRO C 184 -27.36 9.42 -7.29
C PRO C 184 -28.72 9.08 -7.89
N THR C 185 -28.80 8.13 -8.82
CA THR C 185 -30.07 7.88 -9.50
C THR C 185 -31.07 7.16 -8.60
N GLU C 186 -30.61 6.16 -7.85
CA GLU C 186 -31.49 5.47 -6.93
C GLU C 186 -32.00 6.41 -5.85
N LYS C 187 -31.11 7.26 -5.32
CA LYS C 187 -31.52 8.24 -4.33
C LYS C 187 -32.49 9.25 -4.93
N THR C 188 -32.31 9.60 -6.21
CA THR C 188 -33.27 10.49 -6.87
C THR C 188 -34.63 9.83 -6.97
N VAL C 189 -34.67 8.54 -7.32
CA VAL C 189 -35.95 7.84 -7.43
C VAL C 189 -36.66 7.82 -6.08
N PHE C 190 -35.93 7.49 -5.02
CA PHE C 190 -36.58 7.43 -3.71
C PHE C 190 -36.94 8.82 -3.20
N THR C 191 -36.17 9.84 -3.56
CA THR C 191 -36.56 11.21 -3.23
C THR C 191 -37.86 11.58 -3.92
N VAL C 192 -38.02 11.20 -5.18
CA VAL C 192 -39.26 11.47 -5.88
C VAL C 192 -40.43 10.78 -5.19
N PHE C 193 -40.25 9.52 -4.81
CA PHE C 193 -41.32 8.79 -4.14
C PHE C 193 -41.70 9.45 -2.82
N MET C 194 -40.71 9.81 -2.00
CA MET C 194 -41.01 10.37 -0.69
C MET C 194 -41.62 11.77 -0.81
N LEU C 195 -41.15 12.58 -1.76
CA LEU C 195 -41.73 13.89 -1.96
C LEU C 195 -43.17 13.79 -2.47
N ALA C 196 -43.44 12.84 -3.36
CA ALA C 196 -44.82 12.64 -3.81
C ALA C 196 -45.71 12.22 -2.65
N ALA C 197 -45.22 11.33 -1.80
CA ALA C 197 -46.01 10.92 -0.63
C ALA C 197 -46.26 12.09 0.30
N SER C 198 -45.25 12.93 0.52
CA SER C 198 -45.43 14.10 1.38
C SER C 198 -46.44 15.08 0.79
N GLY C 199 -46.38 15.30 -0.53
CA GLY C 199 -47.36 16.16 -1.17
C GLY C 199 -48.77 15.62 -1.05
N ILE C 200 -48.94 14.30 -1.22
CA ILE C 200 -50.25 13.70 -1.03
C ILE C 200 -50.73 13.89 0.39
N CYS C 201 -49.83 13.74 1.37
CA CYS C 201 -50.20 13.96 2.76
C CYS C 201 -50.67 15.39 2.98
N ILE C 202 -49.95 16.36 2.40
CA ILE C 202 -50.34 17.76 2.56
C ILE C 202 -51.72 18.00 1.97
N ILE C 203 -51.96 17.47 0.76
CA ILE C 203 -53.25 17.66 0.12
C ILE C 203 -54.37 17.04 0.96
N LEU C 204 -54.13 15.83 1.47
CA LEU C 204 -55.15 15.16 2.28
C LEU C 204 -55.43 15.92 3.58
N ASN C 205 -54.38 16.46 4.21
CA ASN C 205 -54.59 17.22 5.44
C ASN C 205 -55.39 18.49 5.16
N VAL C 206 -55.08 19.19 4.07
CA VAL C 206 -55.84 20.39 3.72
C VAL C 206 -57.29 20.03 3.45
N ALA C 207 -57.52 18.93 2.72
CA ALA C 207 -58.89 18.50 2.44
C ALA C 207 -59.63 18.14 3.71
N GLU C 208 -58.95 17.49 4.66
CA GLU C 208 -59.59 17.12 5.92
C GLU C 208 -59.97 18.37 6.72
N VAL C 209 -59.07 19.36 6.78
CA VAL C 209 -59.39 20.60 7.49
C VAL C 209 -60.58 21.29 6.85
N VAL C 210 -60.58 21.38 5.52
CA VAL C 210 -61.68 22.06 4.83
C VAL C 210 -62.99 21.32 5.06
N TYR C 211 -62.97 19.99 4.98
CA TYR C 211 -64.19 19.21 5.19
C TYR C 211 -64.72 19.38 6.60
N LEU C 212 -63.84 19.37 7.59
CA LEU C 212 -64.29 19.57 8.97
C LEU C 212 -64.89 20.95 9.17
N ILE C 213 -64.25 21.98 8.59
CA ILE C 213 -64.79 23.34 8.72
C ILE C 213 -66.16 23.43 8.05
N ILE C 214 -66.30 22.83 6.87
CA ILE C 214 -67.58 22.87 6.16
C ILE C 214 -68.66 22.17 6.95
N ARG C 215 -68.36 20.98 7.49
CA ARG C 215 -69.36 20.24 8.24
C ARG C 215 -69.71 20.94 9.55
N ALA C 216 -68.76 21.65 10.15
CA ALA C 216 -69.07 22.41 11.36
C ALA C 216 -70.11 23.49 11.09
N CYS C 217 -69.98 24.19 9.96
CA CYS C 217 -70.92 25.24 9.61
C CYS C 217 -72.01 24.71 8.67
N MET D 1 -51.63 -18.14 16.75
CA MET D 1 -51.36 -17.95 15.33
C MET D 1 -51.87 -19.15 14.53
N ASN D 2 -53.17 -19.16 14.27
CA ASN D 2 -53.81 -20.25 13.56
C ASN D 2 -53.90 -19.95 12.07
N TRP D 3 -54.32 -20.95 11.30
CA TRP D 3 -54.44 -20.79 9.86
C TRP D 3 -55.62 -19.92 9.48
N THR D 4 -56.72 -19.99 10.23
CA THR D 4 -57.88 -19.17 9.90
C THR D 4 -57.56 -17.68 10.04
N GLY D 5 -56.80 -17.32 11.08
CA GLY D 5 -56.44 -15.92 11.26
C GLY D 5 -55.56 -15.41 10.13
N LEU D 6 -54.55 -16.19 9.74
CA LEU D 6 -53.67 -15.78 8.64
C LEU D 6 -54.44 -15.70 7.34
N TYR D 7 -55.33 -16.66 7.08
CA TYR D 7 -56.12 -16.63 5.86
C TYR D 7 -57.04 -15.41 5.83
N THR D 8 -57.66 -15.08 6.96
CA THR D 8 -58.52 -13.90 7.02
C THR D 8 -57.70 -12.63 6.81
N LEU D 9 -56.51 -12.56 7.41
CA LEU D 9 -55.66 -11.40 7.23
C LEU D 9 -55.24 -11.22 5.78
N LEU D 10 -54.88 -12.31 5.11
CA LEU D 10 -54.44 -12.21 3.72
C LEU D 10 -55.62 -11.95 2.77
N SER D 11 -56.80 -12.46 3.10
CA SER D 11 -57.95 -12.30 2.21
C SER D 11 -58.39 -10.85 2.13
N GLY D 12 -58.32 -10.13 3.26
CA GLY D 12 -58.85 -8.78 3.32
C GLY D 12 -60.32 -8.69 3.68
N VAL D 13 -60.96 -9.83 3.99
CA VAL D 13 -62.37 -9.95 4.38
C VAL D 13 -63.26 -9.04 3.54
N ASN D 14 -63.03 -9.03 2.23
CA ASN D 14 -63.82 -8.22 1.32
C ASN D 14 -65.05 -8.94 0.78
N ARG D 15 -65.20 -10.23 1.07
CA ARG D 15 -66.36 -11.06 0.69
C ARG D 15 -66.73 -10.93 -0.79
N HIS D 16 -65.76 -10.57 -1.64
CA HIS D 16 -66.01 -10.50 -3.07
C HIS D 16 -64.92 -11.15 -3.90
N SER D 17 -63.86 -11.66 -3.28
CA SER D 17 -62.74 -12.27 -4.00
C SER D 17 -62.95 -13.77 -4.09
N THR D 18 -62.74 -14.33 -5.28
CA THR D 18 -62.91 -15.75 -5.49
C THR D 18 -61.67 -16.51 -5.04
N ALA D 19 -61.61 -17.80 -5.36
CA ALA D 19 -60.48 -18.62 -4.94
C ALA D 19 -59.19 -18.20 -5.63
N ILE D 20 -59.27 -17.71 -6.87
CA ILE D 20 -58.07 -17.36 -7.62
C ILE D 20 -57.47 -16.04 -7.19
N GLY D 21 -58.05 -15.37 -6.19
CA GLY D 21 -57.50 -14.13 -5.68
C GLY D 21 -57.38 -14.15 -4.18
N ARG D 22 -57.97 -15.19 -3.56
CA ARG D 22 -57.94 -15.35 -2.12
C ARG D 22 -57.09 -16.54 -1.67
N VAL D 23 -56.91 -17.54 -2.52
CA VAL D 23 -56.07 -18.68 -2.21
C VAL D 23 -54.75 -18.65 -2.98
N TRP D 24 -54.74 -18.16 -4.21
CA TRP D 24 -53.55 -18.20 -5.06
C TRP D 24 -52.74 -16.91 -5.03
N LEU D 25 -53.41 -15.76 -5.12
CA LEU D 25 -52.68 -14.49 -5.11
C LEU D 25 -51.93 -14.28 -3.80
N SER D 26 -52.55 -14.66 -2.68
CA SER D 26 -51.88 -14.53 -1.40
C SER D 26 -50.66 -15.44 -1.31
N VAL D 27 -50.75 -16.65 -1.85
CA VAL D 27 -49.62 -17.56 -1.86
C VAL D 27 -48.47 -17.00 -2.70
N ILE D 28 -48.80 -16.44 -3.87
CA ILE D 28 -47.74 -15.86 -4.70
C ILE D 28 -47.13 -14.64 -4.03
N PHE D 29 -47.94 -13.85 -3.32
CA PHE D 29 -47.40 -12.73 -2.58
C PHE D 29 -46.45 -13.18 -1.48
N ILE D 30 -46.82 -14.24 -0.76
CA ILE D 30 -45.94 -14.79 0.27
C ILE D 30 -44.65 -15.31 -0.36
N PHE D 31 -44.76 -15.98 -1.51
CA PHE D 31 -43.58 -16.48 -2.19
C PHE D 31 -42.65 -15.35 -2.59
N ARG D 32 -43.19 -14.26 -3.14
CA ARG D 32 -42.38 -13.12 -3.52
C ARG D 32 -41.73 -12.48 -2.30
N ILE D 33 -42.47 -12.35 -1.21
CA ILE D 33 -41.91 -11.78 0.01
C ILE D 33 -40.75 -12.62 0.51
N MET D 34 -40.92 -13.95 0.54
CA MET D 34 -39.88 -14.82 1.05
C MET D 34 -38.64 -14.80 0.15
N VAL D 35 -38.83 -14.83 -1.17
CA VAL D 35 -37.68 -14.78 -2.07
C VAL D 35 -36.95 -13.45 -1.93
N LEU D 36 -37.70 -12.35 -1.83
CA LEU D 36 -37.07 -11.05 -1.67
C LEU D 36 -36.31 -10.97 -0.35
N VAL D 37 -36.84 -11.56 0.71
CA VAL D 37 -36.15 -11.54 1.99
C VAL D 37 -34.86 -12.36 1.92
N VAL D 38 -34.92 -13.54 1.31
CA VAL D 38 -33.73 -14.40 1.28
C VAL D 38 -32.72 -13.99 0.22
N ALA D 39 -33.07 -13.06 -0.68
CA ALA D 39 -32.12 -12.59 -1.68
C ALA D 39 -31.78 -11.12 -1.56
N ALA D 40 -32.38 -10.38 -0.63
CA ALA D 40 -32.18 -8.93 -0.58
C ALA D 40 -30.80 -8.57 -0.07
N GLU D 41 -30.37 -9.20 1.01
CA GLU D 41 -29.11 -8.83 1.65
C GLU D 41 -27.98 -9.81 1.39
N SER D 42 -28.28 -11.06 1.06
CA SER D 42 -27.23 -12.03 0.84
C SER D 42 -26.63 -11.90 -0.56
N VAL D 43 -27.47 -11.69 -1.57
CA VAL D 43 -27.00 -11.62 -2.96
C VAL D 43 -26.65 -10.19 -3.32
N TRP D 44 -27.62 -9.29 -3.22
CA TRP D 44 -27.42 -7.88 -3.56
C TRP D 44 -26.83 -7.07 -2.43
N GLY D 45 -26.29 -7.73 -1.39
CA GLY D 45 -25.73 -6.99 -0.28
C GLY D 45 -24.48 -6.21 -0.66
N ASP D 46 -23.60 -6.83 -1.44
CA ASP D 46 -22.32 -6.24 -1.82
C ASP D 46 -22.28 -5.97 -3.32
N GLU D 47 -23.37 -5.47 -3.87
CA GLU D 47 -23.39 -5.12 -5.30
C GLU D 47 -22.56 -3.89 -5.58
N LYS D 48 -22.37 -3.01 -4.59
CA LYS D 48 -21.64 -1.78 -4.79
C LYS D 48 -20.15 -1.96 -4.46
N SER D 49 -19.86 -2.62 -3.35
CA SER D 49 -18.48 -2.79 -2.91
C SER D 49 -17.72 -3.82 -3.72
N SER D 50 -18.34 -4.94 -4.06
CA SER D 50 -17.63 -5.96 -4.84
C SER D 50 -17.53 -5.57 -6.30
N PHE D 51 -18.22 -4.51 -6.69
CA PHE D 51 -18.18 -4.01 -8.06
C PHE D 51 -16.96 -3.13 -8.26
N ILE D 52 -16.06 -3.57 -9.15
CA ILE D 52 -14.80 -2.88 -9.39
C ILE D 52 -14.58 -2.73 -10.88
N CYS D 53 -13.88 -1.67 -11.25
CA CYS D 53 -13.48 -1.47 -12.63
C CYS D 53 -11.98 -1.70 -12.79
N ASN D 54 -11.54 -1.76 -14.04
CA ASN D 54 -10.15 -2.01 -14.37
C ASN D 54 -9.36 -0.73 -14.63
N THR D 55 -9.77 0.38 -14.03
CA THR D 55 -9.07 1.64 -14.21
C THR D 55 -8.37 2.06 -12.90
N LEU D 56 -7.63 3.16 -12.98
CA LEU D 56 -6.95 3.73 -11.84
C LEU D 56 -7.48 5.10 -11.45
N GLN D 57 -8.38 5.67 -12.24
CA GLN D 57 -8.93 6.98 -11.94
C GLN D 57 -9.84 6.90 -10.72
N PRO D 58 -9.70 7.81 -9.76
CA PRO D 58 -10.64 7.83 -8.63
C PRO D 58 -12.04 8.21 -9.08
N GLY D 59 -13.02 7.61 -8.42
CA GLY D 59 -14.41 7.93 -8.66
C GLY D 59 -15.02 7.27 -9.88
N CYS D 60 -14.28 6.45 -10.61
CA CYS D 60 -14.85 5.79 -11.78
C CYS D 60 -15.77 4.65 -11.38
N ASN D 61 -15.48 3.97 -10.26
CA ASN D 61 -16.33 2.86 -9.84
C ASN D 61 -17.75 3.32 -9.56
N SER D 62 -17.91 4.43 -8.83
CA SER D 62 -19.24 4.88 -8.45
C SER D 62 -20.04 5.34 -9.67
N VAL D 63 -19.42 6.10 -10.56
CA VAL D 63 -20.15 6.58 -11.73
C VAL D 63 -20.51 5.42 -12.65
N CYS D 64 -19.61 4.44 -12.78
CA CYS D 64 -19.93 3.27 -13.60
C CYS D 64 -21.09 2.47 -13.00
N TYR D 65 -21.05 2.25 -11.68
CA TYR D 65 -22.14 1.52 -11.04
C TYR D 65 -23.46 2.24 -11.21
N ASP D 66 -23.48 3.56 -11.03
CA ASP D 66 -24.73 4.29 -11.20
C ASP D 66 -25.17 4.29 -12.66
N GLN D 67 -24.21 4.26 -13.59
CA GLN D 67 -24.57 4.22 -15.00
C GLN D 67 -25.23 2.91 -15.37
N PHE D 68 -24.72 1.79 -14.86
CA PHE D 68 -25.24 0.49 -15.28
C PHE D 68 -26.34 -0.05 -14.38
N PHE D 69 -26.47 0.47 -13.16
CA PHE D 69 -27.52 0.04 -12.23
C PHE D 69 -28.22 1.27 -11.69
N PRO D 70 -29.11 1.87 -12.48
CA PRO D 70 -29.81 3.07 -12.01
C PRO D 70 -30.58 2.82 -10.72
N ILE D 71 -31.21 1.67 -10.59
CA ILE D 71 -31.85 1.24 -9.35
C ILE D 71 -31.78 -0.28 -9.30
N SER D 72 -31.20 -0.80 -8.22
CA SER D 72 -30.91 -2.22 -8.15
C SER D 72 -32.19 -3.05 -8.20
N HIS D 73 -32.03 -4.33 -8.55
CA HIS D 73 -33.17 -5.20 -8.74
C HIS D 73 -33.99 -5.36 -7.47
N VAL D 74 -33.32 -5.49 -6.32
CA VAL D 74 -34.02 -5.73 -5.07
C VAL D 74 -34.88 -4.53 -4.70
N ARG D 75 -34.34 -3.32 -4.84
CA ARG D 75 -35.13 -2.13 -4.52
C ARG D 75 -36.28 -1.97 -5.50
N LEU D 76 -36.06 -2.27 -6.77
CA LEU D 76 -37.14 -2.20 -7.76
C LEU D 76 -38.25 -3.18 -7.42
N TRP D 77 -37.89 -4.39 -7.02
CA TRP D 77 -38.90 -5.38 -6.65
C TRP D 77 -39.60 -5.01 -5.35
N SER D 78 -38.88 -4.39 -4.41
CA SER D 78 -39.51 -3.93 -3.18
C SER D 78 -40.53 -2.84 -3.47
N LEU D 79 -40.19 -1.88 -4.32
CA LEU D 79 -41.14 -0.85 -4.71
C LEU D 79 -42.33 -1.46 -5.44
N GLN D 80 -42.08 -2.42 -6.32
CA GLN D 80 -43.17 -3.09 -7.01
C GLN D 80 -44.10 -3.79 -6.03
N LEU D 81 -43.52 -4.48 -5.04
CA LEU D 81 -44.33 -5.18 -4.06
C LEU D 81 -45.16 -4.21 -3.23
N ILE D 82 -44.56 -3.10 -2.81
CA ILE D 82 -45.29 -2.11 -2.01
C ILE D 82 -46.44 -1.53 -2.82
N LEU D 83 -46.18 -1.13 -4.06
CA LEU D 83 -47.24 -0.51 -4.87
C LEU D 83 -48.31 -1.52 -5.27
N VAL D 84 -47.94 -2.79 -5.46
CA VAL D 84 -48.94 -3.81 -5.77
C VAL D 84 -49.80 -4.10 -4.55
N SER D 85 -49.21 -4.09 -3.36
CA SER D 85 -49.96 -4.36 -2.14
C SER D 85 -50.76 -3.16 -1.66
N THR D 86 -50.47 -1.96 -2.17
CA THR D 86 -51.21 -0.77 -1.74
C THR D 86 -52.71 -0.86 -2.01
N PRO D 87 -53.19 -1.23 -3.20
CA PRO D 87 -54.64 -1.33 -3.39
C PRO D 87 -55.32 -2.35 -2.49
N ALA D 88 -54.67 -3.48 -2.21
CA ALA D 88 -55.25 -4.45 -1.29
C ALA D 88 -55.38 -3.87 0.11
N LEU D 89 -54.36 -3.13 0.55
CA LEU D 89 -54.44 -2.46 1.84
C LEU D 89 -55.55 -1.42 1.84
N LEU D 90 -55.72 -0.69 0.73
CA LEU D 90 -56.79 0.29 0.65
C LEU D 90 -58.16 -0.37 0.75
N VAL D 91 -58.35 -1.50 0.08
CA VAL D 91 -59.63 -2.20 0.15
C VAL D 91 -59.88 -2.73 1.55
N ALA D 92 -58.84 -3.26 2.21
CA ALA D 92 -59.00 -3.74 3.57
C ALA D 92 -59.38 -2.61 4.51
N MET D 93 -58.73 -1.44 4.37
CA MET D 93 -59.10 -0.30 5.20
C MET D 93 -60.50 0.18 4.89
N HIS D 94 -60.91 0.14 3.61
CA HIS D 94 -62.25 0.55 3.24
C HIS D 94 -63.30 -0.35 3.88
N VAL D 95 -63.09 -1.66 3.82
CA VAL D 95 -64.09 -2.57 4.38
C VAL D 95 -64.11 -2.47 5.90
N ALA D 96 -62.95 -2.30 6.53
CA ALA D 96 -62.92 -2.10 7.97
C ALA D 96 -63.64 -0.82 8.36
N HIS D 97 -63.43 0.26 7.61
CA HIS D 97 -64.12 1.52 7.88
C HIS D 97 -65.61 1.39 7.68
N GLN D 98 -66.03 0.64 6.66
CA GLN D 98 -67.46 0.43 6.44
C GLN D 98 -68.08 -0.35 7.59
N GLN D 99 -67.39 -1.38 8.06
CA GLN D 99 -67.89 -2.13 9.22
C GLN D 99 -67.98 -1.24 10.44
N HIS D 100 -66.98 -0.38 10.66
CA HIS D 100 -67.02 0.52 11.80
C HIS D 100 -68.16 1.51 11.70
N ILE D 101 -68.37 2.08 10.50
CA ILE D 101 -69.39 3.11 10.36
C ILE D 101 -70.79 2.51 10.42
N GLU D 102 -70.96 1.26 9.99
CA GLU D 102 -72.25 0.60 10.17
C GLU D 102 -72.41 0.06 11.58
N LYS D 103 -71.33 -0.07 12.35
CA LYS D 103 -71.45 -0.51 13.73
C LYS D 103 -71.99 0.58 14.64
N LYS D 104 -71.76 1.84 14.29
CA LYS D 104 -72.20 2.96 15.12
C LYS D 104 -73.64 3.38 14.83
N MET D 105 -74.31 2.75 13.86
CA MET D 105 -75.69 3.07 13.56
C MET D 105 -76.49 1.81 13.20
N ILE D 127 -74.48 -0.81 -0.49
CA ILE D 127 -73.23 -1.03 0.22
C ILE D 127 -72.46 -2.16 -0.44
N SER D 128 -73.18 -3.15 -0.97
CA SER D 128 -72.53 -4.25 -1.66
C SER D 128 -71.99 -3.80 -3.02
N GLY D 129 -72.76 -2.98 -3.75
CA GLY D 129 -72.32 -2.56 -5.07
C GLY D 129 -71.09 -1.70 -5.04
N THR D 130 -71.02 -0.75 -4.10
CA THR D 130 -69.85 0.11 -4.00
C THR D 130 -68.61 -0.68 -3.61
N LEU D 131 -68.76 -1.66 -2.70
CA LEU D 131 -67.62 -2.50 -2.36
C LEU D 131 -67.18 -3.35 -3.54
N TRP D 132 -68.13 -3.87 -4.31
CA TRP D 132 -67.78 -4.64 -5.51
C TRP D 132 -67.01 -3.78 -6.50
N TRP D 133 -67.48 -2.57 -6.75
CA TRP D 133 -66.77 -1.68 -7.67
C TRP D 133 -65.40 -1.30 -7.14
N THR D 134 -65.29 -1.07 -5.83
CA THR D 134 -64.00 -0.76 -5.24
C THR D 134 -63.02 -1.92 -5.41
N TYR D 135 -63.50 -3.15 -5.20
CA TYR D 135 -62.62 -4.30 -5.37
C TYR D 135 -62.19 -4.47 -6.82
N VAL D 136 -63.12 -4.26 -7.77
CA VAL D 136 -62.77 -4.38 -9.17
C VAL D 136 -61.74 -3.33 -9.56
N ILE D 137 -61.93 -2.09 -9.12
CA ILE D 137 -60.96 -1.04 -9.42
C ILE D 137 -59.62 -1.36 -8.78
N SER D 138 -59.63 -1.94 -7.58
CA SER D 138 -58.39 -2.30 -6.92
C SER D 138 -57.63 -3.36 -7.71
N VAL D 139 -58.34 -4.37 -8.20
CA VAL D 139 -57.68 -5.42 -8.98
C VAL D 139 -57.13 -4.83 -10.28
N VAL D 140 -57.89 -3.92 -10.90
CA VAL D 140 -57.41 -3.28 -12.13
C VAL D 140 -56.13 -2.48 -11.85
N PHE D 141 -56.10 -1.74 -10.75
CA PHE D 141 -54.92 -0.95 -10.42
C PHE D 141 -53.73 -1.85 -10.07
N ARG D 142 -53.99 -2.97 -9.40
CA ARG D 142 -52.91 -3.91 -9.10
C ARG D 142 -52.32 -4.46 -10.39
N LEU D 143 -53.17 -4.84 -11.34
CA LEU D 143 -52.69 -5.31 -12.63
C LEU D 143 -51.91 -4.22 -13.36
N LEU D 144 -52.39 -2.99 -13.30
CA LEU D 144 -51.70 -1.88 -13.96
C LEU D 144 -50.32 -1.66 -13.36
N PHE D 145 -50.21 -1.71 -12.02
CA PHE D 145 -48.91 -1.54 -11.37
C PHE D 145 -47.97 -2.68 -11.72
N GLU D 146 -48.48 -3.91 -11.76
CA GLU D 146 -47.65 -5.04 -12.17
C GLU D 146 -47.09 -4.83 -13.56
N ALA D 147 -47.97 -4.46 -14.51
CA ALA D 147 -47.53 -4.25 -15.88
C ALA D 147 -46.54 -3.10 -15.98
N VAL D 148 -46.78 -2.01 -15.26
CA VAL D 148 -45.89 -0.85 -15.32
C VAL D 148 -44.51 -1.22 -14.81
N PHE D 149 -44.44 -1.95 -13.69
CA PHE D 149 -43.14 -2.30 -13.14
C PHE D 149 -42.42 -3.32 -14.02
N MET D 150 -43.16 -4.25 -14.63
CA MET D 150 -42.52 -5.17 -15.56
C MET D 150 -41.95 -4.43 -16.77
N TYR D 151 -42.69 -3.45 -17.28
CA TYR D 151 -42.20 -2.66 -18.40
C TYR D 151 -40.99 -1.82 -18.01
N VAL D 152 -41.00 -1.27 -16.80
CA VAL D 152 -39.84 -0.50 -16.33
C VAL D 152 -38.62 -1.40 -16.21
N PHE D 153 -38.81 -2.62 -15.69
CA PHE D 153 -37.70 -3.56 -15.61
C PHE D 153 -37.18 -3.89 -16.99
N TYR D 154 -38.07 -4.06 -17.96
CA TYR D 154 -37.63 -4.31 -19.33
C TYR D 154 -36.84 -3.14 -19.88
N LEU D 155 -37.28 -1.91 -19.61
CA LEU D 155 -36.58 -0.74 -20.11
C LEU D 155 -35.18 -0.62 -19.51
N LEU D 156 -35.07 -0.76 -18.18
CA LEU D 156 -33.79 -0.54 -17.53
C LEU D 156 -32.81 -1.67 -17.82
N TYR D 157 -33.28 -2.92 -17.75
CA TYR D 157 -32.41 -4.09 -17.89
C TYR D 157 -32.99 -5.00 -18.96
N PRO D 158 -32.72 -4.71 -20.23
CA PRO D 158 -33.18 -5.61 -21.30
C PRO D 158 -32.58 -6.99 -21.13
N GLY D 159 -33.40 -8.00 -21.35
CA GLY D 159 -33.00 -9.37 -21.14
C GLY D 159 -33.10 -9.79 -19.67
N TYR D 160 -33.15 -11.10 -19.47
CA TYR D 160 -33.26 -11.66 -18.13
C TYR D 160 -31.90 -11.99 -17.52
N ALA D 161 -30.81 -11.80 -18.26
CA ALA D 161 -29.49 -12.26 -17.84
C ALA D 161 -28.56 -11.08 -17.64
N MET D 162 -27.60 -11.26 -16.74
CA MET D 162 -26.58 -10.26 -16.46
C MET D 162 -25.23 -10.77 -16.91
N VAL D 163 -24.35 -9.84 -17.29
CA VAL D 163 -23.05 -10.17 -17.84
C VAL D 163 -21.97 -9.74 -16.85
N ARG D 164 -20.84 -10.45 -16.90
CA ARG D 164 -19.74 -10.14 -16.00
C ARG D 164 -19.03 -8.85 -16.42
N LEU D 165 -18.75 -8.72 -17.70
CA LEU D 165 -18.05 -7.54 -18.22
C LEU D 165 -19.05 -6.49 -18.65
N VAL D 166 -18.81 -5.24 -18.24
CA VAL D 166 -19.56 -4.10 -18.76
C VAL D 166 -18.57 -3.02 -19.17
N LYS D 167 -18.73 -2.53 -20.39
CA LYS D 167 -17.87 -1.48 -20.93
C LYS D 167 -18.49 -0.13 -20.66
N CYS D 168 -17.82 0.69 -19.86
CA CYS D 168 -18.37 1.98 -19.44
C CYS D 168 -17.50 3.12 -19.95
N ASP D 169 -18.12 4.11 -20.59
CA ASP D 169 -17.44 5.30 -21.09
C ASP D 169 -18.24 6.52 -20.61
N VAL D 170 -17.99 6.94 -19.38
CA VAL D 170 -18.67 8.08 -18.79
C VAL D 170 -17.68 8.83 -17.91
N TYR D 171 -17.83 10.14 -17.85
CA TYR D 171 -16.91 10.96 -17.08
C TYR D 171 -16.97 10.57 -15.60
N PRO D 172 -15.84 10.50 -14.89
CA PRO D 172 -14.48 10.85 -15.32
C PRO D 172 -13.67 9.69 -15.89
N CYS D 173 -14.27 8.53 -16.13
CA CYS D 173 -13.52 7.39 -16.62
C CYS D 173 -12.95 7.69 -18.00
N PRO D 174 -11.65 7.52 -18.21
CA PRO D 174 -11.05 7.83 -19.51
C PRO D 174 -11.34 6.72 -20.52
N ASN D 175 -11.82 7.11 -21.70
CA ASN D 175 -12.11 6.19 -22.80
C ASN D 175 -13.14 5.18 -22.30
N THR D 176 -12.94 3.89 -22.51
CA THR D 176 -13.87 2.85 -22.07
C THR D 176 -13.16 1.92 -21.11
N VAL D 177 -13.77 1.69 -19.95
CA VAL D 177 -13.19 0.87 -18.90
C VAL D 177 -14.04 -0.37 -18.71
N ASP D 178 -13.41 -1.43 -18.19
CA ASP D 178 -14.05 -2.73 -17.99
C ASP D 178 -14.43 -2.84 -16.52
N CYS D 179 -15.72 -2.75 -16.24
CA CYS D 179 -16.22 -2.99 -14.89
C CYS D 179 -16.75 -4.42 -14.80
N PHE D 180 -16.65 -4.99 -13.59
CA PHE D 180 -16.99 -6.38 -13.36
C PHE D 180 -18.13 -6.46 -12.36
N VAL D 181 -19.27 -7.00 -12.79
CA VAL D 181 -20.41 -7.19 -11.90
C VAL D 181 -20.13 -8.36 -10.96
N SER D 182 -20.78 -8.35 -9.80
CA SER D 182 -20.63 -9.39 -8.80
C SER D 182 -21.83 -10.32 -8.82
N ARG D 183 -21.56 -11.62 -8.86
CA ARG D 183 -22.59 -12.66 -8.90
C ARG D 183 -23.64 -12.43 -9.99
N PRO D 184 -23.23 -12.37 -11.26
CA PRO D 184 -24.26 -12.24 -12.32
C PRO D 184 -25.18 -13.45 -12.42
N THR D 185 -24.68 -14.67 -12.18
CA THR D 185 -25.52 -15.85 -12.40
C THR D 185 -26.57 -16.00 -11.30
N GLU D 186 -26.20 -15.78 -10.05
CA GLU D 186 -27.17 -15.85 -8.96
C GLU D 186 -28.24 -14.79 -9.12
N LYS D 187 -27.83 -13.57 -9.49
CA LYS D 187 -28.79 -12.51 -9.74
C LYS D 187 -29.69 -12.85 -10.92
N THR D 188 -29.14 -13.51 -11.94
CA THR D 188 -29.97 -13.96 -13.05
C THR D 188 -31.02 -14.97 -12.59
N VAL D 189 -30.62 -15.91 -11.74
CA VAL D 189 -31.57 -16.91 -11.24
C VAL D 189 -32.70 -16.24 -10.47
N PHE D 190 -32.35 -15.32 -9.58
CA PHE D 190 -33.38 -14.66 -8.79
C PHE D 190 -34.23 -13.72 -9.64
N THR D 191 -33.64 -13.11 -10.68
CA THR D 191 -34.43 -12.33 -11.62
C THR D 191 -35.45 -13.20 -12.33
N VAL D 192 -35.05 -14.40 -12.75
CA VAL D 192 -35.98 -15.31 -13.40
C VAL D 192 -37.11 -15.66 -12.45
N PHE D 193 -36.78 -15.98 -11.19
CA PHE D 193 -37.81 -16.33 -10.22
C PHE D 193 -38.80 -15.18 -10.02
N MET D 194 -38.29 -13.96 -9.82
CA MET D 194 -39.16 -12.83 -9.55
C MET D 194 -40.00 -12.45 -10.76
N LEU D 195 -39.42 -12.53 -11.96
CA LEU D 195 -40.19 -12.23 -13.16
C LEU D 195 -41.28 -13.28 -13.40
N ALA D 196 -40.98 -14.56 -13.13
CA ALA D 196 -42.00 -15.58 -13.24
C ALA D 196 -43.13 -15.34 -12.26
N ALA D 197 -42.79 -14.96 -11.01
CA ALA D 197 -43.83 -14.68 -10.02
C ALA D 197 -44.67 -13.48 -10.45
N SER D 198 -44.04 -12.44 -11.00
CA SER D 198 -44.79 -11.27 -11.47
C SER D 198 -45.71 -11.64 -12.62
N GLY D 199 -45.23 -12.46 -13.55
CA GLY D 199 -46.09 -12.90 -14.65
C GLY D 199 -47.28 -13.71 -14.16
N ILE D 200 -47.05 -14.59 -13.18
CA ILE D 200 -48.16 -15.35 -12.59
C ILE D 200 -49.15 -14.41 -11.94
N CYS D 201 -48.66 -13.38 -11.24
CA CYS D 201 -49.56 -12.40 -10.64
C CYS D 201 -50.40 -11.69 -11.69
N ILE D 202 -49.77 -11.30 -12.81
CA ILE D 202 -50.51 -10.62 -13.86
C ILE D 202 -51.59 -11.52 -14.43
N ILE D 203 -51.25 -12.79 -14.69
CA ILE D 203 -52.22 -13.73 -15.23
C ILE D 203 -53.39 -13.92 -14.26
N LEU D 204 -53.07 -14.07 -12.97
CA LEU D 204 -54.12 -14.27 -11.98
C LEU D 204 -55.02 -13.05 -11.85
N ASN D 205 -54.44 -11.84 -11.91
CA ASN D 205 -55.26 -10.63 -11.85
C ASN D 205 -56.18 -10.52 -13.05
N VAL D 206 -55.67 -10.82 -14.24
CA VAL D 206 -56.52 -10.78 -15.44
C VAL D 206 -57.64 -11.79 -15.32
N ALA D 207 -57.31 -13.00 -14.84
CA ALA D 207 -58.34 -14.03 -14.67
C ALA D 207 -59.39 -13.61 -13.66
N GLU D 208 -58.96 -12.96 -12.57
CA GLU D 208 -59.91 -12.50 -11.56
C GLU D 208 -60.84 -11.43 -12.12
N VAL D 209 -60.29 -10.48 -12.89
CA VAL D 209 -61.12 -9.44 -13.49
C VAL D 209 -62.13 -10.07 -14.45
N VAL D 210 -61.67 -10.99 -15.30
CA VAL D 210 -62.57 -11.61 -16.26
C VAL D 210 -63.66 -12.41 -15.54
N TYR D 211 -63.29 -13.15 -14.50
CA TYR D 211 -64.28 -13.94 -13.78
C TYR D 211 -65.31 -13.05 -13.10
N LEU D 212 -64.88 -11.94 -12.50
CA LEU D 212 -65.83 -11.02 -11.88
C LEU D 212 -66.78 -10.42 -12.91
N ILE D 213 -66.24 -10.02 -14.07
CA ILE D 213 -67.09 -9.45 -15.11
C ILE D 213 -68.10 -10.49 -15.60
N ILE D 214 -67.66 -11.73 -15.79
CA ILE D 214 -68.55 -12.78 -16.26
C ILE D 214 -69.65 -13.04 -15.24
N ARG D 215 -69.29 -13.15 -13.96
CA ARG D 215 -70.30 -13.42 -12.93
C ARG D 215 -71.26 -12.25 -12.76
N ALA D 216 -70.79 -11.02 -12.99
CA ALA D 216 -71.69 -9.87 -12.91
C ALA D 216 -72.78 -9.94 -13.97
N CYS D 217 -72.41 -10.35 -15.18
CA CYS D 217 -73.38 -10.46 -16.27
C CYS D 217 -73.91 -11.89 -16.38
N MET E 1 -48.29 -19.56 23.64
CA MET E 1 -47.57 -20.39 22.68
C MET E 1 -47.47 -21.82 23.20
N ASN E 2 -48.55 -22.58 23.03
CA ASN E 2 -48.62 -23.95 23.51
C ASN E 2 -48.22 -24.92 22.40
N TRP E 3 -48.11 -26.20 22.77
CA TRP E 3 -47.72 -27.22 21.81
C TRP E 3 -48.86 -27.56 20.85
N THR E 4 -50.10 -27.53 21.33
CA THR E 4 -51.22 -27.84 20.44
C THR E 4 -51.33 -26.82 19.32
N GLY E 5 -51.11 -25.54 19.63
CA GLY E 5 -51.17 -24.52 18.58
C GLY E 5 -50.09 -24.70 17.54
N LEU E 6 -48.85 -24.96 17.97
CA LEU E 6 -47.76 -25.17 17.02
C LEU E 6 -48.00 -26.42 16.18
N TYR E 7 -48.48 -27.49 16.81
CA TYR E 7 -48.77 -28.71 16.08
C TYR E 7 -49.87 -28.50 15.05
N THR E 8 -50.91 -27.76 15.42
CA THR E 8 -51.98 -27.47 14.47
C THR E 8 -51.47 -26.60 13.32
N LEU E 9 -50.63 -25.62 13.63
CA LEU E 9 -50.07 -24.76 12.58
C LEU E 9 -49.21 -25.55 11.61
N LEU E 10 -48.39 -26.47 12.12
CA LEU E 10 -47.52 -27.24 11.25
C LEU E 10 -48.28 -28.30 10.48
N SER E 11 -49.35 -28.86 11.07
CA SER E 11 -50.11 -29.92 10.41
C SER E 11 -50.82 -29.40 9.17
N GLY E 12 -51.33 -28.17 9.23
CA GLY E 12 -52.16 -27.65 8.16
C GLY E 12 -53.63 -27.97 8.28
N VAL E 13 -54.05 -28.62 9.36
CA VAL E 13 -55.43 -29.00 9.67
C VAL E 13 -56.14 -29.52 8.42
N ASN E 14 -55.47 -30.38 7.66
CA ASN E 14 -56.05 -30.96 6.46
C ASN E 14 -56.79 -32.27 6.71
N ARG E 15 -56.74 -32.80 7.93
CA ARG E 15 -57.46 -34.00 8.37
C ARG E 15 -57.28 -35.18 7.42
N HIS E 16 -56.20 -35.21 6.66
CA HIS E 16 -55.92 -36.32 5.76
C HIS E 16 -54.48 -36.81 5.85
N SER E 17 -53.61 -36.13 6.59
CA SER E 17 -52.21 -36.51 6.70
C SER E 17 -52.03 -37.47 7.87
N THR E 18 -51.24 -38.52 7.65
CA THR E 18 -50.98 -39.50 8.68
C THR E 18 -49.85 -39.03 9.59
N ALA E 19 -49.38 -39.95 10.45
CA ALA E 19 -48.33 -39.59 11.39
C ALA E 19 -47.01 -39.29 10.69
N ILE E 20 -46.73 -39.98 9.58
CA ILE E 20 -45.45 -39.79 8.89
C ILE E 20 -45.39 -38.51 8.08
N GLY E 21 -46.45 -37.71 8.08
CA GLY E 21 -46.43 -36.44 7.38
C GLY E 21 -46.88 -35.31 8.28
N ARG E 22 -47.35 -35.66 9.47
CA ARG E 22 -47.81 -34.69 10.44
C ARG E 22 -46.93 -34.62 11.69
N VAL E 23 -46.18 -35.67 11.98
CA VAL E 23 -45.28 -35.70 13.12
C VAL E 23 -43.82 -35.71 12.70
N TRP E 24 -43.49 -36.29 11.55
CA TRP E 24 -42.11 -36.44 11.11
C TRP E 24 -41.69 -35.39 10.08
N LEU E 25 -42.52 -35.14 9.07
CA LEU E 25 -42.16 -34.15 8.06
C LEU E 25 -42.02 -32.76 8.67
N SER E 26 -42.90 -32.41 9.61
CA SER E 26 -42.79 -31.11 10.26
C SER E 26 -41.50 -30.99 11.06
N VAL E 27 -41.10 -32.07 11.74
CA VAL E 27 -39.86 -32.05 12.50
C VAL E 27 -38.66 -31.89 11.58
N ILE E 28 -38.66 -32.59 10.45
CA ILE E 28 -37.55 -32.44 9.50
C ILE E 28 -37.53 -31.04 8.92
N PHE E 29 -38.70 -30.46 8.65
CA PHE E 29 -38.76 -29.08 8.18
C PHE E 29 -38.19 -28.11 9.20
N ILE E 30 -38.53 -28.30 10.47
CA ILE E 30 -37.98 -27.45 11.52
C ILE E 30 -36.47 -27.62 11.61
N PHE E 31 -36.00 -28.86 11.49
CA PHE E 31 -34.57 -29.12 11.53
C PHE E 31 -33.85 -28.40 10.39
N ARG E 32 -34.40 -28.48 9.18
CA ARG E 32 -33.80 -27.80 8.04
C ARG E 32 -33.80 -26.30 8.23
N ILE E 33 -34.90 -25.75 8.73
CA ILE E 33 -34.98 -24.30 8.97
C ILE E 33 -33.92 -23.88 9.97
N MET E 34 -33.76 -24.63 11.06
CA MET E 34 -32.80 -24.26 12.09
C MET E 34 -31.36 -24.37 11.57
N VAL E 35 -31.05 -25.44 10.84
CA VAL E 35 -29.70 -25.58 10.30
C VAL E 35 -29.41 -24.46 9.31
N LEU E 36 -30.38 -24.14 8.46
CA LEU E 36 -30.19 -23.06 7.50
C LEU E 36 -29.99 -21.72 8.19
N VAL E 37 -30.72 -21.49 9.29
CA VAL E 37 -30.57 -20.24 10.02
C VAL E 37 -29.19 -20.16 10.67
N VAL E 38 -28.72 -21.26 11.28
CA VAL E 38 -27.44 -21.22 11.97
C VAL E 38 -26.24 -21.34 11.05
N ALA E 39 -26.45 -21.66 9.77
CA ALA E 39 -25.35 -21.73 8.82
C ALA E 39 -25.44 -20.73 7.67
N ALA E 40 -26.50 -19.92 7.61
CA ALA E 40 -26.69 -19.04 6.46
C ALA E 40 -25.71 -17.88 6.47
N GLU E 41 -25.53 -17.23 7.61
CA GLU E 41 -24.72 -16.03 7.68
C GLU E 41 -23.37 -16.24 8.36
N SER E 42 -23.25 -17.26 9.21
CA SER E 42 -21.98 -17.48 9.89
C SER E 42 -20.97 -18.18 8.98
N VAL E 43 -21.42 -19.16 8.22
CA VAL E 43 -20.51 -19.96 7.38
C VAL E 43 -20.40 -19.32 5.99
N TRP E 44 -21.52 -19.15 5.32
CA TRP E 44 -21.56 -18.61 3.97
C TRP E 44 -21.62 -17.09 3.95
N GLY E 45 -21.37 -16.44 5.09
CA GLY E 45 -21.43 -14.98 5.12
C GLY E 45 -20.34 -14.33 4.29
N ASP E 46 -19.13 -14.85 4.37
CA ASP E 46 -17.97 -14.27 3.69
C ASP E 46 -17.44 -15.21 2.62
N GLU E 47 -18.36 -15.84 1.87
CA GLU E 47 -17.94 -16.71 0.78
C GLU E 47 -17.37 -15.92 -0.39
N LYS E 48 -17.76 -14.65 -0.51
CA LYS E 48 -17.32 -13.83 -1.63
C LYS E 48 -16.06 -13.04 -1.28
N SER E 49 -16.05 -12.41 -0.10
CA SER E 49 -14.93 -11.58 0.30
C SER E 49 -13.70 -12.39 0.70
N SER E 50 -13.87 -13.49 1.42
CA SER E 50 -12.71 -14.29 1.82
C SER E 50 -12.17 -15.10 0.65
N PHE E 51 -12.94 -15.19 -0.43
CA PHE E 51 -12.52 -15.91 -1.63
C PHE E 51 -11.56 -15.06 -2.42
N ILE E 52 -10.33 -15.55 -2.58
CA ILE E 52 -9.27 -14.80 -3.26
C ILE E 52 -8.55 -15.73 -4.23
N CYS E 53 -8.04 -15.15 -5.30
CA CYS E 53 -7.23 -15.88 -6.26
C CYS E 53 -5.76 -15.46 -6.14
N ASN E 54 -4.90 -16.21 -6.81
CA ASN E 54 -3.46 -15.99 -6.77
C ASN E 54 -2.97 -15.15 -7.95
N THR E 55 -3.81 -14.31 -8.52
CA THR E 55 -3.41 -13.48 -9.65
C THR E 55 -3.35 -12.01 -9.24
N LEU E 56 -2.91 -11.17 -10.17
CA LEU E 56 -2.85 -9.73 -9.97
C LEU E 56 -3.80 -8.97 -10.89
N GLN E 57 -4.46 -9.65 -11.81
CA GLN E 57 -5.39 -8.99 -12.72
C GLN E 57 -6.63 -8.52 -11.97
N PRO E 58 -7.06 -7.27 -12.16
CA PRO E 58 -8.31 -6.83 -11.55
C PRO E 58 -9.51 -7.57 -12.13
N GLY E 59 -10.49 -7.83 -11.27
CA GLY E 59 -11.72 -8.44 -11.68
C GLY E 59 -11.69 -9.95 -11.86
N CYS E 60 -10.55 -10.59 -11.60
CA CYS E 60 -10.49 -12.03 -11.75
C CYS E 60 -11.19 -12.75 -10.60
N ASN E 61 -11.17 -12.16 -9.40
CA ASN E 61 -11.82 -12.79 -8.26
C ASN E 61 -13.32 -12.96 -8.49
N SER E 62 -13.98 -11.91 -8.97
CA SER E 62 -15.43 -11.97 -9.15
C SER E 62 -15.82 -12.97 -10.23
N VAL E 63 -15.12 -12.95 -11.37
CA VAL E 63 -15.47 -13.87 -12.45
C VAL E 63 -15.19 -15.31 -12.03
N CYS E 64 -14.10 -15.53 -11.29
CA CYS E 64 -13.82 -16.88 -10.81
C CYS E 64 -14.88 -17.36 -9.84
N TYR E 65 -15.27 -16.50 -8.90
CA TYR E 65 -16.30 -16.89 -7.94
C TYR E 65 -17.61 -17.21 -8.64
N ASP E 66 -18.01 -16.38 -9.61
CA ASP E 66 -19.24 -16.65 -10.34
C ASP E 66 -19.11 -17.91 -11.19
N GLN E 67 -17.90 -18.22 -11.66
CA GLN E 67 -17.71 -19.42 -12.46
C GLN E 67 -17.85 -20.68 -11.61
N PHE E 68 -17.32 -20.66 -10.39
CA PHE E 68 -17.32 -21.86 -9.58
C PHE E 68 -18.51 -21.96 -8.63
N PHE E 69 -19.21 -20.86 -8.38
CA PHE E 69 -20.38 -20.86 -7.50
C PHE E 69 -21.51 -20.12 -8.22
N PRO E 70 -22.16 -20.77 -9.18
CA PRO E 70 -23.25 -20.10 -9.90
C PRO E 70 -24.36 -19.63 -8.98
N ILE E 71 -24.70 -20.42 -7.96
CA ILE E 71 -25.61 -20.01 -6.91
C ILE E 71 -25.21 -20.74 -5.63
N SER E 72 -24.95 -19.97 -4.58
CA SER E 72 -24.37 -20.53 -3.37
C SER E 72 -25.31 -21.54 -2.74
N HIS E 73 -24.73 -22.41 -1.90
CA HIS E 73 -25.49 -23.51 -1.31
C HIS E 73 -26.64 -23.00 -0.46
N VAL E 74 -26.42 -21.94 0.32
CA VAL E 74 -27.45 -21.45 1.22
C VAL E 74 -28.65 -20.92 0.45
N ARG E 75 -28.41 -20.16 -0.61
CA ARG E 75 -29.51 -19.64 -1.41
C ARG E 75 -30.24 -20.78 -2.14
N LEU E 76 -29.50 -21.77 -2.61
CA LEU E 76 -30.13 -22.92 -3.26
C LEU E 76 -31.03 -23.66 -2.28
N TRP E 77 -30.56 -23.86 -1.05
CA TRP E 77 -31.36 -24.55 -0.04
C TRP E 77 -32.54 -23.70 0.39
N SER E 78 -32.39 -22.37 0.44
CA SER E 78 -33.51 -21.50 0.76
C SER E 78 -34.59 -21.59 -0.32
N LEU E 79 -34.19 -21.57 -1.59
CA LEU E 79 -35.16 -21.71 -2.67
C LEU E 79 -35.83 -23.09 -2.61
N GLN E 80 -35.05 -24.13 -2.32
CA GLN E 80 -35.63 -25.46 -2.19
C GLN E 80 -36.65 -25.51 -1.07
N LEU E 81 -36.33 -24.90 0.07
CA LEU E 81 -37.25 -24.89 1.20
C LEU E 81 -38.53 -24.13 0.87
N ILE E 82 -38.40 -22.99 0.21
CA ILE E 82 -39.59 -22.20 -0.16
C ILE E 82 -40.47 -22.98 -1.12
N LEU E 83 -39.87 -23.58 -2.15
CA LEU E 83 -40.68 -24.29 -3.13
C LEU E 83 -41.26 -25.58 -2.57
N VAL E 84 -40.56 -26.23 -1.64
CA VAL E 84 -41.10 -27.42 -1.00
C VAL E 84 -42.26 -27.05 -0.08
N SER E 85 -42.15 -25.92 0.61
CA SER E 85 -43.21 -25.50 1.52
C SER E 85 -44.39 -24.86 0.80
N THR E 86 -44.22 -24.47 -0.46
CA THR E 86 -45.34 -23.85 -1.19
C THR E 86 -46.57 -24.75 -1.29
N PRO E 87 -46.48 -26.03 -1.68
CA PRO E 87 -47.70 -26.84 -1.74
C PRO E 87 -48.40 -27.02 -0.40
N ALA E 88 -47.64 -27.12 0.70
CA ALA E 88 -48.28 -27.21 2.01
C ALA E 88 -49.04 -25.93 2.34
N LEU E 89 -48.45 -24.78 2.01
CA LEU E 89 -49.15 -23.51 2.20
C LEU E 89 -50.40 -23.45 1.33
N LEU E 90 -50.31 -23.95 0.10
CA LEU E 90 -51.48 -23.97 -0.78
C LEU E 90 -52.60 -24.83 -0.20
N VAL E 91 -52.25 -26.00 0.35
CA VAL E 91 -53.27 -26.87 0.94
C VAL E 91 -53.88 -26.22 2.17
N ALA E 92 -53.06 -25.58 2.99
CA ALA E 92 -53.58 -24.89 4.17
C ALA E 92 -54.54 -23.77 3.78
N MET E 93 -54.17 -22.99 2.76
CA MET E 93 -55.06 -21.93 2.29
C MET E 93 -56.34 -22.52 1.70
N HIS E 94 -56.22 -23.65 0.99
CA HIS E 94 -57.40 -24.28 0.41
C HIS E 94 -58.37 -24.74 1.49
N VAL E 95 -57.85 -25.39 2.54
CA VAL E 95 -58.74 -25.88 3.59
C VAL E 95 -59.34 -24.72 4.38
N ALA E 96 -58.56 -23.66 4.62
CA ALA E 96 -59.10 -22.49 5.29
C ALA E 96 -60.20 -21.84 4.45
N HIS E 97 -59.98 -21.74 3.13
CA HIS E 97 -60.99 -21.17 2.25
C HIS E 97 -62.24 -22.03 2.20
N GLN E 98 -62.07 -23.35 2.22
CA GLN E 98 -63.23 -24.25 2.24
C GLN E 98 -64.03 -24.07 3.52
N GLN E 99 -63.33 -23.97 4.66
CA GLN E 99 -64.04 -23.72 5.92
C GLN E 99 -64.79 -22.39 5.89
N HIS E 100 -64.15 -21.35 5.33
CA HIS E 100 -64.81 -20.06 5.23
C HIS E 100 -66.03 -20.12 4.33
N ILE E 101 -65.92 -20.78 3.18
CA ILE E 101 -67.01 -20.80 2.22
C ILE E 101 -68.16 -21.67 2.72
N GLU E 102 -67.87 -22.70 3.51
CA GLU E 102 -68.95 -23.47 4.13
C GLU E 102 -69.50 -22.78 5.36
N LYS E 103 -68.76 -21.82 5.92
CA LYS E 103 -69.27 -21.08 7.08
C LYS E 103 -70.35 -20.08 6.68
N LYS E 104 -70.28 -19.55 5.46
CA LYS E 104 -71.25 -18.55 5.00
C LYS E 104 -72.53 -19.17 4.47
N MET E 105 -72.62 -20.49 4.41
CA MET E 105 -73.85 -21.14 3.94
C MET E 105 -74.12 -22.41 4.75
N ILE E 127 -66.76 -32.97 -0.90
CA ILE E 127 -65.85 -32.01 -0.26
C ILE E 127 -64.66 -32.75 0.31
N SER E 128 -64.88 -33.98 0.78
CA SER E 128 -63.79 -34.78 1.30
C SER E 128 -62.90 -35.31 0.18
N GLY E 129 -63.51 -35.77 -0.92
CA GLY E 129 -62.74 -36.33 -2.01
C GLY E 129 -61.84 -35.32 -2.68
N THR E 130 -62.34 -34.11 -2.91
CA THR E 130 -61.53 -33.08 -3.54
C THR E 130 -60.35 -32.68 -2.64
N LEU E 131 -60.59 -32.59 -1.33
CA LEU E 131 -59.50 -32.29 -0.41
C LEU E 131 -58.47 -33.41 -0.38
N TRP E 132 -58.93 -34.66 -0.43
CA TRP E 132 -58.00 -35.79 -0.47
C TRP E 132 -57.14 -35.75 -1.72
N TRP E 133 -57.76 -35.49 -2.87
CA TRP E 133 -57.00 -35.40 -4.12
C TRP E 133 -56.04 -34.22 -4.09
N THR E 134 -56.48 -33.09 -3.53
CA THR E 134 -55.59 -31.93 -3.42
C THR E 134 -54.38 -32.26 -2.56
N TYR E 135 -54.59 -32.94 -1.44
CA TYR E 135 -53.47 -33.30 -0.58
C TYR E 135 -52.52 -34.26 -1.27
N VAL E 136 -53.06 -35.25 -1.99
CA VAL E 136 -52.20 -36.20 -2.69
C VAL E 136 -51.37 -35.49 -3.76
N ILE E 137 -52.00 -34.60 -4.53
CA ILE E 137 -51.28 -33.86 -5.55
C ILE E 137 -50.22 -32.97 -4.90
N SER E 138 -50.54 -32.39 -3.74
CA SER E 138 -49.57 -31.56 -3.04
C SER E 138 -48.35 -32.37 -2.61
N VAL E 139 -48.57 -33.57 -2.08
CA VAL E 139 -47.45 -34.39 -1.66
C VAL E 139 -46.62 -34.81 -2.88
N VAL E 140 -47.28 -35.11 -3.99
CA VAL E 140 -46.56 -35.48 -5.21
C VAL E 140 -45.70 -34.30 -5.68
N PHE E 141 -46.25 -33.09 -5.66
CA PHE E 141 -45.49 -31.93 -6.10
C PHE E 141 -44.34 -31.62 -5.15
N ARG E 142 -44.54 -31.83 -3.85
CA ARG E 142 -43.46 -31.64 -2.89
C ARG E 142 -42.32 -32.61 -3.17
N LEU E 143 -42.66 -33.88 -3.42
CA LEU E 143 -41.65 -34.88 -3.76
C LEU E 143 -40.93 -34.49 -5.06
N LEU E 144 -41.68 -34.02 -6.04
CA LEU E 144 -41.08 -33.61 -7.32
C LEU E 144 -40.11 -32.46 -7.13
N PHE E 145 -40.48 -31.46 -6.32
CA PHE E 145 -39.59 -30.33 -6.07
C PHE E 145 -38.34 -30.78 -5.33
N GLU E 146 -38.50 -31.66 -4.34
CA GLU E 146 -37.33 -32.20 -3.63
C GLU E 146 -36.37 -32.88 -4.60
N ALA E 147 -36.91 -33.75 -5.46
CA ALA E 147 -36.06 -34.47 -6.41
C ALA E 147 -35.40 -33.51 -7.39
N VAL E 148 -36.14 -32.51 -7.87
CA VAL E 148 -35.59 -31.56 -8.83
C VAL E 148 -34.44 -30.78 -8.21
N PHE E 149 -34.62 -30.31 -6.98
CA PHE E 149 -33.56 -29.53 -6.35
C PHE E 149 -32.35 -30.40 -6.02
N MET E 150 -32.58 -31.64 -5.62
CA MET E 150 -31.44 -32.54 -5.39
C MET E 150 -30.67 -32.79 -6.68
N TYR E 151 -31.38 -32.98 -7.80
CA TYR E 151 -30.72 -33.17 -9.08
C TYR E 151 -29.97 -31.93 -9.51
N VAL E 152 -30.55 -30.75 -9.28
CA VAL E 152 -29.86 -29.51 -9.61
C VAL E 152 -28.59 -29.35 -8.78
N PHE E 153 -28.66 -29.69 -7.50
CA PHE E 153 -27.47 -29.65 -6.66
C PHE E 153 -26.41 -30.61 -7.18
N TYR E 154 -26.82 -31.80 -7.61
CA TYR E 154 -25.87 -32.75 -8.18
C TYR E 154 -25.24 -32.19 -9.45
N LEU E 155 -26.03 -31.53 -10.30
CA LEU E 155 -25.49 -30.97 -11.53
C LEU E 155 -24.48 -29.87 -11.27
N LEU E 156 -24.84 -28.92 -10.40
CA LEU E 156 -23.96 -27.77 -10.19
C LEU E 156 -22.72 -28.14 -9.40
N TYR E 157 -22.86 -28.95 -8.35
CA TYR E 157 -21.76 -29.30 -7.46
C TYR E 157 -21.66 -30.80 -7.34
N PRO E 158 -21.02 -31.47 -8.31
CA PRO E 158 -20.84 -32.91 -8.21
C PRO E 158 -20.04 -33.26 -6.96
N GLY E 159 -20.45 -34.31 -6.27
CA GLY E 159 -19.84 -34.69 -5.02
C GLY E 159 -20.37 -33.88 -3.85
N TYR E 160 -20.19 -34.44 -2.66
CA TYR E 160 -20.64 -33.79 -1.43
C TYR E 160 -19.57 -32.93 -0.78
N ALA E 161 -18.35 -32.91 -1.34
CA ALA E 161 -17.22 -32.27 -0.70
C ALA E 161 -16.71 -31.10 -1.54
N MET E 162 -16.14 -30.11 -0.86
CA MET E 162 -15.57 -28.95 -1.50
C MET E 162 -14.06 -28.96 -1.31
N VAL E 163 -13.35 -28.37 -2.28
CA VAL E 163 -11.90 -28.40 -2.31
C VAL E 163 -11.38 -26.98 -2.08
N ARG E 164 -10.17 -26.90 -1.50
CA ARG E 164 -9.58 -25.60 -1.22
C ARG E 164 -9.09 -24.93 -2.49
N LEU E 165 -8.41 -25.67 -3.35
CA LEU E 165 -7.87 -25.13 -4.60
C LEU E 165 -8.87 -25.32 -5.73
N VAL E 166 -9.10 -24.27 -6.50
CA VAL E 166 -9.86 -24.39 -7.75
C VAL E 166 -9.07 -23.68 -8.85
N LYS E 167 -8.88 -24.39 -9.96
CA LYS E 167 -8.16 -23.86 -11.11
C LYS E 167 -9.15 -23.22 -12.06
N CYS E 168 -9.02 -21.92 -12.29
CA CYS E 168 -9.97 -21.18 -13.11
C CYS E 168 -9.27 -20.57 -14.31
N ASP E 169 -9.84 -20.80 -15.49
CA ASP E 169 -9.34 -20.23 -16.74
C ASP E 169 -10.51 -19.59 -17.48
N VAL E 170 -10.82 -18.35 -17.11
CA VAL E 170 -11.92 -17.62 -17.72
C VAL E 170 -11.52 -16.16 -17.80
N TYR E 171 -11.99 -15.49 -18.85
CA TYR E 171 -11.65 -14.09 -19.06
C TYR E 171 -12.14 -13.26 -17.88
N PRO E 172 -11.35 -12.27 -17.41
CA PRO E 172 -10.06 -11.81 -17.91
C PRO E 172 -8.85 -12.49 -17.27
N CYS E 173 -9.03 -13.53 -16.47
CA CYS E 173 -7.91 -14.17 -15.81
C CYS E 173 -6.96 -14.77 -16.84
N PRO E 174 -5.67 -14.44 -16.80
CA PRO E 174 -4.73 -14.97 -17.80
C PRO E 174 -4.36 -16.42 -17.48
N ASN E 175 -4.47 -17.29 -18.49
CA ASN E 175 -4.12 -18.71 -18.38
C ASN E 175 -4.98 -19.31 -17.28
N THR E 176 -4.41 -20.06 -16.33
CA THR E 176 -5.17 -20.69 -15.26
C THR E 176 -4.65 -20.15 -13.93
N VAL E 177 -5.57 -19.70 -13.09
CA VAL E 177 -5.24 -19.11 -11.80
C VAL E 177 -5.77 -19.99 -10.69
N ASP E 178 -5.14 -19.89 -9.51
CA ASP E 178 -5.49 -20.69 -8.34
C ASP E 178 -6.34 -19.84 -7.41
N CYS E 179 -7.63 -20.17 -7.33
CA CYS E 179 -8.51 -19.53 -6.37
C CYS E 179 -8.69 -20.42 -5.15
N PHE E 180 -8.89 -19.81 -4.00
CA PHE E 180 -8.96 -20.51 -2.72
C PHE E 180 -10.32 -20.30 -2.10
N VAL E 181 -11.07 -21.39 -1.94
CA VAL E 181 -12.36 -21.33 -1.28
C VAL E 181 -12.18 -21.13 0.22
N SER E 182 -13.19 -20.56 0.86
CA SER E 182 -13.17 -20.30 2.30
C SER E 182 -14.02 -21.33 3.02
N ARG E 183 -13.45 -21.93 4.07
CA ARG E 183 -14.12 -22.94 4.88
C ARG E 183 -14.72 -24.09 4.05
N PRO E 184 -13.92 -24.80 3.27
CA PRO E 184 -14.48 -25.96 2.55
C PRO E 184 -14.99 -27.06 3.46
N THR E 185 -14.35 -27.31 4.61
CA THR E 185 -14.74 -28.45 5.45
C THR E 185 -16.05 -28.18 6.18
N GLU E 186 -16.22 -26.98 6.72
CA GLU E 186 -17.47 -26.64 7.39
C GLU E 186 -18.63 -26.66 6.39
N LYS E 187 -18.41 -26.13 5.19
CA LYS E 187 -19.45 -26.17 4.17
C LYS E 187 -19.74 -27.60 3.75
N THR E 188 -18.72 -28.47 3.72
CA THR E 188 -18.96 -29.87 3.44
C THR E 188 -19.83 -30.52 4.51
N VAL E 189 -19.56 -30.21 5.78
CA VAL E 189 -20.34 -30.78 6.87
C VAL E 189 -21.81 -30.35 6.74
N PHE E 190 -22.03 -29.06 6.51
CA PHE E 190 -23.41 -28.59 6.41
C PHE E 190 -24.09 -29.09 5.14
N THR E 191 -23.34 -29.27 4.06
CA THR E 191 -23.89 -29.89 2.86
C THR E 191 -24.34 -31.32 3.15
N VAL E 192 -23.54 -32.07 3.90
CA VAL E 192 -23.93 -33.43 4.26
C VAL E 192 -25.21 -33.42 5.08
N PHE E 193 -25.29 -32.51 6.06
CA PHE E 193 -26.50 -32.42 6.87
C PHE E 193 -27.73 -32.10 6.04
N MET E 194 -27.62 -31.10 5.17
CA MET E 194 -28.79 -30.68 4.39
C MET E 194 -29.20 -31.73 3.37
N LEU E 195 -28.22 -32.40 2.75
CA LEU E 195 -28.54 -33.47 1.81
C LEU E 195 -29.19 -34.65 2.50
N ALA E 196 -28.71 -35.00 3.70
CA ALA E 196 -29.35 -36.07 4.46
C ALA E 196 -30.78 -35.70 4.81
N ALA E 197 -31.01 -34.46 5.23
CA ALA E 197 -32.37 -34.02 5.55
C ALA E 197 -33.26 -34.08 4.31
N SER E 198 -32.75 -33.66 3.16
CA SER E 198 -33.53 -33.70 1.93
C SER E 198 -33.86 -35.14 1.54
N GLY E 199 -32.90 -36.06 1.69
CA GLY E 199 -33.17 -37.46 1.40
C GLY E 199 -34.21 -38.04 2.32
N ILE E 200 -34.16 -37.69 3.61
CA ILE E 200 -35.18 -38.13 4.55
C ILE E 200 -36.55 -37.60 4.15
N CYS E 201 -36.60 -36.33 3.71
CA CYS E 201 -37.87 -35.76 3.25
C CYS E 201 -38.40 -36.52 2.04
N ILE E 202 -37.52 -36.87 1.10
CA ILE E 202 -37.95 -37.60 -0.09
C ILE E 202 -38.52 -38.96 0.31
N ILE E 203 -37.82 -39.66 1.20
CA ILE E 203 -38.28 -40.98 1.63
C ILE E 203 -39.62 -40.88 2.33
N LEU E 204 -39.78 -39.88 3.21
CA LEU E 204 -41.04 -39.71 3.92
C LEU E 204 -42.18 -39.36 2.98
N ASN E 205 -41.93 -38.52 1.97
CA ASN E 205 -42.97 -38.18 1.01
C ASN E 205 -43.39 -39.41 0.20
N VAL E 206 -42.43 -40.22 -0.22
CA VAL E 206 -42.76 -41.43 -0.96
C VAL E 206 -43.58 -42.38 -0.08
N ALA E 207 -43.18 -42.53 1.18
CA ALA E 207 -43.92 -43.39 2.10
C ALA E 207 -45.34 -42.87 2.31
N GLU E 208 -45.50 -41.55 2.43
CA GLU E 208 -46.83 -40.97 2.61
C GLU E 208 -47.72 -41.22 1.39
N VAL E 209 -47.17 -41.04 0.19
CA VAL E 209 -47.94 -41.30 -1.03
C VAL E 209 -48.36 -42.77 -1.08
N VAL E 210 -47.42 -43.68 -0.80
CA VAL E 210 -47.73 -45.10 -0.86
C VAL E 210 -48.79 -45.46 0.18
N TYR E 211 -48.68 -44.92 1.39
CA TYR E 211 -49.65 -45.22 2.44
C TYR E 211 -51.03 -44.71 2.07
N LEU E 212 -51.10 -43.50 1.51
CA LEU E 212 -52.41 -42.97 1.10
C LEU E 212 -53.03 -43.82 -0.01
N ILE E 213 -52.21 -44.22 -0.99
CA ILE E 213 -52.73 -45.06 -2.06
C ILE E 213 -53.23 -46.40 -1.52
N ILE E 214 -52.47 -47.00 -0.60
CA ILE E 214 -52.87 -48.28 -0.03
C ILE E 214 -54.18 -48.14 0.75
N ARG E 215 -54.29 -47.09 1.56
CA ARG E 215 -55.51 -46.90 2.35
C ARG E 215 -56.71 -46.59 1.47
N ALA E 216 -56.50 -45.89 0.35
CA ALA E 216 -57.59 -45.63 -0.57
C ALA E 216 -58.17 -46.91 -1.15
N CYS E 217 -57.29 -47.86 -1.50
CA CYS E 217 -57.73 -49.14 -2.05
C CYS E 217 -57.80 -50.21 -0.96
N MET F 1 -47.43 -13.86 28.87
CA MET F 1 -46.24 -14.69 29.00
C MET F 1 -45.99 -15.04 30.45
N ASN F 2 -46.78 -15.97 30.97
CA ASN F 2 -46.68 -16.38 32.37
C ASN F 2 -45.69 -17.55 32.52
N TRP F 3 -45.38 -17.86 33.78
CA TRP F 3 -44.44 -18.94 34.06
C TRP F 3 -45.04 -20.31 33.76
N THR F 4 -46.34 -20.49 34.00
CA THR F 4 -46.96 -21.79 33.73
C THR F 4 -46.90 -22.12 32.24
N GLY F 5 -47.12 -21.13 31.38
CA GLY F 5 -47.04 -21.38 29.95
C GLY F 5 -45.64 -21.78 29.49
N LEU F 6 -44.63 -21.06 29.98
CA LEU F 6 -43.25 -21.40 29.62
C LEU F 6 -42.85 -22.76 30.16
N TYR F 7 -43.26 -23.08 31.38
CA TYR F 7 -42.96 -24.38 31.96
C TYR F 7 -43.63 -25.50 31.17
N THR F 8 -44.89 -25.29 30.77
CA THR F 8 -45.57 -26.30 29.96
C THR F 8 -44.92 -26.47 28.60
N LEU F 9 -44.49 -25.35 27.99
CA LEU F 9 -43.82 -25.44 26.70
C LEU F 9 -42.51 -26.21 26.81
N LEU F 10 -41.73 -25.94 27.86
CA LEU F 10 -40.44 -26.61 28.00
C LEU F 10 -40.61 -28.07 28.41
N SER F 11 -41.65 -28.39 29.18
CA SER F 11 -41.84 -29.76 29.65
C SER F 11 -42.16 -30.71 28.51
N GLY F 12 -42.93 -30.24 27.53
CA GLY F 12 -43.41 -31.10 26.47
C GLY F 12 -44.71 -31.83 26.79
N VAL F 13 -45.32 -31.54 27.93
CA VAL F 13 -46.58 -32.12 28.41
C VAL F 13 -46.66 -33.62 28.10
N ASN F 14 -45.57 -34.34 28.38
CA ASN F 14 -45.52 -35.78 28.16
C ASN F 14 -45.96 -36.59 29.35
N ARG F 15 -46.23 -35.94 30.49
CA ARG F 15 -46.74 -36.57 31.72
C ARG F 15 -45.97 -37.81 32.14
N HIS F 16 -44.70 -37.92 31.74
CA HIS F 16 -43.86 -39.03 32.14
C HIS F 16 -42.48 -38.60 32.62
N SER F 17 -42.13 -37.32 32.51
CA SER F 17 -40.82 -36.83 32.90
C SER F 17 -40.85 -36.39 34.35
N THR F 18 -39.81 -36.78 35.11
CA THR F 18 -39.72 -36.43 36.51
C THR F 18 -39.14 -35.02 36.66
N ALA F 19 -38.82 -34.64 37.90
CA ALA F 19 -38.30 -33.31 38.16
C ALA F 19 -36.92 -33.10 37.55
N ILE F 20 -36.11 -34.16 37.48
CA ILE F 20 -34.75 -34.02 36.97
C ILE F 20 -34.69 -33.91 35.45
N GLY F 21 -35.84 -33.95 34.77
CA GLY F 21 -35.86 -33.79 33.34
C GLY F 21 -36.85 -32.73 32.91
N ARG F 22 -37.64 -32.24 33.87
CA ARG F 22 -38.64 -31.22 33.63
C ARG F 22 -38.31 -29.89 34.29
N VAL F 23 -37.49 -29.91 35.34
CA VAL F 23 -37.09 -28.69 36.01
C VAL F 23 -35.61 -28.37 35.81
N TRP F 24 -34.77 -29.38 35.64
CA TRP F 24 -33.33 -29.18 35.52
C TRP F 24 -32.82 -29.21 34.09
N LEU F 25 -33.27 -30.18 33.28
CA LEU F 25 -32.81 -30.25 31.90
C LEU F 25 -33.23 -29.02 31.11
N SER F 26 -34.45 -28.52 31.35
CA SER F 26 -34.90 -27.33 30.65
C SER F 26 -34.06 -26.11 31.04
N VAL F 27 -33.69 -26.01 32.31
CA VAL F 27 -32.86 -24.90 32.76
C VAL F 27 -31.48 -24.96 32.12
N ILE F 28 -30.90 -26.17 32.03
CA ILE F 28 -29.59 -26.30 31.40
C ILE F 28 -29.69 -25.98 29.91
N PHE F 29 -30.79 -26.38 29.28
CA PHE F 29 -30.98 -26.04 27.86
C PHE F 29 -31.08 -24.53 27.68
N ILE F 30 -31.80 -23.84 28.56
CA ILE F 30 -31.89 -22.39 28.47
C ILE F 30 -30.52 -21.76 28.69
N PHE F 31 -29.76 -22.30 29.64
CA PHE F 31 -28.42 -21.78 29.90
C PHE F 31 -27.53 -21.93 28.67
N ARG F 32 -27.57 -23.09 28.03
CA ARG F 32 -26.77 -23.32 26.83
C ARG F 32 -27.20 -22.39 25.71
N ILE F 33 -28.51 -22.20 25.53
CA ILE F 33 -29.01 -21.31 24.49
C ILE F 33 -28.51 -19.89 24.73
N MET F 34 -28.59 -19.42 25.97
CA MET F 34 -28.18 -18.06 26.28
C MET F 34 -26.68 -17.86 26.09
N VAL F 35 -25.88 -18.82 26.55
CA VAL F 35 -24.43 -18.71 26.38
C VAL F 35 -24.07 -18.72 24.89
N LEU F 36 -24.72 -19.59 24.12
CA LEU F 36 -24.45 -19.66 22.69
C LEU F 36 -24.85 -18.36 22.00
N VAL F 37 -25.96 -17.75 22.42
CA VAL F 37 -26.38 -16.49 21.84
C VAL F 37 -25.39 -15.37 22.16
N VAL F 38 -24.93 -15.30 23.42
CA VAL F 38 -24.03 -14.21 23.81
C VAL F 38 -22.59 -14.44 23.40
N ALA F 39 -22.24 -15.64 22.91
CA ALA F 39 -20.89 -15.90 22.45
C ALA F 39 -20.79 -16.25 20.97
N ALA F 40 -21.90 -16.33 20.26
CA ALA F 40 -21.86 -16.80 18.88
C ALA F 40 -21.26 -15.76 17.94
N GLU F 41 -21.69 -14.51 18.08
CA GLU F 41 -21.28 -13.47 17.15
C GLU F 41 -20.24 -12.51 17.73
N SER F 42 -20.20 -12.35 19.06
CA SER F 42 -19.25 -11.42 19.65
C SER F 42 -17.85 -12.02 19.70
N VAL F 43 -17.73 -13.29 20.05
CA VAL F 43 -16.43 -13.93 20.24
C VAL F 43 -15.97 -14.56 18.93
N TRP F 44 -16.79 -15.45 18.39
CA TRP F 44 -16.46 -16.17 17.17
C TRP F 44 -16.87 -15.42 15.91
N GLY F 45 -17.21 -14.14 16.02
CA GLY F 45 -17.63 -13.38 14.85
C GLY F 45 -16.50 -13.18 13.86
N ASP F 46 -15.30 -12.85 14.35
CA ASP F 46 -14.16 -12.55 13.51
C ASP F 46 -13.07 -13.59 13.67
N GLU F 47 -13.47 -14.87 13.74
CA GLU F 47 -12.49 -15.94 13.83
C GLU F 47 -11.75 -16.13 12.51
N LYS F 48 -12.35 -15.74 11.40
CA LYS F 48 -11.74 -15.93 10.09
C LYS F 48 -10.92 -14.72 9.67
N SER F 49 -11.49 -13.52 9.85
CA SER F 49 -10.82 -12.30 9.43
C SER F 49 -9.67 -11.90 10.33
N SER F 50 -9.81 -12.03 11.66
CA SER F 50 -8.73 -11.66 12.56
C SER F 50 -7.63 -12.71 12.58
N PHE F 51 -7.88 -13.86 11.95
CA PHE F 51 -6.91 -14.94 11.87
C PHE F 51 -5.94 -14.68 10.72
N ILE F 52 -4.67 -14.49 11.06
CA ILE F 52 -3.64 -14.16 10.08
C ILE F 52 -2.43 -15.05 10.29
N CYS F 53 -1.73 -15.32 9.20
CA CYS F 53 -0.48 -16.05 9.26
C CYS F 53 0.70 -15.10 9.01
N ASN F 54 1.90 -15.61 9.26
CA ASN F 54 3.13 -14.84 9.12
C ASN F 54 3.81 -15.06 7.77
N THR F 55 3.05 -15.39 6.73
CA THR F 55 3.63 -15.61 5.42
C THR F 55 3.18 -14.51 4.45
N LEU F 56 3.73 -14.56 3.24
CA LEU F 56 3.38 -13.64 2.18
C LEU F 56 2.66 -14.32 1.02
N GLN F 57 2.55 -15.64 1.04
CA GLN F 57 1.89 -16.36 -0.04
C GLN F 57 0.39 -16.10 -0.02
N PRO F 58 -0.22 -15.79 -1.16
CA PRO F 58 -1.69 -15.65 -1.19
C PRO F 58 -2.37 -16.98 -0.93
N GLY F 59 -3.51 -16.91 -0.25
CA GLY F 59 -4.33 -18.09 -0.01
C GLY F 59 -3.88 -18.98 1.12
N CYS F 60 -2.79 -18.63 1.81
CA CYS F 60 -2.33 -19.46 2.91
C CYS F 60 -3.21 -19.30 4.15
N ASN F 61 -3.78 -18.11 4.36
CA ASN F 61 -4.63 -17.88 5.52
C ASN F 61 -5.86 -18.80 5.49
N SER F 62 -6.52 -18.90 4.34
CA SER F 62 -7.74 -19.68 4.27
C SER F 62 -7.48 -21.17 4.47
N VAL F 63 -6.43 -21.69 3.81
CA VAL F 63 -6.13 -23.11 3.95
C VAL F 63 -5.68 -23.42 5.37
N CYS F 64 -4.92 -22.53 6.00
CA CYS F 64 -4.51 -22.76 7.37
C CYS F 64 -5.72 -22.75 8.32
N TYR F 65 -6.63 -21.79 8.14
CA TYR F 65 -7.80 -21.74 9.00
C TYR F 65 -8.65 -22.99 8.83
N ASP F 66 -8.85 -23.44 7.60
CA ASP F 66 -9.63 -24.66 7.38
C ASP F 66 -8.91 -25.88 7.92
N GLN F 67 -7.57 -25.86 7.91
CA GLN F 67 -6.81 -26.99 8.44
C GLN F 67 -6.96 -27.08 9.96
N PHE F 68 -6.92 -25.95 10.66
CA PHE F 68 -6.94 -25.99 12.11
C PHE F 68 -8.33 -25.88 12.72
N PHE F 69 -9.30 -25.39 11.95
CA PHE F 69 -10.68 -25.26 12.43
C PHE F 69 -11.61 -25.88 11.40
N PRO F 70 -11.70 -27.22 11.37
CA PRO F 70 -12.58 -27.86 10.39
C PRO F 70 -14.03 -27.40 10.51
N ILE F 71 -14.51 -27.22 11.73
CA ILE F 71 -15.82 -26.63 11.98
C ILE F 71 -15.74 -25.91 13.32
N SER F 72 -16.08 -24.62 13.30
CA SER F 72 -15.87 -23.78 14.47
C SER F 72 -16.69 -24.26 15.65
N HIS F 73 -16.28 -23.83 16.85
CA HIS F 73 -16.91 -24.31 18.07
C HIS F 73 -18.38 -23.92 18.12
N VAL F 74 -18.72 -22.70 17.70
CA VAL F 74 -20.10 -22.24 17.81
C VAL F 74 -21.02 -23.04 16.91
N ARG F 75 -20.60 -23.32 15.67
CA ARG F 75 -21.42 -24.12 14.78
C ARG F 75 -21.55 -25.54 15.27
N LEU F 76 -20.47 -26.11 15.83
CA LEU F 76 -20.53 -27.45 16.39
C LEU F 76 -21.52 -27.51 17.55
N TRP F 77 -21.49 -26.50 18.42
CA TRP F 77 -22.42 -26.47 19.54
C TRP F 77 -23.85 -26.22 19.09
N SER F 78 -24.04 -25.43 18.03
CA SER F 78 -25.37 -25.23 17.50
C SER F 78 -25.93 -26.52 16.93
N LEU F 79 -25.13 -27.27 16.18
CA LEU F 79 -25.57 -28.56 15.67
C LEU F 79 -25.87 -29.52 16.81
N GLN F 80 -25.02 -29.53 17.84
CA GLN F 80 -25.27 -30.37 19.00
C GLN F 80 -26.59 -30.02 19.67
N LEU F 81 -26.86 -28.73 19.83
CA LEU F 81 -28.10 -28.30 20.46
C LEU F 81 -29.31 -28.70 19.63
N ILE F 82 -29.23 -28.52 18.31
CA ILE F 82 -30.35 -28.88 17.45
C ILE F 82 -30.61 -30.39 17.51
N LEU F 83 -29.56 -31.19 17.42
CA LEU F 83 -29.76 -32.64 17.43
C LEU F 83 -30.18 -33.15 18.80
N VAL F 84 -29.73 -32.50 19.87
CA VAL F 84 -30.17 -32.90 21.22
C VAL F 84 -31.64 -32.52 21.42
N SER F 85 -32.06 -31.38 20.89
CA SER F 85 -33.44 -30.94 21.05
C SER F 85 -34.40 -31.65 20.09
N THR F 86 -33.89 -32.31 19.06
CA THR F 86 -34.76 -33.00 18.11
C THR F 86 -35.62 -34.08 18.77
N PRO F 87 -35.10 -35.01 19.59
CA PRO F 87 -35.98 -36.00 20.20
C PRO F 87 -37.05 -35.41 21.11
N ALA F 88 -36.75 -34.33 21.83
CA ALA F 88 -37.78 -33.69 22.65
C ALA F 88 -38.89 -33.11 21.78
N LEU F 89 -38.52 -32.49 20.67
CA LEU F 89 -39.51 -32.00 19.73
C LEU F 89 -40.34 -33.13 19.15
N LEU F 90 -39.70 -34.27 18.86
CA LEU F 90 -40.43 -35.43 18.35
C LEU F 90 -41.44 -35.94 19.37
N VAL F 91 -41.04 -36.00 20.64
CA VAL F 91 -41.97 -36.46 21.67
C VAL F 91 -43.12 -35.48 21.84
N ALA F 92 -42.83 -34.18 21.79
CA ALA F 92 -43.89 -33.19 21.90
C ALA F 92 -44.88 -33.31 20.75
N MET F 93 -44.36 -33.47 19.52
CA MET F 93 -45.25 -33.65 18.38
C MET F 93 -46.04 -34.96 18.50
N HIS F 94 -45.41 -36.01 19.01
CA HIS F 94 -46.11 -37.28 19.19
C HIS F 94 -47.27 -37.15 20.17
N VAL F 95 -47.03 -36.50 21.31
CA VAL F 95 -48.09 -36.38 22.30
C VAL F 95 -49.19 -35.44 21.81
N ALA F 96 -48.83 -34.37 21.09
CA ALA F 96 -49.84 -33.50 20.50
C ALA F 96 -50.68 -34.25 19.47
N HIS F 97 -50.03 -35.07 18.63
CA HIS F 97 -50.76 -35.85 17.64
C HIS F 97 -51.66 -36.88 18.30
N GLN F 98 -51.21 -37.49 19.40
CA GLN F 98 -52.04 -38.44 20.12
C GLN F 98 -53.26 -37.76 20.71
N GLN F 99 -53.09 -36.56 21.28
CA GLN F 99 -54.23 -35.82 21.80
C GLN F 99 -55.20 -35.46 20.68
N HIS F 100 -54.67 -35.05 19.52
CA HIS F 100 -55.54 -34.72 18.40
C HIS F 100 -56.30 -35.95 17.90
N ILE F 101 -55.62 -37.09 17.80
CA ILE F 101 -56.27 -38.28 17.23
C ILE F 101 -57.28 -38.86 18.21
N GLU F 102 -57.06 -38.70 19.52
CA GLU F 102 -58.07 -39.12 20.48
C GLU F 102 -59.17 -38.08 20.63
N LYS F 103 -58.94 -36.85 20.18
CA LYS F 103 -59.98 -35.83 20.23
C LYS F 103 -61.05 -36.07 19.17
N LYS F 104 -60.68 -36.64 18.03
CA LYS F 104 -61.62 -36.87 16.94
C LYS F 104 -62.44 -38.14 17.11
N MET F 105 -62.19 -38.93 18.15
CA MET F 105 -62.96 -40.14 18.40
C MET F 105 -63.20 -40.34 19.90
N ILE F 127 -52.02 -46.84 25.39
CA ILE F 127 -51.65 -45.49 24.99
C ILE F 127 -50.60 -44.94 25.94
N SER F 128 -50.68 -45.34 27.21
CA SER F 128 -49.70 -44.90 28.18
C SER F 128 -48.37 -45.62 27.99
N GLY F 129 -48.41 -46.93 27.71
CA GLY F 129 -47.19 -47.68 27.57
C GLY F 129 -46.37 -47.25 26.36
N THR F 130 -47.03 -47.00 25.23
CA THR F 130 -46.31 -46.58 24.05
C THR F 130 -45.68 -45.19 24.25
N LEU F 131 -46.38 -44.30 24.93
CA LEU F 131 -45.80 -42.99 25.23
C LEU F 131 -44.62 -43.11 26.17
N TRP F 132 -44.72 -43.99 27.17
CA TRP F 132 -43.60 -44.22 28.09
C TRP F 132 -42.39 -44.74 27.34
N TRP F 133 -42.58 -45.72 26.46
CA TRP F 133 -41.47 -46.25 25.69
C TRP F 133 -40.90 -45.20 24.74
N THR F 134 -41.75 -44.39 24.14
CA THR F 134 -41.27 -43.31 23.27
C THR F 134 -40.42 -42.33 24.04
N TYR F 135 -40.85 -41.96 25.25
CA TYR F 135 -40.08 -41.02 26.05
C TYR F 135 -38.73 -41.63 26.47
N VAL F 136 -38.73 -42.91 26.84
CA VAL F 136 -37.48 -43.55 27.23
C VAL F 136 -36.51 -43.60 26.06
N ILE F 137 -37.01 -43.98 24.87
CA ILE F 137 -36.16 -44.01 23.69
C ILE F 137 -35.66 -42.62 23.34
N SER F 138 -36.49 -41.60 23.54
CA SER F 138 -36.07 -40.23 23.28
C SER F 138 -34.94 -39.81 24.21
N VAL F 139 -35.05 -40.14 25.49
CA VAL F 139 -33.99 -39.79 26.43
C VAL F 139 -32.70 -40.53 26.08
N VAL F 140 -32.82 -41.81 25.68
CA VAL F 140 -31.65 -42.57 25.29
C VAL F 140 -30.98 -41.94 24.07
N PHE F 141 -31.77 -41.52 23.08
CA PHE F 141 -31.20 -40.90 21.89
C PHE F 141 -30.58 -39.54 22.21
N ARG F 142 -31.19 -38.78 23.12
CA ARG F 142 -30.60 -37.52 23.53
C ARG F 142 -29.25 -37.73 24.19
N LEU F 143 -29.16 -38.73 25.07
CA LEU F 143 -27.89 -39.06 25.70
C LEU F 143 -26.86 -39.50 24.67
N LEU F 144 -27.29 -40.30 23.70
CA LEU F 144 -26.39 -40.76 22.64
C LEU F 144 -25.85 -39.60 21.82
N PHE F 145 -26.72 -38.66 21.46
CA PHE F 145 -26.27 -37.49 20.70
C PHE F 145 -25.32 -36.63 21.51
N GLU F 146 -25.60 -36.44 22.80
CA GLU F 146 -24.69 -35.70 23.65
C GLU F 146 -23.31 -36.35 23.67
N ALA F 147 -23.27 -37.66 23.89
CA ALA F 147 -21.99 -38.37 23.94
C ALA F 147 -21.26 -38.31 22.60
N VAL F 148 -22.00 -38.46 21.50
CA VAL F 148 -21.38 -38.44 20.18
C VAL F 148 -20.75 -37.07 19.91
N PHE F 149 -21.47 -35.99 20.23
CA PHE F 149 -20.93 -34.66 19.97
C PHE F 149 -19.76 -34.35 20.88
N MET F 150 -19.80 -34.81 22.14
CA MET F 150 -18.66 -34.61 23.02
C MET F 150 -17.43 -35.35 22.49
N TYR F 151 -17.62 -36.59 22.00
CA TYR F 151 -16.51 -37.34 21.43
C TYR F 151 -15.98 -36.68 20.18
N VAL F 152 -16.86 -36.14 19.34
CA VAL F 152 -16.40 -35.44 18.14
C VAL F 152 -15.61 -34.20 18.50
N PHE F 153 -16.06 -33.46 19.52
CA PHE F 153 -15.31 -32.31 19.99
C PHE F 153 -13.93 -32.73 20.50
N TYR F 154 -13.86 -33.86 21.21
CA TYR F 154 -12.58 -34.35 21.67
C TYR F 154 -11.67 -34.71 20.51
N LEU F 155 -12.23 -35.34 19.47
CA LEU F 155 -11.44 -35.72 18.31
C LEU F 155 -10.88 -34.50 17.58
N LEU F 156 -11.74 -33.53 17.29
CA LEU F 156 -11.31 -32.38 16.48
C LEU F 156 -10.37 -31.48 17.26
N TYR F 157 -10.69 -31.20 18.53
CA TYR F 157 -9.95 -30.24 19.34
C TYR F 157 -9.55 -30.91 20.64
N PRO F 158 -8.47 -31.69 20.64
CA PRO F 158 -7.99 -32.29 21.89
C PRO F 158 -7.64 -31.21 22.91
N GLY F 159 -8.02 -31.45 24.15
CA GLY F 159 -7.84 -30.46 25.20
C GLY F 159 -8.94 -29.41 25.20
N TYR F 160 -9.06 -28.74 26.34
CA TYR F 160 -10.06 -27.69 26.51
C TYR F 160 -9.52 -26.30 26.19
N ALA F 161 -8.25 -26.18 25.86
CA ALA F 161 -7.60 -24.88 25.71
C ALA F 161 -7.14 -24.67 24.29
N MET F 162 -7.07 -23.40 23.90
CA MET F 162 -6.60 -23.00 22.58
C MET F 162 -5.31 -22.21 22.71
N VAL F 163 -4.46 -22.32 21.70
CA VAL F 163 -3.13 -21.72 21.72
C VAL F 163 -3.09 -20.60 20.70
N ARG F 164 -2.24 -19.59 20.99
CA ARG F 164 -2.11 -18.45 20.09
C ARG F 164 -1.36 -18.83 18.82
N LEU F 165 -0.26 -19.55 18.94
CA LEU F 165 0.54 -19.95 17.80
C LEU F 165 0.10 -21.31 17.28
N VAL F 166 -0.08 -21.42 15.97
CA VAL F 166 -0.29 -22.72 15.34
C VAL F 166 0.66 -22.83 14.14
N LYS F 167 1.40 -23.93 14.09
CA LYS F 167 2.34 -24.17 13.01
C LYS F 167 1.65 -24.97 11.92
N CYS F 168 1.51 -24.38 10.74
CA CYS F 168 0.78 -25.01 9.64
C CYS F 168 1.71 -25.27 8.47
N ASP F 169 1.69 -26.51 7.96
CA ASP F 169 2.47 -26.90 6.79
C ASP F 169 1.52 -27.62 5.83
N VAL F 170 0.81 -26.84 5.02
CA VAL F 170 -0.14 -27.39 4.05
C VAL F 170 -0.10 -26.51 2.82
N TYR F 171 -0.30 -27.13 1.66
CA TYR F 171 -0.25 -26.40 0.40
C TYR F 171 -1.32 -25.32 0.38
N PRO F 172 -1.01 -24.11 -0.14
CA PRO F 172 0.23 -23.68 -0.78
C PRO F 172 1.26 -23.05 0.15
N CYS F 173 1.04 -23.08 1.46
CA CYS F 173 1.97 -22.43 2.38
C CYS F 173 3.34 -23.10 2.29
N PRO F 174 4.41 -22.33 2.08
CA PRO F 174 5.75 -22.94 1.95
C PRO F 174 6.30 -23.30 3.32
N ASN F 175 6.77 -24.53 3.44
CA ASN F 175 7.39 -25.06 4.68
C ASN F 175 6.35 -24.94 5.79
N THR F 176 6.71 -24.41 6.96
CA THR F 176 5.79 -24.27 8.08
C THR F 176 5.64 -22.79 8.41
N VAL F 177 4.40 -22.33 8.51
CA VAL F 177 4.11 -20.93 8.77
C VAL F 177 3.42 -20.81 10.12
N ASP F 178 3.54 -19.63 10.72
CA ASP F 178 3.00 -19.33 12.04
C ASP F 178 1.69 -18.58 11.87
N CYS F 179 0.57 -19.25 12.16
CA CYS F 179 -0.72 -18.59 12.17
C CYS F 179 -1.10 -18.24 13.60
N PHE F 180 -1.86 -17.16 13.76
CA PHE F 180 -2.21 -16.63 15.07
C PHE F 180 -3.73 -16.66 15.24
N VAL F 181 -4.19 -17.42 16.22
CA VAL F 181 -5.62 -17.48 16.53
C VAL F 181 -6.04 -16.19 17.23
N SER F 182 -7.33 -15.85 17.11
CA SER F 182 -7.88 -14.66 17.72
C SER F 182 -8.68 -15.03 18.97
N ARG F 183 -8.40 -14.33 20.07
CA ARG F 183 -9.05 -14.56 21.35
C ARG F 183 -9.02 -16.02 21.79
N PRO F 184 -7.84 -16.61 21.95
CA PRO F 184 -7.80 -17.99 22.47
C PRO F 184 -8.34 -18.12 23.90
N THR F 185 -8.13 -17.13 24.76
CA THR F 185 -8.51 -17.29 26.16
C THR F 185 -10.02 -17.19 26.35
N GLU F 186 -10.65 -16.22 25.67
CA GLU F 186 -12.10 -16.09 25.76
C GLU F 186 -12.79 -17.34 25.20
N LYS F 187 -12.29 -17.84 24.07
CA LYS F 187 -12.83 -19.06 23.51
C LYS F 187 -12.60 -20.26 24.43
N THR F 188 -11.46 -20.29 25.13
CA THR F 188 -11.24 -21.35 26.11
C THR F 188 -12.25 -21.27 27.24
N VAL F 189 -12.54 -20.07 27.73
CA VAL F 189 -13.52 -19.91 28.81
C VAL F 189 -14.89 -20.40 28.36
N PHE F 190 -15.31 -19.99 27.16
CA PHE F 190 -16.63 -20.41 26.70
C PHE F 190 -16.66 -21.89 26.37
N THR F 191 -15.54 -22.46 25.91
CA THR F 191 -15.48 -23.90 25.72
C THR F 191 -15.64 -24.64 27.04
N VAL F 192 -15.01 -24.15 28.10
CA VAL F 192 -15.17 -24.77 29.41
C VAL F 192 -16.63 -24.70 29.85
N PHE F 193 -17.27 -23.54 29.67
CA PHE F 193 -18.67 -23.42 30.06
C PHE F 193 -19.56 -24.40 29.29
N MET F 194 -19.38 -24.47 27.97
CA MET F 194 -20.24 -25.32 27.16
C MET F 194 -19.99 -26.80 27.43
N LEU F 195 -18.73 -27.19 27.64
CA LEU F 195 -18.43 -28.58 27.96
C LEU F 195 -18.99 -28.96 29.33
N ALA F 196 -18.91 -28.06 30.30
CA ALA F 196 -19.51 -28.34 31.61
C ALA F 196 -21.01 -28.50 31.49
N ALA F 197 -21.66 -27.65 30.70
CA ALA F 197 -23.11 -27.78 30.51
C ALA F 197 -23.45 -29.10 29.82
N SER F 198 -22.66 -29.50 28.83
CA SER F 198 -22.90 -30.78 28.15
C SER F 198 -22.72 -31.95 29.10
N GLY F 199 -21.69 -31.91 29.95
CA GLY F 199 -21.50 -32.96 30.92
C GLY F 199 -22.64 -33.05 31.91
N ILE F 200 -23.15 -31.90 32.36
CA ILE F 200 -24.30 -31.89 33.25
C ILE F 200 -25.51 -32.49 32.55
N CYS F 201 -25.70 -32.17 31.27
CA CYS F 201 -26.80 -32.75 30.52
C CYS F 201 -26.67 -34.27 30.43
N ILE F 202 -25.46 -34.77 30.19
CA ILE F 202 -25.25 -36.21 30.10
C ILE F 202 -25.58 -36.87 31.44
N ILE F 203 -25.10 -36.28 32.54
CA ILE F 203 -25.37 -36.85 33.85
C ILE F 203 -26.87 -36.86 34.14
N LEU F 204 -27.55 -35.77 33.82
CA LEU F 204 -28.99 -35.70 34.08
C LEU F 204 -29.75 -36.71 33.24
N ASN F 205 -29.36 -36.90 31.98
CA ASN F 205 -30.03 -37.87 31.13
C ASN F 205 -29.83 -39.29 31.66
N VAL F 206 -28.61 -39.62 32.09
CA VAL F 206 -28.37 -40.94 32.66
C VAL F 206 -29.19 -41.14 33.92
N ALA F 207 -29.25 -40.11 34.77
CA ALA F 207 -30.05 -40.21 35.99
C ALA F 207 -31.53 -40.40 35.67
N GLU F 208 -32.03 -39.69 34.65
CA GLU F 208 -33.43 -39.84 34.27
C GLU F 208 -33.72 -41.25 33.76
N VAL F 209 -32.83 -41.80 32.92
CA VAL F 209 -33.03 -43.16 32.43
C VAL F 209 -33.03 -44.14 33.59
N VAL F 210 -32.08 -44.00 34.50
CA VAL F 210 -32.00 -44.93 35.64
C VAL F 210 -33.25 -44.83 36.51
N TYR F 211 -33.70 -43.60 36.77
CA TYR F 211 -34.89 -43.41 37.61
C TYR F 211 -36.12 -44.02 36.95
N LEU F 212 -36.28 -43.83 35.64
CA LEU F 212 -37.43 -44.41 34.94
C LEU F 212 -37.38 -45.93 34.98
N ILE F 213 -36.19 -46.52 34.77
CA ILE F 213 -36.07 -47.97 34.82
C ILE F 213 -36.40 -48.48 36.22
N ILE F 214 -35.90 -47.80 37.26
CA ILE F 214 -36.17 -48.23 38.62
C ILE F 214 -37.66 -48.15 38.93
N ARG F 215 -38.31 -47.05 38.54
CA ARG F 215 -39.74 -46.92 38.82
C ARG F 215 -40.57 -47.91 38.03
N ALA F 216 -40.13 -48.28 36.83
CA ALA F 216 -40.86 -49.29 36.05
C ALA F 216 -40.85 -50.64 36.76
N CYS F 217 -39.71 -51.01 37.35
CA CYS F 217 -39.61 -52.27 38.07
C CYS F 217 -39.81 -52.07 39.57
N MET G 1 47.89 19.01 -24.90
CA MET G 1 46.64 19.05 -25.62
C MET G 1 46.46 20.41 -26.30
N ASN G 2 47.13 20.57 -27.44
CA ASN G 2 47.10 21.82 -28.18
C ASN G 2 46.01 21.78 -29.26
N TRP G 3 45.80 22.94 -29.90
CA TRP G 3 44.78 23.03 -30.93
C TRP G 3 45.20 22.33 -32.22
N THR G 4 46.49 22.36 -32.56
CA THR G 4 46.95 21.70 -33.78
C THR G 4 46.72 20.20 -33.70
N GLY G 5 46.98 19.61 -32.53
CA GLY G 5 46.75 18.17 -32.39
C GLY G 5 45.30 17.79 -32.53
N LEU G 6 44.40 18.55 -31.88
CA LEU G 6 42.97 18.27 -32.00
C LEU G 6 42.48 18.47 -33.43
N TYR G 7 42.95 19.53 -34.09
CA TYR G 7 42.56 19.77 -35.47
C TYR G 7 43.03 18.67 -36.39
N THR G 8 44.27 18.19 -36.20
CA THR G 8 44.77 17.08 -37.00
C THR G 8 43.99 15.81 -36.74
N LEU G 9 43.64 15.55 -35.48
CA LEU G 9 42.86 14.36 -35.16
C LEU G 9 41.49 14.41 -35.81
N LEU G 10 40.83 15.57 -35.77
CA LEU G 10 39.50 15.66 -36.35
C LEU G 10 39.53 15.68 -37.87
N SER G 11 40.60 16.23 -38.46
CA SER G 11 40.67 16.31 -39.93
C SER G 11 40.80 14.94 -40.56
N GLY G 12 41.51 14.02 -39.91
CA GLY G 12 41.81 12.74 -40.50
C GLY G 12 43.03 12.71 -41.38
N VAL G 13 43.76 13.82 -41.47
CA VAL G 13 44.99 13.98 -42.25
C VAL G 13 44.88 13.30 -43.61
N ASN G 14 43.75 13.51 -44.28
CA ASN G 14 43.53 12.93 -45.61
C ASN G 14 43.98 13.83 -46.75
N ARG G 15 44.41 15.06 -46.45
CA ARG G 15 44.95 16.03 -47.41
C ARG G 15 44.07 16.19 -48.66
N HIS G 16 42.78 15.91 -48.54
CA HIS G 16 41.85 16.09 -49.65
C HIS G 16 40.57 16.79 -49.25
N SER G 17 40.38 17.10 -47.97
CA SER G 17 39.16 17.73 -47.48
C SER G 17 39.35 19.24 -47.44
N THR G 18 38.35 19.97 -47.93
CA THR G 18 38.42 21.42 -47.97
C THR G 18 38.01 21.99 -46.61
N ALA G 19 37.82 23.31 -46.57
CA ALA G 19 37.46 23.97 -45.31
C ALA G 19 36.07 23.57 -44.84
N ILE G 20 35.15 23.32 -45.77
CA ILE G 20 33.78 23.00 -45.39
C ILE G 20 33.61 21.57 -44.91
N GLY G 21 34.68 20.80 -44.83
CA GLY G 21 34.60 19.45 -44.29
C GLY G 21 35.66 19.20 -43.25
N ARG G 22 36.58 20.16 -43.11
CA ARG G 22 37.67 20.08 -42.14
C ARG G 22 37.54 21.09 -41.01
N VAL G 23 36.82 22.18 -41.24
CA VAL G 23 36.61 23.20 -40.22
C VAL G 23 35.16 23.25 -39.75
N TRP G 24 34.20 22.91 -40.59
CA TRP G 24 32.78 23.02 -40.24
C TRP G 24 32.16 21.69 -39.84
N LEU G 25 32.44 20.62 -40.60
CA LEU G 25 31.86 19.31 -40.26
C LEU G 25 32.34 18.83 -38.90
N SER G 26 33.63 19.06 -38.58
CA SER G 26 34.14 18.66 -37.29
C SER G 26 33.47 19.43 -36.16
N VAL G 27 33.22 20.72 -36.37
CA VAL G 27 32.55 21.52 -35.35
C VAL G 27 31.12 21.03 -35.13
N ILE G 28 30.41 20.71 -36.21
CA ILE G 28 29.05 20.20 -36.06
C ILE G 28 29.05 18.84 -35.37
N PHE G 29 30.05 18.01 -35.67
CA PHE G 29 30.17 16.73 -34.99
C PHE G 29 30.41 16.91 -33.50
N ILE G 30 31.28 17.85 -33.14
CA ILE G 30 31.52 18.14 -31.72
C ILE G 30 30.25 18.65 -31.07
N PHE G 31 29.51 19.52 -31.76
CA PHE G 31 28.25 20.04 -31.23
C PHE G 31 27.26 18.92 -30.97
N ARG G 32 27.12 18.00 -31.92
CA ARG G 32 26.20 16.88 -31.74
C ARG G 32 26.64 15.99 -30.60
N ILE G 33 27.94 15.72 -30.48
CA ILE G 33 28.45 14.91 -29.38
C ILE G 33 28.13 15.55 -28.04
N MET G 34 28.37 16.86 -27.93
CA MET G 34 28.13 17.54 -26.67
C MET G 34 26.65 17.58 -26.32
N VAL G 35 25.79 17.86 -27.29
CA VAL G 35 24.35 17.88 -27.01
C VAL G 35 23.87 16.49 -26.60
N LEU G 36 24.35 15.45 -27.29
CA LEU G 36 23.96 14.09 -26.94
C LEU G 36 24.43 13.72 -25.55
N VAL G 37 25.64 14.16 -25.17
CA VAL G 37 26.14 13.87 -23.84
C VAL G 37 25.31 14.58 -22.77
N VAL G 38 24.97 15.86 -23.00
CA VAL G 38 24.23 16.61 -21.99
C VAL G 38 22.75 16.31 -21.97
N ALA G 39 22.23 15.58 -22.96
CA ALA G 39 20.82 15.21 -22.97
C ALA G 39 20.56 13.71 -22.91
N ALA G 40 21.60 12.87 -22.89
CA ALA G 40 21.38 11.43 -22.97
C ALA G 40 20.83 10.88 -21.66
N GLU G 41 21.40 11.28 -20.53
CA GLU G 41 21.02 10.71 -19.25
C GLU G 41 20.15 11.63 -18.41
N SER G 42 20.24 12.94 -18.61
CA SER G 42 19.44 13.86 -17.80
C SER G 42 17.99 13.91 -18.27
N VAL G 43 17.76 13.93 -19.58
CA VAL G 43 16.43 14.07 -20.12
C VAL G 43 15.80 12.71 -20.35
N TRP G 44 16.46 11.87 -21.13
CA TRP G 44 15.96 10.54 -21.46
C TRP G 44 16.34 9.49 -20.44
N GLY G 45 16.83 9.89 -19.27
CA GLY G 45 17.22 8.93 -18.26
C GLY G 45 16.04 8.15 -17.70
N ASP G 46 14.93 8.83 -17.43
CA ASP G 46 13.76 8.21 -16.83
C ASP G 46 12.58 8.22 -17.80
N GLU G 47 12.85 7.92 -19.06
CA GLU G 47 11.77 7.83 -20.04
C GLU G 47 10.91 6.60 -19.82
N LYS G 48 11.45 5.57 -19.17
CA LYS G 48 10.72 4.33 -18.96
C LYS G 48 10.02 4.32 -17.61
N SER G 49 10.73 4.74 -16.56
CA SER G 49 10.17 4.70 -15.21
C SER G 49 9.15 5.80 -14.97
N SER G 50 9.38 7.02 -15.48
CA SER G 50 8.42 8.10 -15.26
C SER G 50 7.22 7.96 -16.19
N PHE G 51 7.29 7.05 -17.15
CA PHE G 51 6.21 6.81 -18.08
C PHE G 51 5.18 5.88 -17.44
N ILE G 52 3.96 6.39 -17.26
CA ILE G 52 2.90 5.65 -16.58
C ILE G 52 1.62 5.75 -17.40
N CYS G 53 0.80 4.71 -17.30
CA CYS G 53 -0.51 4.73 -17.91
C CYS G 53 -1.60 4.86 -16.84
N ASN G 54 -2.83 5.10 -17.30
CA ASN G 54 -3.97 5.29 -16.43
C ASN G 54 -4.78 4.01 -16.22
N THR G 55 -4.15 2.84 -16.34
CA THR G 55 -4.85 1.59 -16.14
C THR G 55 -4.36 0.89 -14.87
N LEU G 56 -5.00 -0.23 -14.55
CA LEU G 56 -4.63 -1.05 -13.40
C LEU G 56 -4.10 -2.41 -13.80
N GLN G 57 -4.14 -2.76 -15.08
CA GLN G 57 -3.66 -4.06 -15.54
C GLN G 57 -2.14 -4.12 -15.42
N PRO G 58 -1.59 -5.19 -14.86
CA PRO G 58 -0.13 -5.34 -14.85
C PRO G 58 0.43 -5.51 -16.25
N GLY G 59 1.62 -4.95 -16.45
CA GLY G 59 2.32 -5.11 -17.72
C GLY G 59 1.86 -4.21 -18.84
N CYS G 60 0.89 -3.33 -18.60
CA CYS G 60 0.43 -2.44 -19.66
C CYS G 60 1.43 -1.31 -19.90
N ASN G 61 2.13 -0.87 -18.86
CA ASN G 61 3.10 0.22 -19.02
C ASN G 61 4.20 -0.17 -19.99
N SER G 62 4.77 -1.37 -19.82
CA SER G 62 5.89 -1.78 -20.66
C SER G 62 5.47 -1.95 -22.12
N VAL G 63 4.33 -2.61 -22.36
CA VAL G 63 3.90 -2.81 -23.73
C VAL G 63 3.53 -1.49 -24.38
N CYS G 64 2.93 -0.57 -23.63
CA CYS G 64 2.61 0.74 -24.19
C CYS G 64 3.88 1.52 -24.53
N TYR G 65 4.87 1.50 -23.63
CA TYR G 65 6.11 2.21 -23.91
C TYR G 65 6.80 1.64 -25.14
N ASP G 66 6.85 0.30 -25.25
CA ASP G 66 7.48 -0.29 -26.43
C ASP G 66 6.67 0.00 -27.69
N GLN G 67 5.36 0.12 -27.57
CA GLN G 67 4.53 0.43 -28.72
C GLN G 67 4.79 1.84 -29.23
N PHE G 68 4.93 2.80 -28.33
CA PHE G 68 5.06 4.20 -28.75
C PHE G 68 6.50 4.65 -28.90
N PHE G 69 7.46 3.93 -28.35
CA PHE G 69 8.88 4.27 -28.45
C PHE G 69 9.65 3.02 -28.86
N PRO G 70 9.58 2.64 -30.14
CA PRO G 70 10.32 1.44 -30.56
C PRO G 70 11.80 1.52 -30.28
N ILE G 71 12.39 2.68 -30.47
CA ILE G 71 13.78 2.94 -30.09
C ILE G 71 13.90 4.42 -29.73
N SER G 72 14.36 4.70 -28.52
CA SER G 72 14.33 6.06 -28.00
C SER G 72 15.19 6.98 -28.86
N HIS G 73 14.93 8.29 -28.72
CA HIS G 73 15.60 9.27 -29.56
C HIS G 73 17.11 9.26 -29.33
N VAL G 74 17.54 9.13 -28.07
CA VAL G 74 18.96 9.21 -27.76
C VAL G 74 19.72 8.04 -28.38
N ARG G 75 19.17 6.83 -28.28
CA ARG G 75 19.82 5.68 -28.87
C ARG G 75 19.84 5.77 -30.39
N LEU G 76 18.75 6.29 -30.98
CA LEU G 76 18.71 6.47 -32.42
C LEU G 76 19.78 7.46 -32.87
N TRP G 77 19.94 8.56 -32.14
CA TRP G 77 20.96 9.55 -32.49
C TRP G 77 22.36 9.01 -32.24
N SER G 78 22.54 8.19 -31.21
CA SER G 78 23.84 7.57 -30.98
C SER G 78 24.21 6.64 -32.13
N LEU G 79 23.27 5.82 -32.58
CA LEU G 79 23.52 4.95 -33.72
C LEU G 79 23.81 5.76 -34.97
N GLN G 80 23.06 6.84 -35.18
CA GLN G 80 23.31 7.71 -36.32
C GLN G 80 24.71 8.30 -36.27
N LEU G 81 25.13 8.75 -35.09
CA LEU G 81 26.45 9.34 -34.95
C LEU G 81 27.54 8.31 -35.21
N ILE G 82 27.37 7.09 -34.69
CA ILE G 82 28.37 6.05 -34.90
C ILE G 82 28.48 5.70 -36.37
N LEU G 83 27.34 5.51 -37.05
CA LEU G 83 27.37 5.13 -38.45
C LEU G 83 27.86 6.27 -39.34
N VAL G 84 27.57 7.50 -38.97
CA VAL G 84 28.07 8.64 -39.73
C VAL G 84 29.58 8.79 -39.56
N SER G 85 30.08 8.53 -38.35
CA SER G 85 31.51 8.64 -38.10
C SER G 85 32.31 7.44 -38.59
N THR G 86 31.64 6.32 -38.90
CA THR G 86 32.36 5.14 -39.39
C THR G 86 33.15 5.40 -40.67
N PRO G 87 32.60 6.01 -41.73
CA PRO G 87 33.42 6.24 -42.93
C PRO G 87 34.61 7.16 -42.70
N ALA G 88 34.48 8.17 -41.83
CA ALA G 88 35.63 9.00 -41.51
C ALA G 88 36.73 8.20 -40.82
N LEU G 89 36.33 7.32 -39.89
CA LEU G 89 37.29 6.44 -39.25
C LEU G 89 37.95 5.51 -40.27
N LEU G 90 37.17 5.00 -41.22
CA LEU G 90 37.73 4.13 -42.25
C LEU G 90 38.76 4.88 -43.10
N VAL G 91 38.46 6.13 -43.46
CA VAL G 91 39.41 6.89 -44.26
C VAL G 91 40.67 7.19 -43.46
N ALA G 92 40.52 7.51 -42.18
CA ALA G 92 41.68 7.76 -41.34
C ALA G 92 42.55 6.52 -41.22
N MET G 93 41.93 5.35 -41.02
CA MET G 93 42.70 4.11 -40.97
C MET G 93 43.35 3.80 -42.30
N HIS G 94 42.67 4.10 -43.40
CA HIS G 94 43.24 3.86 -44.73
C HIS G 94 44.48 4.72 -44.96
N VAL G 95 44.40 6.01 -44.61
CA VAL G 95 45.54 6.88 -44.84
C VAL G 95 46.69 6.52 -43.90
N ALA G 96 46.39 6.15 -42.66
CA ALA G 96 47.43 5.70 -41.75
C ALA G 96 48.10 4.43 -42.27
N HIS G 97 47.31 3.48 -42.78
CA HIS G 97 47.86 2.26 -43.32
C HIS G 97 48.71 2.54 -44.56
N GLN G 98 48.28 3.48 -45.39
CA GLN G 98 49.07 3.84 -46.57
C GLN G 98 50.39 4.46 -46.17
N GLN G 99 50.38 5.33 -45.16
CA GLN G 99 51.64 5.90 -44.67
C GLN G 99 52.54 4.83 -44.11
N HIS G 100 51.98 3.87 -43.37
CA HIS G 100 52.79 2.78 -42.83
C HIS G 100 53.39 1.92 -43.93
N ILE G 101 52.59 1.59 -44.95
CA ILE G 101 53.05 0.69 -46.00
C ILE G 101 54.07 1.38 -46.90
N GLU G 102 53.96 2.70 -47.07
CA GLU G 102 55.00 3.42 -47.80
C GLU G 102 56.21 3.72 -46.94
N LYS G 103 56.08 3.62 -45.61
CA LYS G 103 57.23 3.83 -44.74
C LYS G 103 58.18 2.64 -44.76
N LYS G 104 57.66 1.44 -45.00
CA LYS G 104 58.49 0.23 -45.00
C LYS G 104 59.19 0.00 -46.34
N MET G 105 58.94 0.82 -47.35
CA MET G 105 59.61 0.67 -48.64
C MET G 105 59.95 2.03 -49.24
N ILE G 127 48.56 6.82 -56.05
CA ILE G 127 48.29 6.81 -54.62
C ILE G 127 47.38 7.97 -54.26
N SER G 128 47.55 9.10 -54.95
CA SER G 128 46.69 10.24 -54.72
C SER G 128 45.28 9.99 -55.26
N GLY G 129 45.17 9.38 -56.44
CA GLY G 129 43.87 9.15 -57.04
C GLY G 129 43.01 8.20 -56.23
N THR G 130 43.59 7.11 -55.75
CA THR G 130 42.83 6.15 -54.96
C THR G 130 42.37 6.76 -53.64
N LEU G 131 43.22 7.58 -53.02
CA LEU G 131 42.81 8.26 -51.79
C LEU G 131 41.69 9.26 -52.07
N TRP G 132 41.78 9.97 -53.19
CA TRP G 132 40.72 10.91 -53.55
C TRP G 132 39.39 10.19 -53.76
N TRP G 133 39.42 9.07 -54.48
CA TRP G 133 38.20 8.30 -54.69
C TRP G 133 37.67 7.74 -53.38
N THR G 134 38.55 7.27 -52.51
CA THR G 134 38.12 6.76 -51.21
C THR G 134 37.45 7.85 -50.39
N TYR G 135 38.01 9.06 -50.40
CA TYR G 135 37.40 10.16 -49.65
C TYR G 135 36.05 10.53 -50.23
N VAL G 136 35.94 10.57 -51.57
CA VAL G 136 34.65 10.91 -52.18
C VAL G 136 33.59 9.87 -51.83
N ILE G 137 33.96 8.59 -51.91
CA ILE G 137 33.02 7.52 -51.57
C ILE G 137 32.64 7.62 -50.09
N SER G 138 33.60 7.97 -49.24
CA SER G 138 33.30 8.12 -47.81
C SER G 138 32.31 9.24 -47.57
N VAL G 139 32.48 10.38 -48.24
CA VAL G 139 31.54 11.48 -48.06
C VAL G 139 30.16 11.09 -48.58
N VAL G 140 30.11 10.37 -49.70
CA VAL G 140 28.83 9.92 -50.23
C VAL G 140 28.13 8.99 -49.24
N PHE G 141 28.88 8.06 -48.65
CA PHE G 141 28.28 7.14 -47.69
C PHE G 141 27.84 7.86 -46.42
N ARG G 142 28.61 8.86 -45.98
CA ARG G 142 28.20 9.65 -44.82
C ARG G 142 26.88 10.37 -45.10
N LEU G 143 26.76 10.98 -46.28
CA LEU G 143 25.52 11.62 -46.67
C LEU G 143 24.36 10.63 -46.72
N LEU G 144 24.63 9.44 -47.27
CA LEU G 144 23.59 8.42 -47.36
C LEU G 144 23.12 7.98 -45.98
N PHE G 145 24.05 7.79 -45.04
CA PHE G 145 23.68 7.40 -43.68
C PHE G 145 22.89 8.50 -43.00
N GLU G 146 23.29 9.76 -43.18
CA GLU G 146 22.54 10.87 -42.62
C GLU G 146 21.11 10.88 -43.15
N ALA G 147 20.94 10.74 -44.45
CA ALA G 147 19.60 10.75 -45.04
C ALA G 147 18.78 9.56 -44.56
N VAL G 148 19.40 8.38 -44.48
CA VAL G 148 18.68 7.19 -44.04
C VAL G 148 18.19 7.34 -42.62
N PHE G 149 19.04 7.86 -41.73
CA PHE G 149 18.62 8.00 -40.34
C PHE G 149 17.57 9.09 -40.19
N MET G 150 17.67 10.17 -40.97
CA MET G 150 16.63 11.19 -40.92
C MET G 150 15.30 10.62 -41.39
N TYR G 151 15.32 9.81 -42.45
CA TYR G 151 14.08 9.20 -42.94
C TYR G 151 13.52 8.21 -41.92
N VAL G 152 14.38 7.46 -41.26
CA VAL G 152 13.92 6.53 -40.22
C VAL G 152 13.28 7.29 -39.06
N PHE G 153 13.90 8.41 -38.67
CA PHE G 153 13.30 9.23 -37.62
C PHE G 153 11.95 9.76 -38.05
N TYR G 154 11.82 10.17 -39.31
CA TYR G 154 10.52 10.62 -39.81
C TYR G 154 9.49 9.50 -39.77
N LEU G 155 9.90 8.28 -40.14
CA LEU G 155 8.97 7.15 -40.14
C LEU G 155 8.50 6.82 -38.73
N LEU G 156 9.42 6.72 -37.78
CA LEU G 156 9.06 6.29 -36.43
C LEU G 156 8.30 7.36 -35.69
N TYR G 157 8.75 8.61 -35.78
CA TYR G 157 8.18 9.72 -35.01
C TYR G 157 7.80 10.84 -35.97
N PRO G 158 6.66 10.76 -36.63
CA PRO G 158 6.23 11.85 -37.50
C PRO G 158 6.07 13.14 -36.70
N GLY G 159 6.55 14.23 -37.28
CA GLY G 159 6.55 15.51 -36.60
C GLY G 159 7.74 15.67 -35.67
N TYR G 160 8.04 16.93 -35.35
CA TYR G 160 9.15 17.26 -34.48
C TYR G 160 8.75 17.37 -33.02
N ALA G 161 7.46 17.22 -32.70
CA ALA G 161 6.96 17.49 -31.36
C ALA G 161 6.38 16.22 -30.75
N MET G 162 6.45 16.15 -29.42
CA MET G 162 5.92 15.05 -28.66
C MET G 162 4.73 15.52 -27.84
N VAL G 163 3.80 14.61 -27.58
CA VAL G 163 2.55 14.92 -26.90
C VAL G 163 2.54 14.25 -25.54
N ARG G 164 1.82 14.87 -24.60
CA ARG G 164 1.74 14.33 -23.25
C ARG G 164 0.87 13.08 -23.20
N LEU G 165 -0.29 13.12 -23.85
CA LEU G 165 -1.22 12.01 -23.85
C LEU G 165 -0.98 11.12 -25.07
N VAL G 166 -0.93 9.81 -24.85
CA VAL G 166 -0.91 8.85 -25.93
C VAL G 166 -1.97 7.78 -25.64
N LYS G 167 -2.83 7.51 -26.62
CA LYS G 167 -3.88 6.52 -26.49
C LYS G 167 -3.36 5.19 -27.03
N CYS G 168 -3.28 4.19 -26.16
CA CYS G 168 -2.70 2.90 -26.53
C CYS G 168 -3.75 1.80 -26.40
N ASP G 169 -3.89 1.00 -27.45
CA ASP G 169 -4.80 -0.14 -27.46
C ASP G 169 -4.02 -1.35 -27.96
N VAL G 170 -3.30 -2.01 -27.05
CA VAL G 170 -2.50 -3.17 -27.39
C VAL G 170 -2.54 -4.13 -26.21
N TYR G 171 -2.51 -5.42 -26.52
CA TYR G 171 -2.59 -6.43 -25.48
C TYR G 171 -1.42 -6.29 -24.52
N PRO G 172 -1.63 -6.45 -23.20
CA PRO G 172 -2.86 -6.82 -22.51
C PRO G 172 -3.73 -5.65 -22.07
N CYS G 173 -3.42 -4.42 -22.46
CA CYS G 173 -4.19 -3.27 -22.02
C CYS G 173 -5.63 -3.38 -22.52
N PRO G 174 -6.62 -3.28 -21.64
CA PRO G 174 -8.01 -3.41 -22.09
C PRO G 174 -8.50 -2.12 -22.75
N ASN G 175 -9.10 -2.27 -23.93
CA ASN G 175 -9.66 -1.15 -24.69
C ASN G 175 -8.53 -0.16 -24.97
N THR G 176 -8.72 1.13 -24.72
CA THR G 176 -7.70 2.14 -24.97
C THR G 176 -7.37 2.83 -23.66
N VAL G 177 -6.08 2.91 -23.35
CA VAL G 177 -5.61 3.49 -22.10
C VAL G 177 -4.81 4.75 -22.41
N ASP G 178 -4.74 5.64 -21.41
CA ASP G 178 -4.07 6.93 -21.54
C ASP G 178 -2.70 6.82 -20.87
N CYS G 179 -1.66 6.78 -21.67
CA CYS G 179 -0.30 6.83 -21.15
C CYS G 179 0.23 8.25 -21.24
N PHE G 180 1.11 8.60 -20.30
CA PHE G 180 1.63 9.96 -20.16
C PHE G 180 3.14 9.95 -20.36
N VAL G 181 3.60 10.64 -21.40
CA VAL G 181 5.03 10.76 -21.65
C VAL G 181 5.64 11.72 -20.64
N SER G 182 6.94 11.57 -20.39
CA SER G 182 7.66 12.40 -19.45
C SER G 182 8.52 13.42 -20.20
N ARG G 183 8.42 14.68 -19.80
CA ARG G 183 9.14 15.79 -20.42
C ARG G 183 9.00 15.84 -21.94
N PRO G 184 7.77 15.96 -22.47
CA PRO G 184 7.64 16.12 -23.92
C PRO G 184 8.26 17.38 -24.47
N THR G 185 8.22 18.49 -23.73
CA THR G 185 8.71 19.76 -24.29
C THR G 185 10.23 19.80 -24.35
N GLU G 186 10.90 19.33 -23.30
CA GLU G 186 12.36 19.29 -23.34
C GLU G 186 12.86 18.35 -24.43
N LYS G 187 12.22 17.20 -24.58
CA LYS G 187 12.57 16.27 -25.64
C LYS G 187 12.30 16.89 -27.00
N THR G 188 11.23 17.67 -27.13
CA THR G 188 10.97 18.38 -28.38
C THR G 188 12.09 19.37 -28.70
N VAL G 189 12.55 20.11 -27.69
CA VAL G 189 13.61 21.09 -27.90
C VAL G 189 14.89 20.38 -28.38
N PHE G 190 15.25 19.29 -27.71
CA PHE G 190 16.47 18.59 -28.10
C PHE G 190 16.31 17.89 -29.44
N THR G 191 15.11 17.42 -29.77
CA THR G 191 14.86 16.87 -31.10
C THR G 191 15.06 17.95 -32.16
N VAL G 192 14.57 19.15 -31.92
CA VAL G 192 14.78 20.24 -32.87
C VAL G 192 16.26 20.52 -33.05
N PHE G 193 17.00 20.58 -31.94
CA PHE G 193 18.44 20.82 -32.04
C PHE G 193 19.15 19.74 -32.85
N MET G 194 18.86 18.47 -32.55
CA MET G 194 19.56 17.38 -33.22
C MET G 194 19.17 17.30 -34.70
N LEU G 195 17.89 17.53 -35.02
CA LEU G 195 17.47 17.51 -36.41
C LEU G 195 18.09 18.66 -37.20
N ALA G 196 18.19 19.84 -36.58
CA ALA G 196 18.86 20.95 -37.25
C ALA G 196 20.32 20.64 -37.50
N ALA G 197 21.00 20.03 -36.52
CA ALA G 197 22.40 19.65 -36.72
C ALA G 197 22.55 18.63 -37.84
N SER G 198 21.64 17.65 -37.88
CA SER G 198 21.69 16.65 -38.94
C SER G 198 21.45 17.27 -40.31
N GLY G 199 20.51 18.20 -40.41
CA GLY G 199 20.29 18.89 -41.67
C GLY G 199 21.49 19.70 -42.11
N ILE G 200 22.15 20.37 -41.16
CA ILE G 200 23.37 21.11 -41.48
C ILE G 200 24.45 20.15 -41.98
N CYS G 201 24.56 18.98 -41.34
CA CYS G 201 25.54 17.98 -41.80
C CYS G 201 25.23 17.53 -43.22
N ILE G 202 23.95 17.30 -43.53
CA ILE G 202 23.58 16.87 -44.88
C ILE G 202 23.95 17.94 -45.90
N ILE G 203 23.63 19.21 -45.58
CA ILE G 203 23.93 20.30 -46.50
C ILE G 203 25.44 20.42 -46.72
N LEU G 204 26.21 20.32 -45.63
CA LEU G 204 27.66 20.43 -45.76
C LEU G 204 28.25 19.27 -46.57
N ASN G 205 27.73 18.06 -46.37
CA ASN G 205 28.21 16.92 -47.15
C ASN G 205 27.91 17.09 -48.64
N VAL G 206 26.70 17.54 -48.96
CA VAL G 206 26.36 17.78 -50.36
C VAL G 206 27.27 18.86 -50.96
N ALA G 207 27.51 19.94 -50.21
CA ALA G 207 28.38 20.99 -50.69
C ALA G 207 29.80 20.47 -50.90
N GLU G 208 30.29 19.63 -49.99
CA GLU G 208 31.63 19.07 -50.15
C GLU G 208 31.73 18.19 -51.39
N VAL G 209 30.72 17.35 -51.62
CA VAL G 209 30.73 16.50 -52.82
C VAL G 209 30.73 17.36 -54.07
N VAL G 210 29.88 18.38 -54.11
CA VAL G 210 29.78 19.24 -55.28
C VAL G 210 31.10 19.97 -55.51
N TYR G 211 31.71 20.49 -54.44
CA TYR G 211 32.97 21.21 -54.58
C TYR G 211 34.08 20.30 -55.08
N LEU G 212 34.16 19.07 -54.56
CA LEU G 212 35.17 18.14 -55.04
C LEU G 212 34.96 17.81 -56.51
N ILE G 213 33.71 17.58 -56.92
CA ILE G 213 33.44 17.27 -58.32
C ILE G 213 33.83 18.45 -59.21
N ILE G 214 33.49 19.66 -58.78
CA ILE G 214 33.81 20.85 -59.57
C ILE G 214 35.32 21.01 -59.70
N ARG G 215 36.05 20.86 -58.59
CA ARG G 215 37.50 21.02 -58.64
C ARG G 215 38.17 19.93 -59.46
N ALA G 216 37.61 18.72 -59.46
CA ALA G 216 38.16 17.65 -60.28
C ALA G 216 38.07 17.99 -61.76
N CYS G 217 36.96 18.57 -62.20
CA CYS G 217 36.79 18.96 -63.59
C CYS G 217 37.15 20.42 -63.81
N MET H 1 -49.93 -6.69 27.14
CA MET H 1 -48.72 -6.50 27.91
C MET H 1 -48.94 -5.48 29.02
N ASN H 2 -49.55 -5.94 30.11
CA ASN H 2 -49.87 -5.08 31.23
C ASN H 2 -48.78 -5.13 32.29
N TRP H 3 -48.90 -4.26 33.29
CA TRP H 3 -47.91 -4.20 34.36
C TRP H 3 -48.02 -5.39 35.30
N THR H 4 -49.23 -5.88 35.55
CA THR H 4 -49.39 -7.02 36.45
C THR H 4 -48.70 -8.27 35.88
N GLY H 5 -48.82 -8.48 34.56
CA GLY H 5 -48.17 -9.62 33.95
C GLY H 5 -46.65 -9.55 34.04
N LEU H 6 -46.08 -8.38 33.74
CA LEU H 6 -44.63 -8.21 33.83
C LEU H 6 -44.15 -8.38 35.27
N TYR H 7 -44.89 -7.81 36.23
CA TYR H 7 -44.51 -7.95 37.63
C TYR H 7 -44.57 -9.39 38.08
N THR H 8 -45.60 -10.13 37.66
CA THR H 8 -45.70 -11.55 38.02
C THR H 8 -44.56 -12.35 37.38
N LEU H 9 -44.23 -12.03 36.12
CA LEU H 9 -43.13 -12.73 35.46
C LEU H 9 -41.80 -12.48 36.17
N LEU H 10 -41.55 -11.23 36.57
CA LEU H 10 -40.29 -10.93 37.21
C LEU H 10 -40.24 -11.45 38.64
N SER H 11 -41.38 -11.52 39.33
CA SER H 11 -41.39 -11.96 40.71
C SER H 11 -41.06 -13.44 40.84
N GLY H 12 -41.48 -14.24 39.87
CA GLY H 12 -41.34 -15.68 39.96
C GLY H 12 -42.44 -16.39 40.71
N VAL H 13 -43.48 -15.67 41.13
CA VAL H 13 -44.65 -16.16 41.85
C VAL H 13 -44.25 -17.19 42.90
N ASN H 14 -43.21 -16.90 43.67
CA ASN H 14 -42.74 -17.80 44.71
C ASN H 14 -43.38 -17.54 46.06
N ARG H 15 -44.20 -16.48 46.19
CA ARG H 15 -44.96 -16.14 47.39
C ARG H 15 -44.11 -16.14 48.66
N HIS H 16 -42.80 -15.94 48.54
CA HIS H 16 -41.93 -15.87 49.69
C HIS H 16 -40.95 -14.71 49.64
N SER H 17 -40.90 -13.96 48.54
CA SER H 17 -39.98 -12.84 48.38
C SER H 17 -40.64 -11.56 48.86
N THR H 18 -39.88 -10.76 49.61
CA THR H 18 -40.39 -9.50 50.13
C THR H 18 -40.25 -8.40 49.08
N ALA H 19 -40.50 -7.16 49.49
CA ALA H 19 -40.45 -6.05 48.56
C ALA H 19 -39.03 -5.79 48.06
N ILE H 20 -38.02 -6.07 48.88
CA ILE H 20 -36.65 -5.79 48.49
C ILE H 20 -36.07 -6.84 47.55
N GLY H 21 -36.86 -7.84 47.16
CA GLY H 21 -36.40 -8.82 46.20
C GLY H 21 -37.39 -9.00 45.08
N ARG H 22 -38.57 -8.39 45.23
CA ARG H 22 -39.63 -8.45 44.24
C ARG H 22 -39.90 -7.12 43.55
N VAL H 23 -39.55 -6.01 44.19
CA VAL H 23 -39.70 -4.70 43.59
C VAL H 23 -38.35 -4.09 43.20
N TRP H 24 -37.30 -4.32 43.98
CA TRP H 24 -36.02 -3.66 43.76
C TRP H 24 -35.04 -4.51 42.97
N LEU H 25 -34.92 -5.81 43.29
CA LEU H 25 -33.99 -6.66 42.56
C LEU H 25 -34.37 -6.78 41.09
N SER H 26 -35.67 -6.87 40.79
CA SER H 26 -36.11 -6.94 39.41
C SER H 26 -35.77 -5.66 38.65
N VAL H 27 -35.92 -4.50 39.31
CA VAL H 27 -35.59 -3.24 38.68
C VAL H 27 -34.10 -3.15 38.38
N ILE H 28 -33.26 -3.60 39.33
CA ILE H 28 -31.82 -3.56 39.09
C ILE H 28 -31.44 -4.54 37.97
N PHE H 29 -32.11 -5.68 37.92
CA PHE H 29 -31.86 -6.63 36.83
C PHE H 29 -32.22 -6.02 35.48
N ILE H 30 -33.37 -5.33 35.40
CA ILE H 30 -33.76 -4.66 34.16
C ILE H 30 -32.75 -3.58 33.80
N PHE H 31 -32.29 -2.83 34.80
CA PHE H 31 -31.29 -1.79 34.55
C PHE H 31 -30.01 -2.39 33.98
N ARG H 32 -29.54 -3.49 34.57
CA ARG H 32 -28.33 -4.13 34.06
C ARG H 32 -28.53 -4.66 32.65
N ILE H 33 -29.68 -5.26 32.38
CA ILE H 33 -29.97 -5.77 31.04
C ILE H 33 -29.94 -4.63 30.03
N MET H 34 -30.58 -3.50 30.36
CA MET H 34 -30.64 -2.39 29.43
C MET H 34 -29.27 -1.78 29.19
N VAL H 35 -28.48 -1.60 30.25
CA VAL H 35 -27.14 -1.04 30.08
C VAL H 35 -26.28 -1.97 29.25
N LEU H 36 -26.37 -3.29 29.51
CA LEU H 36 -25.59 -4.24 28.74
C LEU H 36 -26.01 -4.24 27.28
N VAL H 37 -27.30 -4.09 27.01
CA VAL H 37 -27.76 -4.05 25.63
C VAL H 37 -27.26 -2.80 24.92
N VAL H 38 -27.33 -1.65 25.59
CA VAL H 38 -26.92 -0.39 24.94
C VAL H 38 -25.41 -0.20 24.91
N ALA H 39 -24.64 -1.02 25.62
CA ALA H 39 -23.19 -0.91 25.58
C ALA H 39 -22.49 -2.14 25.02
N ALA H 40 -23.21 -3.20 24.65
CA ALA H 40 -22.57 -4.44 24.25
C ALA H 40 -21.93 -4.31 22.87
N GLU H 41 -22.66 -3.73 21.91
CA GLU H 41 -22.18 -3.69 20.53
C GLU H 41 -21.71 -2.32 20.10
N SER H 42 -22.17 -1.25 20.74
CA SER H 42 -21.76 0.09 20.33
C SER H 42 -20.37 0.43 20.87
N VAL H 43 -20.09 0.07 22.12
CA VAL H 43 -18.83 0.43 22.76
C VAL H 43 -17.79 -0.66 22.53
N TRP H 44 -18.12 -1.89 22.94
CA TRP H 44 -17.21 -3.01 22.83
C TRP H 44 -17.31 -3.71 21.49
N GLY H 45 -17.97 -3.10 20.50
CA GLY H 45 -18.10 -3.73 19.20
C GLY H 45 -16.77 -3.88 18.48
N ASP H 46 -15.95 -2.83 18.52
CA ASP H 46 -14.68 -2.79 17.80
C ASP H 46 -13.50 -2.76 18.77
N GLU H 47 -13.59 -3.55 19.84
CA GLU H 47 -12.49 -3.61 20.79
C GLU H 47 -11.30 -4.36 20.21
N LYS H 48 -11.53 -5.24 19.24
CA LYS H 48 -10.46 -6.04 18.66
C LYS H 48 -9.86 -5.37 17.44
N SER H 49 -10.71 -4.84 16.56
CA SER H 49 -10.24 -4.23 15.33
C SER H 49 -9.62 -2.86 15.54
N SER H 50 -10.20 -2.01 16.39
CA SER H 50 -9.64 -0.69 16.61
C SER H 50 -8.38 -0.76 17.48
N PHE H 51 -8.16 -1.90 18.12
CA PHE H 51 -6.99 -2.12 18.96
C PHE H 51 -5.77 -2.40 18.08
N ILE H 52 -4.78 -1.51 18.16
CA ILE H 52 -3.58 -1.61 17.33
C ILE H 52 -2.36 -1.39 18.20
N CYS H 53 -1.26 -2.02 17.80
CA CYS H 53 0.02 -1.81 18.44
C CYS H 53 0.93 -0.97 17.55
N ASN H 54 2.07 -0.57 18.12
CA ASN H 54 3.05 0.26 17.43
C ASN H 54 4.18 -0.53 16.82
N THR H 55 3.98 -1.82 16.55
CA THR H 55 5.03 -2.64 15.97
C THR H 55 4.70 -2.96 14.52
N LEU H 56 5.64 -3.64 13.85
CA LEU H 56 5.47 -4.09 12.48
C LEU H 56 5.42 -5.60 12.35
N GLN H 57 5.61 -6.33 13.45
CA GLN H 57 5.59 -7.78 13.41
C GLN H 57 4.18 -8.28 13.18
N PRO H 58 3.96 -9.21 12.25
CA PRO H 58 2.63 -9.79 12.09
C PRO H 58 2.23 -10.61 13.31
N GLY H 59 0.94 -10.54 13.63
CA GLY H 59 0.39 -11.34 14.71
C GLY H 59 0.60 -10.79 16.10
N CYS H 60 1.25 -9.62 16.24
CA CYS H 60 1.46 -9.06 17.56
C CYS H 60 0.18 -8.45 18.12
N ASN H 61 -0.69 -7.92 17.26
CA ASN H 61 -1.93 -7.32 17.73
C ASN H 61 -2.81 -8.34 18.45
N SER H 62 -2.97 -9.52 17.85
CA SER H 62 -3.86 -10.52 18.44
C SER H 62 -3.33 -11.04 19.76
N VAL H 63 -2.03 -11.34 19.83
CA VAL H 63 -1.47 -11.85 21.07
C VAL H 63 -1.50 -10.79 22.16
N CYS H 64 -1.25 -9.52 21.80
CA CYS H 64 -1.34 -8.46 22.79
C CYS H 64 -2.77 -8.29 23.31
N TYR H 65 -3.75 -8.30 22.40
CA TYR H 65 -5.14 -8.17 22.83
C TYR H 65 -5.54 -9.31 23.75
N ASP H 66 -5.16 -10.54 23.40
CA ASP H 66 -5.50 -11.67 24.26
C ASP H 66 -4.76 -11.60 25.59
N GLN H 67 -3.55 -11.02 25.58
CA GLN H 67 -2.80 -10.90 26.82
C GLN H 67 -3.45 -9.90 27.77
N PHE H 68 -3.95 -8.78 27.25
CA PHE H 68 -4.48 -7.74 28.11
C PHE H 68 -5.98 -7.84 28.33
N PHE H 69 -6.70 -8.57 27.50
CA PHE H 69 -8.14 -8.74 27.64
C PHE H 69 -8.46 -10.23 27.54
N PRO H 70 -8.21 -10.99 28.62
CA PRO H 70 -8.51 -12.42 28.56
C PRO H 70 -9.95 -12.72 28.23
N ILE H 71 -10.88 -11.93 28.78
CA ILE H 71 -12.30 -12.01 28.42
C ILE H 71 -12.88 -10.62 28.60
N SER H 72 -13.49 -10.10 27.52
CA SER H 72 -13.92 -8.72 27.51
C SER H 72 -14.97 -8.46 28.57
N HIS H 73 -15.13 -7.18 28.93
CA HIS H 73 -16.03 -6.81 30.01
C HIS H 73 -17.47 -7.21 29.71
N VAL H 74 -17.91 -7.01 28.46
CA VAL H 74 -19.30 -7.29 28.12
C VAL H 74 -19.61 -8.77 28.24
N ARG H 75 -18.71 -9.63 27.76
CA ARG H 75 -18.94 -11.06 27.89
C ARG H 75 -18.90 -11.51 29.34
N LEU H 76 -18.00 -10.92 30.13
CA LEU H 76 -17.94 -11.25 31.55
C LEU H 76 -19.23 -10.86 32.25
N TRP H 77 -19.76 -9.68 31.94
CA TRP H 77 -21.02 -9.24 32.54
C TRP H 77 -22.20 -10.07 32.06
N SER H 78 -22.17 -10.51 30.79
CA SER H 78 -23.22 -11.38 30.29
C SER H 78 -23.21 -12.71 31.02
N LEU H 79 -22.04 -13.30 31.22
CA LEU H 79 -21.95 -14.55 31.97
C LEU H 79 -22.40 -14.34 33.40
N GLN H 80 -22.01 -13.22 34.01
CA GLN H 80 -22.46 -12.92 35.37
C GLN H 80 -23.97 -12.82 35.44
N LEU H 81 -24.58 -12.14 34.46
CA LEU H 81 -26.03 -11.99 34.45
C LEU H 81 -26.72 -13.33 34.29
N ILE H 82 -26.21 -14.18 33.39
CA ILE H 82 -26.82 -15.49 33.17
C ILE H 82 -26.73 -16.34 34.44
N LEU H 83 -25.55 -16.37 35.06
CA LEU H 83 -25.39 -17.21 36.25
C LEU H 83 -26.15 -16.66 37.44
N VAL H 84 -26.29 -15.34 37.54
CA VAL H 84 -27.08 -14.75 38.62
C VAL H 84 -28.56 -15.04 38.41
N SER H 85 -29.02 -15.01 37.17
CA SER H 85 -30.43 -15.27 36.88
C SER H 85 -30.78 -16.75 36.90
N THR H 86 -29.78 -17.63 36.84
CA THR H 86 -30.06 -19.07 36.85
C THR H 86 -30.82 -19.53 38.10
N PRO H 87 -30.42 -19.18 39.34
CA PRO H 87 -31.21 -19.64 40.49
C PRO H 87 -32.65 -19.13 40.50
N ALA H 88 -32.89 -17.90 40.05
CA ALA H 88 -34.27 -17.40 39.97
C ALA H 88 -35.08 -18.22 38.99
N LEU H 89 -34.49 -18.56 37.84
CA LEU H 89 -35.16 -19.41 36.87
C LEU H 89 -35.43 -20.79 37.46
N LEU H 90 -34.47 -21.32 38.23
CA LEU H 90 -34.67 -22.62 38.88
C LEU H 90 -35.83 -22.57 39.86
N VAL H 91 -35.93 -21.51 40.66
CA VAL H 91 -37.02 -21.40 41.62
C VAL H 91 -38.36 -21.25 40.90
N ALA H 92 -38.39 -20.48 39.81
CA ALA H 92 -39.62 -20.34 39.05
C ALA H 92 -40.06 -21.68 38.46
N MET H 93 -39.12 -22.43 37.91
CA MET H 93 -39.46 -23.75 37.38
C MET H 93 -39.90 -24.69 38.50
N HIS H 94 -39.28 -24.60 39.68
CA HIS H 94 -39.68 -25.43 40.80
C HIS H 94 -41.10 -25.14 41.23
N VAL H 95 -41.46 -23.87 41.35
CA VAL H 95 -42.80 -23.53 41.81
C VAL H 95 -43.83 -23.88 40.74
N ALA H 96 -43.49 -23.69 39.46
CA ALA H 96 -44.40 -24.11 38.39
C ALA H 96 -44.61 -25.61 38.41
N HIS H 97 -43.53 -26.38 38.61
CA HIS H 97 -43.64 -27.83 38.67
C HIS H 97 -44.45 -28.27 39.87
N GLN H 98 -44.29 -27.59 41.01
CA GLN H 98 -45.08 -27.92 42.18
C GLN H 98 -46.56 -27.66 41.95
N GLN H 99 -46.88 -26.53 41.30
CA GLN H 99 -48.28 -26.25 40.97
C GLN H 99 -48.83 -27.31 40.01
N HIS H 100 -48.04 -27.72 39.03
CA HIS H 100 -48.50 -28.75 38.09
C HIS H 100 -48.71 -30.09 38.80
N ILE H 101 -47.79 -30.46 39.69
CA ILE H 101 -47.89 -31.78 40.33
C ILE H 101 -49.02 -31.80 41.35
N GLU H 102 -49.33 -30.66 41.98
CA GLU H 102 -50.50 -30.61 42.85
C GLU H 102 -51.79 -30.43 42.06
N LYS H 103 -51.71 -30.02 40.79
CA LYS H 103 -52.91 -29.90 39.97
C LYS H 103 -53.43 -31.26 39.54
N LYS H 104 -52.55 -32.24 39.37
CA LYS H 104 -52.95 -33.56 38.92
C LYS H 104 -53.46 -34.45 40.04
N MET H 105 -53.43 -33.99 41.28
CA MET H 105 -53.94 -34.78 42.41
C MET H 105 -54.66 -33.89 43.41
N ILE H 127 -45.00 -28.43 52.08
CA ILE H 127 -44.85 -27.87 50.75
C ILE H 127 -44.37 -26.42 50.86
N SER H 128 -44.81 -25.73 51.91
CA SER H 128 -44.37 -24.36 52.12
C SER H 128 -42.93 -24.31 52.61
N GLY H 129 -42.57 -25.21 53.53
CA GLY H 129 -41.22 -25.19 54.09
C GLY H 129 -40.15 -25.49 53.06
N THR H 130 -40.40 -26.49 52.20
CA THR H 130 -39.42 -26.82 51.18
C THR H 130 -39.24 -25.68 50.18
N LEU H 131 -40.34 -25.01 49.81
CA LEU H 131 -40.23 -23.86 48.93
C LEU H 131 -39.48 -22.71 49.59
N TRP H 132 -39.73 -22.49 50.89
CA TRP H 132 -39.00 -21.45 51.61
C TRP H 132 -37.50 -21.75 51.63
N TRP H 133 -37.14 -22.99 51.93
CA TRP H 133 -35.71 -23.35 51.94
C TRP H 133 -35.10 -23.25 50.55
N THR H 134 -35.85 -23.64 49.51
CA THR H 134 -35.36 -23.51 48.15
C THR H 134 -35.10 -22.05 47.81
N TYR H 135 -36.02 -21.16 48.18
CA TYR H 135 -35.83 -19.74 47.89
C TYR H 135 -34.63 -19.18 48.65
N VAL H 136 -34.46 -19.56 49.92
CA VAL H 136 -33.32 -19.08 50.68
C VAL H 136 -32.00 -19.55 50.07
N ILE H 137 -31.94 -20.83 49.69
CA ILE H 137 -30.74 -21.35 49.05
C ILE H 137 -30.49 -20.65 47.72
N SER H 138 -31.56 -20.34 46.99
CA SER H 138 -31.41 -19.63 45.72
C SER H 138 -30.82 -18.24 45.92
N VAL H 139 -31.31 -17.52 46.94
CA VAL H 139 -30.77 -16.18 47.20
C VAL H 139 -29.31 -16.28 47.63
N VAL H 140 -28.97 -17.29 48.44
CA VAL H 140 -27.58 -17.48 48.86
C VAL H 140 -26.69 -17.74 47.65
N PHE H 141 -27.15 -18.60 46.73
CA PHE H 141 -26.35 -18.89 45.54
C PHE H 141 -26.23 -17.69 44.63
N ARG H 142 -27.29 -16.88 44.52
CA ARG H 142 -27.21 -15.66 43.73
C ARG H 142 -26.17 -14.70 44.31
N LEU H 143 -26.18 -14.54 45.63
CA LEU H 143 -25.18 -13.71 46.29
C LEU H 143 -23.77 -14.24 46.07
N LEU H 144 -23.62 -15.58 46.15
CA LEU H 144 -22.31 -16.19 45.94
C LEU H 144 -21.81 -15.96 44.52
N PHE H 145 -22.70 -16.10 43.53
CA PHE H 145 -22.29 -15.85 42.15
C PHE H 145 -21.92 -14.39 41.93
N GLU H 146 -22.69 -13.47 42.51
CA GLU H 146 -22.35 -12.05 42.41
C GLU H 146 -20.96 -11.78 42.98
N ALA H 147 -20.69 -12.31 44.18
CA ALA H 147 -19.39 -12.08 44.80
C ALA H 147 -18.27 -12.72 43.98
N VAL H 148 -18.49 -13.93 43.46
CA VAL H 148 -17.46 -14.61 42.69
C VAL H 148 -17.12 -13.83 41.44
N PHE H 149 -18.15 -13.33 40.73
CA PHE H 149 -17.88 -12.60 39.50
C PHE H 149 -17.24 -11.25 39.79
N MET H 150 -17.62 -10.60 40.88
CA MET H 150 -16.95 -9.35 41.25
C MET H 150 -15.48 -9.59 41.57
N TYR H 151 -15.18 -10.68 42.29
CA TYR H 151 -13.79 -11.01 42.60
C TYR H 151 -13.01 -11.36 41.34
N VAL H 152 -13.63 -12.08 40.40
CA VAL H 152 -12.96 -12.40 39.14
C VAL H 152 -12.66 -11.13 38.36
N PHE H 153 -13.61 -10.19 38.34
CA PHE H 153 -13.37 -8.91 37.67
C PHE H 153 -12.23 -8.17 38.32
N TYR H 154 -12.16 -8.20 39.66
CA TYR H 154 -11.04 -7.56 40.35
C TYR H 154 -9.72 -8.23 39.99
N LEU H 155 -9.70 -9.56 39.90
CA LEU H 155 -8.47 -10.26 39.57
C LEU H 155 -8.00 -9.92 38.16
N LEU H 156 -8.90 -9.98 37.18
CA LEU H 156 -8.49 -9.78 35.79
C LEU H 156 -8.14 -8.34 35.50
N TYR H 157 -8.95 -7.40 35.99
CA TYR H 157 -8.80 -5.98 35.69
C TYR H 157 -8.75 -5.19 36.99
N PRO H 158 -7.59 -5.14 37.65
CA PRO H 158 -7.47 -4.32 38.86
C PRO H 158 -7.78 -2.86 38.57
N GLY H 159 -8.52 -2.24 39.48
CA GLY H 159 -8.96 -0.88 39.28
C GLY H 159 -10.20 -0.81 38.39
N TYR H 160 -10.89 0.33 38.49
CA TYR H 160 -12.10 0.56 37.72
C TYR H 160 -11.84 1.29 36.41
N ALA H 161 -10.59 1.69 36.15
CA ALA H 161 -10.26 2.54 35.02
C ALA H 161 -9.36 1.81 34.02
N MET H 162 -9.49 2.19 32.76
CA MET H 162 -8.68 1.64 31.68
C MET H 162 -7.75 2.72 31.14
N VAL H 163 -6.58 2.29 30.68
CA VAL H 163 -5.54 3.19 30.21
C VAL H 163 -5.40 3.06 28.71
N ARG H 164 -4.97 4.15 28.07
CA ARG H 164 -4.81 4.14 26.62
C ARG H 164 -3.59 3.33 26.20
N LEU H 165 -2.47 3.53 26.87
CA LEU H 165 -1.23 2.84 26.55
C LEU H 165 -1.13 1.56 27.37
N VAL H 166 -0.78 0.46 26.71
CA VAL H 166 -0.42 -0.78 27.39
C VAL H 166 0.88 -1.30 26.82
N LYS H 167 1.83 -1.60 27.70
CA LYS H 167 3.13 -2.12 27.30
C LYS H 167 3.09 -3.64 27.31
N CYS H 168 3.27 -4.25 26.14
CA CYS H 168 3.16 -5.70 26.02
C CYS H 168 4.47 -6.30 25.58
N ASP H 169 4.93 -7.32 26.29
CA ASP H 169 6.15 -8.06 25.96
C ASP H 169 5.81 -9.55 25.97
N VAL H 170 5.29 -10.04 24.85
CA VAL H 170 4.91 -11.44 24.73
C VAL H 170 5.18 -11.88 23.30
N TYR H 171 5.58 -13.14 23.14
CA TYR H 171 5.92 -13.65 21.82
C TYR H 171 4.69 -13.56 20.90
N PRO H 172 4.87 -13.18 19.62
CA PRO H 172 6.12 -12.89 18.92
C PRO H 172 6.55 -11.42 18.96
N CYS H 173 5.89 -10.57 19.75
CA CYS H 173 6.24 -9.16 19.76
C CYS H 173 7.66 -8.98 20.28
N PRO H 174 8.53 -8.28 19.55
CA PRO H 174 9.92 -8.10 20.00
C PRO H 174 10.01 -7.05 21.09
N ASN H 175 10.69 -7.39 22.18
CA ASN H 175 10.92 -6.49 23.32
C ASN H 175 9.55 -6.05 23.85
N THR H 176 9.31 -4.77 24.07
CA THR H 176 8.05 -4.27 24.59
C THR H 176 7.44 -3.32 23.58
N VAL H 177 6.17 -3.55 23.24
CA VAL H 177 5.48 -2.76 22.24
C VAL H 177 4.34 -2.00 22.90
N ASP H 178 3.96 -0.89 22.28
CA ASP H 178 2.92 0.01 22.80
C ASP H 178 1.63 -0.29 22.05
N CYS H 179 0.68 -0.92 22.74
CA CYS H 179 -0.64 -1.12 22.19
C CYS H 179 -1.60 -0.07 22.73
N PHE H 180 -2.59 0.29 21.92
CA PHE H 180 -3.51 1.38 22.22
C PHE H 180 -4.93 0.83 22.32
N VAL H 181 -5.53 0.97 23.50
CA VAL H 181 -6.91 0.54 23.70
C VAL H 181 -7.85 1.54 23.04
N SER H 182 -9.05 1.08 22.69
CA SER H 182 -10.06 1.91 22.05
C SER H 182 -11.14 2.29 23.05
N ARG H 183 -11.46 3.58 23.12
CA ARG H 183 -12.46 4.12 24.04
C ARG H 183 -12.25 3.69 25.49
N PRO H 184 -11.09 3.99 26.09
CA PRO H 184 -10.92 3.67 27.52
C PRO H 184 -11.88 4.41 28.43
N THR H 185 -12.24 5.66 28.13
CA THR H 185 -13.05 6.44 29.05
C THR H 185 -14.51 5.98 29.04
N GLU H 186 -15.05 5.71 27.86
CA GLU H 186 -16.43 5.22 27.79
C GLU H 186 -16.55 3.86 28.46
N LYS H 187 -15.57 2.98 28.24
CA LYS H 187 -15.57 1.69 28.91
C LYS H 187 -15.41 1.84 30.41
N THR H 188 -14.63 2.84 30.86
CA THR H 188 -14.54 3.11 32.29
C THR H 188 -15.89 3.53 32.87
N VAL H 189 -16.61 4.39 32.16
CA VAL H 189 -17.92 4.84 32.62
C VAL H 189 -18.87 3.65 32.75
N PHE H 190 -18.92 2.80 31.72
CA PHE H 190 -19.83 1.67 31.78
C PHE H 190 -19.38 0.64 32.81
N THR H 191 -18.07 0.49 33.02
CA THR H 191 -17.60 -0.37 34.10
C THR H 191 -18.06 0.14 35.45
N VAL H 192 -17.99 1.46 35.67
CA VAL H 192 -18.47 2.02 36.93
C VAL H 192 -19.95 1.74 37.11
N PHE H 193 -20.74 1.94 36.04
CA PHE H 193 -22.18 1.69 36.15
C PHE H 193 -22.46 0.23 36.49
N MET H 194 -21.81 -0.71 35.79
CA MET H 194 -22.08 -2.13 36.01
C MET H 194 -21.60 -2.58 37.38
N LEU H 195 -20.46 -2.08 37.83
CA LEU H 195 -19.97 -2.45 39.16
C LEU H 195 -20.87 -1.89 40.26
N ALA H 196 -21.38 -0.66 40.07
CA ALA H 196 -22.32 -0.12 41.04
C ALA H 196 -23.59 -0.95 41.08
N ALA H 197 -24.10 -1.36 39.92
CA ALA H 197 -25.29 -2.20 39.90
C ALA H 197 -25.04 -3.54 40.57
N SER H 198 -23.87 -4.14 40.35
CA SER H 198 -23.55 -5.41 40.99
C SER H 198 -23.45 -5.25 42.50
N GLY H 199 -22.83 -4.15 42.97
CA GLY H 199 -22.77 -3.91 44.40
C GLY H 199 -24.13 -3.73 45.02
N ILE H 200 -25.03 -3.00 44.32
CA ILE H 200 -26.40 -2.84 44.81
C ILE H 200 -27.08 -4.20 44.88
N CYS H 201 -26.87 -5.05 43.88
CA CYS H 201 -27.45 -6.39 43.91
C CYS H 201 -26.95 -7.19 45.10
N ILE H 202 -25.64 -7.10 45.39
CA ILE H 202 -25.09 -7.83 46.52
C ILE H 202 -25.70 -7.34 47.82
N ILE H 203 -25.82 -6.03 47.99
CA ILE H 203 -26.40 -5.47 49.21
C ILE H 203 -27.85 -5.91 49.36
N LEU H 204 -28.61 -5.86 48.27
CA LEU H 204 -30.01 -6.26 48.34
C LEU H 204 -30.16 -7.75 48.67
N ASN H 205 -29.30 -8.60 48.10
CA ASN H 205 -29.36 -10.02 48.41
C ASN H 205 -29.05 -10.28 49.87
N VAL H 206 -28.03 -9.61 50.40
CA VAL H 206 -27.70 -9.78 51.82
C VAL H 206 -28.86 -9.32 52.69
N ALA H 207 -29.47 -8.18 52.34
CA ALA H 207 -30.61 -7.68 53.10
C ALA H 207 -31.78 -8.66 53.05
N GLU H 208 -32.03 -9.25 51.87
CA GLU H 208 -33.11 -10.22 51.75
C GLU H 208 -32.86 -11.46 52.61
N VAL H 209 -31.62 -11.97 52.59
CA VAL H 209 -31.30 -13.13 53.42
C VAL H 209 -31.50 -12.81 54.89
N VAL H 210 -31.00 -11.65 55.33
CA VAL H 210 -31.11 -11.27 56.73
C VAL H 210 -32.58 -11.11 57.12
N TYR H 211 -33.37 -10.47 56.27
CA TYR H 211 -34.79 -10.26 56.57
C TYR H 211 -35.53 -11.59 56.66
N LEU H 212 -35.24 -12.53 55.75
CA LEU H 212 -35.88 -13.84 55.82
C LEU H 212 -35.50 -14.57 57.09
N ILE H 213 -34.22 -14.53 57.46
CA ILE H 213 -33.78 -15.20 58.69
C ILE H 213 -34.47 -14.59 59.91
N ILE H 214 -34.56 -13.26 59.94
CA ILE H 214 -35.20 -12.59 61.07
C ILE H 214 -36.66 -12.96 61.16
N ARG H 215 -37.37 -12.94 60.03
CA ARG H 215 -38.79 -13.28 60.04
C ARG H 215 -39.03 -14.74 60.39
N ALA H 216 -38.12 -15.63 60.02
CA ALA H 216 -38.25 -17.04 60.38
C ALA H 216 -38.20 -17.21 61.90
N CYS H 217 -37.30 -16.49 62.56
CA CYS H 217 -37.18 -16.58 64.01
C CYS H 217 -37.97 -15.47 64.69
N MET I 1 50.95 18.98 -17.74
CA MET I 1 49.82 19.90 -17.66
C MET I 1 50.25 21.23 -17.03
N ASN I 2 50.96 22.03 -17.80
CA ASN I 2 51.47 23.31 -17.33
C ASN I 2 50.46 24.42 -17.57
N TRP I 3 50.74 25.60 -17.00
CA TRP I 3 49.84 26.73 -17.15
C TRP I 3 49.89 27.32 -18.55
N THR I 4 51.07 27.32 -19.19
CA THR I 4 51.17 27.86 -20.55
C THR I 4 50.31 27.06 -21.52
N GLY I 5 50.30 25.74 -21.38
CA GLY I 5 49.48 24.92 -22.26
C GLY I 5 47.99 25.19 -22.09
N LEU I 6 47.53 25.28 -20.84
CA LEU I 6 46.11 25.57 -20.59
C LEU I 6 45.74 26.95 -21.09
N TYR I 7 46.61 27.94 -20.86
CA TYR I 7 46.35 29.29 -21.34
C TYR I 7 46.29 29.34 -22.86
N THR I 8 47.19 28.64 -23.54
CA THR I 8 47.15 28.60 -24.99
C THR I 8 45.89 27.90 -25.50
N LEU I 9 45.49 26.81 -24.83
CA LEU I 9 44.28 26.11 -25.23
C LEU I 9 43.04 27.00 -25.08
N LEU I 10 42.96 27.74 -23.97
CA LEU I 10 41.79 28.58 -23.74
C LEU I 10 41.82 29.83 -24.61
N SER I 11 43.00 30.33 -24.97
CA SER I 11 43.08 31.55 -25.76
C SER I 11 42.59 31.32 -27.19
N GLY I 12 42.84 30.14 -27.74
CA GLY I 12 42.54 29.88 -29.13
C GLY I 12 43.61 30.30 -30.11
N VAL I 13 44.76 30.78 -29.60
CA VAL I 13 45.93 31.22 -30.37
C VAL I 13 45.52 32.00 -31.61
N ASN I 14 44.57 32.92 -31.45
CA ASN I 14 44.09 33.75 -32.55
C ASN I 14 44.87 35.04 -32.71
N ARG I 15 45.80 35.35 -31.80
CA ARG I 15 46.69 36.52 -31.85
C ARG I 15 45.95 37.82 -32.12
N HIS I 16 44.67 37.90 -31.79
CA HIS I 16 43.90 39.12 -31.96
C HIS I 16 43.05 39.47 -30.75
N SER I 17 43.03 38.63 -29.71
CA SER I 17 42.22 38.86 -28.53
C SER I 17 43.04 39.57 -27.47
N THR I 18 42.45 40.58 -26.85
CA THR I 18 43.13 41.35 -25.82
C THR I 18 43.02 40.63 -24.47
N ALA I 19 43.43 41.32 -23.41
CA ALA I 19 43.41 40.72 -22.08
C ALA I 19 41.99 40.45 -21.60
N ILE I 20 41.04 41.30 -21.97
CA ILE I 20 39.66 41.16 -21.49
C ILE I 20 38.91 40.03 -22.19
N GLY I 21 39.54 39.33 -23.12
CA GLY I 21 38.91 38.20 -23.77
C GLY I 21 39.77 36.97 -23.73
N ARG I 22 41.02 37.14 -23.29
CA ARG I 22 41.97 36.05 -23.19
C ARG I 22 42.32 35.68 -21.76
N VAL I 23 42.17 36.61 -20.82
CA VAL I 23 42.40 36.34 -19.42
C VAL I 23 41.12 36.28 -18.61
N TRP I 24 40.12 37.10 -18.93
CA TRP I 24 38.89 37.20 -18.15
C TRP I 24 37.77 36.32 -18.67
N LEU I 25 37.53 36.31 -19.99
CA LEU I 25 36.45 35.50 -20.54
C LEU I 25 36.69 34.01 -20.29
N SER I 26 37.94 33.57 -20.42
CA SER I 26 38.25 32.17 -20.16
C SER I 26 38.00 31.81 -18.70
N VAL I 27 38.34 32.71 -17.78
CA VAL I 27 38.10 32.45 -16.36
C VAL I 27 36.60 32.36 -16.07
N ILE I 28 35.80 33.24 -16.68
CA ILE I 28 34.37 33.19 -16.47
C ILE I 28 33.79 31.92 -17.08
N PHE I 29 34.32 31.48 -18.22
CA PHE I 29 33.88 30.22 -18.81
C PHE I 29 34.19 29.04 -17.89
N ILE I 30 35.39 29.03 -17.30
CA ILE I 30 35.75 27.97 -16.37
C ILE I 30 34.84 28.01 -15.16
N PHE I 31 34.54 29.21 -14.65
CA PHE I 31 33.65 29.34 -13.51
C PHE I 31 32.27 28.77 -13.83
N ARG I 32 31.72 29.11 -15.00
CA ARG I 32 30.42 28.60 -15.39
C ARG I 32 30.44 27.08 -15.54
N ILE I 33 31.50 26.54 -16.13
CA ILE I 33 31.62 25.09 -16.29
C ILE I 33 31.63 24.42 -14.93
N MET I 34 32.41 24.95 -13.99
CA MET I 34 32.52 24.33 -12.67
C MET I 34 31.20 24.42 -11.90
N VAL I 35 30.53 25.57 -11.95
CA VAL I 35 29.25 25.69 -11.25
C VAL I 35 28.23 24.73 -11.86
N LEU I 36 28.20 24.65 -13.19
CA LEU I 36 27.26 23.75 -13.85
C LEU I 36 27.55 22.29 -13.49
N VAL I 37 28.84 21.93 -13.38
CA VAL I 37 29.18 20.56 -13.01
C VAL I 37 28.75 20.27 -11.58
N VAL I 38 28.99 21.20 -10.65
CA VAL I 38 28.67 20.94 -9.25
C VAL I 38 27.20 21.12 -8.93
N ALA I 39 26.40 21.67 -9.85
CA ALA I 39 24.97 21.81 -9.61
C ALA I 39 24.10 21.05 -10.59
N ALA I 40 24.68 20.34 -11.56
CA ALA I 40 23.87 19.70 -12.59
C ALA I 40 23.14 18.48 -12.06
N GLU I 41 23.84 17.63 -11.30
CA GLU I 41 23.26 16.38 -10.86
C GLU I 41 22.91 16.36 -9.37
N SER I 42 23.55 17.19 -8.56
CA SER I 42 23.24 17.19 -7.14
C SER I 42 21.95 17.94 -6.84
N VAL I 43 21.74 19.09 -7.49
CA VAL I 43 20.59 19.93 -7.21
C VAL I 43 19.42 19.53 -8.11
N TRP I 44 19.63 19.62 -9.42
CA TRP I 44 18.60 19.30 -10.40
C TRP I 44 18.52 17.82 -10.72
N GLY I 45 19.15 16.97 -9.91
CA GLY I 45 19.10 15.54 -10.19
C GLY I 45 17.72 14.95 -10.03
N ASP I 46 17.01 15.34 -8.98
CA ASP I 46 15.70 14.80 -8.66
C ASP I 46 14.62 15.86 -8.79
N GLU I 47 14.71 16.69 -9.83
CA GLU I 47 13.68 17.69 -10.06
C GLU I 47 12.38 17.07 -10.51
N LYS I 48 12.43 15.88 -11.13
CA LYS I 48 11.23 15.24 -11.64
C LYS I 48 10.62 14.30 -10.61
N SER I 49 11.45 13.50 -9.95
CA SER I 49 10.95 12.52 -8.99
C SER I 49 10.50 13.15 -7.68
N SER I 50 11.24 14.13 -7.15
CA SER I 50 10.84 14.75 -5.89
C SER I 50 9.68 15.72 -6.09
N PHE I 51 9.35 16.01 -7.34
CA PHE I 51 8.24 16.90 -7.67
C PHE I 51 6.93 16.12 -7.61
N ILE I 52 6.06 16.52 -6.69
CA ILE I 52 4.79 15.84 -6.46
C ILE I 52 3.67 16.86 -6.39
N CYS I 53 2.47 16.43 -6.79
CA CYS I 53 1.28 17.25 -6.65
C CYS I 53 0.39 16.70 -5.54
N ASN I 54 -0.64 17.47 -5.21
CA ASN I 54 -1.56 17.13 -4.13
C ASN I 54 -2.83 16.45 -4.65
N THR I 55 -2.79 15.88 -5.85
CA THR I 55 -3.96 15.21 -6.40
C THR I 55 -3.80 13.70 -6.33
N LEU I 56 -4.85 12.99 -6.73
CA LEU I 56 -4.85 11.54 -6.81
C LEU I 56 -4.97 11.02 -8.24
N GLN I 57 -5.18 11.89 -9.21
CA GLN I 57 -5.30 11.47 -10.59
C GLN I 57 -3.96 10.97 -11.12
N PRO I 58 -3.92 9.82 -11.78
CA PRO I 58 -2.68 9.38 -12.41
C PRO I 58 -2.27 10.30 -13.55
N GLY I 59 -0.95 10.48 -13.69
CA GLY I 59 -0.41 11.25 -14.78
C GLY I 59 -0.45 12.75 -14.61
N CYS I 60 -0.95 13.25 -13.48
CA CYS I 60 -0.99 14.69 -13.27
C CYS I 60 0.39 15.25 -12.94
N ASN I 61 1.25 14.46 -12.27
CA ASN I 61 2.58 14.93 -11.92
C ASN I 61 3.40 15.26 -13.16
N SER I 62 3.39 14.37 -14.16
CA SER I 62 4.21 14.59 -15.34
C SER I 62 3.72 15.78 -16.15
N VAL I 63 2.41 15.91 -16.34
CA VAL I 63 1.91 17.04 -17.13
C VAL I 63 2.14 18.34 -16.39
N CYS I 64 2.01 18.35 -15.07
CA CYS I 64 2.29 19.56 -14.31
C CYS I 64 3.76 19.95 -14.40
N TYR I 65 4.66 18.97 -14.26
CA TYR I 65 6.09 19.27 -14.36
C TYR I 65 6.43 19.81 -15.73
N ASP I 66 5.90 19.20 -16.80
CA ASP I 66 6.18 19.70 -18.14
C ASP I 66 5.56 21.07 -18.35
N GLN I 67 4.44 21.36 -17.69
CA GLN I 67 3.80 22.67 -17.84
C GLN I 67 4.64 23.75 -17.19
N PHE I 68 5.20 23.49 -16.02
CA PHE I 68 5.92 24.53 -15.29
C PHE I 68 7.41 24.55 -15.57
N PHE I 69 7.97 23.49 -16.12
CA PHE I 69 9.40 23.41 -16.45
C PHE I 69 9.54 22.91 -17.88
N PRO I 70 9.31 23.77 -18.87
CA PRO I 70 9.44 23.32 -20.26
C PRO I 70 10.81 22.78 -20.57
N ILE I 71 11.86 23.39 -20.05
CA ILE I 71 13.22 22.88 -20.13
C ILE I 71 13.97 23.33 -18.89
N SER I 72 14.53 22.38 -18.16
CA SER I 72 15.10 22.67 -16.85
C SER I 72 16.27 23.65 -16.98
N HIS I 73 16.58 24.29 -15.86
CA HIS I 73 17.61 25.33 -15.87
C HIS I 73 18.97 24.78 -16.27
N VAL I 74 19.31 23.59 -15.81
CA VAL I 74 20.64 23.03 -16.09
C VAL I 74 20.80 22.75 -17.58
N ARG I 75 19.78 22.15 -18.20
CA ARG I 75 19.87 21.89 -19.63
C ARG I 75 19.89 23.18 -20.44
N LEU I 76 19.12 24.18 -20.02
CA LEU I 76 19.14 25.47 -20.69
C LEU I 76 20.53 26.10 -20.62
N TRP I 77 21.16 26.03 -19.43
CA TRP I 77 22.49 26.60 -19.28
C TRP I 77 23.53 25.79 -20.05
N SER I 78 23.36 24.47 -20.13
CA SER I 78 24.27 23.65 -20.91
C SER I 78 24.19 24.01 -22.39
N LEU I 79 22.97 24.17 -22.91
CA LEU I 79 22.80 24.58 -24.30
C LEU I 79 23.39 25.98 -24.52
N GLN I 80 23.18 26.89 -23.58
CA GLN I 80 23.76 28.21 -23.69
C GLN I 80 25.28 28.15 -23.73
N LEU I 81 25.87 27.32 -22.88
CA LEU I 81 27.32 27.20 -22.85
C LEU I 81 27.85 26.62 -24.15
N ILE I 82 27.18 25.59 -24.68
CA ILE I 82 27.63 24.99 -25.93
C ILE I 82 27.55 25.98 -27.07
N LEU I 83 26.43 26.70 -27.18
CA LEU I 83 26.27 27.63 -28.29
C LEU I 83 27.19 28.85 -28.13
N VAL I 84 27.48 29.27 -26.90
CA VAL I 84 28.42 30.37 -26.69
C VAL I 84 29.84 29.94 -27.04
N SER I 85 30.19 28.70 -26.71
CA SER I 85 31.53 28.20 -27.01
C SER I 85 31.71 27.79 -28.46
N THR I 86 30.62 27.62 -29.21
CA THR I 86 30.76 27.24 -30.61
C THR I 86 31.56 28.24 -31.45
N PRO I 87 31.31 29.56 -31.41
CA PRO I 87 32.13 30.46 -32.22
C PRO I 87 33.61 30.46 -31.85
N ALA I 88 33.95 30.30 -30.57
CA ALA I 88 35.36 30.21 -30.20
C ALA I 88 36.00 28.96 -30.78
N LEU I 89 35.27 27.84 -30.75
CA LEU I 89 35.77 26.62 -31.38
C LEU I 89 35.94 26.81 -32.87
N LEU I 90 35.00 27.52 -33.51
CA LEU I 90 35.10 27.78 -34.95
C LEU I 90 36.34 28.61 -35.26
N VAL I 91 36.62 29.63 -34.45
CA VAL I 91 37.80 30.46 -34.69
C VAL I 91 39.07 29.66 -34.47
N ALA I 92 39.10 28.81 -33.44
CA ALA I 92 40.27 27.99 -33.21
C ALA I 92 40.52 27.03 -34.37
N MET I 93 39.45 26.40 -34.87
CA MET I 93 39.60 25.52 -36.03
C MET I 93 40.02 26.30 -37.26
N HIS I 94 39.52 27.52 -37.43
CA HIS I 94 39.90 28.35 -38.57
C HIS I 94 41.38 28.69 -38.53
N VAL I 95 41.89 29.10 -37.37
CA VAL I 95 43.29 29.48 -37.28
C VAL I 95 44.19 28.25 -37.43
N ALA I 96 43.77 27.11 -36.87
CA ALA I 96 44.53 25.88 -37.06
C ALA I 96 44.57 25.49 -38.53
N HIS I 97 43.44 25.59 -39.23
CA HIS I 97 43.39 25.26 -40.64
C HIS I 97 44.25 26.22 -41.45
N GLN I 98 44.25 27.50 -41.09
CA GLN I 98 45.10 28.47 -41.78
C GLN I 98 46.56 28.14 -41.60
N GLN I 99 46.96 27.78 -40.38
CA GLN I 99 48.35 27.38 -40.15
C GLN I 99 48.70 26.15 -40.95
N HIS I 100 47.79 25.17 -41.01
CA HIS I 100 48.06 23.97 -41.79
C HIS I 100 48.19 24.27 -43.28
N ILE I 101 47.29 25.12 -43.81
CA ILE I 101 47.30 25.39 -45.25
C ILE I 101 48.50 26.25 -45.63
N GLU I 102 48.98 27.12 -44.73
CA GLU I 102 50.20 27.85 -45.01
C GLU I 102 51.44 27.02 -44.75
N LYS I 103 51.31 25.91 -44.01
CA LYS I 103 52.45 25.03 -43.79
C LYS I 103 52.78 24.22 -45.02
N LYS I 104 51.80 23.88 -45.85
CA LYS I 104 52.02 23.07 -47.04
C LYS I 104 52.51 23.89 -48.23
N MET I 105 52.61 25.20 -48.11
CA MET I 105 53.09 26.03 -49.20
C MET I 105 53.98 27.14 -48.68
N ILE I 127 45.78 37.90 -44.91
CA ILE I 127 45.57 36.79 -44.01
C ILE I 127 45.27 37.31 -42.60
N SER I 128 45.88 38.43 -42.25
CA SER I 128 45.60 39.04 -40.95
C SER I 128 44.22 39.68 -40.92
N GLY I 129 43.84 40.37 -42.00
CA GLY I 129 42.55 41.05 -42.02
C GLY I 129 41.37 40.10 -41.95
N THR I 130 41.45 38.99 -42.69
CA THR I 130 40.35 38.02 -42.65
C THR I 130 40.23 37.38 -41.29
N LEU I 131 41.36 37.08 -40.63
CA LEU I 131 41.31 36.54 -39.28
C LEU I 131 40.74 37.55 -38.30
N TRP I 132 41.11 38.83 -38.44
CA TRP I 132 40.55 39.85 -37.58
C TRP I 132 39.05 39.97 -37.75
N TRP I 133 38.56 39.97 -38.99
CA TRP I 133 37.13 40.03 -39.23
C TRP I 133 36.42 38.79 -38.70
N THR I 134 37.04 37.61 -38.87
CA THR I 134 36.45 36.39 -38.34
C THR I 134 36.33 36.45 -36.82
N TYR I 135 37.36 36.94 -36.15
CA TYR I 135 37.31 37.05 -34.69
C TYR I 135 36.23 38.05 -34.26
N VAL I 136 36.13 39.19 -34.94
CA VAL I 136 35.12 40.17 -34.58
C VAL I 136 33.72 39.60 -34.76
N ILE I 137 33.48 38.91 -35.88
CA ILE I 137 32.18 38.30 -36.12
C ILE I 137 31.90 37.23 -35.07
N SER I 138 32.93 36.48 -34.67
CA SER I 138 32.76 35.47 -33.64
C SER I 138 32.34 36.08 -32.31
N VAL I 139 32.99 37.19 -31.92
CA VAL I 139 32.62 37.84 -30.67
C VAL I 139 31.20 38.39 -30.75
N VAL I 140 30.82 38.94 -31.90
CA VAL I 140 29.46 39.44 -32.08
C VAL I 140 28.45 38.31 -31.93
N PHE I 141 28.73 37.16 -32.56
CA PHE I 141 27.81 36.04 -32.47
C PHE I 141 27.74 35.48 -31.04
N ARG I 142 28.87 35.47 -30.33
CA ARG I 142 28.86 35.02 -28.94
C ARG I 142 27.99 35.94 -28.09
N LEU I 143 28.12 37.25 -28.29
CA LEU I 143 27.29 38.20 -27.57
C LEU I 143 25.81 38.00 -27.92
N LEU I 144 25.52 37.77 -29.20
CA LEU I 144 24.14 37.56 -29.62
C LEU I 144 23.55 36.30 -28.98
N PHE I 145 24.32 35.22 -28.92
CA PHE I 145 23.84 33.99 -28.29
C PHE I 145 23.61 34.20 -26.81
N GLU I 146 24.52 34.91 -26.14
CA GLU I 146 24.34 35.21 -24.72
C GLU I 146 23.03 35.98 -24.49
N ALA I 147 22.81 37.03 -25.30
CA ALA I 147 21.60 37.83 -25.14
C ALA I 147 20.35 37.01 -25.43
N VAL I 148 20.40 36.17 -26.47
CA VAL I 148 19.24 35.37 -26.84
C VAL I 148 18.88 34.40 -25.73
N PHE I 149 19.90 33.74 -25.15
CA PHE I 149 19.60 32.78 -24.10
C PHE I 149 19.13 33.46 -22.82
N MET I 150 19.67 34.65 -22.52
CA MET I 150 19.18 35.38 -21.37
C MET I 150 17.72 35.80 -21.56
N TYR I 151 17.37 36.23 -22.78
CA TYR I 151 15.98 36.60 -23.06
C TYR I 151 15.07 35.39 -22.99
N VAL I 152 15.53 34.23 -23.48
CA VAL I 152 14.72 33.02 -23.41
C VAL I 152 14.50 32.62 -21.95
N PHE I 153 15.54 32.74 -21.12
CA PHE I 153 15.39 32.45 -19.70
C PHE I 153 14.38 33.40 -19.07
N TYR I 154 14.42 34.68 -19.44
CA TYR I 154 13.44 35.63 -18.93
C TYR I 154 12.03 35.26 -19.36
N LEU I 155 11.86 34.82 -20.61
CA LEU I 155 10.53 34.45 -21.10
C LEU I 155 9.98 33.24 -20.35
N LEU I 156 10.80 32.18 -20.22
CA LEU I 156 10.30 30.95 -19.64
C LEU I 156 10.08 31.07 -18.14
N TYR I 157 11.02 31.71 -17.44
CA TYR I 157 11.00 31.80 -15.98
C TYR I 157 11.14 33.26 -15.57
N PRO I 158 10.03 34.03 -15.60
CA PRO I 158 10.11 35.41 -15.14
C PRO I 158 10.54 35.48 -13.69
N GLY I 159 11.43 36.41 -13.39
CA GLY I 159 12.01 36.53 -12.07
C GLY I 159 13.17 35.57 -11.87
N TYR I 160 13.98 35.87 -10.86
CA TYR I 160 15.13 35.06 -10.53
C TYR I 160 14.85 34.03 -9.44
N ALA I 161 13.64 33.99 -8.91
CA ALA I 161 13.32 33.16 -7.76
C ALA I 161 12.27 32.11 -8.12
N MET I 162 12.33 30.99 -7.42
CA MET I 162 11.39 29.90 -7.59
C MET I 162 10.53 29.75 -6.34
N VAL I 163 9.29 29.33 -6.53
CA VAL I 163 8.32 29.24 -5.45
C VAL I 163 8.04 27.77 -5.17
N ARG I 164 7.68 27.49 -3.91
CA ARG I 164 7.40 26.11 -3.50
C ARG I 164 6.07 25.64 -4.07
N LEU I 165 5.03 26.46 -3.98
CA LEU I 165 3.71 26.11 -4.46
C LEU I 165 3.53 26.57 -5.90
N VAL I 166 3.01 25.68 -6.75
CA VAL I 166 2.58 26.07 -8.09
C VAL I 166 1.19 25.51 -8.33
N LYS I 167 0.28 26.38 -8.77
CA LYS I 167 -1.10 26.00 -9.05
C LYS I 167 -1.21 25.62 -10.52
N CYS I 168 -1.55 24.36 -10.79
CA CYS I 168 -1.60 23.85 -12.15
C CYS I 168 -3.02 23.42 -12.50
N ASP I 169 -3.51 23.88 -13.64
CA ASP I 169 -4.84 23.51 -14.15
C ASP I 169 -4.67 23.11 -15.61
N VAL I 170 -4.28 21.86 -15.83
CA VAL I 170 -4.07 21.33 -17.17
C VAL I 170 -4.50 19.87 -17.19
N TYR I 171 -5.04 19.44 -18.32
CA TYR I 171 -5.54 18.08 -18.44
C TYR I 171 -4.40 17.09 -18.21
N PRO I 172 -4.63 15.99 -17.49
CA PRO I 172 -5.90 15.51 -16.91
C PRO I 172 -6.16 15.98 -15.48
N CYS I 173 -5.35 16.88 -14.92
CA CYS I 173 -5.54 17.29 -13.54
C CYS I 173 -6.90 17.97 -13.39
N PRO I 174 -7.73 17.55 -12.44
CA PRO I 174 -9.06 18.17 -12.28
C PRO I 174 -8.94 19.50 -11.56
N ASN I 175 -9.57 20.53 -12.13
CA ASN I 175 -9.61 21.87 -11.56
C ASN I 175 -8.16 22.36 -11.39
N THR I 176 -7.78 22.89 -10.24
CA THR I 176 -6.43 23.39 -10.00
C THR I 176 -5.81 22.58 -8.87
N VAL I 177 -4.61 22.06 -9.09
CA VAL I 177 -3.92 21.23 -8.12
C VAL I 177 -2.66 21.95 -7.67
N ASP I 178 -2.20 21.59 -6.47
CA ASP I 178 -1.03 22.20 -5.84
C ASP I 178 0.16 21.27 -6.04
N CYS I 179 1.11 21.69 -6.87
CA CYS I 179 2.36 20.96 -7.04
C CYS I 179 3.46 21.65 -6.24
N PHE I 180 4.41 20.85 -5.77
CA PHE I 180 5.47 21.32 -4.87
C PHE I 180 6.81 21.13 -5.54
N VAL I 181 7.51 22.23 -5.81
CA VAL I 181 8.84 22.17 -6.38
C VAL I 181 9.84 21.70 -5.32
N SER I 182 10.93 21.09 -5.77
CA SER I 182 11.97 20.58 -4.88
C SER I 182 13.16 21.53 -4.87
N ARG I 183 13.63 21.89 -3.68
CA ARG I 183 14.75 22.80 -3.49
C ARG I 183 14.62 24.11 -4.27
N PRO I 184 13.56 24.90 -4.03
CA PRO I 184 13.47 26.20 -4.70
C PRO I 184 14.59 27.16 -4.31
N THR I 185 15.06 27.14 -3.06
CA THR I 185 16.03 28.15 -2.63
C THR I 185 17.41 27.87 -3.19
N GLU I 186 17.84 26.60 -3.18
CA GLU I 186 19.13 26.26 -3.75
C GLU I 186 19.16 26.54 -5.25
N LYS I 187 18.07 26.20 -5.94
CA LYS I 187 17.99 26.51 -7.36
C LYS I 187 17.97 28.01 -7.61
N THR I 188 17.34 28.79 -6.71
CA THR I 188 17.39 30.24 -6.83
C THR I 188 18.82 30.75 -6.68
N VAL I 189 19.57 30.22 -5.72
CA VAL I 189 20.95 30.65 -5.52
C VAL I 189 21.78 30.36 -6.77
N PHE I 190 21.65 29.15 -7.31
CA PHE I 190 22.45 28.81 -8.49
C PHE I 190 21.98 29.58 -9.72
N THR I 191 20.68 29.89 -9.81
CA THR I 191 20.19 30.75 -10.89
C THR I 191 20.82 32.13 -10.80
N VAL I 192 20.92 32.68 -9.59
CA VAL I 192 21.56 33.98 -9.42
C VAL I 192 23.01 33.93 -9.86
N PHE I 193 23.72 32.88 -9.45
CA PHE I 193 25.13 32.74 -9.84
C PHE I 193 25.28 32.67 -11.36
N MET I 194 24.48 31.84 -12.01
CA MET I 194 24.63 31.65 -13.45
C MET I 194 24.20 32.90 -14.23
N LEU I 195 23.15 33.59 -13.77
CA LEU I 195 22.75 34.81 -14.44
C LEU I 195 23.79 35.91 -14.26
N ALA I 196 24.40 36.00 -13.09
CA ALA I 196 25.48 36.97 -12.89
C ALA I 196 26.66 36.66 -13.80
N ALA I 197 27.01 35.38 -13.93
CA ALA I 197 28.11 35.02 -14.83
C ALA I 197 27.77 35.35 -16.27
N SER I 198 26.53 35.10 -16.69
CA SER I 198 26.12 35.44 -18.05
C SER I 198 26.16 36.93 -18.30
N GLY I 199 25.71 37.73 -17.33
CA GLY I 199 25.79 39.17 -17.47
C GLY I 199 27.22 39.67 -17.57
N ILE I 200 28.11 39.09 -16.76
CA ILE I 200 29.52 39.45 -16.85
C ILE I 200 30.07 39.10 -18.23
N CYS I 201 29.68 37.94 -18.76
CA CYS I 201 30.12 37.57 -20.11
C CYS I 201 29.63 38.55 -21.15
N ILE I 202 28.37 38.99 -21.04
CA ILE I 202 27.83 39.95 -21.99
C ILE I 202 28.61 41.27 -21.93
N ILE I 203 28.88 41.74 -20.70
CA ILE I 203 29.61 42.99 -20.54
C ILE I 203 31.00 42.88 -21.13
N LEU I 204 31.68 41.76 -20.86
CA LEU I 204 33.03 41.57 -21.38
C LEU I 204 33.05 41.48 -22.89
N ASN I 205 32.05 40.81 -23.49
CA ASN I 205 32.00 40.74 -24.95
C ASN I 205 31.76 42.10 -25.57
N VAL I 206 30.87 42.90 -24.97
CA VAL I 206 30.64 44.25 -25.49
C VAL I 206 31.90 45.08 -25.37
N ALA I 207 32.61 44.97 -24.24
CA ALA I 207 33.86 45.71 -24.06
C ALA I 207 34.89 45.29 -25.08
N GLU I 208 34.99 43.98 -25.36
CA GLU I 208 35.95 43.50 -26.34
C GLU I 208 35.63 44.03 -27.74
N VAL I 209 34.36 44.02 -28.13
CA VAL I 209 33.98 44.55 -29.43
C VAL I 209 34.32 46.03 -29.53
N VAL I 210 33.99 46.79 -28.49
CA VAL I 210 34.26 48.23 -28.50
C VAL I 210 35.76 48.49 -28.57
N TYR I 211 36.56 47.74 -27.81
CA TYR I 211 38.00 47.94 -27.82
C TYR I 211 38.59 47.61 -29.17
N LEU I 212 38.13 46.52 -29.80
CA LEU I 212 38.63 46.18 -31.13
C LEU I 212 38.27 47.25 -32.15
N ILE I 213 37.04 47.75 -32.10
CA ILE I 213 36.63 48.81 -33.03
C ILE I 213 37.47 50.06 -32.83
N ILE I 214 37.70 50.43 -31.56
CA ILE I 214 38.50 51.62 -31.27
C ILE I 214 39.92 51.46 -31.79
N ARG I 215 40.54 50.30 -31.53
CA ARG I 215 41.90 50.08 -31.98
C ARG I 215 42.01 50.02 -33.50
N ALA I 216 40.97 49.52 -34.18
CA ALA I 216 40.98 49.51 -35.63
C ALA I 216 41.03 50.92 -36.20
N CYS I 217 40.27 51.83 -35.61
CA CYS I 217 40.25 53.21 -36.06
C CYS I 217 41.20 54.07 -35.24
N MET J 1 53.97 12.37 -14.71
CA MET J 1 53.35 13.05 -13.59
C MET J 1 54.30 13.13 -12.40
N ASN J 2 55.29 14.01 -12.50
CA ASN J 2 56.29 14.16 -11.47
C ASN J 2 55.86 15.20 -10.44
N TRP J 3 56.60 15.26 -9.34
CA TRP J 3 56.27 16.20 -8.27
C TRP J 3 56.56 17.64 -8.67
N THR J 4 57.62 17.87 -9.46
CA THR J 4 57.93 19.23 -9.87
C THR J 4 56.81 19.82 -10.72
N GLY J 5 56.23 19.02 -11.62
CA GLY J 5 55.14 19.52 -12.43
C GLY J 5 53.91 19.87 -11.62
N LEU J 6 53.53 19.00 -10.68
CA LEU J 6 52.38 19.28 -9.82
C LEU J 6 52.62 20.50 -8.95
N TYR J 7 53.82 20.62 -8.39
CA TYR J 7 54.15 21.78 -7.57
C TYR J 7 54.10 23.06 -8.38
N THR J 8 54.63 23.03 -9.61
CA THR J 8 54.57 24.21 -10.46
C THR J 8 53.13 24.57 -10.81
N LEU J 9 52.30 23.56 -11.10
CA LEU J 9 50.90 23.81 -11.41
C LEU J 9 50.18 24.44 -10.23
N LEU J 10 50.42 23.94 -9.01
CA LEU J 10 49.74 24.47 -7.85
C LEU J 10 50.27 25.83 -7.44
N SER J 11 51.55 26.09 -7.69
CA SER J 11 52.14 27.37 -7.28
C SER J 11 51.57 28.53 -8.10
N GLY J 12 51.31 28.30 -9.37
CA GLY J 12 50.92 29.37 -10.27
C GLY J 12 52.06 30.12 -10.90
N VAL J 13 53.30 29.69 -10.68
CA VAL J 13 54.54 30.27 -11.21
C VAL J 13 54.48 31.80 -11.21
N ASN J 14 54.03 32.37 -10.09
CA ASN J 14 53.95 33.81 -9.95
C ASN J 14 55.21 34.44 -9.37
N ARG J 15 56.18 33.63 -8.94
CA ARG J 15 57.48 34.06 -8.42
C ARG J 15 57.37 35.15 -7.35
N HIS J 16 56.23 35.23 -6.65
CA HIS J 16 56.06 36.18 -5.58
C HIS J 16 55.47 35.58 -4.32
N SER J 17 55.06 34.31 -4.35
CA SER J 17 54.45 33.66 -3.21
C SER J 17 55.53 32.97 -2.37
N THR J 18 55.45 33.14 -1.06
CA THR J 18 56.42 32.54 -0.15
C THR J 18 56.05 31.08 0.13
N ALA J 19 56.74 30.48 1.10
CA ALA J 19 56.49 29.08 1.41
C ALA J 19 55.10 28.88 2.02
N ILE J 20 54.61 29.86 2.78
CA ILE J 20 53.33 29.71 3.46
C ILE J 20 52.14 29.87 2.52
N GLY J 21 52.37 30.10 1.24
CA GLY J 21 51.28 30.20 0.29
C GLY J 21 51.53 29.31 -0.92
N ARG J 22 52.73 28.76 -1.00
CA ARG J 22 53.11 27.88 -2.08
C ARG J 22 53.29 26.43 -1.66
N VAL J 23 53.57 26.19 -0.38
CA VAL J 23 53.71 24.84 0.15
C VAL J 23 52.57 24.45 1.07
N TRP J 24 51.96 25.40 1.78
CA TRP J 24 50.91 25.10 2.74
C TRP J 24 49.51 25.34 2.22
N LEU J 25 49.27 26.46 1.53
CA LEU J 25 47.93 26.74 1.02
C LEU J 25 47.52 25.70 -0.01
N SER J 26 48.45 25.27 -0.87
CA SER J 26 48.12 24.24 -1.86
C SER J 26 47.76 22.92 -1.20
N VAL J 27 48.48 22.56 -0.12
CA VAL J 27 48.18 21.33 0.60
C VAL J 27 46.79 21.40 1.23
N ILE J 28 46.45 22.54 1.83
CA ILE J 28 45.13 22.68 2.44
C ILE J 28 44.05 22.64 1.37
N PHE J 29 44.32 23.23 0.20
CA PHE J 29 43.35 23.17 -0.90
C PHE J 29 43.15 21.73 -1.36
N ILE J 30 44.23 20.97 -1.48
CA ILE J 30 44.11 19.56 -1.86
C ILE J 30 43.32 18.79 -0.81
N PHE J 31 43.58 19.08 0.48
CA PHE J 31 42.86 18.43 1.55
C PHE J 31 41.36 18.71 1.46
N ARG J 32 41.00 19.98 1.23
CA ARG J 32 39.59 20.33 1.11
C ARG J 32 38.95 19.66 -0.10
N ILE J 33 39.67 19.61 -1.22
CA ILE J 33 39.14 18.96 -2.41
C ILE J 33 38.88 17.48 -2.13
N MET J 34 39.84 16.81 -1.49
CA MET J 34 39.69 15.38 -1.23
C MET J 34 38.55 15.11 -0.26
N VAL J 35 38.44 15.91 0.81
CA VAL J 35 37.36 15.70 1.76
C VAL J 35 36.01 15.94 1.10
N LEU J 36 35.91 16.99 0.28
CA LEU J 36 34.67 17.28 -0.42
C LEU J 36 34.30 16.17 -1.38
N VAL J 37 35.31 15.59 -2.05
CA VAL J 37 35.03 14.49 -2.97
C VAL J 37 34.54 13.26 -2.21
N VAL J 38 35.19 12.93 -1.10
CA VAL J 38 34.82 11.71 -0.36
C VAL J 38 33.58 11.88 0.49
N ALA J 39 33.08 13.11 0.67
CA ALA J 39 31.86 13.33 1.44
C ALA J 39 30.71 13.93 0.65
N ALA J 40 30.91 14.24 -0.63
CA ALA J 40 29.88 14.94 -1.39
C ALA J 40 28.71 14.03 -1.73
N GLU J 41 29.00 12.82 -2.19
CA GLU J 41 27.95 11.93 -2.66
C GLU J 41 27.63 10.80 -1.69
N SER J 42 28.58 10.42 -0.85
CA SER J 42 28.33 9.31 0.09
C SER J 42 27.49 9.78 1.28
N VAL J 43 27.78 10.96 1.82
CA VAL J 43 27.11 11.45 3.02
C VAL J 43 25.88 12.25 2.64
N TRP J 44 26.08 13.33 1.89
CA TRP J 44 25.00 14.21 1.48
C TRP J 44 24.27 13.72 0.22
N GLY J 45 24.49 12.47 -0.17
CA GLY J 45 23.83 11.96 -1.37
C GLY J 45 22.33 11.84 -1.20
N ASP J 46 21.88 11.33 -0.05
CA ASP J 46 20.47 11.09 0.20
C ASP J 46 19.94 12.02 1.28
N GLU J 47 20.36 13.27 1.26
CA GLU J 47 19.87 14.23 2.23
C GLU J 47 18.42 14.59 1.99
N LYS J 48 17.95 14.46 0.75
CA LYS J 48 16.58 14.84 0.41
C LYS J 48 15.63 13.64 0.57
N SER J 49 16.02 12.48 0.04
CA SER J 49 15.16 11.31 0.06
C SER J 49 15.06 10.67 1.43
N SER J 50 16.17 10.57 2.18
CA SER J 50 16.11 9.95 3.50
C SER J 50 15.46 10.90 4.51
N PHE J 51 15.26 12.16 4.14
CA PHE J 51 14.64 13.15 5.00
C PHE J 51 13.14 13.00 4.94
N ILE J 52 12.53 12.68 6.09
CA ILE J 52 11.10 12.43 6.18
C ILE J 52 10.53 13.19 7.36
N CYS J 53 9.27 13.58 7.25
CA CYS J 53 8.55 14.18 8.36
C CYS J 53 7.53 13.21 8.92
N ASN J 54 6.97 13.56 10.07
CA ASN J 54 5.99 12.73 10.77
C ASN J 54 4.55 13.12 10.45
N THR J 55 4.30 13.72 9.29
CA THR J 55 2.95 14.11 8.92
C THR J 55 2.44 13.24 7.78
N LEU J 56 1.18 13.45 7.41
CA LEU J 56 0.55 12.75 6.30
C LEU J 56 0.20 13.68 5.15
N GLN J 57 0.37 14.98 5.31
CA GLN J 57 0.05 15.93 4.25
C GLN J 57 1.03 15.78 3.10
N PRO J 58 0.56 15.73 1.85
CA PRO J 58 1.50 15.71 0.73
C PRO J 58 2.24 17.04 0.59
N GLY J 59 3.49 16.93 0.17
CA GLY J 59 4.30 18.10 -0.09
C GLY J 59 4.93 18.75 1.13
N CYS J 60 4.71 18.20 2.33
CA CYS J 60 5.30 18.79 3.52
C CYS J 60 6.79 18.47 3.61
N ASN J 61 7.22 17.31 3.10
CA ASN J 61 8.63 16.96 3.16
C ASN J 61 9.49 17.96 2.39
N SER J 62 9.07 18.31 1.18
CA SER J 62 9.88 19.20 0.34
C SER J 62 9.96 20.60 0.93
N VAL J 63 8.83 21.13 1.40
CA VAL J 63 8.85 22.48 1.96
C VAL J 63 9.65 22.51 3.25
N CYS J 64 9.56 21.45 4.07
CA CYS J 64 10.34 21.41 5.29
C CYS J 64 11.84 21.33 4.99
N TYR J 65 12.22 20.49 4.01
CA TYR J 65 13.63 20.40 3.65
C TYR J 65 14.16 21.73 3.14
N ASP J 66 13.39 22.40 2.29
CA ASP J 66 13.84 23.70 1.78
C ASP J 66 13.87 24.74 2.88
N GLN J 67 12.99 24.62 3.87
CA GLN J 67 12.99 25.57 4.98
C GLN J 67 14.22 25.41 5.86
N PHE J 68 14.62 24.17 6.13
CA PHE J 68 15.73 23.95 7.05
C PHE J 68 17.09 23.84 6.36
N PHE J 69 17.11 23.58 5.06
CA PHE J 69 18.37 23.48 4.31
C PHE J 69 18.25 24.34 3.06
N PRO J 70 18.38 25.66 3.21
CA PRO J 70 18.29 26.53 2.02
C PRO J 70 19.29 26.17 0.94
N ILE J 71 20.50 25.82 1.33
CA ILE J 71 21.52 25.31 0.42
C ILE J 71 22.41 24.36 1.20
N SER J 72 22.53 23.12 0.71
CA SER J 72 23.19 22.08 1.48
C SER J 72 24.66 22.42 1.69
N HIS J 73 25.25 21.76 2.69
CA HIS J 73 26.62 22.08 3.09
C HIS J 73 27.60 21.80 1.95
N VAL J 74 27.40 20.70 1.22
CA VAL J 74 28.35 20.33 0.17
C VAL J 74 28.34 21.36 -0.95
N ARG J 75 27.16 21.80 -1.37
CA ARG J 75 27.10 22.81 -2.42
C ARG J 75 27.68 24.14 -1.96
N LEU J 76 27.43 24.50 -0.70
CA LEU J 76 27.99 25.73 -0.15
C LEU J 76 29.52 25.66 -0.14
N TRP J 77 30.07 24.53 0.26
CA TRP J 77 31.52 24.37 0.28
C TRP J 77 32.10 24.32 -1.13
N SER J 78 31.36 23.74 -2.08
CA SER J 78 31.81 23.74 -3.46
C SER J 78 31.87 25.16 -4.02
N LEU J 79 30.83 25.96 -3.76
CA LEU J 79 30.85 27.35 -4.19
C LEU J 79 31.98 28.12 -3.51
N GLN J 80 32.20 27.87 -2.22
CA GLN J 80 33.30 28.52 -1.53
C GLN J 80 34.64 28.15 -2.14
N LEU J 81 34.83 26.88 -2.48
CA LEU J 81 36.09 26.43 -3.08
C LEU J 81 36.29 27.07 -4.45
N ILE J 82 35.23 27.13 -5.26
CA ILE J 82 35.35 27.73 -6.59
C ILE J 82 35.70 29.21 -6.48
N LEU J 83 35.01 29.94 -5.61
CA LEU J 83 35.26 31.37 -5.50
C LEU J 83 36.62 31.67 -4.86
N VAL J 84 37.08 30.80 -3.96
CA VAL J 84 38.41 30.96 -3.37
C VAL J 84 39.48 30.68 -4.40
N SER J 85 39.27 29.68 -5.26
CA SER J 85 40.26 29.35 -6.27
C SER J 85 40.23 30.28 -7.47
N THR J 86 39.16 31.07 -7.63
CA THR J 86 39.10 31.99 -8.77
C THR J 86 40.24 33.00 -8.80
N PRO J 87 40.57 33.72 -7.73
CA PRO J 87 41.70 34.67 -7.83
C PRO J 87 43.03 34.01 -8.16
N ALA J 88 43.29 32.81 -7.65
CA ALA J 88 44.53 32.11 -8.01
C ALA J 88 44.55 31.79 -9.50
N LEU J 89 43.41 31.36 -10.04
CA LEU J 89 43.31 31.11 -11.47
C LEU J 89 43.53 32.39 -12.26
N LEU J 90 42.99 33.51 -11.76
CA LEU J 90 43.19 34.79 -12.44
C LEU J 90 44.66 35.18 -12.46
N VAL J 91 45.36 34.99 -11.34
CA VAL J 91 46.78 35.33 -11.29
C VAL J 91 47.58 34.43 -12.21
N ALA J 92 47.24 33.14 -12.26
CA ALA J 92 47.93 32.23 -13.16
C ALA J 92 47.72 32.63 -14.61
N MET J 93 46.48 32.98 -14.98
CA MET J 93 46.22 33.43 -16.34
C MET J 93 46.95 34.74 -16.64
N HIS J 94 47.02 35.64 -15.65
CA HIS J 94 47.72 36.90 -15.85
C HIS J 94 49.20 36.68 -16.11
N VAL J 95 49.84 35.82 -15.31
CA VAL J 95 51.27 35.60 -15.49
C VAL J 95 51.54 34.86 -16.79
N ALA J 96 50.67 33.92 -17.17
CA ALA J 96 50.81 33.25 -18.46
C ALA J 96 50.66 34.23 -19.61
N HIS J 97 49.69 35.14 -19.51
CA HIS J 97 49.50 36.15 -20.55
C HIS J 97 50.68 37.09 -20.63
N GLN J 98 51.26 37.46 -19.49
CA GLN J 98 52.43 38.32 -19.49
C GLN J 98 53.62 37.62 -20.13
N GLN J 99 53.81 36.34 -19.83
CA GLN J 99 54.89 35.60 -20.48
C GLN J 99 54.67 35.51 -21.98
N HIS J 100 53.43 35.28 -22.41
CA HIS J 100 53.13 35.22 -23.83
C HIS J 100 53.38 36.56 -24.52
N ILE J 101 52.96 37.66 -23.88
CA ILE J 101 53.08 38.96 -24.52
C ILE J 101 54.53 39.42 -24.54
N GLU J 102 55.34 39.02 -23.56
CA GLU J 102 56.76 39.32 -23.63
C GLU J 102 57.51 38.35 -24.52
N LYS J 103 56.92 37.22 -24.86
CA LYS J 103 57.56 36.27 -25.77
C LYS J 103 57.51 36.76 -27.22
N LYS J 104 56.50 37.55 -27.57
CA LYS J 104 56.33 38.02 -28.94
C LYS J 104 57.13 39.29 -29.23
N MET J 105 57.82 39.85 -28.25
CA MET J 105 58.62 41.04 -28.47
C MET J 105 59.91 41.00 -27.66
N ILE J 127 57.08 45.63 -14.63
CA ILE J 127 56.43 44.34 -14.86
C ILE J 127 56.39 43.55 -13.55
N SER J 128 57.43 43.72 -12.73
CA SER J 128 57.46 43.05 -11.43
C SER J 128 56.49 43.69 -10.45
N GLY J 129 56.43 45.03 -10.42
CA GLY J 129 55.56 45.69 -9.47
C GLY J 129 54.10 45.43 -9.70
N THR J 130 53.67 45.44 -10.97
CA THR J 130 52.27 45.18 -11.27
C THR J 130 51.88 43.74 -10.90
N LEU J 131 52.78 42.78 -11.15
CA LEU J 131 52.51 41.40 -10.75
C LEU J 131 52.44 41.28 -9.24
N TRP J 132 53.33 41.98 -8.53
CA TRP J 132 53.28 41.95 -7.07
C TRP J 132 51.97 42.50 -6.54
N TRP J 133 51.53 43.63 -7.09
CA TRP J 133 50.25 44.21 -6.65
C TRP J 133 49.09 43.30 -7.00
N THR J 134 49.12 42.68 -8.17
CA THR J 134 48.07 41.75 -8.56
C THR J 134 48.00 40.57 -7.59
N TYR J 135 49.17 40.02 -7.22
CA TYR J 135 49.18 38.90 -6.28
C TYR J 135 48.65 39.33 -4.91
N VAL J 136 49.04 40.51 -4.44
CA VAL J 136 48.57 40.97 -3.14
C VAL J 136 47.05 41.15 -3.16
N ILE J 137 46.52 41.77 -4.23
CA ILE J 137 45.08 41.94 -4.34
C ILE J 137 44.38 40.60 -4.41
N SER J 138 44.99 39.63 -5.10
CA SER J 138 44.40 38.30 -5.19
C SER J 138 44.33 37.63 -3.83
N VAL J 139 45.39 37.75 -3.03
CA VAL J 139 45.37 37.15 -1.70
C VAL J 139 44.32 37.83 -0.82
N VAL J 140 44.20 39.16 -0.95
CA VAL J 140 43.19 39.89 -0.19
C VAL J 140 41.79 39.42 -0.57
N PHE J 141 41.53 39.26 -1.86
CA PHE J 141 40.21 38.80 -2.31
C PHE J 141 39.94 37.37 -1.88
N ARG J 142 40.96 36.52 -1.89
CA ARG J 142 40.78 35.15 -1.40
C ARG J 142 40.40 35.15 0.07
N LEU J 143 41.09 35.96 0.88
CA LEU J 143 40.75 36.07 2.28
C LEU J 143 39.33 36.61 2.47
N LEU J 144 38.95 37.59 1.66
CA LEU J 144 37.61 38.16 1.75
C LEU J 144 36.54 37.12 1.43
N PHE J 145 36.77 36.32 0.38
CA PHE J 145 35.81 35.28 0.03
C PHE J 145 35.72 34.22 1.13
N GLU J 146 36.86 33.83 1.70
CA GLU J 146 36.83 32.88 2.80
C GLU J 146 36.00 33.40 3.96
N ALA J 147 36.24 34.66 4.36
CA ALA J 147 35.50 35.23 5.46
C ALA J 147 34.01 35.36 5.15
N VAL J 148 33.68 35.76 3.92
CA VAL J 148 32.28 35.92 3.54
C VAL J 148 31.56 34.59 3.59
N PHE J 149 32.18 33.53 3.08
CA PHE J 149 31.52 32.23 3.08
C PHE J 149 31.41 31.66 4.49
N MET J 150 32.42 31.89 5.33
CA MET J 150 32.31 31.45 6.71
C MET J 150 31.18 32.18 7.43
N TYR J 151 31.03 33.48 7.18
CA TYR J 151 29.94 34.23 7.79
C TYR J 151 28.58 33.76 7.27
N VAL J 152 28.48 33.46 5.98
CA VAL J 152 27.23 32.96 5.43
C VAL J 152 26.88 31.61 6.05
N PHE J 153 27.87 30.74 6.22
CA PHE J 153 27.63 29.46 6.88
C PHE J 153 27.15 29.68 8.31
N TYR J 154 27.74 30.65 9.01
CA TYR J 154 27.29 30.95 10.36
C TYR J 154 25.84 31.44 10.37
N LEU J 155 25.48 32.28 9.39
CA LEU J 155 24.12 32.81 9.33
C LEU J 155 23.11 31.70 9.06
N LEU J 156 23.39 30.84 8.07
CA LEU J 156 22.40 29.83 7.68
C LEU J 156 22.30 28.73 8.73
N TYR J 157 23.43 28.25 9.24
CA TYR J 157 23.47 27.11 10.15
C TYR J 157 24.24 27.50 11.40
N PRO J 158 23.61 28.18 12.35
CA PRO J 158 24.29 28.52 13.60
C PRO J 158 24.74 27.25 14.32
N GLY J 159 25.95 27.31 14.87
CA GLY J 159 26.53 26.15 15.50
C GLY J 159 27.17 25.20 14.50
N TYR J 160 28.05 24.35 15.01
CA TYR J 160 28.75 23.37 14.19
C TYR J 160 28.05 22.02 14.16
N ALA J 161 26.95 21.85 14.87
CA ALA J 161 26.31 20.56 15.05
C ALA J 161 24.91 20.56 14.47
N MET J 162 24.47 19.39 14.03
CA MET J 162 23.14 19.19 13.47
C MET J 162 22.34 18.30 14.39
N VAL J 163 21.03 18.49 14.39
CA VAL J 163 20.12 17.79 15.29
C VAL J 163 19.24 16.85 14.49
N ARG J 164 18.81 15.77 15.14
CA ARG J 164 17.97 14.79 14.46
C ARG J 164 16.56 15.30 14.26
N LEU J 165 15.98 15.92 15.30
CA LEU J 165 14.62 16.44 15.23
C LEU J 165 14.64 17.91 14.82
N VAL J 166 13.78 18.26 13.87
CA VAL J 166 13.54 19.66 13.54
C VAL J 166 12.04 19.89 13.51
N LYS J 167 11.59 20.92 14.21
CA LYS J 167 10.18 21.28 14.28
C LYS J 167 9.89 22.31 13.20
N CYS J 168 9.02 21.96 12.25
CA CYS J 168 8.73 22.81 11.11
C CYS J 168 7.26 23.22 11.10
N ASP J 169 7.01 24.52 10.98
CA ASP J 169 5.65 25.06 10.88
C ASP J 169 5.60 26.00 9.68
N VAL J 170 5.40 25.43 8.50
CA VAL J 170 5.35 26.20 7.27
C VAL J 170 4.32 25.55 6.35
N TYR J 171 3.63 26.39 5.58
CA TYR J 171 2.59 25.88 4.69
C TYR J 171 3.20 24.91 3.68
N PRO J 172 2.51 23.80 3.37
CA PRO J 172 1.18 23.37 3.81
C PRO J 172 1.17 22.51 5.06
N CYS J 173 2.29 22.33 5.75
CA CYS J 173 2.31 21.47 6.92
C CYS J 173 1.40 22.04 8.00
N PRO J 174 0.48 21.25 8.54
CA PRO J 174 -0.43 21.77 9.57
C PRO J 174 0.26 21.83 10.92
N ASN J 175 0.13 22.97 11.59
CA ASN J 175 0.69 23.21 12.93
C ASN J 175 2.20 22.99 12.83
N THR J 176 2.80 22.22 13.74
CA THR J 176 4.23 21.97 13.75
C THR J 176 4.46 20.47 13.59
N VAL J 177 5.31 20.10 12.64
CA VAL J 177 5.58 18.69 12.34
C VAL J 177 7.04 18.39 12.67
N ASP J 178 7.31 17.12 12.93
CA ASP J 178 8.64 16.65 13.31
C ASP J 178 9.31 16.04 12.08
N CYS J 179 10.32 16.72 11.56
CA CYS J 179 11.12 16.17 10.47
C CYS J 179 12.43 15.62 11.03
N PHE J 180 12.95 14.60 10.37
CA PHE J 180 14.12 13.87 10.85
C PHE J 180 15.23 13.98 9.83
N VAL J 181 16.33 14.61 10.23
CA VAL J 181 17.51 14.73 9.36
C VAL J 181 18.20 13.37 9.26
N SER J 182 18.94 13.17 8.18
CA SER J 182 19.67 11.93 7.95
C SER J 182 21.15 12.15 8.22
N ARG J 183 21.74 11.25 9.01
CA ARG J 183 23.15 11.30 9.38
C ARG J 183 23.58 12.66 9.93
N PRO J 184 22.97 13.14 11.02
CA PRO J 184 23.44 14.38 11.62
C PRO J 184 24.87 14.31 12.16
N THR J 185 25.29 13.16 12.70
CA THR J 185 26.61 13.11 13.34
C THR J 185 27.73 13.09 12.30
N GLU J 186 27.56 12.32 11.23
CA GLU J 186 28.57 12.30 10.17
C GLU J 186 28.69 13.66 9.51
N LYS J 187 27.56 14.32 9.26
CA LYS J 187 27.59 15.66 8.70
C LYS J 187 28.23 16.64 9.66
N THR J 188 28.02 16.46 10.97
CA THR J 188 28.70 17.30 11.95
C THR J 188 30.21 17.10 11.89
N VAL J 189 30.66 15.86 11.77
CA VAL J 189 32.10 15.59 11.70
C VAL J 189 32.70 16.27 10.47
N PHE J 190 32.04 16.12 9.32
CA PHE J 190 32.60 16.72 8.10
C PHE J 190 32.49 18.24 8.14
N THR J 191 31.46 18.79 8.78
CA THR J 191 31.38 20.23 8.97
C THR J 191 32.54 20.73 9.81
N VAL J 192 32.88 20.01 10.88
CA VAL J 192 34.03 20.39 11.70
C VAL J 192 35.30 20.38 10.87
N PHE J 193 35.50 19.32 10.08
CA PHE J 193 36.70 19.24 9.26
C PHE J 193 36.78 20.40 8.27
N MET J 194 35.68 20.69 7.57
CA MET J 194 35.71 21.75 6.56
C MET J 194 35.87 23.13 7.19
N LEU J 195 35.23 23.37 8.32
CA LEU J 195 35.39 24.65 9.00
C LEU J 195 36.82 24.83 9.53
N ALA J 196 37.42 23.77 10.04
CA ALA J 196 38.81 23.86 10.47
C ALA J 196 39.72 24.17 9.30
N ALA J 197 39.49 23.51 8.16
CA ALA J 197 40.29 23.80 6.97
C ALA J 197 40.12 25.24 6.51
N SER J 198 38.89 25.75 6.54
CA SER J 198 38.66 27.13 6.15
C SER J 198 39.34 28.11 7.10
N GLY J 199 39.29 27.82 8.40
CA GLY J 199 40.00 28.68 9.35
C GLY J 199 41.49 28.68 9.14
N ILE J 200 42.06 27.50 8.85
CA ILE J 200 43.48 27.42 8.54
C ILE J 200 43.80 28.24 7.29
N CYS J 201 42.93 28.17 6.28
CA CYS J 201 43.14 28.97 5.07
C CYS J 201 43.12 30.46 5.38
N ILE J 202 42.18 30.89 6.22
CA ILE J 202 42.10 32.31 6.58
C ILE J 202 43.37 32.75 7.29
N ILE J 203 43.84 31.94 8.25
CA ILE J 203 45.04 32.29 8.99
C ILE J 203 46.24 32.36 8.06
N LEU J 204 46.37 31.40 7.14
CA LEU J 204 47.49 31.41 6.22
C LEU J 204 47.45 32.60 5.28
N ASN J 205 46.25 32.98 4.81
CA ASN J 205 46.14 34.14 3.94
C ASN J 205 46.52 35.42 4.67
N VAL J 206 46.08 35.57 5.93
CA VAL J 206 46.46 36.75 6.70
C VAL J 206 47.97 36.78 6.92
N ALA J 207 48.56 35.63 7.23
CA ALA J 207 50.00 35.57 7.41
C ALA J 207 50.74 35.93 6.14
N GLU J 208 50.25 35.45 5.00
CA GLU J 208 50.89 35.77 3.72
C GLU J 208 50.83 37.27 3.43
N VAL J 209 49.66 37.88 3.66
CA VAL J 209 49.53 39.32 3.44
C VAL J 209 50.50 40.09 4.34
N VAL J 210 50.54 39.72 5.62
CA VAL J 210 51.41 40.42 6.56
C VAL J 210 52.87 40.26 6.17
N TYR J 211 53.26 39.04 5.78
CA TYR J 211 54.65 38.80 5.40
C TYR J 211 55.02 39.61 4.15
N LEU J 212 54.13 39.66 3.16
CA LEU J 212 54.42 40.45 1.96
C LEU J 212 54.55 41.93 2.30
N ILE J 213 53.65 42.45 3.16
CA ILE J 213 53.74 43.86 3.52
C ILE J 213 55.03 44.14 4.26
N ILE J 214 55.43 43.25 5.17
CA ILE J 214 56.67 43.45 5.93
C ILE J 214 57.87 43.42 5.00
N ARG J 215 57.92 42.47 4.08
CA ARG J 215 59.06 42.38 3.17
C ARG J 215 59.11 43.56 2.20
N ALA J 216 57.95 44.11 1.83
CA ALA J 216 57.92 45.28 0.97
C ALA J 216 58.58 46.47 1.65
N CYS J 217 58.32 46.66 2.95
CA CYS J 217 58.90 47.76 3.70
C CYS J 217 60.14 47.31 4.44
N MET K 1 53.72 5.75 -18.96
CA MET K 1 53.46 5.35 -17.59
C MET K 1 54.37 4.18 -17.20
N ASN K 2 55.65 4.50 -16.97
CA ASN K 2 56.63 3.48 -16.63
C ASN K 2 56.70 3.28 -15.12
N TRP K 3 57.44 2.24 -14.72
CA TRP K 3 57.57 1.94 -13.29
C TRP K 3 58.44 2.96 -12.57
N THR K 4 59.47 3.48 -13.23
CA THR K 4 60.33 4.46 -12.58
C THR K 4 59.56 5.73 -12.23
N GLY K 5 58.67 6.17 -13.11
CA GLY K 5 57.88 7.36 -12.82
C GLY K 5 56.94 7.15 -11.65
N LEU K 6 56.25 6.01 -11.60
CA LEU K 6 55.34 5.73 -10.49
C LEU K 6 56.12 5.60 -9.18
N TYR K 7 57.27 4.93 -9.22
CA TYR K 7 58.09 4.79 -8.03
C TYR K 7 58.58 6.14 -7.52
N THR K 8 59.01 7.01 -8.44
CA THR K 8 59.45 8.35 -8.04
C THR K 8 58.28 9.15 -7.46
N LEU K 9 57.10 9.04 -8.07
CA LEU K 9 55.93 9.76 -7.54
C LEU K 9 55.58 9.29 -6.15
N LEU K 10 55.62 7.97 -5.91
CA LEU K 10 55.25 7.46 -4.60
C LEU K 10 56.32 7.72 -3.56
N SER K 11 57.59 7.75 -3.97
CA SER K 11 58.68 7.95 -3.02
C SER K 11 58.66 9.35 -2.42
N GLY K 12 58.30 10.35 -3.23
CA GLY K 12 58.39 11.73 -2.81
C GLY K 12 59.73 12.39 -3.04
N VAL K 13 60.68 11.68 -3.67
CA VAL K 13 62.02 12.14 -4.02
C VAL K 13 62.64 12.95 -2.87
N ASN K 14 62.50 12.44 -1.64
CA ASN K 14 63.05 13.11 -0.46
C ASN K 14 64.46 12.66 -0.13
N ARG K 15 64.99 11.66 -0.83
CA ARG K 15 66.37 11.16 -0.70
C ARG K 15 66.76 10.88 0.75
N HIS K 16 65.78 10.61 1.62
CA HIS K 16 66.07 10.28 3.00
C HIS K 16 65.30 9.06 3.50
N SER K 17 64.37 8.53 2.71
CA SER K 17 63.56 7.40 3.10
C SER K 17 64.25 6.10 2.69
N THR K 18 64.25 5.12 3.60
CA THR K 18 64.88 3.84 3.33
C THR K 18 63.92 2.94 2.57
N ALA K 19 64.31 1.66 2.43
CA ALA K 19 63.48 0.71 1.68
C ALA K 19 62.16 0.44 2.38
N ILE K 20 62.15 0.46 3.71
CA ILE K 20 60.94 0.13 4.46
C ILE K 20 59.92 1.26 4.48
N GLY K 21 60.21 2.38 3.82
CA GLY K 21 59.25 3.47 3.73
C GLY K 21 59.07 3.94 2.30
N ARG K 22 59.92 3.43 1.42
CA ARG K 22 59.88 3.77 0.00
C ARG K 22 59.40 2.62 -0.87
N VAL K 23 59.58 1.38 -0.42
CA VAL K 23 59.12 0.22 -1.16
C VAL K 23 57.90 -0.43 -0.50
N TRP K 24 57.83 -0.48 0.82
CA TRP K 24 56.76 -1.18 1.53
C TRP K 24 55.60 -0.28 1.90
N LEU K 25 55.86 0.92 2.42
CA LEU K 25 54.77 1.80 2.81
C LEU K 25 53.93 2.21 1.60
N SER K 26 54.57 2.47 0.47
CA SER K 26 53.82 2.82 -0.74
C SER K 26 52.93 1.67 -1.19
N VAL K 27 53.43 0.43 -1.09
CA VAL K 27 52.63 -0.73 -1.48
C VAL K 27 51.43 -0.88 -0.55
N ILE K 28 51.62 -0.69 0.75
CA ILE K 28 50.50 -0.79 1.69
C ILE K 28 49.49 0.33 1.43
N PHE K 29 49.98 1.53 1.09
CA PHE K 29 49.06 2.61 0.76
C PHE K 29 48.25 2.29 -0.48
N ILE K 30 48.88 1.71 -1.51
CA ILE K 30 48.16 1.32 -2.71
C ILE K 30 47.14 0.24 -2.38
N PHE K 31 47.52 -0.71 -1.52
CA PHE K 31 46.59 -1.76 -1.13
C PHE K 31 45.37 -1.18 -0.42
N ARG K 32 45.59 -0.24 0.50
CA ARG K 32 44.48 0.38 1.20
C ARG K 32 43.59 1.16 0.24
N ILE K 33 44.20 1.90 -0.69
CA ILE K 33 43.42 2.65 -1.67
C ILE K 33 42.55 1.70 -2.50
N MET K 34 43.13 0.60 -2.97
CA MET K 34 42.38 -0.32 -3.81
C MET K 34 41.25 -1.00 -3.04
N VAL K 35 41.52 -1.42 -1.80
CA VAL K 35 40.47 -2.05 -1.01
C VAL K 35 39.35 -1.05 -0.73
N LEU K 36 39.70 0.19 -0.39
CA LEU K 36 38.70 1.20 -0.14
C LEU K 36 37.86 1.49 -1.38
N VAL K 37 38.50 1.50 -2.55
CA VAL K 37 37.77 1.73 -3.79
C VAL K 37 36.81 0.59 -4.08
N VAL K 38 37.27 -0.66 -3.90
CA VAL K 38 36.41 -1.80 -4.24
C VAL K 38 35.38 -2.11 -3.16
N ALA K 39 35.47 -1.49 -1.99
CA ALA K 39 34.48 -1.72 -0.94
C ALA K 39 33.69 -0.47 -0.55
N ALA K 40 33.98 0.68 -1.13
CA ALA K 40 33.34 1.92 -0.68
C ALA K 40 31.88 1.98 -1.12
N GLU K 41 31.61 1.65 -2.38
CA GLU K 41 30.27 1.81 -2.92
C GLU K 41 29.51 0.50 -3.07
N SER K 42 30.22 -0.62 -3.19
CA SER K 42 29.53 -1.89 -3.38
C SER K 42 29.00 -2.43 -2.05
N VAL K 43 29.78 -2.32 -0.98
CA VAL K 43 29.39 -2.88 0.31
C VAL K 43 28.63 -1.85 1.13
N TRP K 44 29.27 -0.72 1.40
CA TRP K 44 28.67 0.34 2.20
C TRP K 44 27.79 1.27 1.38
N GLY K 45 27.44 0.88 0.16
CA GLY K 45 26.59 1.74 -0.67
C GLY K 45 25.19 1.91 -0.11
N ASP K 46 24.59 0.82 0.35
CA ASP K 46 23.22 0.81 0.84
C ASP K 46 23.16 0.51 2.34
N GLU K 47 24.09 1.11 3.10
CA GLU K 47 24.07 0.92 4.54
C GLU K 47 22.92 1.66 5.19
N LYS K 48 22.41 2.70 4.53
CA LYS K 48 21.33 3.50 5.10
C LYS K 48 19.96 3.00 4.64
N SER K 49 19.81 2.72 3.35
CA SER K 49 18.53 2.30 2.81
C SER K 49 18.18 0.86 3.17
N SER K 50 19.15 -0.06 3.14
CA SER K 50 18.85 -1.45 3.47
C SER K 50 18.71 -1.64 4.98
N PHE K 51 19.05 -0.61 5.75
CA PHE K 51 18.94 -0.65 7.20
C PHE K 51 17.52 -0.33 7.63
N ILE K 52 16.86 -1.30 8.25
CA ILE K 52 15.47 -1.16 8.64
C ILE K 52 15.30 -1.62 10.09
N CYS K 53 14.32 -1.02 10.76
CA CYS K 53 13.95 -1.44 12.10
C CYS K 53 12.61 -2.18 12.07
N ASN K 54 12.27 -2.77 13.21
CA ASN K 54 11.05 -3.54 13.36
C ASN K 54 9.91 -2.74 13.97
N THR K 55 9.94 -1.42 13.86
CA THR K 55 8.89 -0.59 14.42
C THR K 55 8.02 0.00 13.30
N LEU K 56 6.97 0.71 13.70
CA LEU K 56 6.08 1.40 12.79
C LEU K 56 6.15 2.91 12.92
N GLN K 57 6.87 3.42 13.91
CA GLN K 57 6.97 4.87 14.10
C GLN K 57 7.78 5.50 12.98
N PRO K 58 7.31 6.60 12.39
CA PRO K 58 8.12 7.29 11.39
C PRO K 58 9.36 7.91 12.01
N GLY K 59 10.45 7.90 11.24
CA GLY K 59 11.68 8.53 11.65
C GLY K 59 12.53 7.74 12.61
N CYS K 60 12.13 6.53 12.97
CA CYS K 60 12.94 5.72 13.88
C CYS K 60 14.15 5.12 13.17
N ASN K 61 14.03 4.83 11.87
CA ASN K 61 15.15 4.24 11.13
C ASN K 61 16.34 5.19 11.11
N SER K 62 16.10 6.47 10.81
CA SER K 62 17.19 7.43 10.69
C SER K 62 17.89 7.66 12.02
N VAL K 63 17.11 7.85 13.09
CA VAL K 63 17.71 8.09 14.39
C VAL K 63 18.47 6.86 14.87
N CYS K 64 17.93 5.67 14.61
CA CYS K 64 18.64 4.45 15.00
C CYS K 64 19.95 4.31 14.22
N TYR K 65 19.93 4.56 12.91
CA TYR K 65 21.16 4.46 12.13
C TYR K 65 22.19 5.45 12.61
N ASP K 66 21.78 6.69 12.87
CA ASP K 66 22.73 7.68 13.36
C ASP K 66 23.23 7.32 14.76
N GLN K 67 22.40 6.66 15.56
CA GLN K 67 22.83 6.26 16.89
C GLN K 67 23.89 5.16 16.84
N PHE K 68 23.72 4.20 15.94
CA PHE K 68 24.64 3.07 15.90
C PHE K 68 25.80 3.24 14.94
N PHE K 69 25.70 4.17 14.00
CA PHE K 69 26.77 4.44 13.04
C PHE K 69 27.03 5.94 13.00
N PRO K 70 27.72 6.48 14.01
CA PRO K 70 28.00 7.92 14.00
C PRO K 70 28.73 8.38 12.76
N ILE K 71 29.69 7.59 12.28
CA ILE K 71 30.35 7.84 11.01
C ILE K 71 30.76 6.49 10.44
N SER K 72 30.31 6.21 9.21
CA SER K 72 30.46 4.89 8.65
C SER K 72 31.94 4.53 8.48
N HIS K 73 32.19 3.22 8.36
CA HIS K 73 33.57 2.74 8.30
C HIS K 73 34.31 3.30 7.10
N VAL K 74 33.65 3.37 5.94
CA VAL K 74 34.32 3.81 4.72
C VAL K 74 34.75 5.27 4.83
N ARG K 75 33.87 6.13 5.35
CA ARG K 75 34.23 7.52 5.51
C ARG K 75 35.33 7.70 6.55
N LEU K 76 35.29 6.92 7.63
CA LEU K 76 36.34 6.98 8.63
C LEU K 76 37.68 6.57 8.04
N TRP K 77 37.70 5.52 7.23
CA TRP K 77 38.94 5.08 6.60
C TRP K 77 39.41 6.06 5.54
N SER K 78 38.48 6.71 4.83
CA SER K 78 38.87 7.74 3.88
C SER K 78 39.52 8.92 4.58
N LEU K 79 38.94 9.38 5.69
CA LEU K 79 39.54 10.45 6.46
C LEU K 79 40.91 10.04 7.00
N GLN K 80 41.02 8.81 7.48
CA GLN K 80 42.30 8.31 7.96
C GLN K 80 43.34 8.32 6.85
N LEU K 81 42.95 7.87 5.65
CA LEU K 81 43.90 7.83 4.53
C LEU K 81 44.32 9.24 4.14
N ILE K 82 43.38 10.18 4.10
CA ILE K 82 43.72 11.56 3.73
C ILE K 82 44.69 12.16 4.75
N LEU K 83 44.38 11.99 6.04
CA LEU K 83 45.23 12.60 7.06
C LEU K 83 46.58 11.91 7.16
N VAL K 84 46.65 10.61 6.88
CA VAL K 84 47.92 9.91 6.88
C VAL K 84 48.77 10.34 5.68
N SER K 85 48.13 10.57 4.53
CA SER K 85 48.86 10.99 3.35
C SER K 85 49.21 12.46 3.35
N THR K 86 48.59 13.27 4.22
CA THR K 86 48.90 14.69 4.25
C THR K 86 50.37 14.99 4.56
N PRO K 87 51.00 14.41 5.59
CA PRO K 87 52.42 14.72 5.82
C PRO K 87 53.34 14.33 4.68
N ALA K 88 53.05 13.21 3.99
CA ALA K 88 53.86 12.85 2.83
C ALA K 88 53.73 13.89 1.73
N LEU K 89 52.51 14.37 1.49
CA LEU K 89 52.30 15.44 0.53
C LEU K 89 53.03 16.71 0.94
N LEU K 90 53.02 17.03 2.24
CA LEU K 90 53.74 18.20 2.72
C LEU K 90 55.24 18.07 2.47
N VAL K 91 55.81 16.89 2.72
CA VAL K 91 57.24 16.70 2.49
C VAL K 91 57.56 16.78 1.00
N ALA K 92 56.70 16.22 0.16
CA ALA K 92 56.92 16.31 -1.28
C ALA K 92 56.88 17.76 -1.75
N MET K 93 55.90 18.53 -1.27
CA MET K 93 55.84 19.94 -1.63
C MET K 93 57.05 20.70 -1.10
N HIS K 94 57.51 20.35 0.10
CA HIS K 94 58.69 21.02 0.67
C HIS K 94 59.92 20.77 -0.18
N VAL K 95 60.15 19.51 -0.58
CA VAL K 95 61.34 19.20 -1.36
C VAL K 95 61.25 19.81 -2.75
N ALA K 96 60.05 19.82 -3.35
CA ALA K 96 59.88 20.49 -4.63
C ALA K 96 60.14 21.98 -4.52
N HIS K 97 59.65 22.61 -3.46
CA HIS K 97 59.88 24.04 -3.26
C HIS K 97 61.36 24.33 -3.04
N GLN K 98 62.06 23.45 -2.31
CA GLN K 98 63.49 23.63 -2.10
C GLN K 98 64.24 23.51 -3.41
N GLN K 99 63.87 22.54 -4.26
CA GLN K 99 64.51 22.42 -5.56
C GLN K 99 64.25 23.67 -6.41
N HIS K 100 63.03 24.18 -6.37
CA HIS K 100 62.70 25.38 -7.13
C HIS K 100 63.50 26.58 -6.63
N ILE K 101 63.60 26.75 -5.31
CA ILE K 101 64.26 27.93 -4.75
C ILE K 101 65.78 27.85 -4.96
N GLU K 102 66.35 26.65 -4.99
CA GLU K 102 67.75 26.52 -5.34
C GLU K 102 67.99 26.57 -6.83
N LYS K 103 66.94 26.38 -7.64
CA LYS K 103 67.10 26.47 -9.09
C LYS K 103 67.22 27.91 -9.56
N LYS K 104 66.63 28.86 -8.82
CA LYS K 104 66.67 30.26 -9.20
C LYS K 104 67.93 30.98 -8.75
N MET K 105 68.83 30.30 -8.03
CA MET K 105 70.07 30.92 -7.60
C MET K 105 71.22 29.92 -7.62
N ILE K 127 70.87 22.42 4.39
CA ILE K 127 69.74 22.09 3.54
C ILE K 127 69.38 20.62 3.72
N SER K 128 70.40 19.79 3.95
CA SER K 128 70.17 18.37 4.18
C SER K 128 69.59 18.12 5.57
N GLY K 129 70.11 18.82 6.58
CA GLY K 129 69.63 18.60 7.94
C GLY K 129 68.18 18.99 8.14
N THR K 130 67.79 20.13 7.58
CA THR K 130 66.40 20.56 7.72
C THR K 130 65.45 19.60 7.01
N LEU K 131 65.84 19.09 5.84
CA LEU K 131 65.00 18.10 5.16
C LEU K 131 64.93 16.80 5.96
N TRP K 132 66.04 16.38 6.56
CA TRP K 132 66.02 15.18 7.39
C TRP K 132 65.08 15.34 8.57
N TRP K 133 65.16 16.49 9.25
CA TRP K 133 64.27 16.74 10.38
C TRP K 133 62.82 16.82 9.94
N THR K 134 62.56 17.45 8.79
CA THR K 134 61.20 17.51 8.27
C THR K 134 60.66 16.12 7.98
N TYR K 135 61.47 15.25 7.37
CA TYR K 135 61.02 13.90 7.10
C TYR K 135 60.75 13.12 8.38
N VAL K 136 61.62 13.27 9.38
CA VAL K 136 61.42 12.55 10.64
C VAL K 136 60.13 13.02 11.31
N ILE K 137 59.90 14.34 11.35
CA ILE K 137 58.67 14.87 11.93
C ILE K 137 57.46 14.39 11.15
N SER K 138 57.58 14.30 9.82
CA SER K 138 56.47 13.81 9.01
C SER K 138 56.13 12.37 9.34
N VAL K 139 57.15 11.52 9.49
CA VAL K 139 56.89 10.13 9.84
C VAL K 139 56.27 10.02 11.22
N VAL K 140 56.74 10.85 12.16
CA VAL K 140 56.15 10.83 13.50
C VAL K 140 54.69 11.24 13.45
N PHE K 141 54.36 12.28 12.67
CA PHE K 141 52.97 12.71 12.57
C PHE K 141 52.11 11.68 11.86
N ARG K 142 52.66 10.99 10.86
CA ARG K 142 51.91 9.93 10.20
C ARG K 142 51.59 8.80 11.18
N LEU K 143 52.58 8.41 11.98
CA LEU K 143 52.35 7.39 13.01
C LEU K 143 51.30 7.86 14.02
N LEU K 144 51.37 9.13 14.42
CA LEU K 144 50.41 9.67 15.37
C LEU K 144 48.99 9.64 14.81
N PHE K 145 48.84 10.02 13.54
CA PHE K 145 47.52 10.00 12.92
C PHE K 145 46.99 8.57 12.80
N GLU K 146 47.85 7.63 12.43
CA GLU K 146 47.44 6.22 12.37
C GLU K 146 46.94 5.75 13.73
N ALA K 147 47.70 6.03 14.79
CA ALA K 147 47.30 5.59 16.13
C ALA K 147 46.00 6.27 16.56
N VAL K 148 45.85 7.56 16.27
CA VAL K 148 44.65 8.29 16.67
C VAL K 148 43.43 7.72 15.99
N PHE K 149 43.54 7.43 14.68
CA PHE K 149 42.37 6.90 13.97
C PHE K 149 42.06 5.48 14.40
N MET K 150 43.08 4.67 14.70
CA MET K 150 42.81 3.34 15.22
C MET K 150 42.12 3.40 16.57
N TYR K 151 42.55 4.32 17.44
CA TYR K 151 41.90 4.48 18.73
C TYR K 151 40.46 4.97 18.59
N VAL K 152 40.22 5.89 17.64
CA VAL K 152 38.87 6.37 17.41
C VAL K 152 37.98 5.24 16.91
N PHE K 153 38.51 4.40 16.01
CA PHE K 153 37.75 3.24 15.55
C PHE K 153 37.43 2.30 16.70
N TYR K 154 38.39 2.10 17.60
CA TYR K 154 38.13 1.27 18.77
C TYR K 154 37.04 1.87 19.66
N LEU K 155 37.06 3.19 19.84
CA LEU K 155 36.06 3.85 20.67
C LEU K 155 34.67 3.72 20.07
N LEU K 156 34.53 4.02 18.78
CA LEU K 156 33.21 4.05 18.17
C LEU K 156 32.64 2.65 17.99
N TYR K 157 33.47 1.70 17.54
CA TYR K 157 33.02 0.35 17.20
C TYR K 157 33.90 -0.65 17.94
N PRO K 158 33.62 -0.91 19.22
CA PRO K 158 34.39 -1.92 19.94
C PRO K 158 34.26 -3.27 19.28
N GLY K 159 35.38 -3.98 19.18
CA GLY K 159 35.42 -5.25 18.48
C GLY K 159 35.57 -5.08 16.98
N TYR K 160 36.01 -6.15 16.33
CA TYR K 160 36.22 -6.16 14.90
C TYR K 160 35.00 -6.66 14.12
N ALA K 161 33.95 -7.09 14.80
CA ALA K 161 32.82 -7.76 14.17
C ALA K 161 31.55 -6.93 14.35
N MET K 162 30.63 -7.10 13.40
CA MET K 162 29.35 -6.43 13.41
C MET K 162 28.24 -7.47 13.59
N VAL K 163 27.15 -7.05 14.21
CA VAL K 163 26.05 -7.94 14.55
C VAL K 163 24.83 -7.56 13.71
N ARG K 164 23.99 -8.56 13.45
CA ARG K 164 22.79 -8.32 12.64
C ARG K 164 21.75 -7.55 13.43
N LEU K 165 21.50 -7.95 14.68
CA LEU K 165 20.50 -7.30 15.53
C LEU K 165 21.15 -6.20 16.35
N VAL K 166 20.52 -5.03 16.38
CA VAL K 166 20.90 -3.96 17.29
C VAL K 166 19.65 -3.46 18.00
N LYS K 167 19.70 -3.39 19.32
CA LYS K 167 18.59 -2.93 20.13
C LYS K 167 18.75 -1.42 20.37
N CYS K 168 17.80 -0.63 19.89
CA CYS K 168 17.89 0.82 19.97
C CYS K 168 16.75 1.37 20.78
N ASP K 169 17.07 2.23 21.75
CA ASP K 169 16.08 2.91 22.58
C ASP K 169 16.43 4.39 22.59
N VAL K 170 15.98 5.11 21.57
CA VAL K 170 16.23 6.54 21.45
C VAL K 170 15.02 7.18 20.83
N TYR K 171 14.74 8.42 21.23
CA TYR K 171 13.57 9.13 20.73
C TYR K 171 13.68 9.29 19.22
N PRO K 172 12.57 9.13 18.48
CA PRO K 172 11.20 8.86 18.90
C PRO K 172 10.83 7.39 18.99
N CYS K 173 11.79 6.47 18.85
CA CYS K 173 11.46 5.05 18.88
C CYS K 173 10.89 4.67 20.25
N PRO K 174 9.72 4.04 20.30
CA PRO K 174 9.13 3.69 21.59
C PRO K 174 9.80 2.45 22.18
N ASN K 175 10.20 2.55 23.45
CA ASN K 175 10.83 1.46 24.19
C ASN K 175 12.09 1.04 23.44
N THR K 176 12.32 -0.24 23.18
CA THR K 176 13.50 -0.72 22.47
C THR K 176 13.06 -1.43 21.21
N VAL K 177 13.65 -1.06 20.08
CA VAL K 177 13.29 -1.60 18.78
C VAL K 177 14.48 -2.37 18.22
N ASP K 178 14.18 -3.31 17.34
CA ASP K 178 15.18 -4.20 16.72
C ASP K 178 15.50 -3.67 15.33
N CYS K 179 16.69 -3.12 15.16
CA CYS K 179 17.16 -2.72 13.85
C CYS K 179 18.11 -3.77 13.30
N PHE K 180 18.13 -3.90 11.98
CA PHE K 180 18.87 -4.95 11.29
C PHE K 180 19.91 -4.32 10.39
N VAL K 181 21.18 -4.58 10.67
CA VAL K 181 22.27 -4.09 9.84
C VAL K 181 22.32 -4.89 8.54
N SER K 182 22.86 -4.28 7.50
CA SER K 182 22.98 -4.91 6.19
C SER K 182 24.42 -5.37 5.97
N ARG K 183 24.57 -6.62 5.54
CA ARG K 183 25.88 -7.23 5.28
C ARG K 183 26.86 -7.08 6.44
N PRO K 184 26.52 -7.58 7.63
CA PRO K 184 27.51 -7.52 8.72
C PRO K 184 28.77 -8.33 8.46
N THR K 185 28.67 -9.48 7.78
CA THR K 185 29.85 -10.34 7.62
C THR K 185 30.83 -9.77 6.61
N GLU K 186 30.34 -9.25 5.49
CA GLU K 186 31.21 -8.65 4.50
C GLU K 186 31.90 -7.42 5.08
N LYS K 187 31.16 -6.60 5.82
CA LYS K 187 31.75 -5.44 6.48
C LYS K 187 32.78 -5.88 7.52
N THR K 188 32.53 -6.99 8.21
CA THR K 188 33.52 -7.50 9.15
C THR K 188 34.79 -7.92 8.43
N VAL K 189 34.67 -8.58 7.29
CA VAL K 189 35.84 -9.00 6.54
C VAL K 189 36.66 -7.79 6.10
N PHE K 190 36.00 -6.78 5.56
CA PHE K 190 36.73 -5.60 5.11
C PHE K 190 37.28 -4.80 6.27
N THR K 191 36.60 -4.79 7.41
CA THR K 191 37.16 -4.17 8.61
C THR K 191 38.44 -4.88 9.04
N VAL K 192 38.45 -6.21 9.00
CA VAL K 192 39.66 -6.94 9.34
C VAL K 192 40.79 -6.59 8.39
N PHE K 193 40.49 -6.53 7.10
CA PHE K 193 41.53 -6.18 6.12
C PHE K 193 42.10 -4.79 6.39
N MET K 194 41.22 -3.80 6.59
CA MET K 194 41.68 -2.43 6.76
C MET K 194 42.43 -2.25 8.08
N LEU K 195 41.97 -2.90 9.15
CA LEU K 195 42.68 -2.82 10.42
C LEU K 195 44.05 -3.49 10.34
N ALA K 196 44.14 -4.63 9.64
CA ALA K 196 45.44 -5.25 9.45
C ALA K 196 46.38 -4.34 8.67
N ALA K 197 45.87 -3.70 7.62
CA ALA K 197 46.70 -2.78 6.84
C ALA K 197 47.16 -1.60 7.70
N SER K 198 46.27 -1.07 8.53
CA SER K 198 46.64 0.05 9.41
C SER K 198 47.69 -0.38 10.42
N GLY K 199 47.55 -1.58 10.98
CA GLY K 199 48.57 -2.08 11.91
C GLY K 199 49.92 -2.26 11.24
N ILE K 200 49.91 -2.77 10.01
CA ILE K 200 51.17 -2.90 9.27
C ILE K 200 51.78 -1.53 9.02
N CYS K 201 50.96 -0.53 8.70
CA CYS K 201 51.47 0.82 8.51
C CYS K 201 52.10 1.35 9.80
N ILE K 202 51.44 1.11 10.94
CA ILE K 202 51.99 1.58 12.21
C ILE K 202 53.34 0.93 12.49
N ILE K 203 53.42 -0.38 12.27
CA ILE K 203 54.68 -1.09 12.53
C ILE K 203 55.77 -0.58 11.61
N LEU K 204 55.46 -0.36 10.34
CA LEU K 204 56.46 0.13 9.39
C LEU K 204 56.92 1.54 9.75
N ASN K 205 56.00 2.39 10.19
CA ASN K 205 56.38 3.74 10.58
C ASN K 205 57.29 3.73 11.81
N VAL K 206 56.97 2.89 12.79
CA VAL K 206 57.83 2.78 13.97
C VAL K 206 59.20 2.27 13.58
N ALA K 207 59.26 1.26 12.70
CA ALA K 207 60.54 0.74 12.24
C ALA K 207 61.34 1.80 11.51
N GLU K 208 60.68 2.60 10.67
CA GLU K 208 61.37 3.66 9.95
C GLU K 208 61.94 4.70 10.91
N VAL K 209 61.16 5.11 11.91
CA VAL K 209 61.66 6.08 12.89
C VAL K 209 62.86 5.53 13.61
N VAL K 210 62.77 4.27 14.06
CA VAL K 210 63.88 3.67 14.80
C VAL K 210 65.12 3.56 13.93
N TYR K 211 64.95 3.15 12.67
CA TYR K 211 66.08 3.02 11.77
C TYR K 211 66.75 4.36 11.51
N LEU K 212 65.95 5.41 11.31
CA LEU K 212 66.51 6.74 11.10
C LEU K 212 67.28 7.22 12.33
N ILE K 213 66.71 7.00 13.52
CA ILE K 213 67.39 7.41 14.74
C ILE K 213 68.71 6.66 14.90
N ILE K 214 68.69 5.35 14.63
CA ILE K 214 69.91 4.55 14.76
C ILE K 214 70.97 5.03 13.78
N ARG K 215 70.58 5.26 12.52
CA ARG K 215 71.57 5.71 11.53
C ARG K 215 72.08 7.11 11.83
N ALA K 216 71.26 7.96 12.44
CA ALA K 216 71.73 9.29 12.82
C ALA K 216 72.84 9.20 13.85
N CYS K 217 72.71 8.29 14.82
CA CYS K 217 73.73 8.12 15.85
C CYS K 217 74.66 6.97 15.51
N MET L 1 50.60 5.73 -26.20
CA MET L 1 50.21 4.46 -25.59
C MET L 1 50.54 3.31 -26.53
N ASN L 2 51.82 3.03 -26.69
CA ASN L 2 52.29 1.98 -27.57
C ASN L 2 52.29 0.63 -26.87
N TRP L 3 52.50 -0.43 -27.66
CA TRP L 3 52.50 -1.78 -27.10
C TRP L 3 53.73 -2.05 -26.25
N THR L 4 54.88 -1.48 -26.62
CA THR L 4 56.09 -1.70 -25.84
C THR L 4 55.94 -1.14 -24.43
N GLY L 5 55.32 0.03 -24.30
CA GLY L 5 55.12 0.61 -22.98
C GLY L 5 54.22 -0.25 -22.10
N LEU L 6 53.10 -0.72 -22.66
CA LEU L 6 52.19 -1.57 -21.91
C LEU L 6 52.84 -2.89 -21.53
N TYR L 7 53.60 -3.48 -22.46
CA TYR L 7 54.30 -4.72 -22.17
C TYR L 7 55.33 -4.53 -21.08
N THR L 8 56.08 -3.43 -21.11
CA THR L 8 57.06 -3.16 -20.06
C THR L 8 56.38 -2.94 -18.72
N LEU L 9 55.25 -2.23 -18.72
CA LEU L 9 54.51 -2.01 -17.48
C LEU L 9 54.01 -3.31 -16.89
N LEU L 10 53.48 -4.20 -17.73
CA LEU L 10 52.95 -5.45 -17.21
C LEU L 10 54.04 -6.42 -16.82
N SER L 11 55.21 -6.36 -17.49
CA SER L 11 56.28 -7.29 -17.18
C SER L 11 56.87 -7.05 -15.81
N GLY L 12 56.97 -5.79 -15.40
CA GLY L 12 57.65 -5.42 -14.18
C GLY L 12 59.14 -5.22 -14.32
N VAL L 13 59.67 -5.31 -15.54
CA VAL L 13 61.09 -5.12 -15.88
C VAL L 13 62.01 -5.77 -14.85
N ASN L 14 61.67 -7.01 -14.47
CA ASN L 14 62.48 -7.76 -13.51
C ASN L 14 63.55 -8.60 -14.16
N ARG L 15 63.60 -8.68 -15.49
CA ARG L 15 64.62 -9.38 -16.29
C ARG L 15 64.88 -10.80 -15.79
N HIS L 16 63.89 -11.42 -15.14
CA HIS L 16 64.02 -12.80 -14.70
C HIS L 16 62.80 -13.65 -15.02
N SER L 17 61.75 -13.07 -15.59
CA SER L 17 60.52 -13.79 -15.89
C SER L 17 60.56 -14.29 -17.33
N THR L 18 60.19 -15.55 -17.53
CA THR L 18 60.18 -16.14 -18.86
C THR L 18 58.90 -15.77 -19.59
N ALA L 19 58.69 -16.40 -20.75
CA ALA L 19 57.52 -16.08 -21.55
C ALA L 19 56.22 -16.50 -20.88
N ILE L 20 56.26 -17.58 -20.08
CA ILE L 20 55.05 -18.08 -19.46
C ILE L 20 54.61 -17.28 -18.25
N GLY L 21 55.33 -16.21 -17.92
CA GLY L 21 54.95 -15.35 -16.82
C GLY L 21 54.96 -13.89 -17.22
N ARG L 22 55.47 -13.62 -18.42
CA ARG L 22 55.54 -12.27 -18.95
C ARG L 22 54.62 -12.04 -20.13
N VAL L 23 54.26 -13.10 -20.87
CA VAL L 23 53.34 -13.00 -21.97
C VAL L 23 51.97 -13.58 -21.64
N TRP L 24 51.91 -14.64 -20.85
CA TRP L 24 50.65 -15.34 -20.56
C TRP L 24 50.00 -14.89 -19.26
N LEU L 25 50.77 -14.76 -18.18
CA LEU L 25 50.18 -14.35 -16.91
C LEU L 25 49.58 -12.96 -16.99
N SER L 26 50.25 -12.04 -17.70
CA SER L 26 49.71 -10.70 -17.86
C SER L 26 48.40 -10.71 -18.65
N VAL L 27 48.32 -11.56 -19.68
CA VAL L 27 47.10 -11.66 -20.46
C VAL L 27 45.96 -12.21 -19.61
N ILE L 28 46.23 -13.22 -18.79
CA ILE L 28 45.19 -13.78 -17.93
C ILE L 28 44.76 -12.74 -16.89
N PHE L 29 45.71 -11.95 -16.38
CA PHE L 29 45.36 -10.88 -15.44
C PHE L 29 44.45 -9.85 -16.10
N ILE L 30 44.77 -9.47 -17.34
CA ILE L 30 43.93 -8.52 -18.07
C ILE L 30 42.54 -9.12 -18.29
N PHE L 31 42.49 -10.40 -18.63
CA PHE L 31 41.20 -11.07 -18.84
C PHE L 31 40.36 -11.05 -17.56
N ARG L 32 40.99 -11.37 -16.43
CA ARG L 32 40.26 -11.35 -15.16
C ARG L 32 39.78 -9.94 -14.82
N ILE L 33 40.63 -8.94 -15.05
CA ILE L 33 40.24 -7.56 -14.77
C ILE L 33 39.04 -7.16 -15.62
N MET L 34 39.07 -7.50 -16.91
CA MET L 34 37.98 -7.12 -17.80
C MET L 34 36.69 -7.84 -17.44
N VAL L 35 36.76 -9.13 -17.14
CA VAL L 35 35.55 -9.86 -16.76
C VAL L 35 34.99 -9.31 -15.46
N LEU L 36 35.85 -9.00 -14.49
CA LEU L 36 35.39 -8.45 -13.23
C LEU L 36 34.75 -7.08 -13.44
N VAL L 37 35.30 -6.27 -14.34
CA VAL L 37 34.73 -4.96 -14.60
C VAL L 37 33.35 -5.10 -15.26
N VAL L 38 33.23 -6.00 -16.24
CA VAL L 38 31.96 -6.13 -16.95
C VAL L 38 30.91 -6.93 -16.19
N ALA L 39 31.28 -7.59 -15.09
CA ALA L 39 30.32 -8.33 -14.29
C ALA L 39 30.15 -7.80 -12.86
N ALA L 40 30.90 -6.77 -12.47
CA ALA L 40 30.87 -6.34 -11.07
C ALA L 40 29.57 -5.60 -10.75
N GLU L 41 29.16 -4.68 -11.61
CA GLU L 41 28.02 -3.82 -11.32
C GLU L 41 26.77 -4.20 -12.10
N SER L 42 26.90 -4.89 -13.22
CA SER L 42 25.72 -5.24 -14.01
C SER L 42 25.04 -6.49 -13.45
N VAL L 43 25.81 -7.50 -13.07
CA VAL L 43 25.25 -8.77 -12.60
C VAL L 43 25.02 -8.70 -11.11
N TRP L 44 26.08 -8.47 -10.35
CA TRP L 44 26.02 -8.42 -8.89
C TRP L 44 25.61 -7.05 -8.36
N GLY L 45 25.12 -6.17 -9.22
CA GLY L 45 24.72 -4.85 -8.76
C GLY L 45 23.54 -4.88 -7.81
N ASP L 46 22.53 -5.68 -8.13
CA ASP L 46 21.30 -5.76 -7.35
C ASP L 46 21.14 -7.12 -6.69
N GLU L 47 22.24 -7.66 -6.16
CA GLU L 47 22.17 -8.93 -5.46
C GLU L 47 21.45 -8.80 -4.12
N LYS L 48 21.44 -7.59 -3.55
CA LYS L 48 20.82 -7.40 -2.24
C LYS L 48 19.37 -6.97 -2.37
N SER L 49 19.10 -6.02 -3.27
CA SER L 49 17.75 -5.50 -3.44
C SER L 49 16.82 -6.47 -4.15
N SER L 50 17.28 -7.16 -5.19
CA SER L 50 16.42 -8.09 -5.91
C SER L 50 16.24 -9.39 -5.13
N PHE L 51 17.00 -9.56 -4.05
CA PHE L 51 16.91 -10.74 -3.21
C PHE L 51 15.78 -10.57 -2.21
N ILE L 52 14.77 -11.44 -2.32
CA ILE L 52 13.58 -11.35 -1.49
C ILE L 52 13.25 -12.73 -0.93
N CYS L 53 12.64 -12.74 0.25
CA CYS L 53 12.15 -13.97 0.85
C CYS L 53 10.62 -14.00 0.79
N ASN L 54 10.07 -15.17 1.10
CA ASN L 54 8.64 -15.41 1.06
C ASN L 54 7.98 -15.23 2.43
N THR L 55 8.55 -14.41 3.31
CA THR L 55 7.98 -14.19 4.62
C THR L 55 7.44 -12.77 4.74
N LEU L 56 6.81 -12.48 5.87
CA LEU L 56 6.29 -11.16 6.17
C LEU L 56 7.01 -10.50 7.35
N GLN L 57 7.89 -11.20 8.02
CA GLN L 57 8.61 -10.64 9.15
C GLN L 57 9.60 -9.59 8.68
N PRO L 58 9.64 -8.41 9.31
CA PRO L 58 10.67 -7.42 8.96
C PRO L 58 12.06 -7.91 9.31
N GLY L 59 13.03 -7.53 8.48
CA GLY L 59 14.41 -7.83 8.74
C GLY L 59 14.86 -9.23 8.38
N CYS L 60 13.96 -10.07 7.85
CA CYS L 60 14.36 -11.42 7.49
C CYS L 60 15.18 -11.44 6.20
N ASN L 61 14.92 -10.50 5.28
CA ASN L 61 15.67 -10.47 4.03
C ASN L 61 17.16 -10.24 4.28
N SER L 62 17.49 -9.27 5.14
CA SER L 62 18.88 -8.93 5.36
C SER L 62 19.64 -10.07 6.05
N VAL L 63 19.02 -10.67 7.07
CA VAL L 63 19.70 -11.76 7.78
C VAL L 63 19.85 -12.97 6.88
N CYS L 64 18.85 -13.25 6.05
CA CYS L 64 18.98 -14.37 5.11
C CYS L 64 20.07 -14.12 4.10
N TYR L 65 20.14 -12.91 3.54
CA TYR L 65 21.19 -12.61 2.57
C TYR L 65 22.56 -12.73 3.20
N ASP L 66 22.72 -12.21 4.41
CA ASP L 66 24.03 -12.32 5.07
C ASP L 66 24.35 -13.77 5.42
N GLN L 67 23.32 -14.57 5.70
CA GLN L 67 23.55 -15.97 6.01
C GLN L 67 24.03 -16.74 4.80
N PHE L 68 23.44 -16.49 3.63
CA PHE L 68 23.78 -17.27 2.45
C PHE L 68 24.89 -16.67 1.60
N PHE L 69 25.19 -15.39 1.78
CA PHE L 69 26.25 -14.71 1.03
C PHE L 69 27.13 -13.95 2.02
N PRO L 70 28.01 -14.65 2.73
CA PRO L 70 28.88 -13.96 3.70
C PRO L 70 29.71 -12.87 3.05
N ILE L 71 30.23 -13.12 1.86
CA ILE L 71 30.91 -12.11 1.06
C ILE L 71 30.68 -12.44 -0.40
N SER L 72 30.14 -11.47 -1.14
CA SER L 72 29.70 -11.73 -2.51
C SER L 72 30.86 -12.14 -3.40
N HIS L 73 30.54 -12.79 -4.51
CA HIS L 73 31.57 -13.32 -5.39
C HIS L 73 32.46 -12.22 -5.95
N VAL L 74 31.88 -11.08 -6.32
CA VAL L 74 32.65 -10.02 -6.95
C VAL L 74 33.67 -9.44 -5.97
N ARG L 75 33.26 -9.20 -4.72
CA ARG L 75 34.19 -8.68 -3.74
C ARG L 75 35.27 -9.69 -3.41
N LEU L 76 34.91 -10.98 -3.34
CA LEU L 76 35.90 -12.02 -3.10
C LEU L 76 36.93 -12.07 -4.22
N TRP L 77 36.46 -11.96 -5.48
CA TRP L 77 37.39 -11.97 -6.60
C TRP L 77 38.23 -10.70 -6.65
N SER L 78 37.66 -9.56 -6.25
CA SER L 78 38.44 -8.34 -6.19
C SER L 78 39.56 -8.45 -5.16
N LEU L 79 39.24 -8.98 -3.98
CA LEU L 79 40.27 -9.18 -2.96
C LEU L 79 41.32 -10.17 -3.45
N GLN L 80 40.89 -11.24 -4.13
CA GLN L 80 41.84 -12.20 -4.66
C GLN L 80 42.77 -11.53 -5.68
N LEU L 81 42.21 -10.71 -6.56
CA LEU L 81 43.01 -10.02 -7.57
C LEU L 81 44.01 -9.07 -6.93
N ILE L 82 43.57 -8.32 -5.92
CA ILE L 82 44.47 -7.38 -5.24
C ILE L 82 45.61 -8.12 -4.56
N LEU L 83 45.29 -9.19 -3.83
CA LEU L 83 46.33 -9.92 -3.11
C LEU L 83 47.25 -10.69 -4.05
N VAL L 84 46.74 -11.15 -5.19
CA VAL L 84 47.58 -11.81 -6.17
C VAL L 84 48.51 -10.82 -6.84
N SER L 85 48.02 -9.61 -7.11
CA SER L 85 48.84 -8.59 -7.74
C SER L 85 49.80 -7.89 -6.79
N THR L 86 49.60 -8.04 -5.47
CA THR L 86 50.50 -7.40 -4.52
C THR L 86 51.95 -7.85 -4.65
N PRO L 87 52.28 -9.14 -4.72
CA PRO L 87 53.70 -9.50 -4.88
C PRO L 87 54.33 -8.99 -6.16
N ALA L 88 53.60 -8.94 -7.27
CA ALA L 88 54.15 -8.37 -8.49
C ALA L 88 54.45 -6.89 -8.31
N LEU L 89 53.56 -6.16 -7.65
CA LEU L 89 53.81 -4.75 -7.35
C LEU L 89 55.03 -4.60 -6.44
N LEU L 90 55.18 -5.50 -5.47
CA LEU L 90 56.35 -5.45 -4.59
C LEU L 90 57.63 -5.67 -5.36
N VAL L 91 57.64 -6.63 -6.29
CA VAL L 91 58.84 -6.88 -7.08
C VAL L 91 59.15 -5.69 -7.99
N ALA L 92 58.11 -5.09 -8.58
CA ALA L 92 58.33 -3.92 -9.42
C ALA L 92 58.91 -2.77 -8.61
N MET L 93 58.38 -2.54 -7.41
CA MET L 93 58.94 -1.48 -6.56
C MET L 93 60.35 -1.81 -6.13
N HIS L 94 60.64 -3.08 -5.87
CA HIS L 94 61.99 -3.48 -5.48
C HIS L 94 62.98 -3.21 -6.60
N VAL L 95 62.63 -3.60 -7.84
CA VAL L 95 63.57 -3.40 -8.94
C VAL L 95 63.73 -1.92 -9.26
N ALA L 96 62.65 -1.14 -9.15
CA ALA L 96 62.76 0.30 -9.35
C ALA L 96 63.65 0.93 -8.29
N HIS L 97 63.49 0.51 -7.03
CA HIS L 97 64.32 1.03 -5.96
C HIS L 97 65.78 0.64 -6.15
N GLN L 98 66.03 -0.58 -6.62
CA GLN L 98 67.40 -1.01 -6.88
C GLN L 98 68.02 -0.18 -7.99
N GLN L 99 67.27 0.08 -9.06
CA GLN L 99 67.78 0.93 -10.13
C GLN L 99 68.07 2.34 -9.62
N HIS L 100 67.19 2.88 -8.78
CA HIS L 100 67.41 4.21 -8.22
C HIS L 100 68.65 4.24 -7.33
N ILE L 101 68.83 3.23 -6.49
CA ILE L 101 69.94 3.24 -5.54
C ILE L 101 71.26 2.99 -6.24
N GLU L 102 71.26 2.24 -7.34
CA GLU L 102 72.47 2.08 -8.13
C GLU L 102 72.71 3.27 -9.05
N LYS L 103 71.68 4.09 -9.30
CA LYS L 103 71.86 5.28 -10.12
C LYS L 103 72.59 6.38 -9.37
N LYS L 104 72.48 6.41 -8.04
CA LYS L 104 73.12 7.45 -7.24
C LYS L 104 74.56 7.13 -6.88
N MET L 105 75.07 5.96 -7.28
CA MET L 105 76.46 5.61 -6.99
C MET L 105 77.08 4.85 -8.16
N ILE L 127 73.68 -8.77 -6.80
CA ILE L 127 72.47 -8.01 -7.09
C ILE L 127 71.52 -8.86 -7.93
N SER L 128 72.09 -9.69 -8.81
CA SER L 128 71.26 -10.58 -9.62
C SER L 128 70.67 -11.69 -8.77
N GLY L 129 71.45 -12.26 -7.85
CA GLY L 129 70.96 -13.36 -7.06
C GLY L 129 69.82 -12.97 -6.13
N THR L 130 69.94 -11.81 -5.48
CA THR L 130 68.87 -11.37 -4.58
C THR L 130 67.59 -11.06 -5.35
N LEU L 131 67.71 -10.47 -6.54
CA LEU L 131 66.53 -10.23 -7.36
C LEU L 131 65.90 -11.53 -7.82
N TRP L 132 66.72 -12.51 -8.18
CA TRP L 132 66.19 -13.82 -8.57
C TRP L 132 65.44 -14.47 -7.43
N TRP L 133 66.01 -14.44 -6.23
CA TRP L 133 65.33 -15.02 -5.07
C TRP L 133 64.05 -14.26 -4.74
N THR L 134 64.08 -12.94 -4.85
CA THR L 134 62.87 -12.15 -4.61
C THR L 134 61.78 -12.51 -5.60
N TYR L 135 62.13 -12.67 -6.88
CA TYR L 135 61.12 -13.04 -7.87
C TYR L 135 60.56 -14.43 -7.60
N VAL L 136 61.43 -15.38 -7.23
CA VAL L 136 60.95 -16.73 -6.95
C VAL L 136 60.00 -16.72 -5.76
N ILE L 137 60.36 -16.00 -4.69
CA ILE L 137 59.51 -15.91 -3.52
C ILE L 137 58.18 -15.23 -3.88
N SER L 138 58.24 -14.22 -4.75
CA SER L 138 57.02 -13.55 -5.18
C SER L 138 56.09 -14.50 -5.92
N VAL L 139 56.65 -15.31 -6.83
CA VAL L 139 55.81 -16.25 -7.56
C VAL L 139 55.23 -17.28 -6.61
N VAL L 140 56.01 -17.74 -5.64
CA VAL L 140 55.51 -18.70 -4.66
C VAL L 140 54.36 -18.09 -3.86
N PHE L 141 54.51 -16.84 -3.43
CA PHE L 141 53.44 -16.19 -2.67
C PHE L 141 52.20 -15.96 -3.52
N ARG L 142 52.38 -15.62 -4.80
CA ARG L 142 51.24 -15.47 -5.69
C ARG L 142 50.48 -16.78 -5.83
N LEU L 143 51.21 -17.88 -6.01
CA LEU L 143 50.58 -19.19 -6.09
C LEU L 143 49.85 -19.53 -4.79
N LEU L 144 50.47 -19.21 -3.66
CA LEU L 144 49.85 -19.49 -2.36
C LEU L 144 48.56 -18.70 -2.20
N PHE L 145 48.56 -17.42 -2.58
CA PHE L 145 47.34 -16.61 -2.48
C PHE L 145 46.26 -17.14 -3.41
N GLU L 146 46.62 -17.54 -4.63
CA GLU L 146 45.65 -18.12 -5.53
C GLU L 146 45.00 -19.37 -4.91
N ALA L 147 45.83 -20.27 -4.38
CA ALA L 147 45.30 -21.49 -3.79
C ALA L 147 44.44 -21.19 -2.58
N VAL L 148 44.86 -20.23 -1.74
CA VAL L 148 44.10 -19.90 -0.54
C VAL L 148 42.73 -19.35 -0.91
N PHE L 149 42.68 -18.46 -1.90
CA PHE L 149 41.39 -17.88 -2.28
C PHE L 149 40.50 -18.91 -2.95
N MET L 150 41.08 -19.81 -3.74
CA MET L 150 40.27 -20.87 -4.34
C MET L 150 39.69 -21.78 -3.25
N TYR L 151 40.49 -22.10 -2.23
CA TYR L 151 39.99 -22.93 -1.13
C TYR L 151 38.92 -22.20 -0.34
N VAL L 152 39.08 -20.90 -0.13
CA VAL L 152 38.06 -20.13 0.58
C VAL L 152 36.76 -20.11 -0.22
N PHE L 153 36.87 -19.94 -1.54
CA PHE L 153 35.67 -19.99 -2.37
C PHE L 153 35.00 -21.35 -2.28
N TYR L 154 35.79 -22.42 -2.26
CA TYR L 154 35.21 -23.75 -2.10
C TYR L 154 34.51 -23.89 -0.76
N LEU L 155 35.10 -23.36 0.31
CA LEU L 155 34.49 -23.45 1.64
C LEU L 155 33.17 -22.70 1.70
N LEU L 156 33.16 -21.46 1.22
CA LEU L 156 31.97 -20.63 1.36
C LEU L 156 30.84 -21.09 0.44
N TYR L 157 31.17 -21.41 -0.81
CA TYR L 157 30.19 -21.74 -1.84
C TYR L 157 30.56 -23.08 -2.46
N PRO L 158 30.21 -24.19 -1.82
CA PRO L 158 30.48 -25.50 -2.42
C PRO L 158 29.75 -25.63 -3.74
N GLY L 159 30.45 -26.18 -4.74
CA GLY L 159 29.92 -26.29 -6.08
C GLY L 159 30.10 -25.00 -6.87
N TYR L 160 30.03 -25.13 -8.18
CA TYR L 160 30.19 -24.02 -9.09
C TYR L 160 28.87 -23.36 -9.47
N ALA L 161 27.74 -23.89 -9.00
CA ALA L 161 26.43 -23.46 -9.44
C ALA L 161 25.64 -22.87 -8.28
N MET L 162 24.75 -21.95 -8.62
CA MET L 162 23.87 -21.30 -7.65
C MET L 162 22.43 -21.72 -7.91
N VAL L 163 21.64 -21.75 -6.85
CA VAL L 163 20.27 -22.24 -6.91
C VAL L 163 19.31 -21.07 -6.67
N ARG L 164 18.12 -21.18 -7.25
CA ARG L 164 17.13 -20.12 -7.10
C ARG L 164 16.53 -20.11 -5.70
N LEU L 165 16.17 -21.28 -5.19
CA LEU L 165 15.56 -21.40 -3.87
C LEU L 165 16.63 -21.64 -2.82
N VAL L 166 16.57 -20.90 -1.72
CA VAL L 166 17.39 -21.19 -0.55
C VAL L 166 16.48 -21.20 0.68
N LYS L 167 16.59 -22.26 1.47
CA LYS L 167 15.80 -22.41 2.68
C LYS L 167 16.60 -21.86 3.86
N CYS L 168 16.08 -20.81 4.49
CA CYS L 168 16.80 -20.14 5.57
C CYS L 168 16.01 -20.24 6.87
N ASP L 169 16.69 -20.68 7.93
CA ASP L 169 16.10 -20.76 9.27
C ASP L 169 17.06 -20.08 10.24
N VAL L 170 16.96 -18.76 10.34
CA VAL L 170 17.81 -17.97 11.22
C VAL L 170 16.98 -16.84 11.78
N TYR L 171 17.27 -16.46 13.02
CA TYR L 171 16.51 -15.40 13.68
C TYR L 171 16.66 -14.10 12.90
N PRO L 172 15.59 -13.31 12.75
CA PRO L 172 14.24 -13.48 13.30
C PRO L 172 13.27 -14.24 12.40
N CYS L 173 13.72 -14.83 11.30
CA CYS L 173 12.81 -15.51 10.40
C CYS L 173 12.16 -16.69 11.12
N PRO L 174 10.82 -16.79 11.10
CA PRO L 174 10.17 -17.90 11.80
C PRO L 174 10.24 -19.18 10.99
N ASN L 175 10.66 -20.26 11.64
CA ASN L 175 10.77 -21.59 11.03
C ASN L 175 11.72 -21.49 9.84
N THR L 176 11.36 -22.01 8.67
CA THR L 176 12.21 -21.96 7.50
C THR L 176 11.49 -21.21 6.39
N VAL L 177 12.16 -20.20 5.83
CA VAL L 177 11.58 -19.36 4.80
C VAL L 177 12.30 -19.59 3.48
N ASP L 178 11.61 -19.29 2.39
CA ASP L 178 12.12 -19.49 1.04
C ASP L 178 12.62 -18.15 0.51
N CYS L 179 13.93 -18.01 0.38
CA CYS L 179 14.50 -16.83 -0.25
C CYS L 179 14.89 -17.17 -1.68
N PHE L 180 14.83 -16.15 -2.54
CA PHE L 180 15.04 -16.32 -3.98
C PHE L 180 16.24 -15.49 -4.42
N VAL L 181 17.28 -16.17 -4.90
CA VAL L 181 18.45 -15.49 -5.42
C VAL L 181 18.12 -14.85 -6.77
N SER L 182 18.88 -13.81 -7.12
CA SER L 182 18.69 -13.10 -8.37
C SER L 182 19.77 -13.49 -9.37
N ARG L 183 19.36 -13.83 -10.59
CA ARG L 183 20.26 -14.24 -11.65
C ARG L 183 21.25 -15.35 -11.24
N PRO L 184 20.74 -16.52 -10.80
CA PRO L 184 21.67 -17.61 -10.49
C PRO L 184 22.45 -18.12 -11.70
N THR L 185 21.85 -18.14 -12.89
CA THR L 185 22.53 -18.73 -14.04
C THR L 185 23.66 -17.84 -14.56
N GLU L 186 23.41 -16.54 -14.65
CA GLU L 186 24.45 -15.61 -15.09
C GLU L 186 25.61 -15.61 -14.11
N LYS L 187 25.30 -15.62 -12.81
CA LYS L 187 26.35 -15.68 -11.80
C LYS L 187 27.11 -17.00 -11.88
N THR L 188 26.41 -18.09 -12.21
CA THR L 188 27.09 -19.36 -12.40
C THR L 188 28.06 -19.30 -13.58
N VAL L 189 27.63 -18.69 -14.68
CA VAL L 189 28.50 -18.57 -15.85
C VAL L 189 29.75 -17.77 -15.51
N PHE L 190 29.58 -16.64 -14.83
CA PHE L 190 30.74 -15.82 -14.50
C PHE L 190 31.61 -16.49 -13.44
N THR L 191 31.01 -17.26 -12.53
CA THR L 191 31.80 -18.04 -11.59
C THR L 191 32.66 -19.07 -12.32
N VAL L 192 32.09 -19.74 -13.32
CA VAL L 192 32.87 -20.70 -14.10
C VAL L 192 34.03 -20.00 -14.80
N PHE L 193 33.77 -18.84 -15.40
CA PHE L 193 34.85 -18.11 -16.08
C PHE L 193 35.96 -17.73 -15.11
N MET L 194 35.60 -17.17 -13.96
CA MET L 194 36.61 -16.70 -13.01
C MET L 194 37.38 -17.86 -12.39
N LEU L 195 36.71 -18.97 -12.10
CA LEU L 195 37.40 -20.12 -11.56
C LEU L 195 38.34 -20.75 -12.59
N ALA L 196 37.93 -20.79 -13.87
CA ALA L 196 38.82 -21.27 -14.90
C ALA L 196 40.05 -20.37 -15.03
N ALA L 197 39.85 -19.06 -14.98
CA ALA L 197 40.98 -18.15 -15.04
C ALA L 197 41.92 -18.34 -13.86
N SER L 198 41.36 -18.53 -12.66
CA SER L 198 42.19 -18.76 -11.48
C SER L 198 42.97 -20.06 -11.58
N GLY L 199 42.33 -21.12 -12.10
CA GLY L 199 43.05 -22.37 -12.30
C GLY L 199 44.17 -22.24 -13.30
N ILE L 200 43.93 -21.50 -14.39
CA ILE L 200 44.99 -21.26 -15.36
C ILE L 200 46.14 -20.49 -14.71
N CYS L 201 45.82 -19.51 -13.87
CA CYS L 201 46.87 -18.77 -13.17
C CYS L 201 47.68 -19.68 -12.27
N ILE L 202 47.01 -20.59 -11.55
CA ILE L 202 47.73 -21.51 -10.67
C ILE L 202 48.65 -22.41 -11.48
N ILE L 203 48.16 -22.94 -12.59
CA ILE L 203 48.98 -23.81 -13.44
C ILE L 203 50.19 -23.05 -13.97
N LEU L 204 49.98 -21.82 -14.44
CA LEU L 204 51.08 -21.03 -14.98
C LEU L 204 52.11 -20.70 -13.91
N ASN L 205 51.66 -20.38 -12.69
CA ASN L 205 52.60 -20.08 -11.61
C ASN L 205 53.42 -21.31 -11.25
N VAL L 206 52.79 -22.48 -11.18
CA VAL L 206 53.53 -23.71 -10.89
C VAL L 206 54.55 -23.98 -11.99
N ALA L 207 54.14 -23.80 -13.25
CA ALA L 207 55.05 -24.01 -14.37
C ALA L 207 56.23 -23.05 -14.31
N GLU L 208 55.97 -21.79 -13.95
CA GLU L 208 57.05 -20.81 -13.84
C GLU L 208 58.02 -21.18 -12.75
N VAL L 209 57.51 -21.60 -11.59
CA VAL L 209 58.39 -22.00 -10.49
C VAL L 209 59.25 -23.19 -10.92
N VAL L 210 58.62 -24.19 -11.54
CA VAL L 210 59.36 -25.38 -11.96
C VAL L 210 60.42 -25.02 -12.99
N TYR L 211 60.07 -24.16 -13.95
CA TYR L 211 61.03 -23.78 -14.98
C TYR L 211 62.21 -23.02 -14.38
N LEU L 212 61.94 -22.11 -13.45
CA LEU L 212 63.04 -21.39 -12.81
C LEU L 212 63.94 -22.32 -12.02
N ILE L 213 63.35 -23.27 -11.28
CA ILE L 213 64.16 -24.22 -10.52
C ILE L 213 65.01 -25.07 -11.46
N ILE L 214 64.43 -25.52 -12.56
CA ILE L 214 65.17 -26.34 -13.52
C ILE L 214 66.32 -25.56 -14.13
N ARG L 215 66.07 -24.31 -14.53
CA ARG L 215 67.13 -23.52 -15.14
C ARG L 215 68.22 -23.15 -14.14
N ALA L 216 67.85 -22.99 -12.85
CA ALA L 216 68.87 -22.73 -11.84
C ALA L 216 69.84 -23.89 -11.71
N CYS L 217 69.33 -25.11 -11.75
CA CYS L 217 70.18 -26.30 -11.64
C CYS L 217 70.52 -26.86 -13.02
N POV M . 53.98 17.63 -33.15
P POV M . 51.52 16.65 -29.72
C1 POV M . 49.25 15.31 -29.88
C2 POV M . 48.15 16.06 -29.12
C3 POV M . 48.44 16.19 -27.64
C210 POV M . 36.54 11.76 -27.59
C310 POV M . 40.35 9.93 -21.92
C11 POV M . 53.75 16.14 -31.02
O11 POV M . 50.49 15.51 -29.22
C211 POV M . 35.93 11.38 -28.91
C311 POV M . 39.02 10.55 -21.51
C12 POV M . 53.76 17.51 -31.66
O12 POV M . 52.46 15.69 -30.70
C212 POV M . 34.69 10.51 -28.73
C312 POV M . 38.21 9.65 -20.58
C13 POV M . 55.37 17.25 -33.51
O13 POV M . 50.74 17.58 -30.60
C213 POV M . 34.88 9.40 -27.71
C313 POV M . 36.73 10.00 -20.53
C14 POV M . 53.03 16.68 -33.80
O14 POV M . 52.35 17.17 -28.60
C214 POV M . 33.57 8.72 -27.31
C314 POV M . 36.05 9.86 -21.88
C15 POV M . 53.68 19.00 -33.65
C215 POV M . 33.68 7.82 -26.09
C315 POV M . 34.56 9.61 -21.78
C216 POV M . 34.36 6.49 -26.38
C316 POV M . 34.22 8.32 -21.04
C217 POV M . 34.21 5.47 -25.26
C218 POV M . 34.67 4.07 -25.64
C21 POV M . 45.75 16.05 -28.97
O21 POV M . 46.90 15.42 -29.24
C22 POV M . 44.59 15.11 -29.03
O22 POV M . 45.68 17.23 -28.73
C23 POV M . 43.39 15.52 -28.19
C24 POV M . 42.25 14.53 -28.36
C25 POV M . 41.14 14.70 -27.33
C26 POV M . 39.91 13.85 -27.63
C27 POV M . 40.23 12.36 -27.77
C28 POV M . 39.02 11.52 -28.15
C29 POV M . 37.83 11.80 -27.27
C31 POV M . 48.68 14.70 -25.82
O31 POV M . 48.22 14.92 -27.04
C32 POV M . 47.69 13.90 -25.04
O32 POV M . 49.74 15.09 -25.42
C33 POV M . 46.24 14.32 -25.25
C34 POV M . 45.28 13.39 -24.54
C35 POV M . 43.92 13.29 -25.19
C36 POV M . 42.93 12.47 -24.37
C37 POV M . 43.45 11.10 -23.98
C38 POV M . 42.34 10.18 -23.47
C39 POV M . 41.28 10.89 -22.65
C1 CLR N . 43.90 -3.95 -21.19
C2 CLR N . 44.01 -3.48 -19.75
C3 CLR N . 45.19 -2.55 -19.59
C4 CLR N . 45.00 -1.35 -20.52
C5 CLR N . 44.83 -1.77 -21.95
C6 CLR N . 45.58 -1.24 -22.91
C7 CLR N . 45.46 -1.53 -24.36
C8 CLR N . 44.22 -2.34 -24.70
C9 CLR N . 43.99 -3.42 -23.64
C10 CLR N . 43.77 -2.82 -22.23
C11 CLR N . 42.90 -4.41 -24.07
C12 CLR N . 43.11 -4.99 -25.47
C13 CLR N . 43.23 -3.88 -26.52
C14 CLR N . 44.38 -2.99 -26.08
C15 CLR N . 44.64 -2.08 -27.27
C16 CLR N . 44.32 -2.96 -28.48
C17 CLR N . 43.72 -4.28 -27.94
C18 CLR N . 41.90 -3.11 -26.65
C19 CLR N . 42.39 -2.17 -22.10
C20 CLR N . 42.73 -4.93 -28.92
C21 CLR N . 42.55 -6.42 -28.69
C22 CLR N . 43.18 -4.69 -30.37
C23 CLR N . 42.11 -5.03 -31.40
C24 CLR N . 42.71 -5.40 -32.75
C25 CLR N . 41.72 -5.95 -33.78
C26 CLR N . 42.46 -6.42 -35.02
C27 CLR N . 40.87 -7.08 -33.20
O1 CLR N . 45.30 -2.16 -18.23
N POV O . -62.21 -6.92 20.19
P POV O . -58.14 -8.08 19.32
C1 POV O . -56.17 -6.37 18.95
C2 POV O . -55.39 -6.70 17.68
C3 POV O . -54.73 -8.05 17.72
C210 POV O . -45.18 -0.57 14.04
C310 POV O . -43.12 -6.29 17.54
C11 POV O . -60.03 -7.96 21.14
O11 POV O . -56.62 -7.57 19.55
C211 POV O . -45.44 0.91 14.01
C311 POV O . -42.35 -6.17 16.24
C12 POV O . -61.12 -7.96 20.09
O12 POV O . -58.81 -7.42 20.68
C212 POV O . -44.13 1.71 13.91
C312 POV O . -40.85 -6.18 16.44
C13 POV O . -63.12 -7.20 21.34
O13 POV O . -58.67 -7.34 18.12
C213 POV O . -43.01 1.15 14.78
C313 POV O . -40.07 -5.66 15.23
C14 POV O . -61.56 -5.60 20.40
O14 POV O . -58.22 -9.57 19.40
C214 POV O . -41.68 1.85 14.54
C314 POV O . -40.42 -4.20 14.91
C15 POV O . -63.02 -6.85 18.93
C215 POV O . -40.50 1.20 15.26
C315 POV O . -39.29 -3.45 14.22
C216 POV O . -40.48 1.46 16.76
C316 POV O . -38.02 -3.37 15.06
C217 POV O . -39.17 1.08 17.42
C218 POV O . -39.08 1.52 18.88
C21 POV O . -53.81 -5.63 16.22
O21 POV O . -54.37 -5.74 17.42
C22 POV O . -52.68 -4.65 16.25
O22 POV O . -54.18 -6.23 15.24
C23 POV O . -51.62 -4.85 15.17
C24 POV O . -50.54 -3.80 15.26
C25 POV O . -49.30 -4.12 14.43
C26 POV O . -48.30 -2.97 14.40
C27 POV O . -47.86 -2.51 15.78
C28 POV O . -46.92 -1.30 15.74
C29 POV O . -45.79 -1.49 14.77
C31 POV O . -53.01 -9.07 19.00
O31 POV O . -53.59 -7.96 18.56
C32 POV O . -51.52 -8.90 19.00
O32 POV O . -53.62 -10.05 19.34
C33 POV O . -50.98 -8.16 17.79
C34 POV O . -49.49 -7.93 17.91
C35 POV O . -48.99 -6.70 17.17
C36 POV O . -47.47 -6.58 17.19
C37 POV O . -46.86 -6.66 18.58
C38 POV O . -45.42 -6.17 18.62
C39 POV O . -44.61 -6.53 17.38
C1 CLR P . -37.87 -3.70 30.55
C2 CLR P . -37.29 -5.05 30.18
C3 CLR P . -38.37 -6.12 30.19
C4 CLR P . -39.46 -5.72 29.20
C5 CLR P . -40.03 -4.36 29.49
C6 CLR P . -41.33 -4.19 29.64
C7 CLR P . -42.02 -2.87 29.83
C8 CLR P . -41.08 -1.69 29.69
C9 CLR P . -39.71 -2.01 30.33
C10 CLR P . -39.03 -3.22 29.65
C11 CLR P . -38.83 -0.76 30.40
C12 CLR P . -39.52 0.44 31.04
C13 CLR P . -40.81 0.81 30.31
C14 CLR P . -41.69 -0.46 30.33
C15 CLR P . -43.05 0.01 29.85
C16 CLR P . -43.15 1.44 30.40
C17 CLR P . -41.77 1.80 31.00
C18 CLR P . -40.53 1.28 28.89
C19 CLR P . -38.47 -2.87 28.26
C20 CLR P . -41.47 3.31 30.91
C21 CLR P . -40.44 3.77 31.93
C22 CLR P . -42.75 4.14 31.09
C23 CLR P . -42.60 5.61 30.73
C24 CLR P . -43.57 6.50 31.49
C25 CLR P . -43.30 8.00 31.37
C26 CLR P . -44.27 8.79 32.25
C27 CLR P . -41.86 8.36 31.70
O1 CLR P . -37.79 -7.37 29.89
C1 CLR Q . -44.31 4.06 19.99
C2 CLR Q . -43.33 3.34 20.90
C3 CLR Q . -44.07 2.34 21.78
C4 CLR Q . -44.78 1.34 20.88
C5 CLR Q . -45.72 2.02 19.91
C6 CLR Q . -46.98 1.61 19.80
C7 CLR Q . -47.98 2.18 18.85
C8 CLR Q . -47.36 3.09 17.80
C9 CLR Q . -46.28 3.97 18.43
C10 CLR Q . -45.14 3.14 19.07
C11 CLR Q . -45.81 5.05 17.46
C12 CLR Q . -46.94 5.86 16.83
C13 CLR Q . -47.94 4.95 16.11
C14 CLR Q . -48.43 3.94 17.15
C15 CLR Q . -49.60 3.23 16.47
C16 CLR Q . -50.23 4.33 15.59
C17 CLR Q . -49.30 5.57 15.69
C18 CLR Q . -47.28 4.27 14.91
C19 CLR Q . -44.22 2.52 18.00
C20 CLR Q . -49.35 6.44 14.42
C21 CLR Q . -48.92 7.87 14.67
C22 CLR Q . -50.77 6.45 13.83
C23 CLR Q . -50.86 7.02 12.41
C24 CLR Q . -52.22 7.63 12.12
C25 CLR Q . -52.29 8.42 10.81
C26 CLR Q . -53.66 9.08 10.68
C27 CLR Q . -51.19 9.47 10.71
O1 CLR Q . -43.15 1.72 22.64
N POV R . -61.72 -15.82 16.23
P POV R . -57.47 -15.26 16.76
C1 POV R . -55.98 -13.74 15.21
C2 POV R . -54.75 -14.53 14.75
C3 POV R . -53.84 -14.93 15.88
C210 POV R . -45.66 -9.59 7.81
C310 POV R . -43.73 -9.14 14.56
C11 POV R . -59.87 -14.71 17.69
O11 POV R . -56.32 -14.15 16.52
C211 POV R . -46.23 -8.99 6.57
C311 POV R . -42.60 -9.70 13.71
C12 POV R . -60.45 -15.95 17.05
O12 POV R . -58.74 -14.22 17.01
C212 POV R . -45.22 -8.07 5.87
C312 POV R . -41.29 -8.92 13.86
C13 POV R . -62.89 -15.51 17.11
O13 POV R . -57.68 -15.96 15.46
C213 POV R . -44.42 -7.20 6.85
C313 POV R . -40.30 -9.17 12.73
C14 POV R . -61.52 -14.69 15.28
O14 POV R . -57.22 -16.03 18.02
C214 POV R . -43.28 -6.46 6.16
C314 POV R . -40.86 -8.77 11.37
C15 POV R . -62.00 -17.05 15.45
C215 POV R . -42.32 -5.77 7.13
C315 POV R . -39.77 -8.41 10.36
C216 POV R . -42.91 -4.53 7.79
C316 POV R . -38.92 -7.23 10.81
C217 POV R . -41.87 -3.67 8.49
C218 POV R . -42.41 -2.33 8.95
C21 POV R . -53.05 -14.34 13.05
O21 POV R . -53.95 -13.76 13.84
C22 POV R . -52.23 -13.31 12.33
O22 POV R . -52.91 -15.53 12.95
C23 POV R . -50.86 -13.78 11.88
C24 POV R . -50.15 -12.70 11.06
C25 POV R . -48.66 -12.94 10.89
C26 POV R . -48.01 -11.94 9.95
C27 POV R . -48.25 -10.50 10.36
C28 POV R . -47.68 -9.49 9.35
C29 POV R . -46.27 -9.79 8.98
C31 POV R . -52.51 -13.81 17.49
O31 POV R . -53.14 -13.77 16.33
C32 POV R . -51.20 -13.08 17.39
O32 POV R . -52.93 -14.36 18.47
C33 POV R . -50.45 -13.33 16.08
C34 POV R . -49.21 -12.46 15.98
C35 POV R . -48.79 -12.16 14.55
C36 POV R . -47.46 -11.42 14.48
C37 POV R . -47.39 -10.18 15.37
C38 POV R . -46.22 -9.28 15.02
C39 POV R . -44.96 -10.04 14.62
C1 CLR S . -48.17 -2.41 7.46
C2 CLR S . -47.44 -1.70 8.58
C3 CLR S . -48.17 -1.91 9.90
C4 CLR S . -48.24 -3.41 10.18
C5 CLR S . -48.90 -4.17 9.05
C6 CLR S . -49.91 -4.98 9.29
C7 CLR S . -50.59 -5.84 8.28
C8 CLR S . -49.87 -5.85 6.94
C9 CLR S . -49.36 -4.44 6.60
C10 CLR S . -48.36 -3.92 7.65
C11 CLR S . -48.84 -4.37 5.16
C12 CLR S . -49.84 -4.91 4.13
C13 CLR S . -50.24 -6.35 4.43
C14 CLR S . -50.82 -6.34 5.86
C15 CLR S . -51.45 -7.72 6.02
C16 CLR S . -51.97 -8.04 4.61
C17 CLR S . -51.46 -6.93 3.66
C18 CLR S . -49.04 -7.29 4.29
C19 CLR S . -46.98 -4.62 7.54
C20 CLR S . -51.25 -7.43 2.22
C21 CLR S . -51.29 -6.32 1.19
C22 CLR S . -52.30 -8.49 1.85
C23 CLR S . -52.00 -9.24 0.56
C24 CLR S . -53.26 -9.73 -0.13
C25 CLR S . -53.04 -10.32 -1.52
C26 CLR S . -54.38 -10.68 -2.17
C27 CLR S . -52.27 -9.36 -2.43
O1 CLR S . -47.50 -1.20 10.92
N POV T . -57.74 -23.17 21.28
P POV T . -54.25 -20.62 21.20
C1 POV T . -52.69 -20.32 19.07
C2 POV T . -51.23 -20.53 19.48
C3 POV T . -50.74 -19.52 20.48
C210 POV T . -41.70 -19.11 11.59
C310 POV T . -42.50 -13.08 15.14
C11 POV T . -56.87 -20.72 21.23
O11 POV T . -53.38 -19.72 20.15
C211 POV T . -41.92 -19.94 10.37
C311 POV T . -41.05 -13.52 15.13
C12 POV T . -56.86 -22.08 21.88
O12 POV T . -55.72 -20.46 20.46
C212 POV T . -40.97 -19.53 9.24
C312 POV T . -40.11 -12.44 14.61
C13 POV T . -59.18 -22.87 21.50
O13 POV T . -53.79 -22.04 21.02
C213 POV T . -40.78 -18.02 9.13
C313 POV T . -38.75 -12.97 14.17
C14 POV T . -57.47 -23.19 19.82
O14 POV T . -54.29 -19.99 22.55
C214 POV T . -39.69 -17.63 8.13
C314 POV T . -38.86 -13.98 13.03
C15 POV T . -57.42 -24.51 21.84
C215 POV T . -39.35 -16.14 8.15
C315 POV T . -37.60 -14.05 12.17
C216 POV T . -40.42 -15.27 7.51
C316 POV T . -37.28 -12.73 11.49
C217 POV T . -39.97 -13.84 7.25
C218 POV T . -40.94 -13.04 6.41
C21 POV T . -49.12 -20.93 18.38
O21 POV T . -50.36 -20.45 18.34
C22 POV T . -48.38 -20.58 17.13
O22 POV T . -48.68 -21.57 19.30
C23 POV T . -46.87 -20.55 17.29
C24 POV T . -46.20 -20.26 15.95
C25 POV T . -44.73 -19.87 16.06
C26 POV T . -44.03 -19.75 14.71
C27 POV T . -44.75 -18.82 13.74
C28 POV T . -44.11 -18.78 12.36
C29 POV T . -42.63 -18.62 12.43
C31 POV T . -50.38 -17.18 20.52
O31 POV T . -50.54 -18.28 19.80
C32 POV T . -49.34 -16.30 19.88
O32 POV T . -51.00 -16.94 21.52
C33 POV T . -48.14 -17.07 19.35
C34 POV T . -47.19 -16.13 18.61
C35 POV T . -46.38 -16.82 17.52
C36 POV T . -45.32 -15.91 16.92
C37 POV T . -45.87 -14.58 16.41
C38 POV T . -44.89 -13.87 15.49
C39 POV T . -43.43 -14.03 15.89
C1 CLR U . -45.52 -16.71 5.49
C2 CLR U . -45.42 -15.20 5.58
C3 CLR U . -46.49 -14.65 6.49
C4 CLR U . -46.33 -15.27 7.87
C5 CLR U . -46.35 -16.78 7.83
C6 CLR U . -47.17 -17.47 8.61
C7 CLR U . -47.22 -18.95 8.72
C8 CLR U . -46.07 -19.64 7.98
C9 CLR U . -45.81 -18.93 6.64
C10 CLR U . -45.40 -17.44 6.85
C11 CLR U . -44.84 -19.72 5.77
C12 CLR U . -45.23 -21.19 5.60
C13 CLR U . -45.38 -21.89 6.95
C14 CLR U . -46.42 -21.09 7.73
C15 CLR U . -46.73 -21.96 8.94
C16 CLR U . -46.61 -23.40 8.40
C17 CLR U . -46.05 -23.30 6.96
C18 CLR U . -44.02 -21.97 7.67
C19 CLR U . -43.97 -17.31 7.37
C20 CLR U . -45.21 -24.52 6.57
C21 CLR U . -45.08 -24.71 5.07
C22 CLR U . -45.79 -25.80 7.19
C23 CLR U . -44.87 -27.01 7.10
C24 CLR U . -45.65 -28.33 7.03
C25 CLR U . -44.80 -29.55 6.69
C26 CLR U . -45.69 -30.78 6.57
C27 CLR U . -44.00 -29.36 5.40
O1 CLR U . -46.41 -13.24 6.52
N POV V . -54.26 -21.59 30.25
P POV V . -51.67 -18.81 28.17
C1 POV V . -49.57 -19.52 26.74
C2 POV V . -48.35 -18.69 27.17
C3 POV V . -48.54 -17.21 26.93
C210 POV V . -37.25 -19.60 21.64
C310 POV V . -40.68 -14.21 18.73
C11 POV V . -54.04 -19.96 28.23
O11 POV V . -50.74 -18.72 26.85
C211 POV V . -36.81 -21.03 21.60
C311 POV V . -39.26 -13.79 19.10
C12 POV V . -53.93 -20.21 29.72
O12 POV V . -52.78 -19.90 27.60
C212 POV V . -35.64 -21.23 20.64
C312 POV V . -38.48 -13.22 17.92
C13 POV V . -55.71 -21.89 30.11
O13 POV V . -50.86 -19.48 29.24
C213 POV V . -35.77 -20.43 19.35
C313 POV V . -36.97 -13.21 18.14
C14 POV V . -53.48 -22.57 29.43
O14 POV V . -52.36 -17.50 28.44
C214 POV V . -34.53 -20.50 18.48
C314 POV V . -36.40 -14.61 18.33
C15 POV V . -53.84 -21.75 31.67
C215 POV V . -34.55 -19.56 17.29
C315 POV V . -34.94 -14.73 17.89
C216 POV V . -35.51 -20.00 16.18
C316 POV V . -34.74 -14.42 16.41
C217 POV V . -35.32 -19.24 14.88
C218 POV V . -36.10 -19.85 13.72
C21 POV V . -45.97 -18.76 26.90
O21 POV V . -47.18 -19.09 26.46
C22 POV V . -44.92 -19.18 25.91
O22 POV V . -45.76 -18.22 27.96
C23 POV V . -43.61 -18.40 26.00
C24 POV V . -42.58 -18.95 25.02
C25 POV V . -41.42 -18.01 24.77
C26 POV V . -40.33 -18.64 23.91
C27 POV V . -40.85 -19.18 22.58
C28 POV V . -39.78 -19.89 21.75
C29 POV V . -38.50 -19.12 21.70
C31 POV V . -48.77 -15.80 25.03
O31 POV V . -48.40 -16.97 25.53
C32 POV V . -47.81 -15.35 23.98
O32 POV V . -49.75 -15.20 25.40
C33 POV V . -46.35 -15.60 24.31
C34 POV V . -45.45 -15.25 23.14
C35 POV V . -44.17 -16.05 23.10
C36 POV V . -43.21 -15.56 22.03
C37 POV V . -43.83 -15.48 20.63
C38 POV V . -42.78 -15.36 19.53
C39 POV V . -41.56 -14.54 19.92
C1 CLR W . -39.04 -24.44 16.12
C2 CLR W . -39.35 -23.54 14.93
C3 CLR W . -40.79 -23.07 14.99
C4 CLR W . -41.00 -22.30 16.30
C5 CLR W . -40.63 -23.13 17.50
C6 CLR W . -41.49 -23.28 18.51
C7 CLR W . -41.22 -24.00 19.78
C8 CLR W . -39.76 -24.40 19.93
C9 CLR W . -39.20 -24.88 18.59
C10 CLR W . -39.26 -23.79 17.50
C11 CLR W . -37.82 -25.52 18.75
C12 CLR W . -37.75 -26.58 19.84
C13 CLR W . -38.21 -26.04 21.19
C14 CLR W . -39.63 -25.49 20.98
C15 CLR W . -40.14 -25.21 22.38
C16 CLR W . -39.49 -26.31 23.24
C17 CLR W . -38.49 -27.06 22.33
C18 CLR W . -37.25 -24.96 21.71
C19 CLR W . -38.20 -22.69 17.72
C20 CLR W . -37.30 -27.64 23.11
C21 CLR W . -36.63 -28.81 22.40
C22 CLR W . -37.74 -28.09 24.51
C23 CLR W . -36.58 -28.40 25.46
C24 CLR W . -36.96 -29.46 26.50
C25 CLR W . -35.78 -29.98 27.32
C26 CLR W . -36.25 -31.12 28.22
C27 CLR W . -34.63 -30.45 26.44
O1 CLR W . -41.07 -22.29 13.86
N POV X . -54.75 -12.69 34.16
P POV X . -52.33 -11.60 30.76
C1 POV X . -49.74 -12.10 30.55
C2 POV X . -49.00 -10.83 30.14
C3 POV X . -49.42 -10.31 28.78
C210 POV X . -36.77 -10.53 27.86
C310 POV X . -40.08 -11.36 21.73
C11 POV X . -54.19 -13.21 31.69
O11 POV X . -51.01 -12.11 29.94
C211 POV X . -36.02 -11.11 29.02
C311 POV X . -39.03 -10.25 21.64
C12 POV X . -54.59 -12.21 32.75
O12 POV X . -52.84 -13.09 31.29
C212 POV X . -34.58 -11.42 28.66
C312 POV X . -38.03 -10.48 20.50
C13 POV X . -55.95 -13.56 34.31
O13 POV X . -51.83 -10.82 31.93
C213 POV X . -34.41 -12.03 27.27
C313 POV X . -36.75 -9.66 20.64
C14 POV X . -53.54 -13.48 34.51
O14 POV X . -53.35 -11.03 29.82
C214 POV X . -32.96 -12.18 26.85
C314 POV X . -35.98 -10.00 21.90
C15 POV X . -54.86 -11.56 35.13
C215 POV X . -32.78 -12.57 25.39
C315 POV X . -34.48 -9.76 21.78
C216 POV X . -33.14 -14.02 25.10
C316 POV X . -33.84 -10.61 20.71
C217 POV X . -32.64 -14.51 23.74
C218 POV X . -32.80 -16.00 23.55
C21 POV X . -46.73 -10.03 30.08
O21 POV X . -47.59 -11.05 30.07
C22 POV X . -45.32 -10.52 29.85
O22 POV X . -47.04 -8.88 30.26
C23 POV X . -44.37 -9.47 29.28
C24 POV X . -42.96 -10.03 29.18
C25 POV X . -42.04 -9.21 28.30
C26 POV X . -40.60 -9.69 28.34
C27 POV X . -40.45 -11.17 28.00
C28 POV X . -39.02 -11.69 28.15
C29 POV X . -38.03 -10.78 27.49
C31 POV X . -49.28 -11.06 26.54
O31 POV X . -48.83 -11.14 27.79
C32 POV X . -48.13 -11.20 25.58
O32 POV X . -50.43 -10.91 26.25
C33 POV X . -46.88 -10.44 26.00
C34 POV X . -45.72 -10.72 25.06
C35 POV X . -44.36 -10.60 25.72
C36 POV X . -43.22 -10.73 24.71
C37 POV X . -43.30 -11.97 23.83
C38 POV X . -41.99 -12.27 23.13
C39 POV X . -41.22 -11.02 22.67
C1 CLR Y . 37.50 4.88 -31.02
C2 CLR Y . 37.83 3.93 -29.87
C3 CLR Y . 39.30 4.00 -29.52
C4 CLR Y . 39.64 5.44 -29.13
C5 CLR Y . 39.28 6.42 -30.21
C6 CLR Y . 40.18 7.30 -30.66
C7 CLR Y . 39.92 8.36 -31.66
C8 CLR Y . 38.45 8.52 -32.00
C9 CLR Y . 37.78 7.14 -32.09
C10 CLR Y . 37.87 6.36 -30.75
C11 CLR Y . 36.36 7.24 -32.65
C12 CLR Y . 36.27 8.03 -33.97
C13 CLR Y . 36.85 9.44 -33.80
C14 CLR Y . 38.30 9.27 -33.31
C15 CLR Y . 38.90 10.64 -33.43
C16 CLR Y . 38.21 11.25 -34.66
C17 CLR Y . 37.09 10.27 -35.09
C18 CLR Y . 36.00 10.26 -32.82
C19 CLR Y . 36.91 6.94 -29.70
C20 CLR Y . 35.92 10.98 -35.76
C21 CLR Y . 35.07 10.05 -36.62
C22 CLR Y . 36.39 12.17 -36.60
C23 CLR Y . 35.27 13.11 -37.05
C24 CLR Y . 35.62 13.85 -38.33
C25 CLR Y . 34.47 14.62 -38.96
C26 CLR Y . 34.90 15.21 -40.30
C27 CLR Y . 33.22 13.75 -39.14
O1 CLR Y . 39.57 3.08 -28.49
N POV Z . 55.72 23.64 -25.68
P POV Z . 53.15 20.88 -23.57
C1 POV Z . 50.52 20.83 -23.82
C2 POV Z . 49.88 20.84 -22.42
C3 POV Z . 50.23 19.63 -21.59
C210 POV Z . 37.57 20.14 -20.52
C310 POV Z . 40.29 13.61 -19.95
C11 POV Z . 54.92 21.17 -25.48
O11 POV Z . 51.73 20.11 -23.74
C211 POV Z . 36.83 21.16 -21.34
C311 POV Z . 39.37 13.92 -18.77
C12 POV Z . 55.50 22.41 -24.83
O12 POV Z . 53.57 20.96 -25.16
C212 POV Z . 35.33 20.85 -21.41
C312 POV Z . 38.27 12.87 -18.60
C13 POV Z . 56.80 23.41 -26.68
O13 POV Z . 52.82 22.26 -23.09
C213 POV Z . 35.04 19.38 -21.68
C313 POV Z . 37.09 13.37 -17.77
C14 POV Z . 54.45 23.90 -26.41
O14 POV Z . 54.14 20.02 -22.84
C214 POV Z . 33.57 19.03 -21.49
C314 POV Z . 36.40 14.57 -18.41
C15 POV Z . 56.03 24.84 -24.86
C215 POV Z . 33.28 17.53 -21.47
C315 POV Z . 34.94 14.70 -18.00
C216 POV Z . 33.36 16.88 -22.85
C316 POV Z . 34.11 13.49 -18.41
C217 POV Z . 32.78 15.47 -22.89
C218 POV Z . 32.64 14.92 -24.30
C21 POV Z . 47.71 21.26 -21.48
O21 POV Z . 48.45 20.88 -22.51
C22 POV Z . 46.24 21.09 -21.79
O22 POV Z . 48.15 21.69 -20.44
C23 POV Z . 45.35 20.91 -20.56
C24 POV Z . 43.89 20.82 -20.97
C25 POV Z . 42.98 20.27 -19.88
C26 POV Z . 41.50 20.37 -20.23
C27 POV Z . 41.14 19.67 -21.52
C28 POV Z . 39.67 19.84 -21.91
C29 POV Z . 38.75 19.59 -20.75
C31 POV Z . 49.84 17.30 -21.71
O31 POV Z . 49.50 18.52 -22.09
C32 POV Z . 48.61 16.46 -21.49
O32 POV Z . 50.98 16.93 -21.57
C33 POV Z . 47.48 17.22 -20.81
C34 POV Z . 46.22 16.35 -20.73
C35 POV Z . 44.94 17.16 -20.67
C36 POV Z . 43.72 16.28 -20.43
C37 POV Z . 43.58 15.11 -21.39
C38 POV Z . 42.19 14.50 -21.38
C39 POV Z . 41.54 14.47 -20.00
N POV AA . -58.73 -5.36 29.13
P POV AA . -55.54 -6.23 26.32
C1 POV AA . -53.03 -5.50 26.67
C2 POV AA . -52.52 -4.81 25.39
C3 POV AA . -52.52 -5.72 24.18
C210 POV AA . -40.73 -1.05 24.05
C310 POV AA . -41.30 -7.40 21.14
C11 POV AA . -57.18 -7.21 28.14
O11 POV AA . -53.94 -6.51 26.30
C211 POV AA . -40.32 -0.18 25.21
C311 POV AA . -40.58 -6.44 20.20
C12 POV AA . -58.17 -6.08 27.92
O12 POV AA . -55.85 -6.84 27.84
C212 POV AA . -38.80 0.01 25.26
C312 POV AA . -39.22 -6.97 19.75
C13 POV AA . -59.64 -6.24 29.90
O13 POV AA . -55.72 -4.74 26.38
C213 POV AA . -38.03 -1.28 24.96
C313 POV AA . -38.30 -5.88 19.19
C14 POV AA . -57.57 -5.00 30.01
O14 POV AA . -56.26 -7.05 25.31
C214 POV AA . -36.53 -1.05 24.83
C314 POV AA . -38.00 -4.79 20.20
C15 POV AA . -59.43 -4.11 28.76
C215 POV AA . -35.75 -2.27 24.34
C315 POV AA . -36.66 -4.10 19.95
C216 POV AA . -35.61 -3.35 25.39
C316 POV AA . -35.48 -5.05 20.02
C217 POV AA . -34.60 -4.42 25.02
C218 POV AA . -34.29 -5.39 26.17
C21 POV AA . -50.65 -3.44 24.75
O21 POV AA . -51.17 -4.35 25.56
C22 POV AA . -49.19 -3.24 25.05
O22 POV AA . -51.27 -2.86 23.90
C23 POV AA . -48.37 -2.71 23.89
C24 POV AA . -46.92 -2.46 24.32
C25 POV AA . -45.96 -2.29 23.15
C26 POV AA . -44.56 -1.89 23.60
C27 POV AA . -43.96 -2.84 24.63
C28 POV AA . -42.59 -2.39 25.14
C29 POV AA . -41.68 -1.99 24.03
C31 POV AA . -51.39 -7.69 23.53
O31 POV AA . -51.43 -6.62 24.31
C32 POV AA . -49.99 -7.96 23.09
O32 POV AA . -52.37 -8.34 23.22
C33 POV AA . -49.20 -6.71 22.72
C34 POV AA . -47.74 -7.05 22.43
C35 POV AA . -46.78 -5.92 22.74
C36 POV AA . -45.36 -6.23 22.29
C37 POV AA . -44.82 -7.56 22.81
C38 POV AA . -43.31 -7.67 22.67
C39 POV AA . -42.75 -7.03 21.39
C1 CLR BA . -35.24 -17.93 28.64
C2 CLR BA . -35.29 -18.47 27.22
C3 CLR BA . -36.73 -18.78 26.83
C4 CLR BA . -37.56 -17.49 26.94
C5 CLR BA . -37.46 -16.89 28.32
C6 CLR BA . -38.57 -16.59 28.99
C7 CLR BA . -38.62 -15.92 30.31
C8 CLR BA . -37.25 -15.39 30.76
C9 CLR BA . -36.16 -16.41 30.41
C10 CLR BA . -36.07 -16.66 28.88
C11 CLR BA . -34.82 -16.04 31.05
C12 CLR BA . -34.92 -15.76 32.55
C13 CLR BA . -35.94 -14.67 32.86
C14 CLR BA . -37.27 -15.14 32.26
C15 CLR BA . -38.30 -14.18 32.82
C16 CLR BA . -37.78 -13.84 34.23
C17 CLR BA . -36.36 -14.48 34.34
C18 CLR BA . -35.49 -13.32 32.29
C19 CLR BA . -35.43 -15.47 28.14
C20 CLR BA . -35.44 -13.69 35.29
C21 CLR BA . -34.31 -14.54 35.84
C22 CLR BA . -36.25 -13.10 36.45
C23 CLR BA . -35.47 -12.05 37.27
C24 CLR BA . -35.93 -12.02 38.72
C25 CLR BA . -35.04 -11.18 39.65
C26 CLR BA . -35.53 -11.29 41.09
C27 CLR BA . -33.58 -11.58 39.56
O1 CLR BA . -36.75 -19.32 25.53
C1 CLR CA . 35.41 19.08 -27.84
C2 CLR CA . 35.30 17.57 -28.00
C3 CLR CA . 36.66 16.98 -28.28
C4 CLR CA . 37.60 17.32 -27.14
C5 CLR CA . 37.69 18.80 -26.90
C6 CLR CA . 38.87 19.41 -26.86
C7 CLR CA . 39.09 20.86 -26.56
C8 CLR CA . 37.82 21.57 -26.09
C9 CLR CA . 36.62 21.07 -26.91
C10 CLR CA . 36.38 19.55 -26.73
C11 CLR CA . 35.38 21.93 -26.64
C12 CLR CA . 35.62 23.44 -26.78
C13 CLR CA . 36.75 23.90 -25.87
C14 CLR CA . 37.98 23.06 -26.25
C15 CLR CA . 39.14 23.74 -25.54
C16 CLR CA . 38.76 25.24 -25.54
C17 CLR CA . 37.31 25.33 -26.09
C18 CLR CA . 36.38 23.73 -24.39
C19 CLR CA . 35.79 19.21 -25.36
C20 CLR CA . 36.55 26.53 -25.51
C21 CLR CA . 35.37 26.96 -26.36
C22 CLR CA . 37.49 27.72 -25.30
C23 CLR CA . 36.89 28.85 -24.47
C24 CLR CA . 37.49 30.20 -24.81
C25 CLR CA . 36.77 31.41 -24.18
C26 CLR CA . 37.36 32.70 -24.72
C27 CLR CA . 35.27 31.37 -24.43
O1 CLR CA . 36.52 15.58 -28.47
N POV DA . 60.01 20.25 -17.62
P POV DA . 56.53 17.70 -17.51
C1 POV DA . 54.13 18.48 -16.73
C2 POV DA . 53.59 17.49 -15.69
C3 POV DA . 53.41 16.09 -16.24
C210 POV DA . 42.24 18.43 -10.62
C310 POV DA . 41.88 13.94 -16.08
C11 POV DA . 58.24 19.01 -19.03
O11 POV DA . 54.92 17.77 -17.67
C211 POV DA . 42.02 19.82 -10.08
C311 POV DA . 41.21 13.35 -14.85
C12 POV DA . 59.30 18.98 -17.95
O12 POV DA . 56.92 18.95 -18.51
C212 POV DA . 40.53 20.08 -9.81
C312 POV DA . 39.76 12.94 -15.11
C13 POV DA . 60.88 20.70 -18.74
O13 POV DA . 56.84 18.11 -16.10
C213 POV DA . 39.62 19.60 -10.93
C313 POV DA . 38.93 12.78 -13.84
C14 POV DA . 58.98 21.30 -17.37
O14 POV DA . 57.08 16.42 -18.07
C214 POV DA . 38.15 19.64 -10.54
C314 POV DA . 38.81 14.09 -13.06
C15 POV DA . 60.84 20.13 -16.38
C215 POV DA . 37.23 18.91 -11.51
C315 POV DA . 37.54 14.17 -12.22
C216 POV DA . 37.04 19.65 -12.83
C316 POV DA . 36.28 14.10 -13.07
C217 POV DA . 35.88 19.11 -13.67
C218 POV DA . 35.55 19.97 -14.87
C21 POV DA . 51.81 17.42 -14.07
O21 POV DA . 52.31 17.91 -15.20
C22 POV DA . 50.41 17.90 -13.85
O22 POV DA . 52.43 16.70 -13.31
C23 POV DA . 49.57 17.01 -12.97
C24 POV DA . 48.19 17.62 -12.72
C25 POV DA . 47.18 16.65 -12.14
C26 POV DA . 45.88 17.33 -11.72
C27 POV DA . 45.23 18.12 -12.85
C28 POV DA . 43.99 18.90 -12.40
C29 POV DA . 43.06 18.05 -11.59
C31 POV DA . 52.05 15.04 -17.85
O31 POV DA . 52.27 16.08 -17.07
C32 POV DA . 50.59 14.70 -17.89
O32 POV DA . 52.93 14.46 -18.45
C33 POV DA . 49.90 14.79 -16.54
C34 POV DA . 48.41 14.58 -16.68
C35 POV DA . 47.60 15.27 -15.59
C36 POV DA . 46.12 14.90 -15.64
C37 POV DA . 45.48 15.11 -17.01
C38 POV DA . 43.96 15.12 -16.94
C39 POV DA . 43.38 14.13 -15.93
C1 CLR EA . 39.76 24.40 -14.81
C2 CLR EA . 39.00 23.74 -15.96
C3 CLR EA . 39.96 23.32 -17.05
C4 CLR EA . 40.97 22.34 -16.46
C5 CLR EA . 41.70 22.91 -15.28
C6 CLR EA . 43.03 22.92 -15.24
C7 CLR EA . 43.86 23.38 -14.09
C8 CLR EA . 43.03 23.69 -12.86
C9 CLR EA . 41.74 24.39 -13.25
C10 CLR EA . 40.85 23.51 -14.17
C11 CLR EA . 40.99 24.93 -12.03
C12 CLR EA . 41.86 25.77 -11.09
C13 CLR EA . 43.10 25.00 -10.63
C14 CLR EA . 43.84 24.56 -11.90
C15 CLR EA . 45.17 24.04 -11.41
C16 CLR EA . 45.48 24.92 -10.18
C17 CLR EA . 44.22 25.80 -9.92
C18 CLR EA . 42.69 23.80 -9.76
C19 CLR EA . 40.19 22.36 -13.40
C20 CLR EA . 44.06 26.16 -8.44
C21 CLR EA . 43.22 27.41 -8.22
C22 CLR EA . 45.43 26.33 -7.77
C23 CLR EA . 45.37 26.39 -6.25
C24 CLR EA . 46.52 27.20 -5.66
C25 CLR EA . 46.39 27.53 -4.18
C26 CLR EA . 47.46 28.52 -3.75
C27 CLR EA . 45.00 28.06 -3.83
O1 CLR EA . 39.23 22.77 -18.12
N POV FA . 62.58 10.89 -17.04
P POV FA . 58.36 10.20 -17.60
C1 POV FA . 56.55 10.48 -15.68
C2 POV FA . 55.63 9.25 -15.63
C3 POV FA . 54.86 9.04 -16.91
C210 POV FA . 45.86 8.35 -7.93
C310 POV FA . 43.51 10.56 -14.18
C11 POV FA . 60.39 11.78 -18.12
O11 POV FA . 56.92 10.71 -17.02
C211 POV FA . 46.27 8.69 -6.53
C311 POV FA . 42.67 9.41 -13.67
C12 POV FA . 61.38 10.65 -17.92
O12 POV FA . 59.20 11.60 -17.38
C212 POV FA . 45.06 8.97 -5.63
C312 POV FA . 41.19 9.75 -13.59
C13 POV FA . 63.54 11.85 -17.68
O13 POV FA . 58.87 9.18 -16.62
C213 POV FA . 44.00 9.84 -6.30
C313 POV FA . 40.39 8.83 -12.67
C14 POV FA . 62.10 11.49 -15.77
O14 POV FA . 58.28 9.88 -19.06
C214 POV FA . 42.69 9.89 -5.53
C314 POV FA . 40.86 8.90 -11.23
C15 POV FA . 63.30 9.62 -16.72
C215 POV FA . 41.55 10.53 -6.29
C315 POV FA . 39.77 8.56 -10.21
C216 POV FA . 41.65 12.05 -6.41
C316 POV FA . 38.58 9.51 -10.30
C217 POV FA . 40.37 12.72 -6.89
C218 POV FA . 40.40 14.23 -6.76
C21 POV FA . 54.02 8.30 -14.11
O21 POV FA . 54.68 9.37 -14.57
C22 POV FA . 52.98 8.72 -13.11
O22 POV FA . 54.25 7.17 -14.46
C23 POV FA . 51.83 7.76 -12.96
C24 POV FA . 50.86 8.22 -11.88
C25 POV FA . 49.53 7.48 -11.87
C26 POV FA . 48.68 7.81 -10.66
C27 POV FA . 48.40 9.30 -10.52
C28 POV FA . 47.61 9.65 -9.25
C29 POV FA . 46.42 8.76 -9.06
C31 POV FA . 53.15 10.17 -18.08
O31 POV FA . 53.79 9.98 -16.95
C32 POV FA . 51.68 10.37 -17.82
O32 POV FA . 53.68 10.19 -19.16
C33 POV FA . 51.11 9.45 -16.75
C34 POV FA . 49.66 9.80 -16.45
C35 POV FA . 49.25 9.49 -15.02
C36 POV FA . 47.76 9.69 -14.79
C37 POV FA . 47.25 11.07 -15.20
C38 POV FA . 45.88 11.38 -14.60
C39 POV FA . 44.95 10.18 -14.52
C1 CLR GA . 46.15 15.50 -5.08
C2 CLR GA . 45.16 16.28 -5.93
C3 CLR GA . 45.82 16.72 -7.22
C4 CLR GA . 46.32 15.48 -7.97
C5 CLR GA . 47.24 14.64 -7.13
C6 CLR GA . 48.43 14.28 -7.60
C7 CLR GA . 49.40 13.39 -6.89
C8 CLR GA . 48.80 12.74 -5.65
C9 CLR GA . 47.94 13.75 -4.89
C10 CLR GA . 46.75 14.25 -5.75
C11 CLR GA . 47.51 13.20 -3.51
C12 CLR GA . 48.69 12.67 -2.68
C13 CLR GA . 49.46 11.59 -3.43
C14 CLR GA . 49.92 12.23 -4.75
C15 CLR GA . 50.90 11.21 -5.33
C16 CLR GA . 51.58 10.61 -4.09
C17 CLR GA . 50.83 11.15 -2.85
C18 CLR GA . 48.58 10.36 -3.66
C19 CLR GA . 45.66 13.18 -5.91
C20 CLR GA . 50.86 10.17 -1.67
C21 CLR GA . 50.62 10.83 -0.33
C22 CLR GA . 52.19 9.41 -1.63
C23 CLR GA . 52.18 8.20 -0.70
C24 CLR GA . 53.58 7.86 -0.19
C25 CLR GA . 53.62 6.84 0.95
C26 CLR GA . 55.04 6.74 1.51
C27 CLR GA . 52.64 7.19 2.06
O1 CLR GA . 44.91 17.48 -7.98
N POV HA . 60.85 4.91 -24.49
P POV HA . 56.71 5.96 -23.80
C1 POV HA . 55.23 4.96 -21.86
C2 POV HA . 53.87 4.49 -22.39
C3 POV HA . 53.05 5.61 -23.00
C210 POV HA . 44.83 0.01 -15.04
C310 POV HA . 43.56 6.86 -16.18
C11 POV HA . 59.22 6.74 -23.66
O11 POV HA . 55.64 6.10 -22.58
C211 POV HA . 45.35 -1.05 -14.12
C311 POV HA . 42.30 6.04 -16.42
C12 POV HA . 59.64 5.76 -24.74
O12 POV HA . 58.08 6.32 -22.94
C212 POV HA . 44.39 -1.33 -12.97
C312 POV HA . 41.11 6.50 -15.58
C13 POV HA . 62.10 5.71 -24.52
O13 POV HA . 56.75 4.51 -24.17
C213 POV HA . 43.80 -0.07 -12.34
C313 POV HA . 40.01 5.47 -15.46
C14 POV HA . 60.70 4.29 -23.14
O14 POV HA . 56.49 7.01 -24.85
C214 POV HA . 42.68 -0.37 -11.36
C314 POV HA . 40.47 4.19 -14.78
C15 POV HA . 60.95 3.79 -25.47
C215 POV HA . 41.90 0.88 -10.92
C315 POV HA . 39.36 3.45 -14.05
C216 POV HA . 42.66 1.74 -9.92
C316 POV HA . 38.73 4.28 -12.94
C217 POV HA . 41.78 2.77 -9.22
C218 POV HA . 42.48 3.47 -8.07
C21 POV HA . 52.06 3.11 -21.64
O21 POV HA . 53.09 3.90 -21.36
C22 POV HA . 51.34 2.72 -20.38
O22 POV HA . 51.76 2.77 -22.76
C23 POV HA . 49.86 2.36 -20.58
C24 POV HA . 49.23 1.94 -19.26
C25 POV HA . 47.71 1.87 -19.30
C26 POV HA . 47.11 1.26 -18.05
C27 POV HA . 47.49 1.98 -16.77
C28 POV HA . 46.95 1.32 -15.50
C29 POV HA . 45.49 1.01 -15.62
C31 POV HA . 51.99 7.56 -22.20
O31 POV HA . 52.51 6.37 -21.94
C32 POV HA . 50.76 7.79 -21.38
O32 POV HA . 52.47 8.34 -23.00
C33 POV HA . 49.89 6.57 -21.22
C34 POV HA . 48.73 6.84 -20.26
C35 POV HA . 48.23 5.60 -19.55
C36 POV HA . 46.98 5.87 -18.71
C37 POV HA . 47.12 7.04 -17.76
C38 POV HA . 46.03 7.04 -16.68
C39 POV HA . 44.67 6.60 -17.18
N POV IA . 56.55 8.25 -32.54
P POV IA . 53.30 9.22 -29.86
C1 POV IA . 51.59 7.43 -28.92
C2 POV IA . 50.15 7.91 -29.10
C3 POV IA . 49.84 9.18 -28.34
C210 POV IA . 40.15 1.72 -24.87
C310 POV IA . 41.97 6.56 -20.05
C11 POV IA . 55.89 8.92 -30.12
O11 POV IA . 52.42 8.55 -28.67
C211 POV IA . 40.17 0.29 -25.32
C311 POV IA . 40.48 6.62 -20.34
C12 POV IA . 55.83 9.19 -31.61
O12 POV IA . 54.71 8.39 -29.60
C212 POV IA . 39.20 -0.57 -24.52
C312 POV IA . 39.63 6.47 -19.08
C13 POV IA . 58.02 8.41 -32.43
O13 POV IA . 52.70 8.73 -31.16
C213 POV IA . 39.25 -0.32 -23.02
C313 POV IA . 38.18 6.08 -19.37
C14 POV IA . 56.18 6.86 -32.14
O14 POV IA . 53.53 10.67 -29.62
C214 POV IA . 38.11 -0.99 -22.26
C314 POV IA . 38.07 4.74 -20.08
C15 POV IA . 56.13 8.44 -33.95
C215 POV IA . 37.97 -0.53 -20.81
C315 POV IA . 36.75 4.02 -19.83
C216 POV IA . 39.05 -1.08 -19.90
C316 POV IA . 36.53 3.71 -18.35
C217 POV IA . 38.71 -0.95 -18.41
C218 POV IA . 39.70 -1.68 -17.51
C21 POV IA . 47.93 6.98 -29.03
O21 POV IA . 49.21 6.93 -28.66
C22 POV IA . 47.13 5.93 -28.32
O22 POV IA . 47.50 7.75 -29.85
C23 POV IA . 45.65 6.24 -28.18
C24 POV IA . 44.91 5.10 -27.50
C25 POV IA . 43.50 5.47 -27.05
C26 POV IA . 42.71 4.27 -26.55
C27 POV IA . 43.38 3.53 -25.41
C28 POV IA . 42.63 2.28 -24.97
C29 POV IA . 41.18 2.54 -24.71
C31 POV IA . 49.76 9.83 -26.07
O31 POV IA . 49.74 8.85 -26.96
C32 POV IA . 48.78 9.55 -24.97
O32 POV IA . 50.50 10.78 -26.13
C33 POV IA . 47.45 8.99 -25.47
C34 POV IA . 46.55 8.61 -24.31
C35 POV IA . 45.56 7.50 -24.64
C36 POV IA . 44.57 7.25 -23.52
C37 POV IA . 45.22 7.03 -22.16
C38 POV IA . 44.26 6.43 -21.14
C39 POV IA . 42.84 6.97 -21.24
C1 CLR JA . 48.19 1.39 -8.25
C2 CLR JA . 47.64 2.75 -7.80
C3 CLR JA . 48.44 3.86 -8.46
C4 CLR JA . 48.33 3.73 -9.97
C5 CLR JA . 48.79 2.38 -10.45
C6 CLR JA . 49.70 2.29 -11.41
C7 CLR JA . 50.18 1.01 -12.02
C8 CLR JA . 49.38 -0.20 -11.58
C9 CLR JA . 49.03 -0.09 -10.09
C10 CLR JA . 48.18 1.16 -9.78
C11 CLR JA . 48.43 -1.39 -9.55
C12 CLR JA . 49.27 -2.63 -9.89
C13 CLR JA . 49.49 -2.77 -11.40
C14 CLR JA . 50.17 -1.47 -11.85
C15 CLR JA . 50.62 -1.75 -13.27
C16 CLR JA . 50.98 -3.24 -13.25
C17 CLR JA . 50.55 -3.80 -11.87
C18 CLR JA . 48.17 -3.03 -12.12
C19 CLR JA . 46.73 1.01 -10.27
C20 CLR JA . 50.17 -5.29 -11.94
C21 CLR JA . 50.24 -5.99 -10.59
C22 CLR JA . 51.05 -6.04 -12.94
C23 CLR JA . 50.55 -7.43 -13.29
C24 CLR JA . 51.68 -8.36 -13.73
C25 CLR JA . 51.29 -9.83 -13.89
C26 CLR JA . 52.52 -10.68 -14.17
C27 CLR JA . 50.55 -10.35 -12.66
O1 CLR JA . 47.95 5.11 -7.99
#